data_1UZD
#
_entry.id   1UZD
#
_cell.length_a   220.014
_cell.length_b   224.078
_cell.length_c   111.725
_cell.angle_alpha   90.00
_cell.angle_beta   90.00
_cell.angle_gamma   90.00
#
_symmetry.space_group_name_H-M   'P 21 21 2'
#
loop_
_entity.id
_entity.type
_entity.pdbx_description
1 polymer 'Ribulose bisphosphate carboxylase large chain'
2 polymer 'Ribulose bisphosphate carboxylase small chain 1, chloroplastic,Ribulose bisphosphate carboxylase small chain 2, chloroplastic,Ribulose bisphosphate carboxylase small chain 1, chloroplastic'
3 non-polymer 'MAGNESIUM ION'
4 non-polymer 2-CARBOXYARABINITOL-1,5-DIPHOSPHATE
5 non-polymer 1,2-ETHANEDIOL
6 water water
#
loop_
_entity_poly.entity_id
_entity_poly.type
_entity_poly.pdbx_seq_one_letter_code
_entity_poly.pdbx_strand_id
1 'polypeptide(L)'
;MVPQTETKAGAGFKAGVKDYRLTYYTPDYVVRDTDILAAFRMTPQPGVPPEECGAAVAAESSTGTWTTVWTDGLTSLDRY
KGRCYDIEPVPGEDNQYIAYVAY(HYP)IDLFEEGSVTNMFTSIVGNVFGFKALRALRLEDLRIPPAYVKTFVG(HYP)P
HGIQVERDKLNKYGRGLLGCTIKPKLGLSAKNYGRAVYECLRGGLDFT(KCX)DDENVNSQPFMRWRDRFLFVAEAIYKA
QAETGEVKGHYLNATAGTCEEMMKRAV(SMC)AKELGVPIIMHDYLTGGFTANTSLAIYCRDNGLLLHIHRAMHAVIDRQ
RNHGIHFRVLAKALRMSGGDHLHSGTVVGKLEGEREVTLGFVDLMRDDYVEKDRSRGIYFTQDW(SMC)SMPGVMPVASG
GIHVWHMPALVEIFGDDACLQFGGGTLGHPWGNAPGAAANRVALEACTQARNEGRDLAREGGDVIRSACKWSPELAAACE
VWKEIKFEFDTIDKL
;
A,B,E,H,K,O,R,V
2 'polypeptide(L)'
;MMVWTPVNNKMFETFSYLPPLTDEQIAAQVDYIVANGWIPCLEFATDHGFVYREHHNSPGYYDGRYWTMWKLPMFGCRDP
MQVLREIVACTKAFPDAYVRLVAFDNQKQVQIMGFLVQRPKTARDFQPANKRSV
;
C,F,I,J,M,P,T,W
#
# COMPACT_ATOMS: atom_id res chain seq x y z
N ALA A 11 48.66 -1.96 31.94
CA ALA A 11 47.64 -2.96 32.31
C ALA A 11 47.19 -3.71 31.05
N GLY A 12 47.54 -5.00 30.98
CA GLY A 12 47.35 -5.79 29.76
C GLY A 12 46.20 -6.76 29.84
N PHE A 13 46.13 -7.69 28.88
CA PHE A 13 45.17 -8.78 28.95
C PHE A 13 45.73 -9.96 29.75
N LYS A 14 45.06 -10.32 30.83
CA LYS A 14 45.44 -11.51 31.57
C LYS A 14 44.27 -12.49 31.61
N ALA A 15 44.40 -13.56 30.85
CA ALA A 15 43.39 -14.59 30.79
C ALA A 15 43.15 -15.26 32.18
N GLY A 16 41.91 -15.68 32.42
CA GLY A 16 41.59 -16.37 33.65
C GLY A 16 40.50 -15.70 34.45
N VAL A 17 40.08 -16.42 35.48
CA VAL A 17 39.00 -15.99 36.35
C VAL A 17 39.57 -15.13 37.44
N LYS A 18 38.83 -14.10 37.83
CA LYS A 18 39.14 -13.32 39.03
C LYS A 18 37.82 -12.87 39.63
N ASP A 19 37.85 -12.36 40.85
CA ASP A 19 36.63 -11.96 41.54
C ASP A 19 35.95 -10.78 40.84
N TYR A 20 34.63 -10.80 40.79
CA TYR A 20 33.85 -9.71 40.24
C TYR A 20 34.08 -8.43 41.02
N ARG A 21 34.32 -8.56 42.32
CA ARG A 21 34.45 -7.42 43.21
C ARG A 21 35.65 -6.52 42.90
N LEU A 22 36.65 -7.03 42.18
CA LEU A 22 37.80 -6.22 41.81
C LEU A 22 37.44 -5.15 40.78
N THR A 23 36.34 -5.35 40.05
CA THR A 23 35.92 -4.39 39.03
C THR A 23 34.58 -3.74 39.32
N TYR A 24 33.69 -4.49 39.95
CA TYR A 24 32.27 -4.15 39.96
C TYR A 24 31.70 -3.77 41.32
N TYR A 25 32.54 -3.84 42.35
CA TYR A 25 32.21 -3.29 43.66
C TYR A 25 32.97 -1.98 43.81
N THR A 26 32.24 -0.88 43.81
CA THR A 26 32.86 0.43 43.98
C THR A 26 32.09 1.24 45.02
N PRO A 27 32.39 1.05 46.32
CA PRO A 27 31.61 1.70 47.39
C PRO A 27 31.85 3.19 47.54
N ASP A 28 32.79 3.76 46.78
CA ASP A 28 33.11 5.20 46.83
C ASP A 28 32.58 5.96 45.63
N TYR A 29 31.87 5.25 44.76
CA TYR A 29 31.28 5.83 43.58
C TYR A 29 30.19 6.83 43.95
N VAL A 30 30.25 8.00 43.32
CA VAL A 30 29.24 9.02 43.47
C VAL A 30 28.31 8.84 42.28
N VAL A 31 27.06 8.51 42.56
CA VAL A 31 26.12 8.25 41.48
C VAL A 31 25.81 9.52 40.69
N ARG A 32 25.57 9.35 39.40
CA ARG A 32 25.23 10.47 38.52
C ARG A 32 23.75 10.61 38.38
N ASP A 33 23.32 11.83 38.15
CA ASP A 33 21.90 12.11 37.95
C ASP A 33 21.26 11.40 36.74
N THR A 34 22.08 10.88 35.82
CA THR A 34 21.55 10.11 34.68
C THR A 34 21.57 8.57 34.83
N ASP A 35 22.17 8.09 35.91
CA ASP A 35 22.29 6.67 36.18
C ASP A 35 20.93 6.03 36.48
N ILE A 36 20.70 4.83 35.96
CA ILE A 36 19.58 4.00 36.43
C ILE A 36 20.10 3.31 37.68
N LEU A 37 19.31 3.35 38.75
CA LEU A 37 19.69 2.71 40.00
C LEU A 37 18.77 1.55 40.30
N ALA A 38 19.34 0.47 40.81
CA ALA A 38 18.53 -0.68 41.22
C ALA A 38 18.78 -0.99 42.66
N ALA A 39 17.73 -1.35 43.39
CA ALA A 39 17.86 -1.92 44.74
C ALA A 39 17.44 -3.38 44.71
N PHE A 40 18.42 -4.26 44.90
CA PHE A 40 18.22 -5.71 44.94
C PHE A 40 18.28 -6.24 46.38
N ARG A 41 17.24 -6.94 46.79
CA ARG A 41 17.29 -7.76 48.01
C ARG A 41 17.90 -9.14 47.66
N MET A 42 19.06 -9.41 48.24
CA MET A 42 20.00 -10.45 47.80
C MET A 42 20.26 -11.46 48.94
N THR A 43 20.19 -12.74 48.60
CA THR A 43 20.44 -13.81 49.57
C THR A 43 21.56 -14.69 49.05
N PRO A 44 22.78 -14.47 49.51
CA PRO A 44 23.95 -15.24 49.04
C PRO A 44 23.95 -16.71 49.47
N GLN A 45 24.58 -17.56 48.68
CA GLN A 45 24.91 -18.89 49.14
C GLN A 45 25.93 -18.78 50.27
N PRO A 46 25.94 -19.73 51.22
CA PRO A 46 26.94 -19.72 52.29
C PRO A 46 28.37 -19.67 51.73
N GLY A 47 29.22 -18.82 52.30
CA GLY A 47 30.59 -18.68 51.86
C GLY A 47 30.82 -17.74 50.67
N VAL A 48 29.75 -17.12 50.16
CA VAL A 48 29.87 -16.06 49.14
C VAL A 48 29.73 -14.74 49.88
N PRO A 49 30.79 -13.93 49.89
CA PRO A 49 30.74 -12.62 50.53
C PRO A 49 29.70 -11.73 49.83
N PRO A 50 28.95 -10.95 50.61
CA PRO A 50 27.94 -10.06 50.02
C PRO A 50 28.51 -9.12 48.96
N GLU A 51 29.74 -8.65 49.15
CA GLU A 51 30.38 -7.74 48.21
C GLU A 51 30.60 -8.43 46.88
N GLU A 52 31.04 -9.69 46.94
CA GLU A 52 31.24 -10.48 45.73
C GLU A 52 29.90 -10.76 45.02
N CYS A 53 28.85 -11.01 45.80
CA CYS A 53 27.51 -11.21 45.28
C CYS A 53 26.95 -9.99 44.52
N GLY A 54 27.05 -8.82 45.14
CA GLY A 54 26.57 -7.58 44.59
C GLY A 54 27.36 -7.29 43.34
N ALA A 55 28.67 -7.51 43.41
CA ALA A 55 29.51 -7.25 42.27
C ALA A 55 29.08 -8.15 41.09
N ALA A 56 28.77 -9.41 41.42
CA ALA A 56 28.34 -10.40 40.41
C ALA A 56 27.05 -9.97 39.73
N VAL A 57 26.10 -9.51 40.54
CA VAL A 57 24.83 -9.02 40.00
C VAL A 57 25.08 -7.83 39.07
N ALA A 58 25.98 -6.94 39.50
CA ALA A 58 26.24 -5.73 38.79
C ALA A 58 26.94 -6.06 37.47
N ALA A 59 27.89 -7.00 37.55
CA ALA A 59 28.69 -7.38 36.39
C ALA A 59 27.84 -8.04 35.34
N GLU A 60 27.05 -9.02 35.77
CA GLU A 60 26.34 -9.88 34.84
C GLU A 60 25.05 -9.26 34.33
N SER A 61 24.67 -8.12 34.90
CA SER A 61 23.57 -7.35 34.34
C SER A 61 24.05 -6.14 33.51
N SER A 62 25.35 -6.07 33.26
CA SER A 62 25.88 -4.95 32.48
C SER A 62 26.92 -5.36 31.46
N THR A 63 28.16 -5.61 31.87
CA THR A 63 29.25 -5.79 30.91
C THR A 63 30.10 -7.04 31.09
N GLY A 64 30.04 -7.65 32.27
CA GLY A 64 30.97 -8.69 32.65
C GLY A 64 30.51 -10.10 32.39
N THR A 65 31.45 -11.02 32.25
CA THR A 65 31.10 -12.44 32.28
C THR A 65 32.00 -13.15 33.28
N TRP A 66 32.05 -14.50 33.24
CA TRP A 66 32.63 -15.27 34.35
C TRP A 66 34.16 -15.29 34.31
N THR A 67 34.77 -14.88 33.20
CA THR A 67 36.24 -14.93 33.07
C THR A 67 36.67 -13.67 32.31
N THR A 68 37.93 -13.29 32.41
CA THR A 68 38.39 -12.02 31.79
C THR A 68 38.42 -12.18 30.28
N VAL A 69 37.91 -11.19 29.57
CA VAL A 69 37.92 -11.21 28.09
C VAL A 69 38.77 -10.08 27.56
N TRP A 70 39.53 -10.35 26.50
CA TRP A 70 40.49 -9.36 25.97
C TRP A 70 39.83 -8.12 25.33
N THR A 71 38.64 -8.31 24.78
CA THR A 71 37.88 -7.23 24.15
C THR A 71 37.57 -6.02 25.05
N ASP A 72 37.58 -6.21 26.36
CA ASP A 72 37.39 -5.09 27.30
C ASP A 72 38.28 -3.89 26.95
N GLY A 73 39.55 -4.17 26.63
CA GLY A 73 40.53 -3.13 26.42
C GLY A 73 40.33 -2.31 25.15
N LEU A 74 39.48 -2.80 24.24
CA LEU A 74 39.05 -2.01 23.07
C LEU A 74 38.07 -0.94 23.43
N THR A 75 37.47 -1.04 24.61
CA THR A 75 36.47 -0.09 25.02
C THR A 75 36.83 0.50 26.37
N SER A 76 35.94 1.30 26.96
CA SER A 76 36.19 1.81 28.31
C SER A 76 35.24 1.19 29.31
N LEU A 77 35.70 0.17 30.00
CA LEU A 77 34.90 -0.46 31.05
C LEU A 77 34.38 0.53 32.10
N ASP A 78 35.21 1.51 32.48
CA ASP A 78 34.83 2.55 33.46
C ASP A 78 33.58 3.30 33.05
N ARG A 79 33.49 3.61 31.77
CA ARG A 79 32.34 4.30 31.22
C ARG A 79 31.08 3.43 31.23
N TYR A 80 31.22 2.13 30.95
CA TYR A 80 30.05 1.29 30.70
C TYR A 80 29.62 0.34 31.81
N LYS A 81 30.53 -0.02 32.70
CA LYS A 81 30.18 -1.00 33.74
C LYS A 81 29.05 -0.59 34.70
N GLY A 82 28.21 -1.55 35.05
CA GLY A 82 27.34 -1.39 36.19
C GLY A 82 28.19 -1.48 37.45
N ARG A 83 27.75 -0.81 38.50
CA ARG A 83 28.56 -0.68 39.67
C ARG A 83 27.69 -0.92 40.86
N CYS A 84 28.06 -1.91 41.69
CA CYS A 84 27.48 -2.04 43.00
C CYS A 84 28.19 -1.05 43.92
N TYR A 85 27.44 -0.03 44.37
CA TYR A 85 28.04 1.10 45.06
C TYR A 85 27.71 1.17 46.57
N ASP A 86 26.83 0.27 47.03
CA ASP A 86 26.41 0.24 48.43
C ASP A 86 25.72 -1.06 48.76
N ILE A 87 26.03 -1.59 49.95
CA ILE A 87 25.39 -2.80 50.45
C ILE A 87 25.01 -2.62 51.91
N GLU A 88 23.70 -2.62 52.19
CA GLU A 88 23.15 -2.53 53.54
C GLU A 88 22.72 -3.93 53.94
N PRO A 89 22.93 -4.34 55.19
CA PRO A 89 22.29 -5.57 55.70
C PRO A 89 20.81 -5.27 55.97
N VAL A 90 19.96 -6.29 55.90
CA VAL A 90 18.54 -6.13 56.18
C VAL A 90 18.29 -6.39 57.67
N PRO A 91 17.59 -5.47 58.35
CA PRO A 91 17.24 -5.61 59.77
C PRO A 91 16.49 -6.92 60.11
N GLY A 92 17.08 -7.72 61.00
CA GLY A 92 16.44 -8.95 61.46
C GLY A 92 16.50 -10.13 60.48
N GLU A 93 17.55 -10.16 59.66
CA GLU A 93 17.81 -11.24 58.73
C GLU A 93 19.31 -11.47 58.75
N ASP A 94 19.72 -12.72 58.90
CA ASP A 94 21.13 -13.05 59.00
C ASP A 94 21.83 -13.09 57.65
N ASN A 95 21.06 -13.36 56.58
CA ASN A 95 21.61 -13.60 55.24
C ASN A 95 20.93 -12.82 54.09
N GLN A 96 20.43 -11.63 54.39
CA GLN A 96 19.79 -10.81 53.39
C GLN A 96 20.41 -9.43 53.34
N TYR A 97 20.65 -8.94 52.14
CA TYR A 97 21.25 -7.62 51.94
C TYR A 97 20.47 -6.85 50.90
N ILE A 98 20.52 -5.53 51.00
CA ILE A 98 20.11 -4.69 49.89
C ILE A 98 21.37 -4.21 49.18
N ALA A 99 21.51 -4.62 47.92
CA ALA A 99 22.64 -4.19 47.09
C ALA A 99 22.14 -3.14 46.13
N TYR A 100 22.84 -2.00 46.10
CA TYR A 100 22.47 -0.93 45.22
C TYR A 100 23.41 -0.92 44.01
N VAL A 101 22.83 -0.88 42.81
CA VAL A 101 23.62 -0.96 41.58
C VAL A 101 23.29 0.22 40.71
N ALA A 102 24.34 0.85 40.17
CA ALA A 102 24.16 1.99 39.29
C ALA A 102 24.52 1.62 37.88
N TYR A 103 23.63 1.93 36.93
CA TYR A 103 23.87 1.65 35.51
C TYR A 103 23.94 2.94 34.72
N ILE A 105 23.44 5.49 31.72
CA ILE A 105 22.34 5.65 30.77
C ILE A 105 22.67 5.11 29.38
N ASP A 106 23.96 5.05 29.04
CA ASP A 106 24.42 4.48 27.75
C ASP A 106 24.05 3.03 27.50
N LEU A 107 23.78 2.30 28.56
CA LEU A 107 23.54 0.87 28.46
C LEU A 107 22.18 0.55 27.86
N PHE A 108 21.29 1.55 27.81
CA PHE A 108 19.88 1.27 27.56
C PHE A 108 19.35 1.80 26.23
N GLU A 109 18.50 1.02 25.58
CA GLU A 109 17.85 1.53 24.39
C GLU A 109 16.78 2.51 24.82
N GLU A 110 16.81 3.68 24.18
CA GLU A 110 15.79 4.71 24.32
C GLU A 110 14.39 4.20 24.05
N GLY A 111 13.46 4.47 24.95
CA GLY A 111 12.07 4.09 24.77
C GLY A 111 11.73 2.60 24.84
N SER A 112 12.65 1.76 25.34
CA SER A 112 12.42 0.32 25.43
C SER A 112 12.37 -0.27 26.85
N VAL A 113 11.17 -0.47 27.37
CA VAL A 113 11.09 -1.14 28.68
C VAL A 113 11.67 -2.57 28.59
N THR A 114 11.46 -3.20 27.42
CA THR A 114 12.00 -4.52 27.14
C THR A 114 13.51 -4.56 27.36
N ASN A 115 14.22 -3.59 26.79
CA ASN A 115 15.67 -3.57 26.93
C ASN A 115 16.13 -3.38 28.37
N MET A 116 15.45 -2.51 29.11
CA MET A 116 15.76 -2.23 30.49
C MET A 116 15.64 -3.51 31.35
N PHE A 117 14.53 -4.23 31.23
CA PHE A 117 14.31 -5.47 31.96
C PHE A 117 15.33 -6.52 31.56
N THR A 118 15.62 -6.61 30.27
CA THR A 118 16.55 -7.61 29.79
C THR A 118 17.89 -7.48 30.48
N SER A 119 18.39 -6.25 30.61
CA SER A 119 19.66 -5.99 31.31
C SER A 119 19.54 -6.25 32.80
N ILE A 120 18.62 -5.53 33.44
CA ILE A 120 18.60 -5.53 34.90
C ILE A 120 18.09 -6.83 35.51
N VAL A 121 17.16 -7.51 34.87
CA VAL A 121 16.63 -8.77 35.42
C VAL A 121 16.80 -9.96 34.49
N GLY A 122 17.72 -9.84 33.53
CA GLY A 122 17.88 -10.85 32.50
C GLY A 122 18.40 -12.20 32.94
N ASN A 123 19.60 -12.25 33.48
CA ASN A 123 20.24 -13.51 33.84
C ASN A 123 20.53 -13.67 35.33
N VAL A 124 20.62 -12.56 36.09
CA VAL A 124 21.22 -12.63 37.42
C VAL A 124 20.43 -13.45 38.44
N PHE A 125 19.13 -13.55 38.22
CA PHE A 125 18.26 -14.24 39.17
C PHE A 125 18.53 -15.77 39.17
N GLY A 126 19.25 -16.24 38.16
CA GLY A 126 19.46 -17.67 38.02
C GLY A 126 20.85 -18.08 38.44
N PHE A 127 21.64 -17.14 38.97
CA PHE A 127 23.01 -17.43 39.38
C PHE A 127 23.11 -18.45 40.52
N LYS A 128 23.96 -19.44 40.35
CA LYS A 128 24.16 -20.49 41.34
C LYS A 128 24.58 -19.90 42.67
N ALA A 129 25.43 -18.86 42.61
CA ALA A 129 25.99 -18.25 43.79
C ALA A 129 25.01 -17.53 44.69
N LEU A 130 23.79 -17.29 44.23
CA LEU A 130 22.79 -16.79 45.15
C LEU A 130 21.64 -17.75 45.27
N ARG A 131 20.94 -17.67 46.42
CA ARG A 131 19.82 -18.53 46.75
C ARG A 131 18.52 -17.86 46.45
N ALA A 132 18.50 -16.52 46.50
CA ALA A 132 17.31 -15.74 46.16
C ALA A 132 17.69 -14.33 45.79
N LEU A 133 16.84 -13.67 45.01
CA LEU A 133 17.08 -12.28 44.56
C LEU A 133 15.77 -11.61 44.25
N ARG A 134 15.64 -10.36 44.65
CA ARG A 134 14.40 -9.62 44.43
C ARG A 134 14.72 -8.20 44.09
N LEU A 135 14.21 -7.72 42.96
CA LEU A 135 14.39 -6.34 42.60
C LEU A 135 13.27 -5.58 43.29
N GLU A 136 13.65 -4.67 44.19
CA GLU A 136 12.67 -3.95 45.01
C GLU A 136 12.28 -2.62 44.41
N ASP A 137 13.21 -1.94 43.77
CA ASP A 137 12.96 -0.59 43.21
C ASP A 137 13.97 -0.21 42.14
N LEU A 138 13.60 0.77 41.31
CA LEU A 138 14.44 1.31 40.24
C LEU A 138 14.36 2.81 40.23
N ARG A 139 15.49 3.49 40.13
CA ARG A 139 15.43 4.91 39.94
C ARG A 139 15.62 5.21 38.43
N ILE A 140 14.51 5.58 37.77
CA ILE A 140 14.54 5.95 36.37
C ILE A 140 14.80 7.43 36.33
N PRO A 141 15.97 7.84 35.85
CA PRO A 141 16.31 9.26 35.78
C PRO A 141 15.47 9.96 34.71
N PRO A 142 15.21 11.25 34.89
CA PRO A 142 14.50 12.05 33.88
C PRO A 142 15.06 11.93 32.45
N ALA A 143 16.37 11.86 32.31
CA ALA A 143 16.95 11.78 30.98
C ALA A 143 16.58 10.49 30.26
N TYR A 144 16.35 9.40 31.00
CA TYR A 144 15.81 8.18 30.39
C TYR A 144 14.30 8.30 30.24
N VAL A 145 13.60 8.81 31.25
CA VAL A 145 12.14 8.95 31.22
C VAL A 145 11.71 9.66 29.93
N LYS A 146 12.38 10.74 29.59
CA LYS A 146 12.04 11.55 28.41
C LYS A 146 12.11 10.82 27.08
N THR A 147 12.77 9.66 27.03
CA THR A 147 12.85 8.91 25.78
C THR A 147 11.61 8.03 25.51
N PHE A 148 10.63 8.03 26.41
CA PHE A 148 9.47 7.17 26.28
C PHE A 148 8.28 7.99 25.86
N VAL A 149 7.44 7.45 24.99
CA VAL A 149 6.17 8.07 24.68
C VAL A 149 5.28 8.12 25.92
N GLY A 150 5.30 7.07 26.75
CA GLY A 150 4.57 7.10 28.00
C GLY A 150 3.08 6.86 27.76
N PRO A 152 -0.72 7.00 26.82
CA PRO A 152 -1.42 7.65 25.70
C PRO A 152 -2.16 8.91 26.15
N HIS A 153 -2.68 8.94 27.38
CA HIS A 153 -3.42 10.11 27.84
C HIS A 153 -3.11 10.55 29.26
N GLY A 154 -3.29 9.65 30.21
CA GLY A 154 -3.02 9.97 31.60
C GLY A 154 -4.23 10.56 32.26
N ILE A 155 -4.22 10.61 33.60
CA ILE A 155 -5.41 10.93 34.41
C ILE A 155 -6.23 12.16 33.99
N GLN A 156 -5.55 13.31 33.91
CA GLN A 156 -6.21 14.59 33.61
C GLN A 156 -6.92 14.56 32.25
N VAL A 157 -6.21 14.14 31.22
CA VAL A 157 -6.77 14.11 29.88
C VAL A 157 -7.91 13.10 29.83
N GLU A 158 -7.78 12.02 30.58
CA GLU A 158 -8.87 11.06 30.64
C GLU A 158 -10.15 11.66 31.21
N ARG A 159 -10.07 12.25 32.40
CA ARG A 159 -11.22 12.95 32.98
C ARG A 159 -11.81 13.97 31.99
N ASP A 160 -10.94 14.72 31.31
CA ASP A 160 -11.38 15.69 30.32
C ASP A 160 -12.10 15.06 29.13
N LYS A 161 -11.63 13.92 28.65
CA LYS A 161 -12.32 13.24 27.54
C LYS A 161 -13.70 12.68 27.93
N LEU A 162 -13.79 12.09 29.12
CA LEU A 162 -15.04 11.50 29.57
C LEU A 162 -15.97 12.51 30.21
N ASN A 163 -15.44 13.68 30.57
CA ASN A 163 -16.23 14.72 31.20
C ASN A 163 -16.68 14.25 32.60
N LYS A 164 -15.80 13.55 33.30
CA LYS A 164 -16.09 12.99 34.63
C LYS A 164 -15.17 13.55 35.70
N TYR A 165 -15.76 14.24 36.66
CA TYR A 165 -14.97 14.91 37.68
C TYR A 165 -15.54 14.73 39.05
N GLY A 166 -14.69 14.78 40.06
CA GLY A 166 -15.14 14.96 41.43
C GLY A 166 -15.45 13.71 42.21
N ARG A 167 -15.20 12.56 41.61
CA ARG A 167 -15.37 11.29 42.29
C ARG A 167 -14.54 10.23 41.59
N GLY A 168 -14.41 9.08 42.24
CA GLY A 168 -13.78 7.93 41.61
C GLY A 168 -14.64 7.44 40.45
N LEU A 169 -14.01 6.82 39.47
CA LEU A 169 -14.74 6.13 38.42
C LEU A 169 -15.22 4.75 38.89
N LEU A 170 -16.35 4.31 38.37
CA LEU A 170 -16.95 3.05 38.72
C LEU A 170 -16.95 2.07 37.56
N GLY A 171 -16.38 0.90 37.79
CA GLY A 171 -16.37 -0.13 36.78
C GLY A 171 -16.92 -1.46 37.20
N CYS A 172 -16.84 -2.44 36.33
CA CYS A 172 -17.36 -3.75 36.62
C CYS A 172 -16.97 -4.77 35.55
N THR A 173 -16.43 -5.91 35.96
CA THR A 173 -16.13 -7.00 35.04
C THR A 173 -17.34 -7.90 34.80
N ILE A 174 -17.71 -8.13 33.55
CA ILE A 174 -18.72 -9.14 33.24
C ILE A 174 -18.30 -10.52 33.73
N LYS A 175 -19.28 -11.26 34.29
CA LYS A 175 -19.09 -12.61 34.81
C LYS A 175 -20.26 -13.44 34.29
N PRO A 176 -20.13 -14.78 34.16
CA PRO A 176 -18.91 -15.54 34.42
C PRO A 176 -17.73 -15.08 33.55
N LYS A 177 -16.51 -15.35 33.99
CA LYS A 177 -15.31 -14.91 33.27
C LYS A 177 -15.38 -15.36 31.81
N LEU A 178 -15.65 -16.65 31.60
CA LEU A 178 -15.75 -17.25 30.28
C LEU A 178 -17.07 -17.99 30.15
N GLY A 179 -17.59 -18.06 28.93
CA GLY A 179 -18.76 -18.87 28.71
C GLY A 179 -19.99 -18.17 28.23
N LEU A 180 -20.03 -16.85 28.34
CA LEU A 180 -21.18 -16.10 27.85
C LEU A 180 -21.07 -15.86 26.36
N SER A 181 -22.21 -15.85 25.68
CA SER A 181 -22.23 -15.51 24.25
C SER A 181 -22.07 -13.97 24.03
N ALA A 182 -21.71 -13.59 22.81
CA ALA A 182 -21.63 -12.17 22.45
C ALA A 182 -22.90 -11.39 22.76
N LYS A 183 -24.05 -11.92 22.40
CA LYS A 183 -25.30 -11.22 22.64
C LYS A 183 -25.56 -11.07 24.13
N ASN A 184 -25.29 -12.13 24.91
CA ASN A 184 -25.53 -12.07 26.36
C ASN A 184 -24.56 -11.13 27.03
N TYR A 185 -23.36 -11.04 26.46
CA TYR A 185 -22.34 -10.12 26.99
C TYR A 185 -22.85 -8.69 26.88
N GLY A 186 -23.28 -8.29 25.67
CA GLY A 186 -23.82 -6.96 25.48
C GLY A 186 -25.05 -6.70 26.35
N ARG A 187 -25.96 -7.69 26.46
CA ARG A 187 -27.12 -7.57 27.31
C ARG A 187 -26.70 -7.24 28.75
N ALA A 188 -25.75 -8.01 29.31
CA ALA A 188 -25.17 -7.73 30.64
C ALA A 188 -24.57 -6.33 30.77
N VAL A 189 -23.85 -5.92 29.74
CA VAL A 189 -23.16 -4.63 29.71
C VAL A 189 -24.16 -3.47 29.73
N TYR A 190 -25.20 -3.54 28.90
CA TYR A 190 -26.23 -2.52 28.89
C TYR A 190 -26.88 -2.38 30.28
N GLU A 191 -27.20 -3.50 30.92
CA GLU A 191 -27.86 -3.42 32.23
C GLU A 191 -26.96 -2.82 33.32
N CYS A 192 -25.69 -3.18 33.32
CA CYS A 192 -24.69 -2.57 34.19
C CYS A 192 -24.56 -1.06 34.00
N LEU A 193 -24.28 -0.65 32.76
CA LEU A 193 -24.03 0.76 32.44
C LEU A 193 -25.21 1.67 32.71
N ARG A 194 -26.43 1.20 32.42
CA ARG A 194 -27.63 2.01 32.60
C ARG A 194 -27.97 2.29 34.08
N GLY A 195 -27.50 1.45 35.00
CA GLY A 195 -27.79 1.60 36.40
C GLY A 195 -26.88 2.60 37.10
N GLY A 196 -25.76 2.98 36.48
CA GLY A 196 -24.90 4.01 37.06
C GLY A 196 -23.39 3.80 36.96
N LEU A 197 -22.94 2.68 36.43
CA LEU A 197 -21.50 2.50 36.24
C LEU A 197 -21.01 3.30 35.03
N ASP A 198 -19.76 3.76 35.12
CA ASP A 198 -19.12 4.45 34.02
C ASP A 198 -18.59 3.46 33.01
N PHE A 199 -18.02 2.37 33.50
CA PHE A 199 -17.38 1.38 32.65
C PHE A 199 -17.80 -0.05 32.99
N THR A 200 -17.83 -0.91 31.98
CA THR A 200 -17.75 -2.35 32.21
C THR A 200 -16.50 -2.83 31.48
N ASP A 202 -14.25 -6.51 29.64
CA ASP A 202 -13.92 -7.87 29.31
C ASP A 202 -13.08 -8.39 30.49
N ASP A 203 -13.30 -9.64 30.87
CA ASP A 203 -12.40 -10.27 31.80
C ASP A 203 -11.02 -10.44 31.14
N GLU A 204 -9.96 -10.51 31.94
CA GLU A 204 -8.63 -10.49 31.35
C GLU A 204 -8.43 -11.63 30.37
N ASN A 205 -9.14 -12.74 30.56
CA ASN A 205 -8.96 -13.89 29.67
C ASN A 205 -9.99 -14.00 28.61
N VAL A 206 -10.90 -13.04 28.54
CA VAL A 206 -11.84 -13.01 27.44
C VAL A 206 -11.10 -12.40 26.24
N ASN A 207 -10.77 -13.22 25.26
CA ASN A 207 -10.11 -12.67 24.08
C ASN A 207 -10.95 -12.95 22.84
N SER A 208 -10.75 -14.11 22.22
CA SER A 208 -11.66 -14.60 21.20
C SER A 208 -11.68 -16.10 21.33
N GLN A 209 -12.85 -16.69 21.51
CA GLN A 209 -12.93 -18.10 21.87
C GLN A 209 -14.12 -18.75 21.16
N PRO A 210 -14.18 -20.08 21.09
CA PRO A 210 -15.35 -20.76 20.49
C PRO A 210 -16.72 -20.29 21.02
N PHE A 211 -16.90 -20.09 22.32
CA PHE A 211 -18.20 -19.64 22.83
C PHE A 211 -18.54 -18.19 22.46
N MET A 212 -17.52 -17.38 22.14
CA MET A 212 -17.73 -15.98 21.79
C MET A 212 -16.52 -15.41 21.04
N ARG A 213 -16.73 -15.06 19.76
CA ARG A 213 -15.65 -14.51 18.95
C ARG A 213 -15.54 -13.03 19.18
N TRP A 214 -14.32 -12.49 19.12
CA TRP A 214 -14.12 -11.10 19.54
C TRP A 214 -14.98 -10.07 18.75
N ARG A 215 -15.04 -10.18 17.43
CA ARG A 215 -15.70 -9.15 16.66
C ARG A 215 -17.21 -9.07 16.91
N ASP A 216 -17.86 -10.23 17.05
CA ASP A 216 -19.23 -10.30 17.54
C ASP A 216 -19.38 -9.58 18.86
N ARG A 217 -18.45 -9.79 19.78
CA ARG A 217 -18.54 -9.13 21.08
C ARG A 217 -18.42 -7.60 20.98
N PHE A 218 -17.40 -7.14 20.28
CA PHE A 218 -17.22 -5.69 20.05
C PHE A 218 -18.47 -5.01 19.49
N LEU A 219 -19.12 -5.62 18.50
CA LEU A 219 -20.33 -5.00 17.96
C LEU A 219 -21.51 -4.94 18.95
N PHE A 220 -21.76 -6.04 19.66
CA PHE A 220 -22.84 -6.05 20.66
C PHE A 220 -22.57 -5.14 21.83
N VAL A 221 -21.30 -5.10 22.25
CA VAL A 221 -20.90 -4.20 23.32
C VAL A 221 -21.07 -2.71 22.92
N ALA A 222 -20.68 -2.40 21.70
CA ALA A 222 -20.92 -1.06 21.18
C ALA A 222 -22.39 -0.65 21.20
N GLU A 223 -23.29 -1.50 20.71
CA GLU A 223 -24.71 -1.22 20.78
C GLU A 223 -25.13 -0.93 22.21
N ALA A 224 -24.67 -1.76 23.14
CA ALA A 224 -24.99 -1.64 24.56
C ALA A 224 -24.46 -0.34 25.16
N ILE A 225 -23.20 0.04 24.85
CA ILE A 225 -22.64 1.32 25.30
C ILE A 225 -23.50 2.49 24.83
N TYR A 226 -23.83 2.53 23.56
CA TYR A 226 -24.56 3.67 23.03
C TYR A 226 -26.00 3.74 23.55
N LYS A 227 -26.63 2.59 23.76
CA LYS A 227 -27.96 2.59 24.35
C LYS A 227 -27.94 3.09 25.82
N ALA A 228 -26.95 2.66 26.59
CA ALA A 228 -26.91 3.06 28.00
C ALA A 228 -26.57 4.55 28.11
N GLN A 229 -25.77 5.01 27.17
CA GLN A 229 -25.37 6.40 27.17
C GLN A 229 -26.53 7.30 26.83
N ALA A 230 -27.36 6.90 25.87
CA ALA A 230 -28.50 7.71 25.50
C ALA A 230 -29.58 7.71 26.59
N GLU A 231 -29.71 6.60 27.28
CA GLU A 231 -30.66 6.48 28.38
C GLU A 231 -30.27 7.32 29.61
N THR A 232 -28.98 7.37 29.95
CA THR A 232 -28.59 8.05 31.17
C THR A 232 -28.11 9.48 30.96
N GLY A 233 -27.60 9.80 29.77
CA GLY A 233 -27.00 11.10 29.50
C GLY A 233 -25.53 11.31 29.95
N GLU A 234 -24.91 10.25 30.49
CA GLU A 234 -23.51 10.24 30.92
C GLU A 234 -22.68 9.42 29.91
N VAL A 235 -21.44 9.85 29.66
CA VAL A 235 -20.52 9.08 28.85
C VAL A 235 -20.26 7.70 29.45
N LYS A 236 -20.26 6.67 28.61
CA LYS A 236 -20.10 5.29 29.08
C LYS A 236 -19.03 4.66 28.26
N GLY A 237 -18.39 3.65 28.83
CA GLY A 237 -17.42 2.89 28.08
C GLY A 237 -17.39 1.44 28.53
N HIS A 238 -16.66 0.60 27.77
CA HIS A 238 -16.44 -0.81 28.11
C HIS A 238 -15.05 -1.17 27.64
N TYR A 239 -14.19 -1.70 28.50
CA TYR A 239 -12.80 -1.97 28.08
C TYR A 239 -12.75 -3.24 27.24
N LEU A 240 -12.81 -3.03 25.92
CA LEU A 240 -12.76 -4.13 25.02
C LEU A 240 -11.33 -4.67 25.02
N ASN A 241 -11.18 -5.99 25.16
CA ASN A 241 -9.89 -6.59 25.27
C ASN A 241 -9.16 -6.75 23.96
N ALA A 242 -8.04 -6.07 23.81
CA ALA A 242 -7.25 -6.26 22.60
C ALA A 242 -6.18 -7.30 22.72
N THR A 243 -5.97 -7.84 23.93
CA THR A 243 -4.99 -8.91 24.13
C THR A 243 -5.15 -9.99 23.05
N ALA A 244 -4.05 -10.41 22.44
CA ALA A 244 -4.11 -11.43 21.39
C ALA A 244 -2.83 -12.26 21.27
N GLY A 245 -2.89 -13.31 20.46
CA GLY A 245 -1.74 -14.13 20.18
C GLY A 245 -0.62 -13.52 19.36
N THR A 246 -0.94 -12.61 18.42
CA THR A 246 0.06 -11.93 17.58
C THR A 246 -0.18 -10.43 17.60
N CYS A 247 0.83 -9.64 17.20
CA CYS A 247 0.70 -8.18 17.13
C CYS A 247 -0.32 -7.77 16.09
N GLU A 248 -0.37 -8.53 15.01
CA GLU A 248 -1.29 -8.27 13.92
C GLU A 248 -2.72 -8.40 14.42
N GLU A 249 -3.00 -9.43 15.22
CA GLU A 249 -4.35 -9.67 15.72
C GLU A 249 -4.70 -8.61 16.74
N MET A 250 -3.75 -8.27 17.59
CA MET A 250 -3.93 -7.20 18.58
C MET A 250 -4.35 -5.92 17.87
N MET A 251 -3.59 -5.51 16.85
CA MET A 251 -3.87 -4.30 16.10
C MET A 251 -5.22 -4.34 15.39
N LYS A 252 -5.61 -5.48 14.81
CA LYS A 252 -6.97 -5.64 14.24
C LYS A 252 -8.09 -5.28 15.21
N ARG A 253 -7.94 -5.71 16.45
CA ARG A 253 -8.94 -5.49 17.49
C ARG A 253 -8.95 -4.00 17.90
N ALA A 254 -7.78 -3.38 18.03
CA ALA A 254 -7.69 -1.96 18.34
C ALA A 254 -8.33 -1.15 17.24
N VAL A 255 -8.03 -1.49 15.97
CA VAL A 255 -8.60 -0.78 14.83
C VAL A 255 -10.13 -0.91 14.80
N ALA A 257 -12.12 -1.37 17.41
CA ALA A 257 -12.59 -0.47 18.47
C ALA A 257 -12.63 0.98 18.02
N LYS A 258 -11.59 1.42 17.32
CA LYS A 258 -11.53 2.78 16.83
C LYS A 258 -12.68 3.05 15.81
N GLU A 259 -12.91 2.10 14.91
CA GLU A 259 -13.96 2.20 13.92
C GLU A 259 -15.34 2.33 14.54
N LEU A 260 -15.51 1.70 15.71
CA LEU A 260 -16.76 1.74 16.43
C LEU A 260 -16.95 3.00 17.27
N GLY A 261 -15.89 3.78 17.43
CA GLY A 261 -15.95 5.04 18.13
C GLY A 261 -15.98 4.94 19.64
N VAL A 262 -15.74 3.76 20.18
CA VAL A 262 -15.77 3.56 21.64
C VAL A 262 -14.57 4.25 22.29
N PRO A 263 -14.70 4.67 23.54
CA PRO A 263 -13.64 5.44 24.16
C PRO A 263 -12.39 4.69 24.67
N ILE A 264 -12.48 3.38 24.96
CA ILE A 264 -11.44 2.71 25.74
C ILE A 264 -11.25 1.22 25.41
N ILE A 265 -10.00 0.77 25.34
CA ILE A 265 -9.74 -0.64 25.18
C ILE A 265 -8.88 -1.14 26.34
N MET A 266 -8.65 -2.45 26.43
CA MET A 266 -7.72 -2.94 27.44
C MET A 266 -6.65 -3.86 26.87
N HIS A 267 -5.61 -4.13 27.68
CA HIS A 267 -4.51 -4.99 27.30
C HIS A 267 -3.87 -5.60 28.52
N ASP A 268 -3.54 -6.87 28.44
CA ASP A 268 -2.82 -7.53 29.55
C ASP A 268 -1.32 -7.42 29.30
N TYR A 269 -0.71 -6.40 29.89
CA TYR A 269 0.66 -6.11 29.55
C TYR A 269 1.71 -7.17 29.81
N LEU A 270 1.57 -7.97 30.86
CA LEU A 270 2.59 -8.96 31.16
C LEU A 270 2.40 -10.26 30.39
N THR A 271 1.15 -10.70 30.20
CA THR A 271 0.96 -11.90 29.35
C THR A 271 1.08 -11.58 27.86
N GLY A 272 0.70 -10.37 27.44
CA GLY A 272 0.91 -9.95 26.06
C GLY A 272 2.38 -9.55 25.85
N GLY A 273 2.92 -8.78 26.80
CA GLY A 273 4.34 -8.46 26.78
C GLY A 273 4.60 -7.00 26.54
N PHE A 274 5.76 -6.53 26.94
CA PHE A 274 6.10 -5.11 26.83
C PHE A 274 6.21 -4.61 25.37
N THR A 275 6.74 -5.44 24.47
CA THR A 275 6.90 -5.04 23.08
C THR A 275 5.54 -4.75 22.44
N ALA A 276 4.60 -5.69 22.59
CA ALA A 276 3.22 -5.50 22.15
C ALA A 276 2.52 -4.35 22.90
N ASN A 277 2.76 -4.23 24.20
CA ASN A 277 2.12 -3.16 24.94
C ASN A 277 2.51 -1.76 24.48
N THR A 278 3.80 -1.54 24.34
CA THR A 278 4.29 -0.25 23.89
C THR A 278 3.74 0.09 22.48
N SER A 279 3.71 -0.90 21.59
CA SER A 279 3.07 -0.74 20.28
C SER A 279 1.61 -0.27 20.43
N LEU A 280 0.89 -0.91 21.32
CA LEU A 280 -0.52 -0.59 21.47
C LEU A 280 -0.72 0.80 22.07
N ALA A 281 0.14 1.17 23.00
CA ALA A 281 0.05 2.48 23.65
C ALA A 281 0.27 3.54 22.62
N ILE A 282 1.22 3.33 21.72
CA ILE A 282 1.49 4.30 20.67
C ILE A 282 0.31 4.41 19.70
N TYR A 283 -0.26 3.27 19.32
CA TYR A 283 -1.50 3.26 18.54
C TYR A 283 -2.63 4.05 19.20
N CYS A 284 -2.79 3.85 20.49
CA CYS A 284 -3.82 4.54 21.26
C CYS A 284 -3.63 6.06 21.31
N ARG A 285 -2.38 6.51 21.51
CA ARG A 285 -2.05 7.94 21.47
C ARG A 285 -2.40 8.54 20.08
N ASP A 286 -2.11 7.78 19.02
CA ASP A 286 -2.34 8.28 17.66
C ASP A 286 -3.81 8.28 17.24
N ASN A 287 -4.65 7.61 18.02
CA ASN A 287 -6.03 7.44 17.60
C ASN A 287 -7.04 7.83 18.66
N GLY A 288 -6.57 8.51 19.70
CA GLY A 288 -7.42 8.93 20.79
C GLY A 288 -8.14 7.86 21.62
N LEU A 289 -7.66 6.62 21.61
CA LEU A 289 -8.24 5.58 22.44
C LEU A 289 -7.61 5.55 23.80
N LEU A 290 -8.42 5.41 24.85
CA LEU A 290 -7.88 5.23 26.20
C LEU A 290 -7.44 3.79 26.38
N LEU A 291 -6.37 3.59 27.13
CA LEU A 291 -5.86 2.22 27.33
C LEU A 291 -5.87 1.75 28.77
N HIS A 292 -6.68 0.75 29.05
CA HIS A 292 -6.76 0.15 30.37
C HIS A 292 -5.81 -1.04 30.48
N ILE A 293 -5.04 -1.08 31.54
CA ILE A 293 -4.07 -2.15 31.66
C ILE A 293 -4.41 -3.10 32.77
N HIS A 294 -4.53 -4.37 32.38
CA HIS A 294 -4.70 -5.44 33.35
C HIS A 294 -3.34 -6.09 33.66
N ARG A 295 -3.10 -6.42 34.92
CA ARG A 295 -1.77 -6.87 35.32
C ARG A 295 -1.70 -8.36 35.57
N ALA A 296 -2.56 -9.11 34.88
CA ALA A 296 -2.52 -10.57 34.92
C ALA A 296 -1.12 -11.13 34.89
N MET A 297 -0.86 -12.07 35.80
CA MET A 297 0.43 -12.73 35.98
C MET A 297 1.40 -12.02 36.93
N HIS A 298 1.10 -10.79 37.36
CA HIS A 298 2.05 -10.04 38.19
C HIS A 298 2.41 -10.81 39.48
N ALA A 299 1.46 -11.49 40.09
CA ALA A 299 1.68 -12.17 41.35
C ALA A 299 2.56 -13.41 41.19
N VAL A 300 2.77 -13.85 39.95
CA VAL A 300 3.74 -14.92 39.68
C VAL A 300 5.12 -14.39 40.01
N ILE A 301 5.33 -13.08 39.78
CA ILE A 301 6.63 -12.42 39.83
C ILE A 301 6.82 -11.69 41.16
N ASP A 302 5.72 -11.16 41.70
CA ASP A 302 5.81 -10.19 42.79
C ASP A 302 5.26 -10.53 44.17
N ARG A 303 4.75 -11.73 44.38
CA ARG A 303 4.12 -12.07 45.64
C ARG A 303 5.12 -12.30 46.78
N GLN A 304 6.20 -13.03 46.51
CA GLN A 304 7.13 -13.41 47.58
C GLN A 304 8.20 -12.35 47.92
N ARG A 305 8.50 -12.26 49.21
CA ARG A 305 9.33 -11.24 49.78
C ARG A 305 10.80 -11.44 49.45
N ASN A 306 11.21 -12.70 49.22
CA ASN A 306 12.61 -13.04 49.04
C ASN A 306 13.08 -13.10 47.56
N HIS A 307 12.13 -13.24 46.64
CA HIS A 307 12.48 -13.48 45.26
C HIS A 307 11.46 -12.90 44.29
N GLY A 308 11.95 -12.27 43.24
CA GLY A 308 11.13 -11.78 42.15
C GLY A 308 11.36 -10.31 41.87
N ILE A 309 10.29 -9.61 41.50
CA ILE A 309 10.32 -8.18 41.25
C ILE A 309 9.10 -7.63 41.94
N HIS A 310 9.29 -6.60 42.75
CA HIS A 310 8.16 -6.01 43.43
C HIS A 310 7.23 -5.29 42.44
N PHE A 311 5.93 -5.35 42.71
CA PHE A 311 4.99 -4.69 41.84
C PHE A 311 5.31 -3.21 41.53
N ARG A 312 5.88 -2.50 42.50
CA ARG A 312 6.17 -1.10 42.23
C ARG A 312 7.09 -0.89 41.03
N VAL A 313 7.99 -1.84 40.77
CA VAL A 313 8.84 -1.78 39.59
C VAL A 313 8.03 -2.11 38.36
N LEU A 314 7.15 -3.11 38.47
CA LEU A 314 6.32 -3.45 37.31
C LEU A 314 5.37 -2.30 36.99
N ALA A 315 4.95 -1.55 38.02
CA ALA A 315 4.10 -0.38 37.83
C ALA A 315 4.90 0.73 37.18
N LYS A 316 6.14 0.95 37.61
CA LYS A 316 6.96 2.00 36.99
C LYS A 316 7.14 1.67 35.51
N ALA A 317 7.41 0.39 35.22
CA ALA A 317 7.62 -0.04 33.85
C ALA A 317 6.38 0.14 32.95
N LEU A 318 5.22 -0.19 33.49
CA LEU A 318 3.99 0.09 32.80
C LEU A 318 3.82 1.59 32.48
N ARG A 319 4.09 2.45 33.47
CA ARG A 319 4.01 3.88 33.24
C ARG A 319 4.86 4.31 32.07
N MET A 320 6.04 3.71 31.91
CA MET A 320 6.94 4.10 30.83
C MET A 320 6.48 3.52 29.51
N SER A 321 6.14 2.22 29.50
CA SER A 321 5.62 1.53 28.31
C SER A 321 4.31 2.13 27.79
N GLY A 322 3.41 2.42 28.73
CA GLY A 322 2.23 3.22 28.46
C GLY A 322 0.94 2.55 28.81
N GLY A 323 0.12 3.27 29.59
CA GLY A 323 -1.24 2.87 29.90
C GLY A 323 -1.95 4.00 30.62
N ASP A 324 -3.25 4.09 30.43
CA ASP A 324 -4.04 5.13 31.11
C ASP A 324 -4.55 4.67 32.47
N HIS A 325 -4.87 3.39 32.59
CA HIS A 325 -5.27 2.78 33.85
C HIS A 325 -4.34 1.64 34.15
N LEU A 326 -4.15 1.33 35.42
CA LEU A 326 -3.45 0.10 35.79
C LEU A 326 -3.99 -0.40 37.12
N HIS A 327 -4.31 -1.68 37.18
CA HIS A 327 -4.78 -2.32 38.38
C HIS A 327 -3.72 -2.17 39.46
N SER A 328 -4.17 -1.84 40.66
CA SER A 328 -3.31 -1.49 41.76
C SER A 328 -3.53 -2.34 43.03
N GLY A 329 -4.51 -3.24 43.00
CA GLY A 329 -4.94 -3.93 44.21
C GLY A 329 -6.01 -3.15 44.96
N THR A 330 -6.64 -3.76 45.95
CA THR A 330 -7.75 -3.14 46.69
C THR A 330 -7.38 -2.90 48.14
N VAL A 331 -6.36 -3.61 48.61
CA VAL A 331 -6.04 -3.72 50.05
C VAL A 331 -7.01 -4.61 50.82
N VAL A 332 -8.30 -4.32 50.69
CA VAL A 332 -9.34 -5.01 51.46
C VAL A 332 -10.05 -6.18 50.75
N GLY A 333 -9.71 -6.47 49.50
CA GLY A 333 -10.46 -7.47 48.75
C GLY A 333 -9.85 -8.83 48.75
N LYS A 334 -10.19 -9.66 47.77
CA LYS A 334 -9.80 -11.08 47.75
C LYS A 334 -8.33 -11.31 47.39
N LEU A 335 -7.66 -10.29 46.83
CA LEU A 335 -6.26 -10.45 46.45
C LEU A 335 -5.32 -9.61 47.34
N GLU A 336 -4.08 -10.06 47.45
CA GLU A 336 -3.17 -9.46 48.42
C GLU A 336 -2.68 -8.08 48.00
N GLY A 337 -2.51 -7.23 49.01
CA GLY A 337 -1.88 -5.93 48.84
C GLY A 337 -1.92 -5.17 50.14
N GLU A 338 -0.77 -5.02 50.79
CA GLU A 338 -0.71 -4.34 52.07
C GLU A 338 -0.82 -2.83 51.88
N ARG A 339 -1.50 -2.20 52.82
CA ARG A 339 -1.79 -0.76 52.79
C ARG A 339 -0.61 0.20 52.52
N GLU A 340 0.46 0.09 53.28
CA GLU A 340 1.56 1.04 53.15
C GLU A 340 2.30 0.82 51.82
N VAL A 341 2.44 -0.44 51.41
CA VAL A 341 3.06 -0.79 50.15
C VAL A 341 2.27 -0.21 48.98
N THR A 342 0.95 -0.39 49.06
CA THR A 342 0.02 0.09 48.04
C THR A 342 -0.02 1.59 47.94
N LEU A 343 -0.06 2.27 49.08
CA LEU A 343 -0.04 3.73 49.07
C LEU A 343 1.24 4.23 48.38
N GLY A 344 2.36 3.56 48.64
CA GLY A 344 3.65 3.87 48.02
C GLY A 344 3.64 3.81 46.51
N PHE A 345 3.21 2.69 45.95
CA PHE A 345 3.21 2.61 44.49
C PHE A 345 2.11 3.36 43.79
N VAL A 346 0.99 3.58 44.48
CA VAL A 346 -0.06 4.47 43.94
C VAL A 346 0.50 5.88 43.72
N ASP A 347 1.24 6.42 44.68
CA ASP A 347 1.98 7.68 44.44
C ASP A 347 2.95 7.57 43.24
N LEU A 348 3.63 6.41 43.10
CA LEU A 348 4.54 6.22 41.98
C LEU A 348 3.82 6.24 40.61
N MET A 349 2.58 5.76 40.61
CA MET A 349 1.76 5.68 39.41
C MET A 349 1.17 7.02 38.99
N ARG A 350 0.71 7.79 39.97
CA ARG A 350 -0.04 9.02 39.72
C ARG A 350 0.77 10.29 39.76
N ASP A 351 1.77 10.39 40.64
CA ASP A 351 2.38 11.68 40.96
C ASP A 351 3.52 12.04 40.02
N ASP A 352 3.93 13.31 40.04
CA ASP A 352 5.06 13.76 39.25
C ASP A 352 6.40 13.62 39.97
N TYR A 353 6.39 13.72 41.29
CA TYR A 353 7.59 13.69 42.07
C TYR A 353 7.34 12.94 43.36
N VAL A 354 8.07 11.85 43.60
CA VAL A 354 7.89 11.05 44.80
C VAL A 354 9.22 10.90 45.55
N GLU A 355 9.23 11.34 46.81
CA GLU A 355 10.44 11.25 47.64
C GLU A 355 10.69 9.86 48.19
N LYS A 356 11.96 9.54 48.35
CA LYS A 356 12.39 8.37 49.10
C LYS A 356 11.60 8.25 50.41
N ASP A 357 11.08 7.05 50.69
CA ASP A 357 10.28 6.78 51.89
C ASP A 357 10.21 5.27 52.16
N ARG A 358 11.17 4.76 52.92
CA ARG A 358 11.26 3.32 53.14
C ARG A 358 10.07 2.72 53.88
N SER A 359 9.36 3.51 54.68
CA SER A 359 8.16 3.00 55.35
C SER A 359 6.98 2.72 54.40
N ARG A 360 7.08 3.20 53.15
CA ARG A 360 6.11 2.90 52.09
C ARG A 360 6.74 2.10 50.92
N GLY A 361 7.96 1.60 51.13
CA GLY A 361 8.64 0.77 50.15
C GLY A 361 9.34 1.54 49.04
N ILE A 362 9.44 2.85 49.17
CA ILE A 362 10.09 3.64 48.13
C ILE A 362 11.56 3.80 48.44
N TYR A 363 12.42 3.08 47.72
CA TYR A 363 13.87 3.10 47.97
C TYR A 363 14.59 4.31 47.32
N PHE A 364 14.00 4.86 46.27
CA PHE A 364 14.58 5.99 45.57
C PHE A 364 13.61 7.15 45.37
N THR A 365 14.14 8.36 45.45
CA THR A 365 13.38 9.49 44.97
C THR A 365 13.19 9.36 43.46
N GLN A 366 11.93 9.44 43.02
CA GLN A 366 11.57 9.26 41.62
C GLN A 366 10.94 10.52 41.02
N ASP A 367 11.57 11.02 39.96
CA ASP A 367 11.14 12.24 39.30
C ASP A 367 10.61 11.85 37.93
N TRP A 368 9.33 12.08 37.67
CA TRP A 368 8.75 11.61 36.43
C TRP A 368 8.78 12.64 35.31
N SER A 370 7.14 15.32 34.26
CA SER A 370 5.88 15.60 33.55
C SER A 370 5.29 14.47 32.71
N MET A 371 5.81 13.25 32.85
CA MET A 371 5.13 12.11 32.23
C MET A 371 3.75 11.93 32.87
N PRO A 372 2.69 11.81 32.06
CA PRO A 372 1.33 11.69 32.62
C PRO A 372 1.22 10.57 33.64
N GLY A 373 0.39 10.77 34.66
CA GLY A 373 0.10 9.76 35.65
C GLY A 373 -0.92 8.74 35.16
N VAL A 374 -0.82 7.55 35.74
CA VAL A 374 -1.69 6.42 35.45
C VAL A 374 -2.75 6.32 36.53
N MET A 375 -3.99 6.08 36.15
CA MET A 375 -5.11 5.93 37.06
C MET A 375 -5.08 4.53 37.70
N PRO A 376 -4.96 4.43 39.02
CA PRO A 376 -5.00 3.10 39.68
C PRO A 376 -6.40 2.49 39.64
N VAL A 377 -6.47 1.18 39.50
CA VAL A 377 -7.76 0.51 39.44
C VAL A 377 -7.86 -0.50 40.60
N ALA A 378 -8.88 -0.32 41.45
CA ALA A 378 -9.04 -1.19 42.60
C ALA A 378 -10.14 -2.17 42.24
N SER A 379 -9.78 -3.44 42.21
CA SER A 379 -10.69 -4.43 41.70
C SER A 379 -10.38 -5.78 42.36
N GLY A 380 -11.41 -6.58 42.60
CA GLY A 380 -11.19 -7.91 43.14
C GLY A 380 -11.78 -8.19 44.49
N GLY A 381 -13.00 -8.71 44.50
CA GLY A 381 -13.67 -9.15 45.70
C GLY A 381 -14.11 -8.01 46.58
N ILE A 382 -14.46 -6.88 45.99
CA ILE A 382 -14.98 -5.75 46.77
C ILE A 382 -16.49 -5.55 46.63
N HIS A 383 -17.11 -5.02 47.66
CA HIS A 383 -18.55 -4.77 47.62
C HIS A 383 -18.84 -3.50 48.35
N VAL A 384 -20.12 -3.14 48.41
CA VAL A 384 -20.54 -1.84 48.96
C VAL A 384 -19.96 -1.51 50.35
N TRP A 385 -19.85 -2.48 51.25
CA TRP A 385 -19.26 -2.18 52.57
C TRP A 385 -17.80 -1.73 52.57
N HIS A 386 -17.07 -2.04 51.49
CA HIS A 386 -15.67 -1.63 51.35
C HIS A 386 -15.55 -0.20 50.85
N MET A 387 -16.65 0.37 50.39
CA MET A 387 -16.62 1.67 49.72
C MET A 387 -15.92 2.79 50.50
N PRO A 388 -16.23 2.97 51.78
CA PRO A 388 -15.54 4.01 52.57
C PRO A 388 -14.03 3.77 52.68
N ALA A 389 -13.62 2.53 52.91
CA ALA A 389 -12.18 2.23 52.95
C ALA A 389 -11.49 2.53 51.61
N LEU A 390 -12.13 2.17 50.50
CA LEU A 390 -11.60 2.45 49.16
C LEU A 390 -11.47 3.95 48.89
N VAL A 391 -12.52 4.72 49.14
CA VAL A 391 -12.44 6.17 48.96
C VAL A 391 -11.35 6.80 49.86
N GLU A 392 -11.25 6.31 51.09
CA GLU A 392 -10.19 6.74 51.99
C GLU A 392 -8.77 6.44 51.47
N ILE A 393 -8.55 5.22 50.97
CA ILE A 393 -7.23 4.84 50.50
C ILE A 393 -6.83 5.59 49.20
N PHE A 394 -7.71 5.58 48.21
CA PHE A 394 -7.38 6.06 46.87
C PHE A 394 -7.72 7.51 46.58
N GLY A 395 -8.70 8.08 47.26
CA GLY A 395 -9.18 9.40 46.89
C GLY A 395 -9.95 9.30 45.59
N ASP A 396 -10.18 10.42 44.96
CA ASP A 396 -10.95 10.50 43.73
C ASP A 396 -10.27 9.93 42.49
N ASP A 397 -8.94 9.99 42.43
CA ASP A 397 -8.24 9.64 41.21
C ASP A 397 -7.94 8.15 41.13
N ALA A 398 -9.01 7.38 40.93
CA ALA A 398 -8.96 5.94 40.96
C ALA A 398 -10.21 5.45 40.28
N CYS A 399 -10.16 4.21 39.80
CA CYS A 399 -11.35 3.55 39.32
C CYS A 399 -11.62 2.34 40.22
N LEU A 400 -12.85 2.20 40.70
CA LEU A 400 -13.21 1.07 41.55
C LEU A 400 -14.11 0.09 40.80
N GLN A 401 -13.72 -1.17 40.76
CA GLN A 401 -14.42 -2.13 39.94
C GLN A 401 -15.12 -3.19 40.71
N PHE A 402 -16.38 -3.41 40.37
CA PHE A 402 -17.21 -4.38 41.06
C PHE A 402 -17.82 -5.41 40.12
N GLY A 403 -17.14 -6.54 39.90
CA GLY A 403 -17.70 -7.62 39.08
C GLY A 403 -18.80 -8.39 39.78
N GLY A 404 -18.41 -9.35 40.62
CA GLY A 404 -19.34 -10.06 41.47
C GLY A 404 -20.19 -9.08 42.27
N GLY A 405 -19.59 -8.00 42.74
CA GLY A 405 -20.32 -6.97 43.47
C GLY A 405 -21.42 -6.23 42.69
N THR A 406 -21.52 -6.47 41.38
CA THR A 406 -22.60 -5.92 40.60
C THR A 406 -23.46 -7.04 40.09
N LEU A 407 -22.85 -8.02 39.43
CA LEU A 407 -23.61 -9.11 38.81
C LEU A 407 -24.12 -10.11 39.82
N GLY A 408 -23.71 -9.95 41.08
CA GLY A 408 -24.16 -10.79 42.17
C GLY A 408 -25.25 -10.18 43.03
N HIS A 409 -25.75 -9.00 42.64
CA HIS A 409 -26.79 -8.32 43.37
C HIS A 409 -28.12 -9.06 43.17
N PRO A 410 -28.92 -9.25 44.23
CA PRO A 410 -30.11 -10.10 44.10
C PRO A 410 -31.10 -9.60 43.06
N TRP A 411 -31.11 -8.31 42.75
CA TRP A 411 -32.05 -7.81 41.77
C TRP A 411 -31.54 -7.64 40.32
N GLY A 412 -30.32 -8.09 40.04
CA GLY A 412 -29.78 -7.85 38.71
C GLY A 412 -28.81 -6.66 38.58
N ASN A 413 -28.34 -6.46 37.34
CA ASN A 413 -27.21 -5.58 37.09
C ASN A 413 -27.52 -4.11 37.30
N ALA A 414 -28.65 -3.65 36.79
CA ALA A 414 -28.98 -2.24 36.92
C ALA A 414 -29.13 -1.80 38.39
N PRO A 415 -29.93 -2.51 39.19
CA PRO A 415 -29.95 -2.24 40.65
C PRO A 415 -28.58 -2.41 41.30
N GLY A 416 -27.82 -3.44 40.91
CA GLY A 416 -26.47 -3.65 41.40
C GLY A 416 -25.55 -2.46 41.19
N ALA A 417 -25.60 -1.93 39.97
CA ALA A 417 -24.81 -0.78 39.58
C ALA A 417 -25.25 0.44 40.37
N ALA A 418 -26.54 0.69 40.40
CA ALA A 418 -27.11 1.76 41.22
C ALA A 418 -26.67 1.70 42.70
N ALA A 419 -26.70 0.51 43.30
CA ALA A 419 -26.19 0.36 44.68
C ALA A 419 -24.74 0.84 44.81
N ASN A 420 -23.87 0.39 43.90
CA ASN A 420 -22.49 0.79 44.00
C ASN A 420 -22.31 2.32 43.80
N ARG A 421 -23.08 2.90 42.86
CA ARG A 421 -22.98 4.32 42.53
C ARG A 421 -23.47 5.17 43.74
N VAL A 422 -24.59 4.77 44.34
CA VAL A 422 -25.12 5.46 45.51
C VAL A 422 -24.08 5.40 46.64
N ALA A 423 -23.48 4.24 46.84
CA ALA A 423 -22.52 4.07 47.89
C ALA A 423 -21.32 4.99 47.68
N LEU A 424 -20.83 5.06 46.45
CA LEU A 424 -19.66 5.84 46.17
C LEU A 424 -19.99 7.33 46.31
N GLU A 425 -21.21 7.72 45.91
CA GLU A 425 -21.54 9.12 45.92
C GLU A 425 -21.77 9.59 47.35
N ALA A 426 -22.44 8.76 48.15
CA ALA A 426 -22.61 9.01 49.57
C ALA A 426 -21.29 9.20 50.29
N CYS A 427 -20.35 8.29 50.08
CA CYS A 427 -19.02 8.40 50.64
C CYS A 427 -18.26 9.66 50.23
N THR A 428 -18.35 10.02 48.97
CA THR A 428 -17.73 11.22 48.43
C THR A 428 -18.32 12.48 49.05
N GLN A 429 -19.65 12.52 49.14
CA GLN A 429 -20.31 13.64 49.80
C GLN A 429 -19.86 13.76 51.24
N ALA A 430 -19.89 12.64 51.98
CA ALA A 430 -19.49 12.66 53.39
C ALA A 430 -18.07 13.19 53.53
N ARG A 431 -17.16 12.70 52.69
CA ARG A 431 -15.77 13.18 52.74
C ARG A 431 -15.69 14.67 52.53
N ASN A 432 -16.44 15.18 51.56
CA ASN A 432 -16.37 16.59 51.22
C ASN A 432 -16.94 17.44 52.35
N GLU A 433 -17.97 16.93 53.03
CA GLU A 433 -18.52 17.58 54.21
C GLU A 433 -17.60 17.51 55.44
N GLY A 434 -16.45 16.86 55.34
CA GLY A 434 -15.49 16.81 56.44
C GLY A 434 -15.57 15.61 57.39
N ARG A 435 -16.46 14.66 57.11
CA ARG A 435 -16.51 13.42 57.84
C ARG A 435 -15.25 12.58 57.57
N ASP A 436 -14.83 11.86 58.61
CA ASP A 436 -13.67 11.00 58.57
C ASP A 436 -14.10 9.57 58.22
N LEU A 437 -13.86 9.18 56.98
CA LEU A 437 -14.31 7.90 56.46
C LEU A 437 -13.73 6.70 57.18
N ALA A 438 -12.49 6.82 57.64
CA ALA A 438 -11.83 5.77 58.43
C ALA A 438 -12.60 5.47 59.71
N ARG A 439 -13.18 6.50 60.33
CA ARG A 439 -13.95 6.34 61.57
C ARG A 439 -15.45 6.18 61.36
N GLU A 440 -16.01 6.98 60.46
CA GLU A 440 -17.45 7.10 60.30
C GLU A 440 -18.02 6.34 59.09
N GLY A 441 -17.16 5.61 58.37
CA GLY A 441 -17.53 4.94 57.15
C GLY A 441 -18.75 4.03 57.22
N GLY A 442 -18.77 3.15 58.22
CA GLY A 442 -19.91 2.29 58.45
C GLY A 442 -21.21 3.07 58.60
N ASP A 443 -21.15 4.21 59.27
CA ASP A 443 -22.33 5.07 59.45
C ASP A 443 -22.83 5.68 58.15
N VAL A 444 -21.89 6.09 57.28
CA VAL A 444 -22.24 6.63 55.98
C VAL A 444 -23.03 5.58 55.18
N ILE A 445 -22.49 4.36 55.13
CA ILE A 445 -23.16 3.31 54.36
C ILE A 445 -24.54 2.96 54.94
N ARG A 446 -24.60 2.77 56.25
CA ARG A 446 -25.87 2.48 56.94
C ARG A 446 -26.95 3.51 56.70
N SER A 447 -26.60 4.80 56.69
CA SER A 447 -27.55 5.86 56.35
C SER A 447 -28.07 5.73 54.93
N ALA A 448 -27.14 5.52 53.99
CA ALA A 448 -27.49 5.35 52.59
C ALA A 448 -28.37 4.11 52.35
N CYS A 449 -28.14 3.02 53.11
CA CYS A 449 -29.03 1.85 53.10
C CYS A 449 -30.48 2.17 53.47
N LYS A 450 -30.63 2.95 54.53
CA LYS A 450 -31.92 3.34 55.03
C LYS A 450 -32.63 4.08 53.92
N TRP A 451 -31.87 4.81 53.13
CA TRP A 451 -32.46 5.66 52.11
C TRP A 451 -32.71 4.97 50.76
N SER A 452 -31.79 4.11 50.32
CA SER A 452 -31.89 3.49 48.98
C SER A 452 -32.16 1.98 49.06
N PRO A 453 -33.29 1.53 48.51
CA PRO A 453 -33.65 0.12 48.56
C PRO A 453 -32.66 -0.78 47.81
N GLU A 454 -32.11 -0.33 46.67
CA GLU A 454 -31.09 -1.09 45.94
C GLU A 454 -29.85 -1.30 46.77
N LEU A 455 -29.40 -0.26 47.45
CA LEU A 455 -28.22 -0.37 48.29
C LEU A 455 -28.51 -1.28 49.48
N ALA A 456 -29.68 -1.11 50.11
CA ALA A 456 -30.07 -1.93 51.25
C ALA A 456 -29.96 -3.42 50.92
N ALA A 457 -30.36 -3.77 49.69
CA ALA A 457 -30.40 -5.18 49.32
C ALA A 457 -28.97 -5.72 49.17
N ALA A 458 -28.06 -4.88 48.69
CA ALA A 458 -26.68 -5.26 48.51
C ALA A 458 -26.02 -5.40 49.85
N CYS A 459 -26.28 -4.42 50.72
CA CYS A 459 -25.79 -4.43 52.10
C CYS A 459 -26.15 -5.69 52.89
N GLU A 460 -27.38 -6.17 52.76
CA GLU A 460 -27.84 -7.40 53.41
C GLU A 460 -27.08 -8.63 52.91
N VAL A 461 -26.94 -8.77 51.59
CA VAL A 461 -26.27 -9.93 51.00
C VAL A 461 -24.80 -10.11 51.43
N TRP A 462 -24.09 -9.01 51.56
CA TRP A 462 -22.65 -9.08 51.75
C TRP A 462 -22.17 -8.57 53.10
N LYS A 463 -23.10 -8.30 53.99
CA LYS A 463 -22.80 -7.81 55.36
C LYS A 463 -21.69 -8.55 56.09
N GLU A 464 -21.70 -9.87 55.99
CA GLU A 464 -20.70 -10.66 56.72
C GLU A 464 -19.29 -10.71 56.09
N ILE A 465 -19.19 -10.32 54.81
CA ILE A 465 -18.07 -10.74 53.96
C ILE A 465 -16.82 -9.88 54.05
N LYS A 466 -15.72 -10.52 54.51
CA LYS A 466 -14.43 -9.89 54.74
C LYS A 466 -13.29 -10.77 54.17
N PHE A 467 -12.16 -10.16 53.88
CA PHE A 467 -11.01 -10.93 53.42
C PHE A 467 -9.81 -10.53 54.25
N GLU A 468 -9.58 -11.31 55.30
CA GLU A 468 -8.56 -11.01 56.28
C GLU A 468 -7.65 -12.23 56.50
N PHE A 469 -6.44 -12.08 55.98
CA PHE A 469 -5.44 -13.13 55.99
C PHE A 469 -4.11 -12.52 56.30
N ASP A 470 -3.17 -13.37 56.71
CA ASP A 470 -1.81 -12.96 56.96
C ASP A 470 -1.13 -12.54 55.64
N THR A 471 -0.51 -11.36 55.66
CA THR A 471 0.12 -10.80 54.47
C THR A 471 1.47 -11.47 54.17
N ILE A 472 1.69 -11.82 52.91
CA ILE A 472 2.95 -12.43 52.46
C ILE A 472 3.98 -11.35 52.06
N ASP A 473 3.57 -10.46 51.18
CA ASP A 473 4.43 -9.38 50.71
C ASP A 473 4.46 -8.24 51.74
N LYS A 474 5.08 -8.53 52.89
CA LYS A 474 5.32 -7.56 53.94
C LYS A 474 6.56 -6.73 53.56
N LEU A 475 6.63 -5.48 54.06
CA LEU A 475 7.83 -4.65 53.88
C LEU A 475 9.15 -5.29 54.37
N ALA B 9 -39.01 -24.85 41.63
CA ALA B 9 -37.98 -25.22 42.66
C ALA B 9 -36.75 -25.96 42.05
N GLY B 10 -36.57 -25.80 40.73
CA GLY B 10 -35.28 -26.07 40.09
C GLY B 10 -34.23 -25.09 40.60
N ALA B 11 -32.94 -25.39 40.41
CA ALA B 11 -31.88 -24.46 40.87
C ALA B 11 -32.06 -23.04 40.29
N GLY B 12 -32.41 -22.11 41.16
CA GLY B 12 -32.61 -20.72 40.79
C GLY B 12 -31.39 -19.88 41.06
N PHE B 13 -31.54 -18.57 41.00
CA PHE B 13 -30.44 -17.67 41.33
C PHE B 13 -30.51 -17.37 42.83
N LYS B 14 -29.45 -17.66 43.55
CA LYS B 14 -29.39 -17.29 44.95
C LYS B 14 -28.16 -16.43 45.19
N ALA B 15 -28.41 -15.14 45.43
CA ALA B 15 -27.33 -14.19 45.68
C ALA B 15 -26.54 -14.51 46.93
N GLY B 16 -25.25 -14.22 46.90
CA GLY B 16 -24.44 -14.45 48.07
C GLY B 16 -23.22 -15.33 47.84
N VAL B 17 -22.35 -15.30 48.81
CA VAL B 17 -21.14 -16.06 48.78
C VAL B 17 -21.39 -17.51 49.20
N LYS B 18 -20.77 -18.44 48.49
CA LYS B 18 -20.71 -19.81 48.92
C LYS B 18 -19.33 -20.37 48.59
N ASP B 19 -19.00 -21.56 49.10
CA ASP B 19 -17.69 -22.13 48.93
C ASP B 19 -17.47 -22.45 47.48
N TYR B 20 -16.25 -22.22 46.99
CA TYR B 20 -15.86 -22.62 45.65
C TYR B 20 -15.95 -24.15 45.42
N ARG B 21 -15.71 -24.92 46.49
CA ARG B 21 -15.67 -26.38 46.41
C ARG B 21 -17.00 -26.99 46.04
N LEU B 22 -18.10 -26.29 46.27
CA LEU B 22 -19.41 -26.79 45.88
C LEU B 22 -19.58 -26.91 44.35
N THR B 23 -18.82 -26.13 43.60
CA THR B 23 -18.94 -26.15 42.15
C THR B 23 -17.66 -26.66 41.48
N TYR B 24 -16.51 -26.32 42.06
CA TYR B 24 -15.23 -26.45 41.36
C TYR B 24 -14.30 -27.58 41.84
N TYR B 25 -14.66 -28.26 42.93
CA TYR B 25 -14.00 -29.48 43.35
C TYR B 25 -14.81 -30.67 42.87
N THR B 26 -14.28 -31.42 41.92
CA THR B 26 -14.97 -32.58 41.37
C THR B 26 -14.05 -33.80 41.28
N PRO B 27 -13.84 -34.51 42.39
CA PRO B 27 -12.83 -35.58 42.45
C PRO B 27 -13.22 -36.84 41.69
N ASP B 28 -14.44 -36.89 41.15
CA ASP B 28 -14.90 -38.03 40.38
C ASP B 28 -14.93 -37.76 38.88
N TYR B 29 -14.46 -36.59 38.49
CA TYR B 29 -14.44 -36.22 37.08
C TYR B 29 -13.41 -37.05 36.31
N VAL B 30 -13.87 -37.57 35.17
CA VAL B 30 -12.99 -38.28 34.27
C VAL B 30 -12.49 -37.26 33.23
N VAL B 31 -11.18 -37.03 33.20
CA VAL B 31 -10.64 -35.99 32.32
C VAL B 31 -10.75 -36.39 30.86
N ARG B 32 -10.97 -35.39 30.01
CA ARG B 32 -11.16 -35.60 28.59
C ARG B 32 -9.87 -35.44 27.83
N ASP B 33 -9.74 -36.16 26.74
CA ASP B 33 -8.51 -36.11 25.96
C ASP B 33 -8.23 -34.71 25.36
N THR B 34 -9.24 -33.86 25.30
CA THR B 34 -9.09 -32.46 24.87
C THR B 34 -8.87 -31.40 25.96
N ASP B 35 -8.96 -31.79 27.24
CA ASP B 35 -8.78 -30.88 28.37
C ASP B 35 -7.33 -30.43 28.47
N ILE B 36 -7.11 -29.16 28.84
CA ILE B 36 -5.79 -28.69 29.26
C ILE B 36 -5.72 -29.02 30.76
N LEU B 37 -4.63 -29.64 31.21
CA LEU B 37 -4.49 -30.04 32.62
C LEU B 37 -3.35 -29.26 33.22
N ALA B 38 -3.56 -28.75 34.42
CA ALA B 38 -2.54 -28.05 35.17
C ALA B 38 -2.18 -28.75 36.49
N ALA B 39 -0.89 -28.74 36.82
CA ALA B 39 -0.45 -29.25 38.13
C ALA B 39 0.10 -28.07 38.94
N PHE B 40 -0.65 -27.68 39.97
CA PHE B 40 -0.26 -26.59 40.85
C PHE B 40 0.26 -27.08 42.19
N ARG B 41 1.44 -26.61 42.58
CA ARG B 41 1.95 -26.80 43.91
C ARG B 41 1.45 -25.67 44.80
N MET B 42 0.64 -26.02 45.79
CA MET B 42 -0.25 -25.09 46.43
C MET B 42 0.05 -25.08 47.95
N THR B 43 0.16 -23.88 48.54
CA THR B 43 0.40 -23.69 49.96
C THR B 43 -0.73 -22.82 50.51
N PRO B 44 -1.73 -23.45 51.13
CA PRO B 44 -2.89 -22.71 51.67
C PRO B 44 -2.59 -21.89 52.89
N GLN B 45 -3.36 -20.84 53.15
CA GLN B 45 -3.26 -20.18 54.46
C GLN B 45 -3.82 -21.12 55.56
N PRO B 46 -3.38 -20.99 56.81
CA PRO B 46 -3.94 -21.81 57.90
C PRO B 46 -5.46 -21.67 57.97
N GLY B 47 -6.15 -22.80 58.08
CA GLY B 47 -7.60 -22.82 58.13
C GLY B 47 -8.32 -22.84 56.80
N VAL B 48 -7.59 -22.81 55.71
CA VAL B 48 -8.21 -22.96 54.40
C VAL B 48 -8.03 -24.42 53.97
N PRO B 49 -9.12 -25.16 53.80
CA PRO B 49 -9.04 -26.57 53.40
C PRO B 49 -8.40 -26.71 52.02
N PRO B 50 -7.52 -27.68 51.84
CA PRO B 50 -6.92 -27.89 50.52
C PRO B 50 -7.94 -27.98 49.38
N GLU B 51 -9.08 -28.65 49.62
CA GLU B 51 -10.13 -28.77 48.60
C GLU B 51 -10.68 -27.40 48.21
N GLU B 52 -10.87 -26.53 49.19
CA GLU B 52 -11.41 -25.19 48.93
C GLU B 52 -10.39 -24.36 48.17
N CYS B 53 -9.12 -24.56 48.50
CA CYS B 53 -8.01 -23.91 47.82
C CYS B 53 -7.87 -24.30 46.34
N GLY B 54 -7.87 -25.59 46.08
CA GLY B 54 -7.87 -26.12 44.74
C GLY B 54 -9.07 -25.65 43.94
N ALA B 55 -10.25 -25.66 44.55
CA ALA B 55 -11.44 -25.20 43.89
C ALA B 55 -11.33 -23.71 43.57
N ALA B 56 -10.73 -22.93 44.48
CA ALA B 56 -10.56 -21.48 44.26
C ALA B 56 -9.69 -21.24 43.03
N VAL B 57 -8.58 -21.99 42.95
CA VAL B 57 -7.65 -21.84 41.84
C VAL B 57 -8.38 -22.22 40.55
N ALA B 58 -9.16 -23.31 40.60
CA ALA B 58 -9.87 -23.73 39.42
C ALA B 58 -10.93 -22.70 38.99
N ALA B 59 -11.69 -22.20 39.97
CA ALA B 59 -12.75 -21.24 39.73
C ALA B 59 -12.21 -19.95 39.12
N GLU B 60 -11.22 -19.38 39.77
CA GLU B 60 -10.79 -18.03 39.44
C GLU B 60 -9.83 -18.00 38.27
N SER B 61 -9.51 -19.17 37.72
CA SER B 61 -8.75 -19.25 36.49
C SER B 61 -9.62 -19.72 35.32
N SER B 62 -10.93 -19.78 35.54
CA SER B 62 -11.84 -20.24 34.50
C SER B 62 -13.12 -19.41 34.42
N THR B 63 -14.09 -19.64 35.31
CA THR B 63 -15.41 -19.04 35.14
C THR B 63 -15.94 -18.29 36.37
N GLY B 64 -15.41 -18.61 37.54
CA GLY B 64 -16.02 -18.20 38.79
C GLY B 64 -15.45 -16.92 39.40
N THR B 65 -16.27 -16.21 40.15
CA THR B 65 -15.76 -15.13 40.97
C THR B 65 -16.14 -15.36 42.45
N TRP B 66 -16.00 -14.35 43.31
CA TRP B 66 -16.08 -14.51 44.77
C TRP B 66 -17.49 -14.68 45.33
N THR B 67 -18.49 -14.34 44.53
CA THR B 67 -19.90 -14.42 44.95
C THR B 67 -20.71 -14.97 43.79
N THR B 68 -21.90 -15.50 44.06
CA THR B 68 -22.71 -16.10 43.00
C THR B 68 -23.24 -15.00 42.06
N VAL B 69 -23.14 -15.22 40.76
CA VAL B 69 -23.69 -14.29 39.79
C VAL B 69 -24.85 -14.94 39.01
N TRP B 70 -25.88 -14.16 38.72
CA TRP B 70 -27.08 -14.67 38.04
C TRP B 70 -26.82 -15.06 36.58
N THR B 71 -25.82 -14.47 35.94
CA THR B 71 -25.56 -14.75 34.53
C THR B 71 -25.15 -16.20 34.23
N ASP B 72 -24.75 -16.95 35.26
CA ASP B 72 -24.33 -18.34 35.14
C ASP B 72 -25.41 -19.15 34.47
N GLY B 73 -26.65 -18.89 34.86
CA GLY B 73 -27.80 -19.63 34.39
C GLY B 73 -28.11 -19.44 32.92
N LEU B 74 -27.52 -18.43 32.29
CA LEU B 74 -27.74 -18.22 30.86
C LEU B 74 -26.85 -19.12 30.03
N THR B 75 -25.87 -19.72 30.67
CA THR B 75 -24.94 -20.59 29.96
C THR B 75 -24.87 -21.93 30.69
N SER B 76 -23.94 -22.79 30.30
CA SER B 76 -23.75 -24.06 30.98
C SER B 76 -22.40 -24.08 31.72
N LEU B 77 -22.44 -23.85 33.01
CA LEU B 77 -21.24 -23.92 33.84
C LEU B 77 -20.55 -25.28 33.76
N ASP B 78 -21.34 -26.34 33.68
CA ASP B 78 -20.81 -27.71 33.56
C ASP B 78 -19.87 -27.84 32.37
N ARG B 79 -20.26 -27.24 31.24
CA ARG B 79 -19.48 -27.28 30.02
C ARG B 79 -18.17 -26.48 30.14
N TYR B 80 -18.20 -25.36 30.85
CA TYR B 80 -17.09 -24.39 30.77
C TYR B 80 -16.18 -24.35 31.97
N LYS B 81 -16.69 -24.71 33.16
CA LYS B 81 -15.90 -24.60 34.38
C LYS B 81 -14.59 -25.37 34.40
N GLY B 82 -13.57 -24.75 34.99
CA GLY B 82 -12.36 -25.48 35.30
C GLY B 82 -12.69 -26.36 36.49
N ARG B 83 -11.99 -27.46 36.61
CA ARG B 83 -12.33 -28.44 37.61
C ARG B 83 -11.10 -28.90 38.30
N CYS B 84 -11.06 -28.76 39.62
CA CYS B 84 -10.03 -29.39 40.43
C CYS B 84 -10.48 -30.83 40.67
N TYR B 85 -9.81 -31.77 40.02
CA TYR B 85 -10.23 -33.15 40.01
C TYR B 85 -9.37 -34.10 40.86
N ASP B 86 -8.27 -33.60 41.41
CA ASP B 86 -7.41 -34.43 42.25
C ASP B 86 -6.51 -33.55 43.09
N ILE B 87 -6.32 -33.95 44.36
CA ILE B 87 -5.38 -33.29 45.27
C ILE B 87 -4.51 -34.31 46.03
N GLU B 88 -3.20 -34.31 45.77
CA GLU B 88 -2.20 -35.15 46.43
C GLU B 88 -1.49 -34.28 47.46
N PRO B 89 -1.20 -34.80 48.65
CA PRO B 89 -0.28 -34.11 49.55
C PRO B 89 1.13 -34.32 49.03
N VAL B 90 2.04 -33.39 49.34
CA VAL B 90 3.44 -33.48 48.94
C VAL B 90 4.24 -34.21 50.03
N PRO B 91 5.00 -35.26 49.65
CA PRO B 91 5.83 -36.03 50.59
C PRO B 91 6.81 -35.16 51.39
N GLY B 92 6.67 -35.20 52.72
CA GLY B 92 7.58 -34.47 53.60
C GLY B 92 7.37 -32.97 53.70
N GLU B 93 6.11 -32.56 53.56
CA GLU B 93 5.71 -31.16 53.68
C GLU B 93 4.37 -31.19 54.37
N ASP B 94 4.23 -30.40 55.42
CA ASP B 94 2.97 -30.41 56.17
C ASP B 94 1.86 -29.58 55.51
N ASN B 95 2.25 -28.56 54.73
CA ASN B 95 1.29 -27.64 54.14
C ASN B 95 1.39 -27.41 52.61
N GLN B 96 1.82 -28.42 51.88
CA GLN B 96 1.92 -28.33 50.45
C GLN B 96 1.11 -29.43 49.77
N TYR B 97 0.41 -29.06 48.70
CA TYR B 97 -0.39 -30.00 47.91
C TYR B 97 -0.19 -29.82 46.42
N ILE B 98 -0.28 -30.91 45.67
CA ILE B 98 -0.41 -30.79 44.24
C ILE B 98 -1.89 -30.84 43.91
N ALA B 99 -2.43 -29.74 43.40
CA ALA B 99 -3.80 -29.73 42.90
C ALA B 99 -3.82 -29.84 41.37
N TYR B 100 -4.65 -30.76 40.87
CA TYR B 100 -4.78 -30.98 39.45
C TYR B 100 -6.05 -30.33 38.96
N VAL B 101 -5.91 -29.53 37.91
CA VAL B 101 -7.05 -28.76 37.41
C VAL B 101 -7.23 -29.09 35.94
N ALA B 102 -8.48 -29.40 35.55
CA ALA B 102 -8.79 -29.67 34.15
C ALA B 102 -9.56 -28.51 33.55
N TYR B 103 -9.14 -28.08 32.36
CA TYR B 103 -9.77 -26.94 31.66
C TYR B 103 -10.28 -27.38 30.30
N ILE B 105 -11.21 -27.32 26.49
CA ILE B 105 -10.55 -26.69 25.35
C ILE B 105 -11.31 -25.43 24.86
N ASP B 106 -12.61 -25.36 25.12
CA ASP B 106 -13.40 -24.17 24.76
C ASP B 106 -12.96 -22.83 25.42
N LEU B 107 -12.18 -22.93 26.47
CA LEU B 107 -11.81 -21.77 27.23
C LEU B 107 -10.72 -20.97 26.56
N PHE B 108 -10.04 -21.57 25.59
CA PHE B 108 -8.80 -20.99 25.08
C PHE B 108 -8.88 -20.49 23.68
N GLU B 109 -8.22 -19.37 23.41
CA GLU B 109 -8.11 -18.90 22.04
C GLU B 109 -7.08 -19.72 21.29
N GLU B 110 -7.46 -20.16 20.11
CA GLU B 110 -6.62 -20.98 19.24
C GLU B 110 -5.34 -20.24 18.90
N GLY B 111 -4.20 -20.92 18.98
CA GLY B 111 -2.91 -20.34 18.62
C GLY B 111 -2.37 -19.19 19.47
N SER B 112 -2.93 -18.95 20.65
CA SER B 112 -2.49 -17.87 21.55
C SER B 112 -1.92 -18.33 22.91
N VAL B 113 -0.60 -18.40 23.01
CA VAL B 113 0.00 -18.72 24.30
C VAL B 113 -0.39 -17.64 25.32
N THR B 114 -0.48 -16.39 24.85
CA THR B 114 -0.88 -15.26 25.70
C THR B 114 -2.19 -15.58 26.43
N ASN B 115 -3.20 -16.04 25.68
CA ASN B 115 -4.48 -16.38 26.27
C ASN B 115 -4.41 -17.53 27.28
N MET B 116 -3.67 -18.57 26.94
CA MET B 116 -3.50 -19.69 27.84
C MET B 116 -2.94 -19.26 29.20
N PHE B 117 -1.84 -18.50 29.19
CA PHE B 117 -1.25 -17.97 30.42
C PHE B 117 -2.19 -17.04 31.20
N THR B 118 -2.89 -16.18 30.47
CA THR B 118 -3.78 -15.26 31.11
C THR B 118 -4.82 -15.97 31.98
N SER B 119 -5.37 -17.08 31.47
CA SER B 119 -6.34 -17.85 32.22
C SER B 119 -5.65 -18.61 33.37
N ILE B 120 -4.73 -19.48 33.00
CA ILE B 120 -4.13 -20.38 33.96
C ILE B 120 -3.29 -19.67 35.03
N VAL B 121 -2.58 -18.61 34.69
CA VAL B 121 -1.72 -17.96 35.68
C VAL B 121 -2.05 -16.48 35.92
N GLY B 122 -3.25 -16.07 35.50
CA GLY B 122 -3.62 -14.68 35.52
C GLY B 122 -3.77 -14.00 36.88
N ASN B 123 -4.68 -14.52 37.70
CA ASN B 123 -4.96 -13.87 38.96
C ASN B 123 -4.67 -14.75 40.18
N VAL B 124 -4.73 -16.06 40.02
CA VAL B 124 -4.76 -16.95 41.16
C VAL B 124 -3.53 -16.87 42.07
N PHE B 125 -2.38 -16.51 41.52
CA PHE B 125 -1.19 -16.45 42.33
C PHE B 125 -1.23 -15.34 43.40
N GLY B 126 -2.17 -14.41 43.27
CA GLY B 126 -2.26 -13.30 44.19
C GLY B 126 -3.36 -13.42 45.22
N PHE B 127 -4.06 -14.53 45.22
CA PHE B 127 -5.11 -14.74 46.20
C PHE B 127 -4.60 -14.71 47.64
N LYS B 128 -5.35 -14.00 48.48
CA LYS B 128 -5.06 -13.90 49.92
C LYS B 128 -5.06 -15.23 50.63
N ALA B 129 -6.01 -16.10 50.26
CA ALA B 129 -6.20 -17.42 50.83
C ALA B 129 -5.02 -18.40 50.63
N LEU B 130 -4.09 -18.08 49.75
CA LEU B 130 -2.91 -18.93 49.66
C LEU B 130 -1.63 -18.17 49.92
N ARG B 131 -0.66 -18.87 50.48
CA ARG B 131 0.62 -18.28 50.82
C ARG B 131 1.66 -18.37 49.66
N ALA B 132 1.47 -19.38 48.81
CA ALA B 132 2.39 -19.63 47.71
C ALA B 132 1.71 -20.55 46.70
N LEU B 133 2.08 -20.38 45.44
CA LEU B 133 1.54 -21.20 44.35
C LEU B 133 2.61 -21.35 43.30
N ARG B 134 2.71 -22.53 42.73
CA ARG B 134 3.63 -22.80 41.64
C ARG B 134 3.00 -23.70 40.62
N LEU B 135 3.00 -23.26 39.37
CA LEU B 135 2.56 -24.09 38.28
C LEU B 135 3.74 -24.99 37.88
N GLU B 136 3.57 -26.29 38.05
CA GLU B 136 4.63 -27.25 37.82
C GLU B 136 4.65 -27.83 36.42
N ASP B 137 3.47 -28.09 35.87
CA ASP B 137 3.33 -28.68 34.54
C ASP B 137 1.97 -28.36 33.90
N LEU B 138 1.92 -28.49 32.57
CA LEU B 138 0.66 -28.40 31.83
C LEU B 138 0.57 -29.57 30.84
N ARG B 139 -0.60 -30.17 30.71
CA ARG B 139 -0.79 -31.11 29.64
C ARG B 139 -1.53 -30.37 28.53
N ILE B 140 -0.83 -30.07 27.44
CA ILE B 140 -1.40 -29.46 26.25
C ILE B 140 -1.86 -30.65 25.41
N PRO B 141 -3.16 -30.79 25.19
CA PRO B 141 -3.67 -31.86 24.36
C PRO B 141 -3.40 -31.58 22.85
N PRO B 142 -3.25 -32.65 22.07
CA PRO B 142 -3.05 -32.52 20.62
C PRO B 142 -4.07 -31.59 19.93
N ALA B 143 -5.32 -31.61 20.36
CA ALA B 143 -6.31 -30.78 19.71
C ALA B 143 -6.04 -29.28 19.92
N TYR B 144 -5.43 -28.89 21.02
CA TYR B 144 -4.97 -27.50 21.17
C TYR B 144 -3.62 -27.24 20.45
N VAL B 145 -2.69 -28.19 20.54
CA VAL B 145 -1.36 -28.07 19.92
C VAL B 145 -1.50 -27.76 18.43
N LYS B 146 -2.43 -28.42 17.75
CA LYS B 146 -2.62 -28.27 16.31
C LYS B 146 -3.06 -26.86 15.90
N THR B 147 -3.57 -26.05 16.83
CA THR B 147 -3.98 -24.69 16.51
C THR B 147 -2.81 -23.70 16.47
N PHE B 148 -1.59 -24.14 16.78
CA PHE B 148 -0.42 -23.26 16.81
C PHE B 148 0.49 -23.46 15.57
N VAL B 149 1.03 -22.38 15.05
CA VAL B 149 2.01 -22.48 13.95
C VAL B 149 3.25 -23.22 14.47
N GLY B 150 3.60 -22.97 15.73
CA GLY B 150 4.72 -23.65 16.35
C GLY B 150 6.04 -23.14 15.81
N PRO B 152 9.26 -22.12 13.69
CA PRO B 152 9.39 -21.82 12.25
C PRO B 152 10.02 -22.99 11.48
N HIS B 153 10.96 -23.72 12.07
CA HIS B 153 11.66 -24.80 11.36
C HIS B 153 11.82 -26.07 12.17
N GLY B 154 12.45 -25.98 13.34
CA GLY B 154 12.62 -27.15 14.20
C GLY B 154 13.92 -27.88 13.87
N ILE B 155 14.32 -28.80 14.73
CA ILE B 155 15.69 -29.33 14.70
C ILE B 155 16.16 -29.87 13.36
N GLN B 156 15.38 -30.78 12.78
CA GLN B 156 15.69 -31.49 11.55
C GLN B 156 15.89 -30.50 10.41
N VAL B 157 14.91 -29.63 10.19
CA VAL B 157 14.96 -28.66 9.10
C VAL B 157 16.15 -27.74 9.30
N GLU B 158 16.41 -27.40 10.55
CA GLU B 158 17.55 -26.55 10.83
C GLU B 158 18.89 -27.20 10.45
N ARG B 159 19.08 -28.46 10.82
CA ARG B 159 20.29 -29.17 10.40
C ARG B 159 20.37 -29.23 8.88
N ASP B 160 19.23 -29.49 8.25
CA ASP B 160 19.16 -29.54 6.79
C ASP B 160 19.51 -28.21 6.10
N LYS B 161 19.07 -27.10 6.67
CA LYS B 161 19.41 -25.79 6.13
C LYS B 161 20.89 -25.45 6.29
N LEU B 162 21.47 -25.75 7.46
CA LEU B 162 22.85 -25.39 7.69
C LEU B 162 23.83 -26.42 7.14
N ASN B 163 23.31 -27.59 6.75
CA ASN B 163 24.14 -28.69 6.26
C ASN B 163 25.08 -29.19 7.36
N LYS B 164 24.59 -29.25 8.59
CA LYS B 164 25.41 -29.61 9.75
C LYS B 164 24.85 -30.84 10.45
N TYR B 165 25.65 -31.90 10.51
CA TYR B 165 25.17 -33.17 11.05
C TYR B 165 26.20 -33.86 11.94
N GLY B 166 25.74 -34.61 12.93
CA GLY B 166 26.58 -35.61 13.56
C GLY B 166 27.38 -35.09 14.74
N ARG B 167 27.10 -33.85 15.14
CA ARG B 167 27.67 -33.27 16.35
C ARG B 167 26.80 -32.13 16.85
N GLY B 168 27.02 -31.73 18.08
CA GLY B 168 26.39 -30.53 18.61
C GLY B 168 26.87 -29.31 17.83
N LEU B 169 26.07 -28.26 17.84
CA LEU B 169 26.49 -27.02 17.24
C LEU B 169 27.24 -26.19 18.28
N LEU B 170 28.15 -25.35 17.79
CA LEU B 170 28.99 -24.54 18.68
C LEU B 170 28.71 -23.09 18.44
N GLY B 171 28.47 -22.39 19.53
CA GLY B 171 28.24 -20.96 19.48
C GLY B 171 29.08 -20.20 20.47
N CYS B 172 28.83 -18.90 20.55
CA CYS B 172 29.57 -18.01 21.41
C CYS B 172 28.95 -16.61 21.45
N THR B 173 28.71 -16.11 22.66
CA THR B 173 28.27 -14.74 22.83
C THR B 173 29.45 -13.76 22.84
N ILE B 174 29.34 -12.71 22.06
CA ILE B 174 30.30 -11.63 22.10
C ILE B 174 30.28 -10.90 23.46
N LYS B 175 31.47 -10.59 23.97
CA LYS B 175 31.69 -9.90 25.24
C LYS B 175 32.72 -8.79 25.00
N PRO B 176 32.69 -7.69 25.77
CA PRO B 176 31.77 -7.45 26.90
C PRO B 176 30.31 -7.40 26.47
N LYS B 177 29.38 -7.63 27.38
CA LYS B 177 27.96 -7.66 27.04
C LYS B 177 27.59 -6.42 26.27
N LEU B 178 27.94 -5.26 26.83
CA LEU B 178 27.64 -3.97 26.25
C LEU B 178 28.93 -3.15 26.20
N GLY B 179 28.99 -2.19 25.27
CA GLY B 179 30.14 -1.32 25.22
C GLY B 179 31.01 -1.43 23.97
N LEU B 180 30.86 -2.49 23.16
CA LEU B 180 31.63 -2.60 21.91
C LEU B 180 30.96 -1.85 20.75
N SER B 181 31.76 -1.28 19.88
CA SER B 181 31.24 -0.57 18.72
C SER B 181 30.82 -1.59 17.67
N ALA B 182 30.03 -1.14 16.70
CA ALA B 182 29.61 -2.01 15.59
C ALA B 182 30.80 -2.66 14.88
N LYS B 183 31.85 -1.87 14.61
CA LYS B 183 32.97 -2.38 13.86
C LYS B 183 33.70 -3.43 14.69
N ASN B 184 33.91 -3.13 15.97
CA ASN B 184 34.61 -4.08 16.85
C ASN B 184 33.82 -5.36 17.06
N TYR B 185 32.50 -5.24 17.05
CA TYR B 185 31.63 -6.39 17.18
C TYR B 185 31.87 -7.32 16.00
N GLY B 186 31.89 -6.78 14.78
CA GLY B 186 32.13 -7.57 13.59
C GLY B 186 33.50 -8.20 13.57
N ARG B 187 34.49 -7.42 13.99
CA ARG B 187 35.85 -7.89 14.12
C ARG B 187 35.92 -9.14 15.00
N ALA B 188 35.32 -9.05 16.19
CA ALA B 188 35.27 -10.18 17.11
C ALA B 188 34.51 -11.38 16.49
N VAL B 189 33.43 -11.11 15.78
CA VAL B 189 32.59 -12.18 15.22
C VAL B 189 33.36 -12.97 14.16
N TYR B 190 34.06 -12.25 13.27
CA TYR B 190 34.87 -12.89 12.25
C TYR B 190 35.94 -13.80 12.86
N GLU B 191 36.63 -13.30 13.87
CA GLU B 191 37.69 -14.10 14.48
C GLU B 191 37.16 -15.37 15.16
N CYS B 192 36.04 -15.25 15.88
CA CYS B 192 35.36 -16.43 16.43
C CYS B 192 34.95 -17.44 15.35
N LEU B 193 34.20 -16.98 14.34
CA LEU B 193 33.67 -17.88 13.33
C LEU B 193 34.76 -18.58 12.49
N ARG B 194 35.85 -17.87 12.16
CA ARG B 194 36.92 -18.45 11.36
C ARG B 194 37.68 -19.54 12.09
N GLY B 195 37.58 -19.57 13.44
CA GLY B 195 38.33 -20.52 14.24
C GLY B 195 37.65 -21.85 14.44
N GLY B 196 36.40 -21.96 14.01
CA GLY B 196 35.68 -23.21 14.14
C GLY B 196 34.26 -23.18 14.70
N LEU B 197 33.81 -22.04 15.21
CA LEU B 197 32.42 -21.96 15.70
C LEU B 197 31.41 -21.87 14.56
N ASP B 198 30.23 -22.46 14.77
CA ASP B 198 29.15 -22.37 13.78
C ASP B 198 28.42 -21.03 13.89
N PHE B 199 28.28 -20.55 15.12
CA PHE B 199 27.49 -19.35 15.42
C PHE B 199 28.20 -18.42 16.39
N THR B 200 27.96 -17.12 16.26
CA THR B 200 28.15 -16.19 17.36
C THR B 200 26.83 -15.57 17.62
N ASP B 202 24.60 -11.89 19.41
CA ASP B 202 24.36 -10.72 20.23
C ASP B 202 24.06 -11.18 21.67
N ASP B 203 24.58 -10.46 22.67
CA ASP B 203 24.11 -10.68 24.01
C ASP B 203 22.62 -10.32 24.14
N GLU B 204 21.92 -10.94 25.09
CA GLU B 204 20.50 -10.76 25.16
C GLU B 204 20.11 -9.30 25.24
N ASN B 205 20.94 -8.50 25.90
CA ASN B 205 20.64 -7.09 26.10
C ASN B 205 21.26 -6.14 25.08
N VAL B 206 21.95 -6.70 24.10
CA VAL B 206 22.43 -5.91 22.97
C VAL B 206 21.30 -5.69 22.00
N ASN B 207 20.74 -4.49 21.98
CA ASN B 207 19.61 -4.24 21.07
C ASN B 207 20.00 -3.11 20.10
N SER B 208 19.73 -1.85 20.49
CA SER B 208 20.26 -0.68 19.80
C SER B 208 20.56 0.36 20.86
N GLN B 209 21.80 0.80 20.93
CA GLN B 209 22.23 1.66 22.03
C GLN B 209 23.14 2.80 21.53
N PRO B 210 23.30 3.88 22.30
CA PRO B 210 24.28 4.93 21.97
C PRO B 210 25.69 4.43 21.53
N PHE B 211 26.27 3.44 22.22
CA PHE B 211 27.61 2.93 21.81
C PHE B 211 27.57 2.10 20.52
N MET B 212 26.38 1.59 20.16
CA MET B 212 26.25 0.72 18.97
C MET B 212 24.81 0.61 18.52
N ARG B 213 24.50 1.26 17.38
CA ARG B 213 23.18 1.21 16.77
C ARG B 213 22.98 -0.10 16.00
N TRP B 214 21.75 -0.61 16.02
CA TRP B 214 21.49 -1.96 15.53
C TRP B 214 21.87 -2.14 14.08
N ARG B 215 21.49 -1.20 13.22
CA ARG B 215 21.71 -1.39 11.81
C ARG B 215 23.19 -1.43 11.42
N ASP B 216 24.00 -0.54 11.99
CA ASP B 216 25.45 -0.63 11.88
C ASP B 216 25.98 -2.02 12.28
N ARG B 217 25.49 -2.57 13.40
CA ARG B 217 25.94 -3.87 13.82
C ARG B 217 25.58 -4.97 12.78
N PHE B 218 24.33 -5.00 12.37
CA PHE B 218 23.87 -5.98 11.38
C PHE B 218 24.74 -5.98 10.10
N LEU B 219 25.09 -4.80 9.59
CA LEU B 219 25.90 -4.74 8.38
C LEU B 219 27.35 -5.26 8.59
N PHE B 220 27.97 -4.86 9.70
CA PHE B 220 29.33 -5.34 10.01
C PHE B 220 29.35 -6.84 10.35
N VAL B 221 28.32 -7.33 11.01
CA VAL B 221 28.24 -8.75 11.31
C VAL B 221 28.03 -9.57 10.01
N ALA B 222 27.14 -9.10 9.16
CA ALA B 222 27.04 -9.70 7.84
C ALA B 222 28.37 -9.80 7.09
N GLU B 223 29.17 -8.73 7.07
CA GLU B 223 30.48 -8.81 6.41
C GLU B 223 31.32 -9.92 7.05
N ALA B 224 31.33 -9.98 8.37
CA ALA B 224 32.10 -10.95 9.11
C ALA B 224 31.64 -12.39 8.86
N ILE B 225 30.32 -12.62 8.80
CA ILE B 225 29.78 -13.95 8.58
C ILE B 225 30.24 -14.46 7.25
N TYR B 226 30.05 -13.68 6.18
CA TYR B 226 30.46 -14.09 4.85
C TYR B 226 31.98 -14.28 4.66
N LYS B 227 32.78 -13.43 5.30
CA LYS B 227 34.21 -13.59 5.22
C LYS B 227 34.64 -14.90 5.90
N ALA B 228 34.08 -15.19 7.08
CA ALA B 228 34.49 -16.40 7.80
C ALA B 228 34.01 -17.64 7.04
N GLN B 229 32.85 -17.49 6.39
CA GLN B 229 32.29 -18.59 5.62
C GLN B 229 33.12 -18.93 4.38
N ALA B 230 33.60 -17.91 3.69
CA ALA B 230 34.44 -18.13 2.53
C ALA B 230 35.80 -18.71 2.94
N GLU B 231 36.31 -18.27 4.08
CA GLU B 231 37.59 -18.74 4.57
C GLU B 231 37.56 -20.23 5.00
N THR B 232 36.48 -20.66 5.63
CA THR B 232 36.45 -22.01 6.22
C THR B 232 35.75 -23.04 5.34
N GLY B 233 34.81 -22.60 4.52
CA GLY B 233 34.02 -23.50 3.70
C GLY B 233 32.81 -24.09 4.39
N GLU B 234 32.54 -23.67 5.63
CA GLU B 234 31.40 -24.14 6.39
C GLU B 234 30.38 -23.00 6.51
N VAL B 235 29.09 -23.33 6.48
CA VAL B 235 28.03 -22.37 6.76
C VAL B 235 28.20 -21.75 8.14
N LYS B 236 28.08 -20.42 8.18
CA LYS B 236 28.25 -19.66 9.43
C LYS B 236 27.03 -18.79 9.67
N GLY B 237 26.78 -18.44 10.93
CA GLY B 237 25.75 -17.49 11.28
C GLY B 237 26.06 -16.69 12.52
N HIS B 238 25.21 -15.73 12.81
CA HIS B 238 25.34 -14.96 14.07
C HIS B 238 23.95 -14.52 14.45
N TYR B 239 23.49 -14.83 15.65
CA TYR B 239 22.09 -14.50 16.03
C TYR B 239 21.93 -13.02 16.27
N LEU B 240 21.51 -12.31 15.23
CA LEU B 240 21.29 -10.87 15.32
C LEU B 240 20.04 -10.67 16.17
N ASN B 241 20.11 -9.78 17.16
CA ASN B 241 19.00 -9.60 18.07
C ASN B 241 17.90 -8.71 17.49
N ALA B 242 16.71 -9.28 17.38
CA ALA B 242 15.53 -8.53 16.96
C ALA B 242 14.73 -7.95 18.14
N THR B 243 15.13 -8.27 19.37
CA THR B 243 14.38 -7.75 20.51
C THR B 243 14.31 -6.22 20.45
N ALA B 244 13.13 -5.66 20.72
CA ALA B 244 12.94 -4.23 20.55
C ALA B 244 11.84 -3.64 21.42
N GLY B 245 11.74 -2.32 21.48
CA GLY B 245 10.68 -1.70 22.27
C GLY B 245 9.27 -1.85 21.71
N THR B 246 9.14 -1.89 20.38
CA THR B 246 7.83 -1.98 19.72
C THR B 246 7.85 -3.11 18.68
N CYS B 247 6.68 -3.67 18.35
CA CYS B 247 6.56 -4.64 17.27
C CYS B 247 7.12 -4.12 15.97
N GLU B 248 6.86 -2.85 15.67
CA GLU B 248 7.28 -2.25 14.41
C GLU B 248 8.80 -2.22 14.31
N GLU B 249 9.48 -1.83 15.40
CA GLU B 249 10.94 -1.86 15.45
C GLU B 249 11.49 -3.27 15.34
N MET B 250 10.87 -4.21 16.06
CA MET B 250 11.21 -5.64 15.98
C MET B 250 11.15 -6.13 14.52
N MET B 251 10.07 -5.78 13.82
CA MET B 251 9.90 -6.24 12.47
C MET B 251 10.91 -5.63 11.50
N LYS B 252 11.26 -4.36 11.70
CA LYS B 252 12.31 -3.70 10.94
C LYS B 252 13.66 -4.44 10.99
N ARG B 253 14.01 -4.86 12.18
CA ARG B 253 15.23 -5.62 12.41
C ARG B 253 15.19 -6.99 11.69
N ALA B 254 14.07 -7.72 11.87
CA ALA B 254 13.90 -9.00 11.18
C ALA B 254 14.05 -8.81 9.67
N VAL B 255 13.35 -7.81 9.10
CA VAL B 255 13.39 -7.51 7.67
C VAL B 255 14.80 -7.20 7.18
N ALA B 257 17.63 -8.26 8.55
CA ALA B 257 18.31 -9.55 8.55
C ALA B 257 17.99 -10.38 7.32
N LYS B 258 16.71 -10.45 6.95
CA LYS B 258 16.33 -11.10 5.72
C LYS B 258 17.00 -10.49 4.46
N GLU B 259 17.05 -9.17 4.36
CA GLU B 259 17.64 -8.49 3.20
C GLU B 259 19.14 -8.81 3.10
N LEU B 260 19.75 -9.08 4.26
CA LEU B 260 21.15 -9.41 4.32
C LEU B 260 21.43 -10.87 3.98
N GLY B 261 20.39 -11.70 3.96
CA GLY B 261 20.52 -13.10 3.62
C GLY B 261 21.11 -13.97 4.72
N VAL B 262 21.24 -13.45 5.94
CA VAL B 262 21.79 -14.21 7.06
C VAL B 262 20.84 -15.31 7.50
N PRO B 263 21.36 -16.39 8.05
CA PRO B 263 20.50 -17.55 8.34
C PRO B 263 19.64 -17.45 9.61
N ILE B 264 20.01 -16.62 10.59
CA ILE B 264 19.40 -16.76 11.94
C ILE B 264 19.29 -15.43 12.66
N ILE B 265 18.19 -15.24 13.38
CA ILE B 265 18.06 -14.08 14.28
C ILE B 265 17.69 -14.55 15.67
N MET B 266 17.64 -13.64 16.65
CA MET B 266 17.25 -14.04 17.99
C MET B 266 16.19 -13.13 18.61
N HIS B 267 15.54 -13.63 19.65
CA HIS B 267 14.51 -12.87 20.35
C HIS B 267 14.47 -13.29 21.84
N ASP B 268 14.34 -12.29 22.72
CA ASP B 268 14.12 -12.56 24.14
C ASP B 268 12.63 -12.71 24.42
N TYR B 269 12.13 -13.94 24.37
CA TYR B 269 10.70 -14.11 24.35
C TYR B 269 9.93 -13.65 25.59
N LEU B 270 10.58 -13.60 26.75
CA LEU B 270 9.86 -13.22 27.98
C LEU B 270 9.90 -11.73 28.24
N THR B 271 11.01 -11.07 27.93
CA THR B 271 11.06 -9.62 28.13
C THR B 271 10.45 -8.91 26.91
N GLY B 272 10.53 -9.51 25.73
CA GLY B 272 9.75 -9.01 24.58
C GLY B 272 8.26 -9.38 24.72
N GLY B 273 8.01 -10.65 25.07
CA GLY B 273 6.68 -11.14 25.35
C GLY B 273 6.10 -12.04 24.27
N PHE B 274 5.08 -12.82 24.66
CA PHE B 274 4.55 -13.87 23.81
C PHE B 274 3.90 -13.37 22.55
N THR B 275 3.24 -12.21 22.64
CA THR B 275 2.53 -11.67 21.52
C THR B 275 3.55 -11.31 20.43
N ALA B 276 4.56 -10.51 20.81
CA ALA B 276 5.66 -10.19 19.91
C ALA B 276 6.35 -11.44 19.37
N ASN B 277 6.59 -12.41 20.26
CA ASN B 277 7.32 -13.59 19.86
C ASN B 277 6.62 -14.41 18.80
N THR B 278 5.35 -14.69 19.02
CA THR B 278 4.55 -15.41 18.08
C THR B 278 4.52 -14.68 16.70
N SER B 279 4.42 -13.35 16.73
CA SER B 279 4.47 -12.61 15.48
C SER B 279 5.79 -12.82 14.78
N LEU B 280 6.89 -12.80 15.53
CA LEU B 280 8.21 -12.97 14.94
C LEU B 280 8.44 -14.39 14.39
N ALA B 281 7.88 -15.36 15.06
CA ALA B 281 8.02 -16.75 14.66
C ALA B 281 7.27 -16.97 13.35
N ILE B 282 6.08 -16.37 13.24
CA ILE B 282 5.35 -16.39 11.96
C ILE B 282 6.12 -15.72 10.82
N TYR B 283 6.73 -14.56 11.08
CA TYR B 283 7.59 -13.92 10.11
C TYR B 283 8.75 -14.82 9.66
N CYS B 284 9.32 -15.53 10.64
CA CYS B 284 10.50 -16.34 10.36
C CYS B 284 10.14 -17.54 9.49
N ARG B 285 9.04 -18.20 9.82
CA ARG B 285 8.46 -19.23 8.96
C ARG B 285 8.22 -18.75 7.52
N ASP B 286 7.67 -17.55 7.35
CA ASP B 286 7.35 -17.04 6.03
C ASP B 286 8.54 -16.56 5.23
N ASN B 287 9.71 -16.40 5.89
CA ASN B 287 10.88 -15.83 5.22
C ASN B 287 12.14 -16.68 5.35
N GLY B 288 11.99 -17.84 5.97
CA GLY B 288 13.04 -18.84 6.04
C GLY B 288 14.15 -18.50 7.02
N LEU B 289 13.87 -17.58 7.94
CA LEU B 289 14.83 -17.25 8.97
C LEU B 289 14.73 -18.26 10.14
N LEU B 290 15.87 -18.71 10.63
CA LEU B 290 15.89 -19.46 11.88
C LEU B 290 15.74 -18.49 13.04
N LEU B 291 15.13 -18.96 14.12
CA LEU B 291 14.84 -18.13 15.27
C LEU B 291 15.40 -18.71 16.61
N HIS B 292 16.46 -18.07 17.09
CA HIS B 292 17.06 -18.42 18.35
C HIS B 292 16.33 -17.72 19.51
N ILE B 293 15.96 -18.48 20.54
CA ILE B 293 15.24 -17.87 21.65
C ILE B 293 16.08 -17.83 22.91
N HIS B 294 16.30 -16.59 23.40
CA HIS B 294 16.91 -16.35 24.67
C HIS B 294 15.82 -16.25 25.76
N ARG B 295 16.09 -16.86 26.93
CA ARG B 295 15.09 -16.93 27.98
C ARG B 295 15.27 -15.94 29.11
N ALA B 296 15.93 -14.82 28.84
CA ALA B 296 16.11 -13.77 29.83
C ALA B 296 14.85 -13.54 30.67
N MET B 297 15.06 -13.45 31.98
CA MET B 297 14.01 -13.19 32.97
C MET B 297 13.37 -14.47 33.51
N HIS B 298 13.65 -15.61 32.90
CA HIS B 298 12.97 -16.84 33.31
C HIS B 298 13.14 -17.13 34.81
N ALA B 299 14.34 -16.89 35.33
CA ALA B 299 14.68 -17.19 36.73
C ALA B 299 13.99 -16.27 37.74
N VAL B 300 13.44 -15.14 37.27
CA VAL B 300 12.57 -14.32 38.11
C VAL B 300 11.30 -15.13 38.48
N ILE B 301 10.84 -15.97 37.54
CA ILE B 301 9.58 -16.71 37.58
C ILE B 301 9.79 -18.13 38.07
N ASP B 302 10.93 -18.73 37.74
CA ASP B 302 11.09 -20.18 37.87
C ASP B 302 12.18 -20.70 38.83
N ARG B 303 12.88 -19.83 39.54
CA ARG B 303 13.94 -20.29 40.43
C ARG B 303 13.42 -21.00 41.72
N GLN B 304 12.44 -20.42 42.39
CA GLN B 304 11.97 -20.95 43.68
C GLN B 304 10.98 -22.10 43.62
N ARG B 305 11.16 -23.03 44.55
CA ARG B 305 10.42 -24.30 44.61
C ARG B 305 8.95 -24.13 45.03
N ASN B 306 8.68 -23.10 45.81
CA ASN B 306 7.34 -22.89 46.38
C ASN B 306 6.42 -21.98 45.56
N HIS B 307 6.98 -21.17 44.69
CA HIS B 307 6.19 -20.12 44.05
C HIS B 307 6.73 -19.74 42.67
N GLY B 308 5.82 -19.59 41.72
CA GLY B 308 6.15 -19.21 40.35
C GLY B 308 5.66 -20.22 39.32
N ILE B 309 6.44 -20.37 38.25
CA ILE B 309 6.14 -21.27 37.16
C ILE B 309 7.43 -21.99 36.83
N HIS B 310 7.39 -23.32 36.85
CA HIS B 310 8.58 -24.08 36.47
C HIS B 310 8.98 -23.83 35.00
N PHE B 311 10.28 -23.82 34.74
CA PHE B 311 10.76 -23.58 33.40
C PHE B 311 10.21 -24.59 32.41
N ARG B 312 9.96 -25.83 32.82
CA ARG B 312 9.38 -26.75 31.88
C ARG B 312 8.08 -26.23 31.23
N VAL B 313 7.28 -25.48 31.97
CA VAL B 313 6.06 -24.89 31.42
C VAL B 313 6.41 -23.74 30.44
N LEU B 314 7.40 -22.92 30.80
CA LEU B 314 7.84 -21.84 29.95
C LEU B 314 8.45 -22.40 28.67
N ALA B 315 9.11 -23.55 28.79
CA ALA B 315 9.63 -24.23 27.61
C ALA B 315 8.50 -24.72 26.72
N LYS B 316 7.46 -25.34 27.30
CA LYS B 316 6.30 -25.84 26.51
C LYS B 316 5.64 -24.66 25.77
N ALA B 317 5.44 -23.57 26.48
CA ALA B 317 4.89 -22.37 25.93
C ALA B 317 5.71 -21.80 24.75
N LEU B 318 7.03 -21.78 24.89
CA LEU B 318 7.89 -21.32 23.82
C LEU B 318 7.78 -22.23 22.60
N ARG B 319 7.74 -23.54 22.82
CA ARG B 319 7.53 -24.47 21.69
C ARG B 319 6.25 -24.16 20.94
N MET B 320 5.19 -23.81 21.64
CA MET B 320 3.93 -23.53 20.98
C MET B 320 3.98 -22.17 20.27
N SER B 321 4.52 -21.16 20.94
CA SER B 321 4.61 -19.82 20.42
C SER B 321 5.55 -19.74 19.20
N GLY B 322 6.66 -20.47 19.27
CA GLY B 322 7.57 -20.64 18.15
C GLY B 322 9.00 -20.27 18.49
N GLY B 323 9.93 -21.22 18.31
CA GLY B 323 11.35 -20.97 18.33
C GLY B 323 12.14 -22.16 17.81
N ASP B 324 13.21 -21.90 17.06
CA ASP B 324 14.08 -23.00 16.62
C ASP B 324 15.09 -23.45 17.69
N HIS B 325 15.59 -22.48 18.46
CA HIS B 325 16.50 -22.76 19.60
C HIS B 325 15.88 -22.23 20.88
N LEU B 326 16.20 -22.84 22.00
CA LEU B 326 15.83 -22.31 23.29
C LEU B 326 16.86 -22.70 24.34
N HIS B 327 17.33 -21.70 25.08
CA HIS B 327 18.30 -21.92 26.14
C HIS B 327 17.70 -22.83 27.20
N SER B 328 18.49 -23.79 27.64
CA SER B 328 18.03 -24.87 28.46
C SER B 328 18.81 -25.01 29.76
N GLY B 329 19.83 -24.18 29.94
CA GLY B 329 20.78 -24.33 31.04
C GLY B 329 21.89 -25.32 30.69
N THR B 330 22.91 -25.40 31.53
CA THR B 330 24.09 -26.21 31.27
C THR B 330 24.29 -27.30 32.31
N VAL B 331 23.56 -27.22 33.41
CA VAL B 331 23.74 -28.09 34.57
C VAL B 331 25.01 -27.80 35.32
N VAL B 332 26.15 -27.77 34.64
CA VAL B 332 27.45 -27.63 35.26
C VAL B 332 28.05 -26.20 35.26
N GLY B 333 27.36 -25.23 34.65
CA GLY B 333 27.90 -23.87 34.50
C GLY B 333 27.52 -22.92 35.64
N LYS B 334 27.61 -21.62 35.39
CA LYS B 334 27.42 -20.59 36.43
C LYS B 334 25.94 -20.36 36.84
N LEU B 335 25.00 -20.83 36.05
CA LEU B 335 23.58 -20.67 36.36
C LEU B 335 22.95 -22.00 36.74
N GLU B 336 21.95 -21.93 37.60
CA GLU B 336 21.31 -23.12 38.15
C GLU B 336 20.52 -23.95 37.15
N GLY B 337 20.58 -25.27 37.31
CA GLY B 337 19.80 -26.22 36.54
C GLY B 337 20.16 -27.64 37.00
N GLU B 338 19.27 -28.29 37.73
CA GLU B 338 19.56 -29.65 38.20
C GLU B 338 19.43 -30.65 37.04
N ARG B 339 20.31 -31.65 37.04
CA ARG B 339 20.39 -32.67 36.00
C ARG B 339 19.08 -33.39 35.62
N GLU B 340 18.41 -34.00 36.59
CA GLU B 340 17.18 -34.77 36.29
C GLU B 340 16.10 -33.85 35.76
N VAL B 341 16.01 -32.64 36.29
CA VAL B 341 14.98 -31.66 35.90
C VAL B 341 15.24 -31.25 34.45
N THR B 342 16.51 -30.92 34.17
CA THR B 342 16.91 -30.52 32.86
C THR B 342 16.69 -31.63 31.83
N LEU B 343 17.06 -32.86 32.16
CA LEU B 343 16.83 -33.97 31.23
C LEU B 343 15.33 -34.09 30.88
N GLY B 344 14.46 -33.82 31.84
CA GLY B 344 13.03 -33.92 31.62
C GLY B 344 12.52 -32.87 30.63
N PHE B 345 12.91 -31.61 30.83
CA PHE B 345 12.39 -30.61 29.93
C PHE B 345 13.08 -30.55 28.58
N VAL B 346 14.30 -31.07 28.52
CA VAL B 346 14.96 -31.23 27.24
C VAL B 346 14.17 -32.25 26.41
N ASP B 347 13.72 -33.34 27.02
CA ASP B 347 12.82 -34.26 26.30
C ASP B 347 11.55 -33.54 25.85
N LEU B 348 10.99 -32.70 26.72
CA LEU B 348 9.76 -31.98 26.38
C LEU B 348 9.98 -30.97 25.24
N MET B 349 11.20 -30.44 25.15
CA MET B 349 11.55 -29.51 24.08
C MET B 349 11.74 -30.22 22.74
N ARG B 350 12.36 -31.39 22.76
CA ARG B 350 12.86 -32.00 21.52
C ARG B 350 11.96 -33.09 20.95
N ASP B 351 11.29 -33.85 21.81
CA ASP B 351 10.68 -35.14 21.43
C ASP B 351 9.25 -34.98 20.96
N ASP B 352 8.76 -36.01 20.28
CA ASP B 352 7.36 -36.00 19.87
C ASP B 352 6.38 -36.49 20.95
N TYR B 353 6.85 -37.38 21.81
CA TYR B 353 6.00 -38.03 22.80
C TYR B 353 6.79 -38.25 24.07
N VAL B 354 6.34 -37.69 25.17
CA VAL B 354 7.05 -37.83 26.44
C VAL B 354 6.11 -38.35 27.53
N GLU B 355 6.44 -39.52 28.07
CA GLU B 355 5.64 -40.16 29.10
C GLU B 355 5.79 -39.48 30.44
N LYS B 356 4.70 -39.51 31.21
CA LYS B 356 4.73 -39.14 32.63
C LYS B 356 5.92 -39.80 33.33
N ASP B 357 6.67 -39.00 34.10
CA ASP B 357 7.88 -39.44 34.82
C ASP B 357 8.25 -38.46 35.95
N ARG B 358 7.74 -38.72 37.15
CA ARG B 358 7.88 -37.77 38.25
C ARG B 358 9.32 -37.56 38.68
N SER B 359 10.17 -38.58 38.50
CA SER B 359 11.58 -38.48 38.85
C SER B 359 12.36 -37.51 37.94
N ARG B 360 11.76 -37.09 36.83
CA ARG B 360 12.33 -36.04 35.98
C ARG B 360 11.43 -34.80 35.93
N GLY B 361 10.46 -34.72 36.85
CA GLY B 361 9.56 -33.58 36.94
C GLY B 361 8.44 -33.53 35.92
N ILE B 362 8.23 -34.61 35.17
CA ILE B 362 7.17 -34.62 34.19
C ILE B 362 5.90 -35.17 34.83
N TYR B 363 4.94 -34.28 35.11
CA TYR B 363 3.67 -34.65 35.79
C TYR B 363 2.63 -35.28 34.84
N PHE B 364 2.75 -34.99 33.54
CA PHE B 364 1.80 -35.43 32.55
C PHE B 364 2.48 -36.06 31.35
N THR B 365 1.86 -37.08 30.80
CA THR B 365 2.22 -37.51 29.46
C THR B 365 1.91 -36.37 28.48
N GLN B 366 2.91 -36.03 27.67
CA GLN B 366 2.77 -34.98 26.70
C GLN B 366 3.01 -35.49 25.27
N ASP B 367 2.01 -35.26 24.43
CA ASP B 367 1.99 -35.66 23.04
C ASP B 367 2.06 -34.41 22.17
N TRP B 368 3.10 -34.29 21.38
CA TRP B 368 3.27 -33.06 20.62
C TRP B 368 2.68 -33.09 19.24
N SER B 370 3.46 -34.19 16.26
CA SER B 370 4.34 -33.79 15.14
C SER B 370 4.77 -32.33 15.10
N MET B 371 4.44 -31.55 16.11
CA MET B 371 5.00 -30.22 16.16
C MET B 371 6.54 -30.36 16.22
N PRO B 372 7.28 -29.60 15.42
CA PRO B 372 8.75 -29.66 15.40
C PRO B 372 9.40 -29.44 16.77
N GLY B 373 10.49 -30.16 17.02
CA GLY B 373 11.25 -29.99 18.23
C GLY B 373 12.14 -28.74 18.22
N VAL B 374 12.33 -28.18 19.41
CA VAL B 374 13.24 -27.05 19.64
C VAL B 374 14.64 -27.52 20.09
N MET B 375 15.68 -26.94 19.52
CA MET B 375 17.07 -27.25 19.85
C MET B 375 17.44 -26.60 21.19
N PRO B 376 17.79 -27.40 22.21
CA PRO B 376 18.28 -26.84 23.47
C PRO B 376 19.66 -26.21 23.32
N VAL B 377 19.84 -25.08 24.00
CA VAL B 377 21.10 -24.35 23.93
C VAL B 377 21.72 -24.25 25.31
N ALA B 378 22.90 -24.86 25.46
CA ALA B 378 23.59 -24.88 26.77
C ALA B 378 24.62 -23.75 26.79
N SER B 379 24.48 -22.83 27.73
CA SER B 379 25.26 -21.61 27.67
C SER B 379 25.35 -21.03 29.07
N GLY B 380 26.51 -20.46 29.43
CA GLY B 380 26.65 -19.80 30.72
C GLY B 380 27.74 -20.39 31.63
N GLY B 381 28.94 -19.85 31.49
CA GLY B 381 30.03 -20.21 32.37
C GLY B 381 30.59 -21.58 32.12
N ILE B 382 30.58 -22.01 30.87
CA ILE B 382 31.19 -23.31 30.50
C ILE B 382 32.51 -23.15 29.75
N HIS B 383 33.38 -24.13 29.86
CA HIS B 383 34.68 -24.11 29.19
C HIS B 383 35.04 -25.51 28.74
N VAL B 384 36.19 -25.65 28.09
CA VAL B 384 36.58 -26.92 27.51
C VAL B 384 36.46 -28.13 28.43
N TRP B 385 36.82 -28.00 29.70
CA TRP B 385 36.71 -29.14 30.62
C TRP B 385 35.29 -29.66 30.83
N HIS B 386 34.28 -28.81 30.58
CA HIS B 386 32.86 -29.23 30.72
C HIS B 386 32.35 -30.03 29.52
N MET B 387 33.10 -30.00 28.41
CA MET B 387 32.66 -30.61 27.15
C MET B 387 32.13 -32.03 27.26
N PRO B 388 32.87 -32.96 27.87
CA PRO B 388 32.39 -34.35 28.00
C PRO B 388 31.06 -34.42 28.76
N ALA B 389 30.92 -33.66 29.86
CA ALA B 389 29.64 -33.67 30.58
C ALA B 389 28.51 -33.12 29.70
N LEU B 390 28.79 -32.08 28.92
CA LEU B 390 27.76 -31.52 28.04
C LEU B 390 27.35 -32.46 26.93
N VAL B 391 28.30 -33.12 26.30
CA VAL B 391 27.98 -34.09 25.27
C VAL B 391 27.20 -35.28 25.88
N GLU B 392 27.63 -35.73 27.04
CA GLU B 392 26.89 -36.77 27.73
C GLU B 392 25.44 -36.38 28.03
N ILE B 393 25.21 -35.19 28.59
CA ILE B 393 23.85 -34.75 28.95
C ILE B 393 22.94 -34.57 27.74
N PHE B 394 23.38 -33.78 26.78
CA PHE B 394 22.52 -33.35 25.67
C PHE B 394 22.55 -34.20 24.40
N GLY B 395 23.62 -34.97 24.18
CA GLY B 395 23.77 -35.65 22.92
C GLY B 395 24.04 -34.65 21.79
N ASP B 396 23.81 -35.05 20.56
CA ASP B 396 24.16 -34.21 19.41
C ASP B 396 23.21 -33.06 19.22
N ASP B 397 21.92 -33.24 19.52
CA ASP B 397 20.92 -32.25 19.14
C ASP B 397 20.83 -31.11 20.13
N ALA B 398 21.85 -30.28 20.12
CA ALA B 398 21.98 -29.23 21.11
C ALA B 398 23.01 -28.27 20.60
N CYS B 399 22.99 -27.08 21.15
CA CYS B 399 23.96 -26.08 20.76
C CYS B 399 24.69 -25.64 22.00
N LEU B 400 26.01 -25.66 21.95
CA LEU B 400 26.82 -25.33 23.10
C LEU B 400 27.49 -24.00 22.88
N GLN B 401 27.29 -23.10 23.82
CA GLN B 401 27.77 -21.75 23.66
C GLN B 401 28.83 -21.37 24.65
N PHE B 402 29.91 -20.82 24.13
CA PHE B 402 31.06 -20.41 24.94
C PHE B 402 31.39 -18.93 24.70
N GLY B 403 30.89 -18.06 25.55
CA GLY B 403 31.25 -16.64 25.49
C GLY B 403 32.62 -16.34 26.05
N GLY B 404 32.68 -16.24 27.39
CA GLY B 404 33.92 -16.12 28.13
C GLY B 404 34.84 -17.24 27.72
N GLY B 405 34.28 -18.42 27.50
CA GLY B 405 35.06 -19.57 27.07
C GLY B 405 35.77 -19.46 25.74
N THR B 406 35.40 -18.46 24.94
CA THR B 406 36.09 -18.21 23.67
C THR B 406 36.88 -16.89 23.73
N LEU B 407 36.21 -15.81 24.15
CA LEU B 407 36.83 -14.48 24.13
C LEU B 407 37.80 -14.32 25.31
N GLY B 408 37.86 -15.33 26.18
CA GLY B 408 38.77 -15.33 27.30
C GLY B 408 40.00 -16.21 27.14
N HIS B 409 40.13 -16.84 25.98
CA HIS B 409 41.31 -17.65 25.63
C HIS B 409 42.55 -16.77 25.51
N PRO B 410 43.67 -17.19 26.09
CA PRO B 410 44.85 -16.32 26.11
C PRO B 410 45.34 -15.86 24.72
N TRP B 411 45.01 -16.61 23.66
CA TRP B 411 45.51 -16.26 22.33
C TRP B 411 44.51 -15.56 21.42
N GLY B 412 43.31 -15.27 21.90
CA GLY B 412 42.33 -14.59 21.08
C GLY B 412 41.25 -15.51 20.57
N ASN B 413 40.35 -14.94 19.77
CA ASN B 413 39.11 -15.64 19.43
C ASN B 413 39.30 -16.86 18.53
N ALA B 414 40.13 -16.72 17.50
CA ALA B 414 40.24 -17.81 16.55
C ALA B 414 40.83 -19.07 17.20
N PRO B 415 41.94 -18.94 17.95
CA PRO B 415 42.42 -20.07 18.78
C PRO B 415 41.36 -20.53 19.80
N GLY B 416 40.67 -19.59 20.45
CA GLY B 416 39.62 -19.91 21.39
C GLY B 416 38.57 -20.84 20.80
N ALA B 417 38.10 -20.47 19.60
CA ALA B 417 37.09 -21.20 18.87
C ALA B 417 37.60 -22.57 18.49
N ALA B 418 38.83 -22.61 17.98
CA ALA B 418 39.44 -23.90 17.62
C ALA B 418 39.53 -24.81 18.84
N ALA B 419 39.96 -24.29 19.98
CA ALA B 419 40.04 -25.13 21.19
C ALA B 419 38.69 -25.76 21.50
N ASN B 420 37.61 -24.96 21.44
CA ASN B 420 36.29 -25.48 21.72
C ASN B 420 35.86 -26.53 20.69
N ARG B 421 36.26 -26.32 19.44
CA ARG B 421 35.78 -27.17 18.35
C ARG B 421 36.51 -28.51 18.42
N VAL B 422 37.82 -28.44 18.62
CA VAL B 422 38.63 -29.64 18.87
C VAL B 422 38.08 -30.43 20.04
N ALA B 423 37.76 -29.75 21.14
CA ALA B 423 37.23 -30.46 22.31
C ALA B 423 35.93 -31.19 22.02
N LEU B 424 35.03 -30.50 21.33
CA LEU B 424 33.74 -31.09 21.02
C LEU B 424 33.91 -32.26 20.06
N GLU B 425 34.75 -32.11 19.04
CA GLU B 425 34.96 -33.15 18.08
C GLU B 425 35.65 -34.37 18.68
N ALA B 426 36.63 -34.13 19.55
CA ALA B 426 37.24 -35.26 20.31
C ALA B 426 36.22 -36.05 21.11
N CYS B 427 35.38 -35.35 21.86
CA CYS B 427 34.34 -35.99 22.68
C CYS B 427 33.33 -36.78 21.86
N THR B 428 33.00 -36.24 20.69
CA THR B 428 32.03 -36.85 19.81
C THR B 428 32.60 -38.14 19.24
N GLN B 429 33.82 -38.05 18.68
CA GLN B 429 34.56 -39.23 18.23
C GLN B 429 34.61 -40.30 19.36
N ALA B 430 35.07 -39.92 20.55
CA ALA B 430 35.16 -40.87 21.66
C ALA B 430 33.82 -41.55 21.92
N ARG B 431 32.75 -40.77 21.98
CA ARG B 431 31.44 -41.35 22.20
C ARG B 431 31.05 -42.37 21.13
N ASN B 432 31.30 -42.01 19.86
CA ASN B 432 31.02 -42.87 18.74
C ASN B 432 31.84 -44.17 18.80
N GLU B 433 33.09 -44.07 19.25
CA GLU B 433 33.93 -45.23 19.43
C GLU B 433 33.52 -46.11 20.63
N GLY B 434 32.46 -45.74 21.35
CA GLY B 434 31.98 -46.53 22.46
C GLY B 434 32.51 -46.16 23.83
N ARG B 435 33.41 -45.17 23.92
CA ARG B 435 33.90 -44.71 25.22
C ARG B 435 32.77 -44.09 26.06
N ASP B 436 32.83 -44.30 27.38
CA ASP B 436 31.86 -43.72 28.31
C ASP B 436 32.33 -42.33 28.81
N LEU B 437 31.70 -41.28 28.32
CA LEU B 437 32.13 -39.92 28.62
C LEU B 437 31.98 -39.55 30.09
N ALA B 438 30.98 -40.11 30.76
CA ALA B 438 30.81 -39.91 32.21
C ALA B 438 32.05 -40.38 33.00
N ARG B 439 32.64 -41.49 32.58
CA ARG B 439 33.83 -42.03 33.23
C ARG B 439 35.16 -41.51 32.64
N GLU B 440 35.24 -41.48 31.31
CA GLU B 440 36.50 -41.31 30.58
C GLU B 440 36.68 -39.91 30.02
N GLY B 441 35.73 -39.03 30.31
CA GLY B 441 35.75 -37.68 29.77
C GLY B 441 37.03 -36.88 29.99
N GLY B 442 37.50 -36.83 31.23
CA GLY B 442 38.78 -36.19 31.53
C GLY B 442 39.93 -36.69 30.66
N ASP B 443 39.95 -38.00 30.39
CA ASP B 443 41.02 -38.58 29.62
C ASP B 443 40.94 -38.11 28.19
N VAL B 444 39.72 -37.98 27.66
CA VAL B 444 39.53 -37.58 26.27
C VAL B 444 40.08 -36.19 26.09
N ILE B 445 39.70 -35.27 26.97
CA ILE B 445 40.22 -33.91 26.92
C ILE B 445 41.73 -33.86 27.07
N ARG B 446 42.27 -34.57 28.07
CA ARG B 446 43.72 -34.61 28.33
C ARG B 446 44.50 -35.05 27.10
N SER B 447 44.00 -36.06 26.39
CA SER B 447 44.62 -36.54 25.14
C SER B 447 44.63 -35.48 24.05
N ALA B 448 43.48 -34.84 23.86
CA ALA B 448 43.35 -33.75 22.92
C ALA B 448 44.26 -32.54 23.27
N CYS B 449 44.44 -32.23 24.55
CA CYS B 449 45.40 -31.20 24.98
C CYS B 449 46.81 -31.49 24.57
N LYS B 450 47.19 -32.75 24.71
CA LYS B 450 48.54 -33.18 24.38
C LYS B 450 48.72 -32.93 22.88
N TRP B 451 47.64 -33.03 22.13
CA TRP B 451 47.74 -33.01 20.67
C TRP B 451 47.59 -31.60 20.06
N SER B 452 46.74 -30.75 20.66
CA SER B 452 46.39 -29.45 20.09
C SER B 452 46.85 -28.31 20.99
N PRO B 453 47.77 -27.48 20.52
CA PRO B 453 48.33 -26.41 21.38
C PRO B 453 47.26 -25.40 21.81
N GLU B 454 46.26 -25.12 20.97
CA GLU B 454 45.17 -24.18 21.28
C GLU B 454 44.33 -24.69 22.41
N LEU B 455 43.98 -25.97 22.34
CA LEU B 455 43.25 -26.63 23.41
C LEU B 455 44.02 -26.62 24.71
N ALA B 456 45.30 -27.03 24.68
CA ALA B 456 46.18 -27.05 25.86
C ALA B 456 46.15 -25.70 26.59
N ALA B 457 46.20 -24.62 25.80
CA ALA B 457 46.27 -23.29 26.37
C ALA B 457 44.99 -23.00 27.14
N ALA B 458 43.87 -23.47 26.63
CA ALA B 458 42.59 -23.23 27.24
C ALA B 458 42.47 -24.10 28.50
N CYS B 459 42.93 -25.34 28.39
CA CYS B 459 42.91 -26.28 29.50
C CYS B 459 43.67 -25.80 30.74
N GLU B 460 44.84 -25.20 30.50
CA GLU B 460 45.63 -24.59 31.60
C GLU B 460 44.92 -23.43 32.30
N VAL B 461 44.36 -22.51 31.53
CA VAL B 461 43.72 -21.34 32.10
C VAL B 461 42.55 -21.70 33.02
N TRP B 462 41.75 -22.70 32.64
CA TRP B 462 40.47 -22.97 33.28
C TRP B 462 40.42 -24.27 34.06
N LYS B 463 41.57 -24.92 34.22
CA LYS B 463 41.71 -26.20 34.91
C LYS B 463 41.01 -26.24 36.25
N GLU B 464 41.18 -25.20 37.05
CA GLU B 464 40.63 -25.18 38.40
C GLU B 464 39.12 -24.94 38.52
N ILE B 465 38.50 -24.46 37.44
CA ILE B 465 37.22 -23.74 37.51
C ILE B 465 36.00 -24.64 37.44
N LYS B 466 35.20 -24.57 38.51
CA LYS B 466 34.00 -25.37 38.71
C LYS B 466 32.90 -24.51 39.31
N PHE B 467 31.65 -24.87 39.09
CA PHE B 467 30.52 -24.16 39.70
C PHE B 467 29.69 -25.16 40.47
N GLU B 468 29.97 -25.31 41.75
CA GLU B 468 29.29 -26.29 42.58
C GLU B 468 28.67 -25.62 43.80
N PHE B 469 27.35 -25.60 43.82
CA PHE B 469 26.59 -24.89 44.84
C PHE B 469 25.34 -25.71 45.12
N ASP B 470 24.77 -25.49 46.30
CA ASP B 470 23.51 -26.13 46.67
C ASP B 470 22.38 -25.68 45.70
N THR B 471 21.65 -26.66 45.16
CA THR B 471 20.53 -26.44 44.25
C THR B 471 19.28 -25.91 44.96
N ILE B 472 18.71 -24.82 44.46
CA ILE B 472 17.46 -24.27 44.99
C ILE B 472 16.23 -24.96 44.38
N ASP B 473 16.17 -25.02 43.05
CA ASP B 473 15.08 -25.68 42.30
C ASP B 473 15.21 -27.21 42.28
N LYS B 474 15.10 -27.79 43.46
CA LYS B 474 15.09 -29.24 43.67
C LYS B 474 13.72 -29.77 43.32
N LEU B 475 13.65 -31.04 42.90
CA LEU B 475 12.36 -31.71 42.60
C LEU B 475 11.38 -31.70 43.81
N MET C 1 51.72 -17.21 21.94
CA MET C 1 50.49 -17.05 21.14
C MET C 1 50.71 -17.59 19.73
N MET C 2 49.87 -18.51 19.30
CA MET C 2 49.93 -18.93 17.89
C MET C 2 48.75 -18.32 17.15
N VAL C 3 48.97 -18.05 15.86
CA VAL C 3 47.94 -17.45 15.03
C VAL C 3 47.34 -18.54 14.16
N TRP C 4 46.02 -18.67 14.22
CA TRP C 4 45.29 -19.58 13.38
C TRP C 4 45.35 -19.10 11.92
N THR C 5 45.90 -19.92 11.03
CA THR C 5 46.12 -19.46 9.67
C THR C 5 44.81 -19.37 8.84
N PRO C 6 44.63 -18.28 8.10
CA PRO C 6 43.52 -18.13 7.13
C PRO C 6 43.77 -18.75 5.75
N VAL C 7 45.01 -19.15 5.47
CA VAL C 7 45.43 -19.78 4.21
C VAL C 7 45.62 -21.29 4.40
N ASN C 8 45.45 -22.17 3.41
CA ASN C 8 44.22 -22.52 2.73
C ASN C 8 43.81 -23.61 3.76
N ASN C 9 42.81 -23.29 4.57
CA ASN C 9 42.51 -24.02 5.78
C ASN C 9 41.03 -24.38 5.77
N LYS C 10 40.54 -24.76 4.60
CA LYS C 10 39.15 -25.14 4.43
C LYS C 10 38.80 -26.39 5.22
N MET C 11 37.58 -26.42 5.74
CA MET C 11 37.15 -27.49 6.64
C MET C 11 35.96 -28.20 6.06
N PHE C 12 35.59 -29.34 6.65
CA PHE C 12 34.58 -30.20 6.05
C PHE C 12 33.66 -30.78 7.05
N GLU C 13 33.19 -29.92 7.96
CA GLU C 13 32.28 -30.29 9.04
C GLU C 13 32.85 -31.37 9.95
N THR C 14 32.03 -32.30 10.42
CA THR C 14 32.40 -33.13 11.58
C THR C 14 33.71 -33.91 11.42
N PHE C 15 34.56 -33.75 12.42
CA PHE C 15 35.86 -34.40 12.54
C PHE C 15 37.00 -33.72 11.79
N SER C 16 36.74 -32.65 11.03
CA SER C 16 37.86 -32.04 10.31
C SER C 16 38.85 -31.22 11.16
N TYR C 17 38.56 -31.04 12.44
CA TYR C 17 39.51 -30.40 13.34
C TYR C 17 40.34 -31.42 14.12
N LEU C 18 40.10 -32.70 13.87
CA LEU C 18 40.87 -33.80 14.46
C LEU C 18 41.98 -34.24 13.50
N PRO C 19 42.96 -35.04 13.95
CA PRO C 19 43.90 -35.65 13.00
C PRO C 19 43.13 -36.51 12.01
N PRO C 20 43.61 -36.65 10.76
CA PRO C 20 42.85 -37.40 9.75
C PRO C 20 42.57 -38.82 10.25
N LEU C 21 41.39 -39.35 9.94
CA LEU C 21 40.97 -40.63 10.48
C LEU C 21 41.75 -41.82 9.89
N THR C 22 42.28 -42.67 10.76
CA THR C 22 42.90 -43.92 10.35
C THR C 22 41.84 -44.90 9.88
N ASP C 23 42.29 -45.99 9.24
CA ASP C 23 41.38 -47.05 8.79
C ASP C 23 40.63 -47.69 9.94
N GLU C 24 41.32 -47.85 11.08
CA GLU C 24 40.73 -48.38 12.32
C GLU C 24 39.65 -47.43 12.92
N GLN C 25 39.89 -46.12 12.79
CA GLN C 25 38.95 -45.11 13.27
C GLN C 25 37.70 -45.04 12.40
N ILE C 26 37.87 -45.08 11.07
CA ILE C 26 36.74 -45.17 10.16
C ILE C 26 35.92 -46.42 10.46
N ALA C 27 36.60 -47.54 10.65
CA ALA C 27 35.90 -48.80 10.96
C ALA C 27 35.08 -48.67 12.24
N ALA C 28 35.62 -47.96 13.22
CA ALA C 28 34.89 -47.75 14.48
C ALA C 28 33.60 -46.90 14.29
N GLN C 29 33.67 -45.90 13.40
CA GLN C 29 32.50 -45.07 13.07
C GLN C 29 31.44 -45.91 12.38
N VAL C 30 31.89 -46.79 11.48
CA VAL C 30 30.97 -47.70 10.79
C VAL C 30 30.26 -48.66 11.76
N ASP C 31 31.01 -49.27 12.69
CA ASP C 31 30.41 -50.09 13.78
C ASP C 31 29.33 -49.32 14.52
N TYR C 32 29.59 -48.04 14.79
CA TYR C 32 28.63 -47.14 15.43
C TYR C 32 27.32 -47.03 14.64
N ILE C 33 27.42 -46.84 13.33
CA ILE C 33 26.25 -46.77 12.49
C ILE C 33 25.44 -48.08 12.62
N VAL C 34 26.13 -49.20 12.48
CA VAL C 34 25.50 -50.51 12.50
C VAL C 34 24.91 -50.81 13.88
N ALA C 35 25.63 -50.48 14.95
CA ALA C 35 25.11 -50.71 16.30
C ALA C 35 23.83 -49.91 16.59
N ASN C 36 23.65 -48.81 15.87
CA ASN C 36 22.47 -47.97 16.06
C ASN C 36 21.34 -48.17 15.03
N GLY C 37 21.57 -49.03 14.04
CA GLY C 37 20.54 -49.36 13.05
C GLY C 37 20.30 -48.27 12.01
N TRP C 38 21.26 -47.38 11.86
CA TRP C 38 21.11 -46.30 10.91
C TRP C 38 21.44 -46.74 9.48
N ILE C 39 21.01 -45.95 8.52
CA ILE C 39 21.22 -46.30 7.14
C ILE C 39 22.45 -45.63 6.56
N PRO C 40 23.48 -46.40 6.24
CA PRO C 40 24.70 -45.82 5.65
C PRO C 40 24.50 -45.44 4.18
N CYS C 41 25.20 -44.40 3.75
CA CYS C 41 25.15 -43.97 2.39
C CYS C 41 26.42 -43.20 2.07
N LEU C 42 26.86 -43.27 0.81
CA LEU C 42 27.98 -42.43 0.36
C LEU C 42 27.51 -41.39 -0.64
N GLU C 43 28.14 -40.22 -0.55
CA GLU C 43 27.95 -39.09 -1.45
C GLU C 43 29.30 -38.57 -1.95
N PHE C 44 29.32 -38.05 -3.17
CA PHE C 44 30.58 -37.57 -3.72
C PHE C 44 30.40 -36.30 -4.52
N ALA C 45 31.45 -35.51 -4.61
CA ALA C 45 31.44 -34.26 -5.34
C ALA C 45 32.68 -34.16 -6.24
N THR C 46 32.45 -33.84 -7.49
CA THR C 46 33.55 -33.78 -8.44
C THR C 46 33.92 -32.35 -8.80
N ASP C 47 33.17 -31.40 -8.23
CA ASP C 47 33.32 -29.97 -8.52
C ASP C 47 33.63 -29.20 -7.23
N HIS C 48 32.80 -28.21 -6.89
CA HIS C 48 32.98 -27.41 -5.67
C HIS C 48 32.64 -28.29 -4.48
N GLY C 49 33.60 -28.49 -3.58
CA GLY C 49 33.32 -29.23 -2.38
C GLY C 49 32.75 -28.39 -1.24
N PHE C 50 32.41 -27.13 -1.55
CA PHE C 50 31.96 -26.20 -0.51
C PHE C 50 30.66 -25.52 -0.80
N VAL C 51 30.01 -25.07 0.27
CA VAL C 51 28.79 -24.28 0.16
C VAL C 51 29.13 -22.95 -0.53
N TYR C 52 28.20 -22.46 -1.35
CA TYR C 52 28.35 -21.18 -2.04
C TYR C 52 26.95 -20.68 -2.41
N ARG C 53 26.86 -19.53 -3.05
CA ARG C 53 25.58 -18.96 -3.47
C ARG C 53 25.69 -18.38 -4.85
N GLU C 54 25.22 -19.14 -5.84
CA GLU C 54 25.20 -18.68 -7.22
C GLU C 54 23.80 -18.25 -7.66
N HIS C 55 22.82 -19.11 -7.41
CA HIS C 55 21.51 -18.95 -8.04
C HIS C 55 20.47 -18.19 -7.21
N HIS C 56 20.74 -18.00 -5.92
CA HIS C 56 19.81 -17.32 -5.04
C HIS C 56 20.44 -16.90 -3.70
N ASN C 57 19.88 -15.88 -3.06
CA ASN C 57 20.53 -15.23 -1.92
C ASN C 57 19.79 -15.16 -0.58
N SER C 58 18.57 -15.70 -0.52
CA SER C 58 17.70 -15.50 0.61
C SER C 58 18.13 -16.34 1.81
N PRO C 59 17.66 -16.01 3.03
CA PRO C 59 18.05 -16.75 4.23
C PRO C 59 17.81 -18.27 4.09
N GLY C 60 18.82 -19.05 4.46
CA GLY C 60 18.73 -20.50 4.46
C GLY C 60 18.83 -21.16 3.10
N TYR C 61 19.12 -20.38 2.07
CA TYR C 61 19.40 -20.92 0.74
C TYR C 61 20.94 -20.90 0.52
N TYR C 62 21.45 -22.04 0.08
CA TYR C 62 22.86 -22.20 -0.30
C TYR C 62 22.92 -23.22 -1.42
N ASP C 63 23.74 -22.93 -2.45
CA ASP C 63 24.14 -23.96 -3.40
C ASP C 63 25.28 -24.79 -2.79
N GLY C 64 25.42 -26.04 -3.24
CA GLY C 64 26.54 -26.88 -2.90
C GLY C 64 26.31 -27.76 -1.69
N ARG C 65 25.13 -27.72 -1.10
CA ARG C 65 24.77 -28.59 0.00
C ARG C 65 24.56 -30.04 -0.48
N TYR C 66 23.92 -30.22 -1.63
CA TYR C 66 23.71 -31.56 -2.17
C TYR C 66 24.96 -32.03 -2.89
N TRP C 67 25.38 -33.26 -2.59
CA TRP C 67 26.38 -33.93 -3.41
C TRP C 67 25.68 -35.04 -4.17
N THR C 68 26.42 -35.71 -5.04
CA THR C 68 25.89 -36.83 -5.84
C THR C 68 25.89 -38.10 -5.02
N MET C 69 24.77 -38.79 -5.05
CA MET C 69 24.61 -40.04 -4.30
C MET C 69 25.34 -41.17 -5.00
N TRP C 70 26.09 -41.95 -4.24
CA TRP C 70 26.70 -43.15 -4.74
C TRP C 70 25.70 -44.31 -4.61
N LYS C 71 25.23 -44.79 -5.75
CA LYS C 71 24.27 -45.91 -5.75
C LYS C 71 23.04 -45.53 -4.92
N LEU C 72 22.72 -46.33 -3.91
CA LEU C 72 21.59 -46.02 -3.05
C LEU C 72 21.98 -46.15 -1.60
N PRO C 73 21.21 -45.54 -0.68
CA PRO C 73 21.44 -45.77 0.74
C PRO C 73 21.29 -47.26 0.98
N MET C 74 22.14 -47.80 1.85
CA MET C 74 22.20 -49.23 2.06
C MET C 74 21.16 -49.71 3.07
N PHE C 75 19.91 -49.71 2.65
CA PHE C 75 18.79 -50.12 3.49
C PHE C 75 18.95 -51.56 3.91
N GLY C 76 18.72 -51.80 5.20
CA GLY C 76 18.75 -53.14 5.78
C GLY C 76 20.12 -53.68 6.11
N CYS C 77 21.16 -52.99 5.66
CA CYS C 77 22.52 -53.46 5.80
C CYS C 77 22.96 -53.38 7.26
N ARG C 78 23.44 -54.50 7.78
CA ARG C 78 23.91 -54.62 9.16
C ARG C 78 25.36 -55.16 9.16
N ASP C 79 26.02 -55.08 8.03
CA ASP C 79 27.33 -55.65 7.85
C ASP C 79 28.39 -54.56 7.63
N PRO C 80 29.18 -54.26 8.66
CA PRO C 80 30.24 -53.25 8.57
C PRO C 80 31.21 -53.46 7.38
N MET C 81 31.49 -54.72 7.03
CA MET C 81 32.40 -55.02 5.93
C MET C 81 31.86 -54.50 4.61
N GLN C 82 30.57 -54.71 4.38
CA GLN C 82 29.89 -54.27 3.17
C GLN C 82 30.03 -52.76 2.97
N VAL C 83 29.84 -52.01 4.05
CA VAL C 83 29.99 -50.57 4.03
C VAL C 83 31.43 -50.19 3.67
N LEU C 84 32.40 -50.76 4.38
CA LEU C 84 33.80 -50.52 4.06
C LEU C 84 34.15 -50.81 2.61
N ARG C 85 33.59 -51.87 2.03
CA ARG C 85 33.80 -52.21 0.62
C ARG C 85 33.19 -51.18 -0.35
N GLU C 86 32.04 -50.60 0.02
CA GLU C 86 31.44 -49.54 -0.81
C GLU C 86 32.29 -48.26 -0.79
N ILE C 87 32.92 -47.97 0.35
CA ILE C 87 33.83 -46.84 0.42
C ILE C 87 34.95 -47.01 -0.61
N VAL C 88 35.52 -48.21 -0.67
CA VAL C 88 36.61 -48.53 -1.58
C VAL C 88 36.12 -48.43 -3.03
N ALA C 89 34.93 -48.98 -3.30
CA ALA C 89 34.37 -48.99 -4.65
C ALA C 89 34.10 -47.58 -5.19
N CYS C 90 33.45 -46.76 -4.34
CA CYS C 90 33.22 -45.35 -4.65
C CYS C 90 34.51 -44.54 -4.89
N THR C 91 35.47 -44.64 -3.97
CA THR C 91 36.74 -43.91 -4.14
C THR C 91 37.54 -44.41 -5.32
N LYS C 92 37.30 -45.66 -5.72
CA LYS C 92 37.96 -46.27 -6.86
C LYS C 92 37.41 -45.72 -8.17
N ALA C 93 36.09 -45.56 -8.22
CA ALA C 93 35.43 -44.99 -9.40
C ALA C 93 35.65 -43.49 -9.55
N PHE C 94 35.76 -42.79 -8.43
CA PHE C 94 35.99 -41.35 -8.46
C PHE C 94 37.19 -40.94 -7.59
N PRO C 95 38.38 -41.28 -8.05
CA PRO C 95 39.59 -41.11 -7.23
C PRO C 95 39.96 -39.64 -6.97
N ASP C 96 39.36 -38.71 -7.72
CA ASP C 96 39.62 -37.29 -7.58
C ASP C 96 38.49 -36.48 -6.93
N ALA C 97 37.46 -37.16 -6.45
CA ALA C 97 36.29 -36.48 -5.90
C ALA C 97 36.43 -36.32 -4.40
N TYR C 98 35.71 -35.35 -3.85
CA TYR C 98 35.41 -35.34 -2.42
C TYR C 98 34.40 -36.44 -2.22
N VAL C 99 34.63 -37.28 -1.21
CA VAL C 99 33.72 -38.37 -0.88
C VAL C 99 33.43 -38.33 0.61
N ARG C 100 32.15 -38.52 0.98
CA ARG C 100 31.78 -38.51 2.38
C ARG C 100 30.83 -39.65 2.72
N LEU C 101 30.98 -40.20 3.93
CA LEU C 101 30.10 -41.24 4.42
C LEU C 101 29.11 -40.56 5.33
N VAL C 102 27.84 -40.85 5.12
CA VAL C 102 26.76 -40.26 5.92
C VAL C 102 25.88 -41.41 6.38
N ALA C 103 25.01 -41.15 7.33
CA ALA C 103 24.09 -42.17 7.80
C ALA C 103 22.77 -41.50 8.07
N PHE C 104 21.67 -42.20 7.82
CA PHE C 104 20.36 -41.63 8.05
C PHE C 104 19.62 -42.34 9.15
N ASP C 105 18.81 -41.58 9.89
CA ASP C 105 17.84 -42.12 10.85
C ASP C 105 16.45 -41.92 10.23
N ASN C 106 15.70 -42.97 10.03
CA ASN C 106 14.42 -42.82 9.35
C ASN C 106 13.25 -42.45 10.29
N GLN C 107 13.48 -42.58 11.60
CA GLN C 107 12.50 -42.23 12.64
C GLN C 107 12.44 -40.71 12.74
N LYS C 108 13.60 -40.08 12.92
CA LYS C 108 13.67 -38.62 12.92
C LYS C 108 13.67 -38.04 11.49
N GLN C 109 13.88 -38.91 10.50
CA GLN C 109 14.15 -38.50 9.13
C GLN C 109 15.16 -37.34 9.03
N VAL C 110 16.42 -37.64 9.30
CA VAL C 110 17.48 -36.64 9.25
C VAL C 110 18.79 -37.40 9.18
N GLN C 111 19.76 -36.80 8.52
CA GLN C 111 21.11 -37.33 8.56
C GLN C 111 21.62 -37.19 9.99
N ILE C 112 22.18 -38.28 10.49
CA ILE C 112 22.48 -38.40 11.91
C ILE C 112 23.99 -38.44 12.15
N MET C 113 24.75 -38.60 11.07
CA MET C 113 26.19 -38.49 11.14
C MET C 113 26.78 -38.34 9.72
N GLY C 114 28.04 -37.93 9.65
CA GLY C 114 28.71 -37.76 8.38
C GLY C 114 30.12 -37.21 8.55
N PHE C 115 31.01 -37.65 7.69
CA PHE C 115 32.38 -37.16 7.71
C PHE C 115 33.05 -37.48 6.39
N LEU C 116 34.02 -36.68 6.04
CA LEU C 116 34.74 -36.84 4.79
C LEU C 116 35.67 -38.05 4.83
N VAL C 117 35.69 -38.85 3.76
CA VAL C 117 36.60 -39.97 3.66
C VAL C 117 37.67 -39.82 2.58
N GLN C 118 37.47 -38.90 1.64
CA GLN C 118 38.44 -38.64 0.59
C GLN C 118 38.30 -37.21 0.07
N ARG C 119 39.42 -36.52 -0.10
CA ARG C 119 39.45 -35.24 -0.80
C ARG C 119 40.38 -35.34 -2.00
N PRO C 120 40.21 -34.48 -3.00
CA PRO C 120 41.05 -34.52 -4.20
C PRO C 120 42.53 -34.31 -3.84
N LYS C 121 43.44 -34.85 -4.65
CA LYS C 121 44.88 -34.65 -4.38
C LYS C 121 45.43 -33.41 -5.12
N GLN C 127 45.12 -27.72 5.26
CA GLN C 127 46.32 -27.76 6.11
C GLN C 127 46.42 -29.04 6.96
N PRO C 128 47.60 -29.69 6.92
CA PRO C 128 48.00 -30.65 7.97
C PRO C 128 47.59 -30.23 9.40
N ALA C 129 47.23 -31.21 10.24
CA ALA C 129 46.65 -30.96 11.58
C ALA C 129 47.41 -30.00 12.55
N ASN C 130 48.71 -29.77 12.25
CA ASN C 130 49.63 -29.00 13.11
C ASN C 130 50.16 -27.71 12.46
N LYS C 131 49.97 -27.57 11.14
CA LYS C 131 50.37 -26.38 10.40
C LYS C 131 49.24 -25.33 10.34
N ARG C 132 48.21 -25.53 11.18
CA ARG C 132 47.02 -24.68 11.24
C ARG C 132 47.25 -23.39 12.05
N SER C 133 48.32 -23.39 12.84
CA SER C 133 48.75 -22.23 13.61
C SER C 133 50.22 -21.89 13.34
N VAL C 134 50.57 -20.61 13.50
CA VAL C 134 51.90 -20.09 13.14
C VAL C 134 52.43 -19.02 14.14
N ALA D 11 -4.72 36.77 45.03
CA ALA D 11 -4.24 37.30 43.71
C ALA D 11 -5.22 36.82 42.64
N GLY D 12 -6.02 37.77 42.17
CA GLY D 12 -7.03 37.50 41.18
C GLY D 12 -6.64 37.94 39.78
N PHE D 13 -7.63 38.12 38.92
CA PHE D 13 -7.37 38.57 37.57
C PHE D 13 -7.52 40.08 37.51
N LYS D 14 -6.46 40.76 37.14
CA LYS D 14 -6.51 42.19 37.00
C LYS D 14 -6.09 42.55 35.59
N ALA D 15 -7.08 42.98 34.83
CA ALA D 15 -6.88 43.35 33.44
C ALA D 15 -5.96 44.55 33.30
N GLY D 16 -5.19 44.56 32.23
CA GLY D 16 -4.35 45.68 31.93
C GLY D 16 -2.91 45.30 31.76
N VAL D 17 -2.13 46.28 31.32
CA VAL D 17 -0.72 46.13 31.04
C VAL D 17 0.10 46.37 32.30
N LYS D 18 1.10 45.52 32.52
CA LYS D 18 2.04 45.77 33.58
C LYS D 18 3.41 45.35 33.07
N ASP D 19 4.46 45.69 33.79
CA ASP D 19 5.82 45.41 33.31
C ASP D 19 6.08 43.91 33.26
N TYR D 20 6.85 43.47 32.27
CA TYR D 20 7.24 42.08 32.17
C TYR D 20 8.14 41.66 33.32
N ARG D 21 8.95 42.59 33.82
CA ARG D 21 9.94 42.28 34.86
C ARG D 21 9.32 41.84 36.20
N LEU D 22 8.04 42.15 36.42
CA LEU D 22 7.34 41.70 37.63
C LEU D 22 7.09 40.17 37.65
N THR D 23 7.13 39.51 36.48
CA THR D 23 6.89 38.08 36.41
C THR D 23 8.10 37.35 35.86
N TYR D 24 8.80 37.98 34.93
CA TYR D 24 9.80 37.28 34.13
C TYR D 24 11.28 37.62 34.42
N TYR D 25 11.52 38.54 35.33
CA TYR D 25 12.87 38.79 35.79
C TYR D 25 13.02 38.16 37.17
N THR D 26 13.83 37.11 37.27
CA THR D 26 13.97 36.43 38.55
C THR D 26 15.44 36.16 38.83
N PRO D 27 16.18 37.15 39.33
CA PRO D 27 17.64 37.04 39.42
C PRO D 27 18.10 36.08 40.53
N ASP D 28 17.17 35.58 41.33
CA ASP D 28 17.53 34.66 42.41
C ASP D 28 17.21 33.20 42.08
N TYR D 29 16.76 32.97 40.85
CA TYR D 29 16.36 31.66 40.39
C TYR D 29 17.59 30.76 40.28
N VAL D 30 17.46 29.56 40.85
CA VAL D 30 18.48 28.53 40.73
C VAL D 30 18.08 27.64 39.55
N VAL D 31 18.90 27.64 38.49
CA VAL D 31 18.55 26.92 37.30
C VAL D 31 18.58 25.43 37.57
N ARG D 32 17.72 24.71 36.86
CA ARG D 32 17.62 23.28 36.99
C ARG D 32 18.42 22.58 35.92
N ASP D 33 18.90 21.39 36.26
CA ASP D 33 19.67 20.62 35.32
C ASP D 33 18.92 20.25 34.03
N THR D 34 17.59 20.35 34.03
CA THR D 34 16.77 20.08 32.83
C THR D 34 16.38 21.33 31.98
N ASP D 35 16.74 22.51 32.46
CA ASP D 35 16.32 23.73 31.81
C ASP D 35 17.11 23.89 30.52
N ILE D 36 16.46 24.41 29.48
CA ILE D 36 17.21 24.89 28.32
C ILE D 36 17.58 26.32 28.70
N LEU D 37 18.84 26.68 28.49
CA LEU D 37 19.34 28.02 28.79
C LEU D 37 19.76 28.73 27.52
N ALA D 38 19.39 30.01 27.41
CA ALA D 38 19.79 30.81 26.29
C ALA D 38 20.60 32.02 26.76
N ALA D 39 21.63 32.37 26.00
CA ALA D 39 22.38 33.60 26.16
C ALA D 39 22.10 34.54 24.95
N PHE D 40 21.41 35.63 25.26
CA PHE D 40 21.07 36.64 24.29
C PHE D 40 21.92 37.91 24.45
N ARG D 41 22.53 38.35 23.36
CA ARG D 41 23.19 39.64 23.34
C ARG D 41 22.16 40.68 22.92
N MET D 42 21.87 41.60 23.81
CA MET D 42 20.65 42.40 23.78
C MET D 42 21.03 43.87 23.67
N THR D 43 20.35 44.62 22.80
CA THR D 43 20.57 46.07 22.64
C THR D 43 19.24 46.80 22.79
N PRO D 44 18.96 47.31 23.98
CA PRO D 44 17.66 47.94 24.25
C PRO D 44 17.51 49.26 23.56
N GLN D 45 16.28 49.67 23.30
CA GLN D 45 16.04 51.04 22.84
C GLN D 45 16.35 51.94 24.02
N PRO D 46 16.72 53.20 23.79
CA PRO D 46 16.91 54.16 24.89
C PRO D 46 15.67 54.22 25.81
N GLY D 47 15.89 54.23 27.13
CA GLY D 47 14.78 54.34 28.08
C GLY D 47 14.10 53.04 28.45
N VAL D 48 14.55 51.93 27.86
CA VAL D 48 14.05 50.62 28.22
C VAL D 48 15.08 49.99 29.12
N PRO D 49 14.76 49.77 30.38
CA PRO D 49 15.70 49.16 31.34
C PRO D 49 16.12 47.76 30.88
N PRO D 50 17.41 47.43 30.92
CA PRO D 50 17.85 46.08 30.54
C PRO D 50 17.02 44.97 31.19
N GLU D 51 16.66 45.11 32.47
CA GLU D 51 15.85 44.12 33.18
C GLU D 51 14.48 43.91 32.58
N GLU D 52 13.86 45.00 32.13
CA GLU D 52 12.58 44.93 31.44
C GLU D 52 12.75 44.31 30.05
N CYS D 53 13.88 44.59 29.42
CA CYS D 53 14.17 44.01 28.12
C CYS D 53 14.37 42.47 28.17
N GLY D 54 15.21 42.04 29.11
CA GLY D 54 15.45 40.64 29.36
C GLY D 54 14.19 39.90 29.75
N ALA D 55 13.35 40.52 30.57
CA ALA D 55 12.09 39.93 30.95
C ALA D 55 11.14 39.78 29.74
N ALA D 56 11.10 40.80 28.86
CA ALA D 56 10.28 40.80 27.64
C ALA D 56 10.68 39.65 26.75
N VAL D 57 12.00 39.50 26.55
CA VAL D 57 12.52 38.40 25.77
C VAL D 57 12.07 37.06 26.31
N ALA D 58 12.17 36.90 27.64
CA ALA D 58 11.85 35.66 28.32
C ALA D 58 10.34 35.42 28.25
N ALA D 59 9.57 36.46 28.49
CA ALA D 59 8.12 36.37 28.45
C ALA D 59 7.60 35.93 27.08
N GLU D 60 8.02 36.64 26.03
CA GLU D 60 7.42 36.50 24.71
C GLU D 60 8.02 35.33 23.95
N SER D 61 9.00 34.66 24.54
CA SER D 61 9.51 33.43 23.98
C SER D 61 9.07 32.21 24.80
N SER D 62 8.11 32.42 25.71
CA SER D 62 7.64 31.33 26.56
C SER D 62 6.14 31.38 26.81
N THR D 63 5.66 32.18 27.76
CA THR D 63 4.25 32.14 28.11
C THR D 63 3.49 33.45 28.02
N GLY D 64 4.18 34.57 27.99
CA GLY D 64 3.52 35.84 28.19
C GLY D 64 3.18 36.59 26.93
N THR D 65 2.20 37.50 27.05
CA THR D 65 1.96 38.51 26.01
C THR D 65 1.94 39.92 26.61
N TRP D 66 1.53 40.91 25.81
CA TRP D 66 1.72 42.35 26.12
C TRP D 66 0.81 42.87 27.22
N THR D 67 -0.26 42.12 27.50
CA THR D 67 -1.22 42.52 28.57
C THR D 67 -1.57 41.28 29.43
N THR D 68 -2.13 41.48 30.61
CA THR D 68 -2.45 40.38 31.48
C THR D 68 -3.67 39.61 30.96
N VAL D 69 -3.56 38.30 30.88
CA VAL D 69 -4.67 37.46 30.46
C VAL D 69 -5.17 36.60 31.64
N TRP D 70 -6.50 36.42 31.71
CA TRP D 70 -7.13 35.71 32.82
C TRP D 70 -6.80 34.21 32.86
N THR D 71 -6.51 33.63 31.69
CA THR D 71 -6.25 32.19 31.57
C THR D 71 -5.02 31.70 32.32
N ASP D 72 -4.10 32.59 32.68
CA ASP D 72 -2.90 32.27 33.46
C ASP D 72 -3.27 31.51 34.71
N GLY D 73 -4.39 31.91 35.31
CA GLY D 73 -4.78 31.37 36.61
C GLY D 73 -5.30 29.96 36.54
N LEU D 74 -5.59 29.48 35.32
CA LEU D 74 -6.01 28.10 35.13
C LEU D 74 -4.83 27.13 35.19
N THR D 75 -3.63 27.67 35.00
CA THR D 75 -2.42 26.87 34.95
C THR D 75 -1.43 27.40 35.99
N SER D 76 -0.20 26.89 36.01
CA SER D 76 0.81 27.39 36.94
C SER D 76 1.92 28.07 36.17
N LEU D 77 1.89 29.39 36.18
CA LEU D 77 2.87 30.21 35.49
C LEU D 77 4.28 29.92 35.99
N ASP D 78 4.41 29.70 37.29
CA ASP D 78 5.69 29.36 37.92
C ASP D 78 6.35 28.13 37.29
N ARG D 79 5.56 27.09 37.06
CA ARG D 79 6.04 25.89 36.38
C ARG D 79 6.47 26.11 34.90
N TYR D 80 5.79 26.98 34.18
CA TYR D 80 6.02 27.06 32.74
C TYR D 80 6.79 28.28 32.24
N LYS D 81 6.82 29.37 33.00
CA LYS D 81 7.40 30.60 32.47
C LYS D 81 8.89 30.50 32.18
N GLY D 82 9.33 31.11 31.09
CA GLY D 82 10.72 31.43 30.87
C GLY D 82 11.14 32.48 31.86
N ARG D 83 12.40 32.42 32.29
CA ARG D 83 12.88 33.29 33.35
C ARG D 83 14.18 33.93 32.92
N CYS D 84 14.21 35.25 32.93
CA CYS D 84 15.49 35.93 32.82
C CYS D 84 16.14 35.94 34.19
N TYR D 85 17.25 35.22 34.32
CA TYR D 85 17.82 34.96 35.66
C TYR D 85 19.16 35.65 35.88
N ASP D 86 19.66 36.35 34.87
CA ASP D 86 20.95 37.02 34.97
C ASP D 86 21.16 37.96 33.80
N ILE D 87 21.72 39.13 34.10
CA ILE D 87 22.06 40.12 33.09
C ILE D 87 23.45 40.70 33.36
N GLU D 88 24.39 40.43 32.45
CA GLU D 88 25.75 40.97 32.53
C GLU D 88 25.85 42.09 31.51
N PRO D 89 26.53 43.19 31.84
CA PRO D 89 26.86 44.16 30.80
C PRO D 89 28.00 43.61 29.95
N VAL D 90 28.08 44.02 28.70
CA VAL D 90 29.19 43.64 27.81
C VAL D 90 30.37 44.64 27.90
N PRO D 91 31.58 44.10 28.15
CA PRO D 91 32.79 44.93 28.29
C PRO D 91 33.03 45.82 27.09
N GLY D 92 33.13 47.14 27.33
CA GLY D 92 33.40 48.10 26.27
C GLY D 92 32.25 48.41 25.32
N GLU D 93 31.02 48.30 25.83
CA GLU D 93 29.79 48.63 25.12
C GLU D 93 28.86 49.33 26.10
N ASP D 94 28.31 50.47 25.71
CA ASP D 94 27.47 51.25 26.63
C ASP D 94 26.04 50.72 26.68
N ASN D 95 25.61 50.07 25.59
CA ASN D 95 24.22 49.63 25.44
C ASN D 95 24.03 48.15 25.04
N GLN D 96 24.95 47.29 25.43
CA GLN D 96 24.83 45.88 25.15
C GLN D 96 24.90 45.05 26.43
N TYR D 97 24.05 44.03 26.51
CA TYR D 97 23.97 43.15 27.66
C TYR D 97 23.84 41.70 27.22
N ILE D 98 24.35 40.78 28.04
CA ILE D 98 24.03 39.38 27.89
C ILE D 98 22.94 39.05 28.89
N ALA D 99 21.76 38.71 28.38
CA ALA D 99 20.64 38.25 29.20
C ALA D 99 20.57 36.74 29.12
N TYR D 100 20.51 36.12 30.29
CA TYR D 100 20.42 34.67 30.40
C TYR D 100 19.00 34.26 30.73
N VAL D 101 18.46 33.33 29.95
CA VAL D 101 17.05 32.97 30.07
C VAL D 101 16.98 31.48 30.27
N ALA D 102 16.21 31.03 31.25
CA ALA D 102 16.04 29.62 31.48
C ALA D 102 14.62 29.23 31.07
N TYR D 103 14.52 28.10 30.36
CA TYR D 103 13.24 27.57 29.90
C TYR D 103 13.03 26.17 30.42
N ILE D 105 11.96 22.40 30.51
CA ILE D 105 11.90 21.35 29.52
C ILE D 105 10.48 21.02 29.02
N ASP D 106 9.46 21.25 29.84
CA ASP D 106 8.05 21.07 29.45
C ASP D 106 7.60 21.93 28.28
N LEU D 107 8.37 22.97 27.98
CA LEU D 107 7.95 23.90 26.93
C LEU D 107 8.18 23.36 25.55
N PHE D 108 9.01 22.34 25.42
CA PHE D 108 9.47 21.91 24.11
C PHE D 108 8.92 20.58 23.65
N GLU D 109 8.69 20.48 22.34
CA GLU D 109 8.35 19.20 21.77
C GLU D 109 9.59 18.31 21.70
N GLU D 110 9.45 17.06 22.14
CA GLU D 110 10.56 16.08 22.10
C GLU D 110 11.01 15.82 20.68
N GLY D 111 12.32 15.86 20.43
CA GLY D 111 12.87 15.55 19.12
C GLY D 111 12.68 16.59 18.02
N SER D 112 12.16 17.78 18.35
CA SER D 112 11.88 18.79 17.37
C SER D 112 12.73 20.06 17.51
N VAL D 113 13.75 20.18 16.66
CA VAL D 113 14.54 21.40 16.57
C VAL D 113 13.65 22.54 16.08
N THR D 114 12.68 22.21 15.23
CA THR D 114 11.76 23.23 14.75
C THR D 114 11.03 23.92 15.90
N ASN D 115 10.57 23.13 16.85
CA ASN D 115 9.83 23.69 17.96
C ASN D 115 10.72 24.52 18.89
N MET D 116 11.95 24.08 19.09
CA MET D 116 12.87 24.81 19.96
C MET D 116 13.14 26.22 19.40
N PHE D 117 13.50 26.30 18.12
CA PHE D 117 13.71 27.57 17.43
C PHE D 117 12.49 28.46 17.45
N THR D 118 11.33 27.87 17.24
CA THR D 118 10.09 28.60 17.18
C THR D 118 9.83 29.35 18.49
N SER D 119 10.05 28.68 19.63
CA SER D 119 9.95 29.36 20.91
C SER D 119 11.06 30.39 21.09
N ILE D 120 12.31 29.93 20.98
CA ILE D 120 13.41 30.76 21.47
C ILE D 120 13.70 31.93 20.54
N VAL D 121 13.56 31.72 19.24
CA VAL D 121 13.87 32.79 18.31
C VAL D 121 12.68 33.18 17.43
N GLY D 122 11.46 32.81 17.87
CA GLY D 122 10.26 33.01 17.08
C GLY D 122 9.86 34.45 16.84
N ASN D 123 9.60 35.20 17.90
CA ASN D 123 9.09 36.58 17.75
C ASN D 123 9.96 37.69 18.29
N VAL D 124 10.72 37.38 19.32
CA VAL D 124 11.42 38.37 20.12
C VAL D 124 12.37 39.26 19.36
N PHE D 125 12.97 38.76 18.28
CA PHE D 125 13.89 39.56 17.47
C PHE D 125 13.25 40.79 16.79
N GLY D 126 11.92 40.83 16.77
CA GLY D 126 11.25 41.88 16.04
C GLY D 126 10.63 42.91 16.96
N PHE D 127 10.84 42.73 18.27
CA PHE D 127 10.24 43.63 19.24
C PHE D 127 10.68 45.07 19.01
N LYS D 128 9.72 45.99 19.05
CA LYS D 128 10.01 47.40 18.93
C LYS D 128 11.00 47.88 19.99
N ALA D 129 10.87 47.36 21.21
CA ALA D 129 11.64 47.83 22.38
C ALA D 129 13.12 47.49 22.32
N LEU D 130 13.53 46.64 21.39
CA LEU D 130 14.95 46.44 21.24
C LEU D 130 15.45 46.81 19.86
N ARG D 131 16.70 47.23 19.80
CA ARG D 131 17.29 47.69 18.55
C ARG D 131 18.03 46.57 17.86
N ALA D 132 18.45 45.57 18.62
CA ALA D 132 19.14 44.42 18.06
C ALA D 132 19.14 43.30 19.09
N LEU D 133 19.30 42.07 18.61
CA LEU D 133 19.29 40.89 19.46
C LEU D 133 20.07 39.80 18.74
N ARG D 134 20.88 39.08 19.51
CA ARG D 134 21.64 37.99 18.97
C ARG D 134 21.64 36.83 19.95
N LEU D 135 21.22 35.65 19.51
CA LEU D 135 21.32 34.48 20.34
C LEU D 135 22.75 33.95 20.17
N GLU D 136 23.47 33.84 21.27
CA GLU D 136 24.89 33.54 21.23
C GLU D 136 25.12 32.05 21.51
N ASP D 137 24.37 31.49 22.46
CA ASP D 137 24.56 30.11 22.84
C ASP D 137 23.29 29.53 23.47
N LEU D 138 23.19 28.21 23.44
CA LEU D 138 22.12 27.47 24.10
C LEU D 138 22.71 26.36 24.95
N ARG D 139 22.16 26.15 26.13
CA ARG D 139 22.51 24.96 26.87
C ARG D 139 21.35 23.96 26.67
N ILE D 140 21.61 22.89 25.90
CA ILE D 140 20.67 21.82 25.71
C ILE D 140 20.99 20.78 26.76
N PRO D 141 20.10 20.57 27.72
CA PRO D 141 20.36 19.61 28.80
C PRO D 141 20.25 18.19 28.27
N PRO D 142 20.94 17.23 28.89
CA PRO D 142 20.89 15.83 28.47
C PRO D 142 19.46 15.28 28.37
N ALA D 143 18.57 15.73 29.25
CA ALA D 143 17.23 15.19 29.24
C ALA D 143 16.48 15.54 27.95
N TYR D 144 16.77 16.71 27.37
CA TYR D 144 16.23 17.05 26.06
C TYR D 144 16.99 16.38 24.94
N VAL D 145 18.32 16.28 25.07
CA VAL D 145 19.20 15.74 24.03
C VAL D 145 18.77 14.32 23.69
N LYS D 146 18.37 13.57 24.71
CA LYS D 146 18.02 12.16 24.58
C LYS D 146 16.71 11.94 23.82
N THR D 147 15.95 13.00 23.58
CA THR D 147 14.71 12.84 22.83
C THR D 147 14.95 12.88 21.34
N PHE D 148 16.17 13.16 20.92
CA PHE D 148 16.49 13.30 19.49
C PHE D 148 17.15 12.05 18.91
N VAL D 149 16.78 11.70 17.68
CA VAL D 149 17.48 10.63 16.98
C VAL D 149 18.95 11.04 16.80
N GLY D 150 19.19 12.29 16.48
CA GLY D 150 20.54 12.78 16.30
C GLY D 150 21.13 12.33 14.98
N PRO D 152 22.70 10.36 11.91
CA PRO D 152 22.46 9.00 11.43
C PRO D 152 23.60 8.07 11.79
N HIS D 153 24.84 8.56 11.78
CA HIS D 153 26.01 7.73 12.07
C HIS D 153 27.01 8.34 13.01
N GLY D 154 27.52 9.52 12.66
CA GLY D 154 28.57 10.15 13.45
C GLY D 154 29.97 9.72 13.02
N ILE D 155 30.98 10.45 13.50
CA ILE D 155 32.37 10.29 13.07
C ILE D 155 32.93 8.86 13.05
N GLN D 156 32.91 8.22 14.21
CA GLN D 156 33.45 6.87 14.40
C GLN D 156 32.82 5.86 13.43
N VAL D 157 31.49 5.80 13.41
CA VAL D 157 30.81 4.86 12.53
C VAL D 157 31.12 5.21 11.06
N GLU D 158 31.16 6.49 10.76
CA GLU D 158 31.55 6.87 9.41
C GLU D 158 32.95 6.37 8.97
N ARG D 159 33.95 6.56 9.82
CA ARG D 159 35.30 6.04 9.53
C ARG D 159 35.26 4.53 9.37
N ASP D 160 34.48 3.87 10.21
CA ASP D 160 34.33 2.43 10.14
C ASP D 160 33.66 1.94 8.86
N LYS D 161 32.64 2.64 8.38
CA LYS D 161 32.00 2.25 7.15
C LYS D 161 32.92 2.45 5.95
N LEU D 162 33.65 3.56 5.94
CA LEU D 162 34.47 3.87 4.77
C LEU D 162 35.82 3.17 4.82
N ASN D 163 36.16 2.66 6.00
CA ASN D 163 37.46 2.03 6.21
C ASN D 163 38.62 3.02 6.05
N LYS D 164 38.42 4.23 6.57
CA LYS D 164 39.38 5.31 6.39
C LYS D 164 39.80 5.83 7.73
N TYR D 165 41.10 5.78 8.01
CA TYR D 165 41.63 6.10 9.33
C TYR D 165 42.95 6.87 9.29
N GLY D 166 43.18 7.70 10.28
CA GLY D 166 44.51 8.26 10.53
C GLY D 166 44.90 9.48 9.71
N ARG D 167 43.91 10.09 9.04
CA ARG D 167 44.09 11.35 8.35
C ARG D 167 42.75 12.06 8.13
N GLY D 168 42.80 13.34 7.78
CA GLY D 168 41.60 14.03 7.32
C GLY D 168 41.05 13.41 6.05
N LEU D 169 39.74 13.53 5.83
CA LEU D 169 39.16 13.10 4.56
C LEU D 169 39.32 14.22 3.54
N LEU D 170 39.40 13.85 2.27
CA LEU D 170 39.60 14.83 1.21
C LEU D 170 38.41 14.86 0.27
N GLY D 171 37.89 16.06 0.06
CA GLY D 171 36.78 16.21 -0.86
C GLY D 171 37.00 17.30 -1.90
N CYS D 172 35.97 17.56 -2.69
CA CYS D 172 36.04 18.53 -3.77
C CYS D 172 34.66 18.75 -4.39
N THR D 173 34.25 20.00 -4.46
CA THR D 173 33.04 20.41 -5.21
C THR D 173 33.27 20.54 -6.69
N ILE D 174 32.48 19.86 -7.49
CA ILE D 174 32.49 20.07 -8.93
C ILE D 174 32.16 21.54 -9.32
N LYS D 175 32.91 22.06 -10.28
CA LYS D 175 32.74 23.40 -10.80
C LYS D 175 32.76 23.32 -12.31
N PRO D 176 32.14 24.27 -13.04
CA PRO D 176 31.40 25.41 -12.48
C PRO D 176 30.24 24.97 -11.61
N LYS D 177 29.78 25.84 -10.70
CA LYS D 177 28.66 25.49 -9.81
C LYS D 177 27.48 24.95 -10.61
N LEU D 178 27.07 25.67 -11.64
CA LEU D 178 25.93 25.28 -12.46
C LEU D 178 26.35 25.34 -13.91
N GLY D 179 25.72 24.54 -14.75
CA GLY D 179 25.97 24.65 -16.18
C GLY D 179 26.56 23.41 -16.82
N LEU D 180 27.07 22.46 -16.04
CA LEU D 180 27.58 21.22 -16.61
C LEU D 180 26.48 20.19 -16.83
N SER D 181 26.61 19.39 -17.89
CA SER D 181 25.67 18.30 -18.17
C SER D 181 25.93 17.08 -17.25
N ALA D 182 24.97 16.19 -17.20
CA ALA D 182 25.10 15.02 -16.33
C ALA D 182 26.33 14.19 -16.70
N LYS D 183 26.54 13.94 -17.97
CA LYS D 183 27.67 13.15 -18.41
C LYS D 183 29.00 13.85 -18.06
N ASN D 184 29.09 15.18 -18.26
CA ASN D 184 30.30 15.90 -17.90
C ASN D 184 30.56 15.94 -16.41
N TYR D 185 29.49 15.89 -15.63
CA TYR D 185 29.58 15.89 -14.20
C TYR D 185 30.27 14.61 -13.78
N GLY D 186 29.78 13.46 -14.28
CA GLY D 186 30.40 12.18 -14.02
C GLY D 186 31.86 12.08 -14.48
N ARG D 187 32.13 12.60 -15.68
CA ARG D 187 33.46 12.66 -16.21
C ARG D 187 34.39 13.39 -15.24
N ALA D 188 33.98 14.58 -14.83
CA ALA D 188 34.73 15.34 -13.84
C ALA D 188 34.91 14.57 -12.52
N VAL D 189 33.85 13.89 -12.08
CA VAL D 189 33.85 13.17 -10.81
C VAL D 189 34.85 12.00 -10.82
N TYR D 190 34.84 11.23 -11.91
CA TYR D 190 35.78 10.11 -12.06
C TYR D 190 37.23 10.59 -12.03
N GLU D 191 37.53 11.63 -12.79
CA GLU D 191 38.90 12.15 -12.79
C GLU D 191 39.39 12.62 -11.40
N CYS D 192 38.55 13.34 -10.66
CA CYS D 192 38.86 13.75 -9.29
C CYS D 192 39.12 12.57 -8.35
N LEU D 193 38.19 11.62 -8.29
CA LEU D 193 38.27 10.50 -7.39
C LEU D 193 39.44 9.59 -7.68
N ARG D 194 39.81 9.46 -8.94
CA ARG D 194 40.86 8.50 -9.32
C ARG D 194 42.25 9.03 -9.00
N GLY D 195 42.36 10.33 -8.76
CA GLY D 195 43.65 10.92 -8.47
C GLY D 195 43.99 10.96 -7.00
N GLY D 196 43.07 10.52 -6.12
CA GLY D 196 43.34 10.45 -4.69
C GLY D 196 42.32 11.07 -3.74
N LEU D 197 41.28 11.76 -4.24
CA LEU D 197 40.25 12.29 -3.31
C LEU D 197 39.34 11.17 -2.83
N ASP D 198 38.82 11.30 -1.61
CA ASP D 198 37.84 10.35 -1.08
C ASP D 198 36.45 10.64 -1.60
N PHE D 199 36.10 11.93 -1.65
CA PHE D 199 34.76 12.38 -2.04
C PHE D 199 34.75 13.48 -3.11
N THR D 200 33.72 13.49 -3.93
CA THR D 200 33.39 14.72 -4.64
C THR D 200 32.01 15.11 -4.17
N ASP D 202 28.12 17.40 -5.29
CA ASP D 202 27.25 18.37 -5.92
C ASP D 202 27.47 19.72 -5.22
N ASP D 203 27.43 20.80 -5.99
CA ASP D 203 27.42 22.11 -5.37
C ASP D 203 26.09 22.30 -4.66
N GLU D 204 26.06 23.19 -3.66
CA GLU D 204 24.86 23.28 -2.82
C GLU D 204 23.62 23.56 -3.66
N ASN D 205 23.80 24.30 -4.77
CA ASN D 205 22.69 24.71 -5.57
C ASN D 205 22.40 23.80 -6.74
N VAL D 206 23.19 22.76 -6.89
CA VAL D 206 22.94 21.81 -7.94
C VAL D 206 21.84 20.85 -7.41
N ASN D 207 20.64 20.97 -7.96
CA ASN D 207 19.53 20.14 -7.49
C ASN D 207 18.99 19.34 -8.65
N SER D 208 18.07 19.93 -9.44
CA SER D 208 17.65 19.38 -10.72
C SER D 208 17.22 20.58 -11.55
N GLN D 209 17.81 20.72 -12.73
CA GLN D 209 17.65 21.95 -13.51
C GLN D 209 17.60 21.61 -15.00
N PRO D 210 17.14 22.53 -15.83
CA PRO D 210 17.18 22.34 -17.30
C PRO D 210 18.51 21.79 -17.90
N PHE D 211 19.65 22.41 -17.58
CA PHE D 211 20.95 21.91 -18.09
C PHE D 211 21.33 20.48 -17.58
N MET D 212 20.74 20.03 -16.45
CA MET D 212 21.09 18.72 -15.84
C MET D 212 20.02 18.27 -14.83
N ARG D 213 19.29 17.21 -15.20
CA ARG D 213 18.27 16.64 -14.35
C ARG D 213 18.87 15.67 -13.33
N TRP D 214 18.29 15.63 -12.12
CA TRP D 214 18.95 14.96 -10.98
C TRP D 214 19.25 13.47 -11.20
N ARG D 215 18.26 12.73 -11.69
CA ARG D 215 18.41 11.32 -11.91
C ARG D 215 19.48 10.96 -12.96
N ASP D 216 19.54 11.68 -14.07
CA ASP D 216 20.65 11.53 -14.99
C ASP D 216 22.01 11.73 -14.26
N ARG D 217 22.12 12.79 -13.45
CA ARG D 217 23.36 13.02 -12.71
C ARG D 217 23.70 11.86 -11.74
N PHE D 218 22.71 11.39 -10.98
CA PHE D 218 22.93 10.30 -10.01
C PHE D 218 23.47 9.06 -10.73
N LEU D 219 22.94 8.75 -11.90
CA LEU D 219 23.36 7.55 -12.59
C LEU D 219 24.81 7.64 -13.13
N PHE D 220 25.15 8.77 -13.73
CA PHE D 220 26.50 8.97 -14.24
C PHE D 220 27.52 9.09 -13.10
N VAL D 221 27.13 9.70 -11.98
CA VAL D 221 28.04 9.84 -10.85
C VAL D 221 28.30 8.47 -10.22
N ALA D 222 27.26 7.65 -10.08
CA ALA D 222 27.41 6.26 -9.66
C ALA D 222 28.43 5.51 -10.56
N GLU D 223 28.32 5.64 -11.88
CA GLU D 223 29.29 4.97 -12.78
C GLU D 223 30.70 5.45 -12.49
N ALA D 224 30.84 6.74 -12.27
CA ALA D 224 32.12 7.37 -11.95
C ALA D 224 32.70 6.90 -10.62
N ILE D 225 31.86 6.80 -9.58
CA ILE D 225 32.31 6.41 -8.26
C ILE D 225 32.86 5.00 -8.35
N TYR D 226 32.11 4.10 -8.98
CA TYR D 226 32.51 2.69 -9.03
C TYR D 226 33.75 2.46 -9.88
N LYS D 227 33.87 3.19 -10.98
CA LYS D 227 35.08 3.12 -11.80
C LYS D 227 36.32 3.57 -11.05
N ALA D 228 36.24 4.72 -10.38
CA ALA D 228 37.39 5.24 -9.63
C ALA D 228 37.73 4.30 -8.46
N GLN D 229 36.70 3.72 -7.84
CA GLN D 229 36.92 2.81 -6.73
C GLN D 229 37.64 1.54 -7.18
N ALA D 230 37.26 0.99 -8.33
CA ALA D 230 37.94 -0.22 -8.85
C ALA D 230 39.39 0.09 -9.30
N GLU D 231 39.60 1.30 -9.78
CA GLU D 231 40.92 1.70 -10.25
C GLU D 231 41.92 1.93 -9.09
N THR D 232 41.44 2.46 -7.97
CA THR D 232 42.32 2.83 -6.87
C THR D 232 42.37 1.81 -5.72
N GLY D 233 41.30 1.08 -5.50
CA GLY D 233 41.26 0.17 -4.38
C GLY D 233 40.80 0.80 -3.08
N GLU D 234 40.49 2.09 -3.13
CA GLU D 234 39.99 2.79 -1.95
C GLU D 234 38.49 3.10 -2.12
N VAL D 235 37.74 3.03 -1.04
CA VAL D 235 36.32 3.42 -1.03
C VAL D 235 36.16 4.86 -1.51
N LYS D 236 35.20 5.09 -2.38
CA LYS D 236 34.96 6.43 -2.91
C LYS D 236 33.50 6.83 -2.71
N GLY D 237 33.24 8.13 -2.64
CA GLY D 237 31.87 8.60 -2.56
C GLY D 237 31.71 9.91 -3.26
N HIS D 238 30.46 10.33 -3.44
CA HIS D 238 30.16 11.65 -3.96
C HIS D 238 28.87 12.08 -3.32
N TYR D 239 28.85 13.27 -2.73
CA TYR D 239 27.63 13.71 -2.03
C TYR D 239 26.56 14.11 -3.00
N LEU D 240 25.65 13.20 -3.27
CA LEU D 240 24.58 13.50 -4.20
C LEU D 240 23.57 14.37 -3.46
N ASN D 241 23.11 15.44 -4.10
CA ASN D 241 22.28 16.42 -3.40
C ASN D 241 20.81 16.01 -3.35
N ALA D 242 20.27 15.83 -2.17
CA ALA D 242 18.87 15.48 -2.07
C ALA D 242 17.99 16.70 -1.84
N THR D 243 18.60 17.89 -1.71
CA THR D 243 17.83 19.10 -1.46
C THR D 243 16.79 19.24 -2.54
N ALA D 244 15.55 19.55 -2.17
CA ALA D 244 14.47 19.68 -3.16
C ALA D 244 13.39 20.64 -2.73
N GLY D 245 12.42 20.85 -3.63
CA GLY D 245 11.31 21.76 -3.36
C GLY D 245 10.30 21.20 -2.39
N THR D 246 10.06 19.89 -2.43
CA THR D 246 9.08 19.22 -1.55
C THR D 246 9.71 18.05 -0.81
N CYS D 247 9.11 17.61 0.29
CA CYS D 247 9.59 16.43 1.01
C CYS D 247 9.54 15.18 0.16
N GLU D 248 8.50 15.06 -0.65
CA GLU D 248 8.32 13.92 -1.54
C GLU D 248 9.46 13.82 -2.56
N GLU D 249 9.85 14.95 -3.16
CA GLU D 249 10.95 14.98 -4.11
C GLU D 249 12.28 14.68 -3.42
N MET D 250 12.46 15.27 -2.24
CA MET D 250 13.62 14.98 -1.42
C MET D 250 13.77 13.48 -1.17
N MET D 251 12.70 12.84 -0.72
CA MET D 251 12.74 11.41 -0.44
C MET D 251 13.00 10.56 -1.68
N LYS D 252 12.44 10.93 -2.82
CA LYS D 252 12.70 10.26 -4.12
C LYS D 252 14.20 10.18 -4.47
N ARG D 253 14.91 11.27 -4.22
CA ARG D 253 16.35 11.37 -4.47
C ARG D 253 17.15 10.48 -3.51
N ALA D 254 16.79 10.51 -2.24
CA ALA D 254 17.42 9.67 -1.22
C ALA D 254 17.23 8.21 -1.55
N VAL D 255 16.00 7.82 -1.89
CA VAL D 255 15.69 6.46 -2.30
C VAL D 255 16.55 6.01 -3.50
N ALA D 257 19.47 7.25 -4.50
CA ALA D 257 20.82 7.06 -3.99
C ALA D 257 21.00 5.72 -3.24
N LYS D 258 20.03 5.36 -2.41
CA LYS D 258 20.07 4.04 -1.78
C LYS D 258 20.04 2.86 -2.80
N GLU D 259 19.16 2.93 -3.81
CA GLU D 259 19.08 1.88 -4.84
C GLU D 259 20.42 1.74 -5.55
N LEU D 260 21.17 2.83 -5.64
CA LEU D 260 22.44 2.83 -6.38
C LEU D 260 23.59 2.29 -5.53
N GLY D 261 23.36 2.16 -4.23
CA GLY D 261 24.35 1.60 -3.33
C GLY D 261 25.47 2.57 -2.95
N VAL D 262 25.35 3.84 -3.32
CA VAL D 262 26.36 4.84 -3.00
C VAL D 262 26.38 5.11 -1.50
N PRO D 263 27.51 5.53 -0.96
CA PRO D 263 27.64 5.64 0.49
C PRO D 263 27.04 6.88 1.12
N ILE D 264 26.89 7.99 0.40
CA ILE D 264 26.63 9.29 1.05
C ILE D 264 25.79 10.27 0.19
N ILE D 265 24.92 11.02 0.86
CA ILE D 265 24.13 12.07 0.18
C ILE D 265 24.28 13.36 0.95
N MET D 266 23.84 14.46 0.34
CA MET D 266 23.90 15.76 1.05
C MET D 266 22.56 16.50 1.12
N HIS D 267 22.47 17.44 2.04
CA HIS D 267 21.27 18.23 2.24
C HIS D 267 21.61 19.64 2.75
N ASP D 268 20.96 20.66 2.20
CA ASP D 268 21.13 22.03 2.67
C ASP D 268 20.11 22.26 3.79
N TYR D 269 20.55 22.13 5.03
CA TYR D 269 19.59 22.04 6.11
C TYR D 269 18.84 23.35 6.42
N LEU D 270 19.43 24.48 6.11
CA LEU D 270 18.71 25.74 6.35
C LEU D 270 17.79 26.17 5.21
N THR D 271 18.19 25.95 3.96
CA THR D 271 17.31 26.36 2.88
C THR D 271 16.25 25.27 2.64
N GLY D 272 16.59 24.02 2.95
CA GLY D 272 15.60 22.98 2.96
C GLY D 272 14.73 23.07 4.22
N GLY D 273 15.36 23.26 5.36
CA GLY D 273 14.66 23.46 6.62
C GLY D 273 14.81 22.29 7.57
N PHE D 274 14.60 22.55 8.86
CA PHE D 274 14.76 21.55 9.91
C PHE D 274 13.78 20.40 9.81
N THR D 275 12.53 20.68 9.47
CA THR D 275 11.53 19.63 9.36
C THR D 275 11.94 18.60 8.32
N ALA D 276 12.23 19.06 7.09
CA ALA D 276 12.80 18.21 6.03
C ALA D 276 14.13 17.55 6.45
N ASN D 277 15.02 18.31 7.08
CA ASN D 277 16.30 17.73 7.46
C ASN D 277 16.19 16.55 8.44
N THR D 278 15.43 16.74 9.51
CA THR D 278 15.23 15.68 10.48
C THR D 278 14.63 14.45 9.79
N SER D 279 13.67 14.64 8.90
CA SER D 279 13.08 13.50 8.19
C SER D 279 14.18 12.74 7.43
N LEU D 280 15.01 13.49 6.72
CA LEU D 280 16.01 12.87 5.88
C LEU D 280 17.05 12.17 6.75
N ALA D 281 17.39 12.77 7.90
CA ALA D 281 18.35 12.13 8.80
C ALA D 281 17.83 10.78 9.29
N ILE D 282 16.55 10.73 9.61
CA ILE D 282 15.94 9.47 10.04
C ILE D 282 15.93 8.44 8.89
N TYR D 283 15.63 8.89 7.66
CA TYR D 283 15.72 8.00 6.52
C TYR D 283 17.15 7.42 6.37
N CYS D 284 18.16 8.27 6.58
CA CYS D 284 19.54 7.88 6.41
C CYS D 284 19.99 6.88 7.46
N ARG D 285 19.49 7.08 8.68
CA ARG D 285 19.75 6.14 9.75
C ARG D 285 19.14 4.78 9.41
N ASP D 286 17.93 4.79 8.87
CA ASP D 286 17.22 3.55 8.59
C ASP D 286 17.74 2.81 7.37
N ASN D 287 18.55 3.48 6.54
CA ASN D 287 18.98 2.91 5.27
C ASN D 287 20.48 2.93 5.07
N GLY D 288 21.21 3.27 6.12
CA GLY D 288 22.68 3.22 6.15
C GLY D 288 23.37 4.24 5.25
N LEU D 289 22.65 5.28 4.83
CA LEU D 289 23.26 6.34 4.07
C LEU D 289 23.95 7.35 5.01
N LEU D 290 25.12 7.83 4.63
CA LEU D 290 25.78 8.92 5.36
C LEU D 290 25.17 10.21 4.85
N LEU D 291 25.17 11.23 5.72
CA LEU D 291 24.49 12.47 5.43
C LEU D 291 25.40 13.68 5.63
N HIS D 292 25.75 14.31 4.51
CA HIS D 292 26.59 15.48 4.49
C HIS D 292 25.71 16.73 4.52
N ILE D 293 26.00 17.67 5.41
CA ILE D 293 25.14 18.84 5.60
C ILE D 293 25.87 20.09 5.19
N HIS D 294 25.27 20.78 4.21
CA HIS D 294 25.76 22.06 3.72
C HIS D 294 24.97 23.15 4.44
N ARG D 295 25.65 24.19 4.87
CA ARG D 295 24.99 25.21 5.67
C ARG D 295 24.59 26.46 4.90
N ALA D 296 24.33 26.32 3.61
CA ALA D 296 23.91 27.48 2.80
C ALA D 296 22.95 28.36 3.56
N MET D 297 23.19 29.68 3.45
CA MET D 297 22.33 30.69 4.08
C MET D 297 22.70 31.00 5.53
N HIS D 298 23.57 30.20 6.15
CA HIS D 298 23.93 30.47 7.55
C HIS D 298 24.44 31.93 7.76
N ALA D 299 25.21 32.46 6.81
CA ALA D 299 25.79 33.79 6.96
C ALA D 299 24.76 34.93 6.88
N VAL D 300 23.57 34.63 6.36
CA VAL D 300 22.46 35.58 6.42
C VAL D 300 22.05 35.82 7.87
N ILE D 301 22.20 34.79 8.70
CA ILE D 301 21.73 34.75 10.08
C ILE D 301 22.86 35.05 11.07
N ASP D 302 24.08 34.63 10.72
CA ASP D 302 25.14 34.56 11.72
C ASP D 302 26.38 35.45 11.53
N ARG D 303 26.40 36.29 10.50
CA ARG D 303 27.60 37.06 10.21
C ARG D 303 27.82 38.20 11.21
N GLN D 304 26.75 38.94 11.52
CA GLN D 304 26.88 40.17 12.32
C GLN D 304 26.87 39.94 13.84
N ARG D 305 27.69 40.73 14.51
CA ARG D 305 27.98 40.59 15.93
C ARG D 305 26.83 41.04 16.80
N ASN D 306 26.04 42.00 16.31
CA ASN D 306 24.95 42.63 17.07
C ASN D 306 23.57 42.00 16.89
N HIS D 307 23.39 41.20 15.85
CA HIS D 307 22.06 40.69 15.54
C HIS D 307 22.08 39.34 14.78
N GLY D 308 21.17 38.44 15.18
CA GLY D 308 21.02 37.14 14.56
C GLY D 308 21.21 35.97 15.52
N ILE D 309 21.75 34.88 14.98
CA ILE D 309 22.05 33.69 15.77
C ILE D 309 23.49 33.28 15.46
N HIS D 310 24.31 33.04 16.47
CA HIS D 310 25.66 32.62 16.16
C HIS D 310 25.69 31.23 15.53
N PHE D 311 26.64 31.00 14.64
CA PHE D 311 26.69 29.69 14.02
C PHE D 311 26.80 28.56 15.03
N ARG D 312 27.43 28.77 16.17
CA ARG D 312 27.52 27.66 17.14
C ARG D 312 26.15 27.14 17.58
N VAL D 313 25.14 28.01 17.61
CA VAL D 313 23.79 27.56 17.94
C VAL D 313 23.18 26.78 16.76
N LEU D 314 23.38 27.27 15.53
CA LEU D 314 22.98 26.55 14.33
C LEU D 314 23.70 25.20 14.21
N ALA D 315 24.97 25.14 14.63
CA ALA D 315 25.69 23.86 14.68
C ALA D 315 25.12 22.91 15.75
N LYS D 316 24.75 23.42 16.92
CA LYS D 316 24.16 22.55 17.95
C LYS D 316 22.86 21.96 17.44
N ALA D 317 22.07 22.80 16.77
CA ALA D 317 20.78 22.42 16.24
C ALA D 317 20.92 21.35 15.17
N LEU D 318 21.92 21.52 14.31
CA LEU D 318 22.15 20.53 13.28
C LEU D 318 22.54 19.18 13.91
N ARG D 319 23.43 19.21 14.91
CA ARG D 319 23.75 17.98 15.64
C ARG D 319 22.50 17.28 16.19
N MET D 320 21.54 18.04 16.68
CA MET D 320 20.32 17.45 17.23
C MET D 320 19.40 16.91 16.11
N SER D 321 19.21 17.70 15.04
CA SER D 321 18.34 17.36 13.95
C SER D 321 18.94 16.20 13.16
N GLY D 322 20.25 16.24 12.93
CA GLY D 322 20.97 15.12 12.39
C GLY D 322 21.79 15.37 11.15
N GLY D 323 23.07 15.04 11.25
CA GLY D 323 23.97 15.11 10.12
C GLY D 323 25.30 14.46 10.46
N ASP D 324 25.87 13.74 9.50
CA ASP D 324 27.19 13.12 9.71
C ASP D 324 28.34 14.09 9.44
N HIS D 325 28.21 14.98 8.45
CA HIS D 325 29.16 16.07 8.22
C HIS D 325 28.43 17.40 8.37
N LEU D 326 29.19 18.43 8.75
CA LEU D 326 28.69 19.79 8.73
C LEU D 326 29.81 20.78 8.43
N HIS D 327 29.64 21.59 7.38
CA HIS D 327 30.58 22.65 7.05
C HIS D 327 30.79 23.56 8.25
N SER D 328 32.05 23.89 8.50
CA SER D 328 32.49 24.55 9.70
C SER D 328 33.30 25.81 9.40
N GLY D 329 33.52 26.13 8.13
CA GLY D 329 34.44 27.19 7.72
C GLY D 329 35.89 26.71 7.64
N THR D 330 36.81 27.53 7.13
CA THR D 330 38.21 27.15 6.93
C THR D 330 39.15 27.99 7.77
N VAL D 331 38.67 29.12 8.28
CA VAL D 331 39.50 30.16 8.92
C VAL D 331 40.38 30.92 7.91
N VAL D 332 41.13 30.20 7.10
CA VAL D 332 42.08 30.83 6.18
C VAL D 332 41.58 31.02 4.75
N GLY D 333 40.37 30.53 4.44
CA GLY D 333 39.86 30.59 3.07
C GLY D 333 39.10 31.86 2.71
N LYS D 334 38.24 31.75 1.69
CA LYS D 334 37.54 32.93 1.13
C LYS D 334 36.35 33.39 1.98
N LEU D 335 35.89 32.55 2.89
CA LEU D 335 34.72 32.90 3.71
C LEU D 335 35.11 33.07 5.16
N GLU D 336 34.41 33.96 5.85
CA GLU D 336 34.81 34.38 7.19
C GLU D 336 34.67 33.27 8.25
N GLY D 337 35.58 33.28 9.22
CA GLY D 337 35.52 32.37 10.35
C GLY D 337 36.76 32.59 11.20
N GLU D 338 36.59 33.20 12.37
CA GLU D 338 37.75 33.49 13.21
C GLU D 338 38.19 32.22 13.94
N ARG D 339 39.52 32.08 14.09
CA ARG D 339 40.14 30.92 14.70
C ARG D 339 39.54 30.44 16.06
N GLU D 340 39.49 31.33 17.05
CA GLU D 340 39.08 30.93 18.40
C GLU D 340 37.57 30.59 18.43
N VAL D 341 36.79 31.32 17.63
CA VAL D 341 35.38 31.02 17.51
C VAL D 341 35.16 29.65 16.89
N THR D 342 35.90 29.38 15.83
CA THR D 342 35.82 28.13 15.10
C THR D 342 36.25 26.94 15.95
N LEU D 343 37.31 27.10 16.71
CA LEU D 343 37.82 26.00 17.54
C LEU D 343 36.76 25.65 18.58
N GLY D 344 36.08 26.68 19.05
CA GLY D 344 35.00 26.50 20.02
C GLY D 344 33.85 25.63 19.49
N PHE D 345 33.33 25.98 18.30
CA PHE D 345 32.18 25.24 17.81
C PHE D 345 32.51 23.90 17.18
N VAL D 346 33.74 23.72 16.76
CA VAL D 346 34.22 22.42 16.30
C VAL D 346 34.22 21.46 17.49
N ASP D 347 34.63 21.93 18.68
CA ASP D 347 34.51 21.09 19.88
C ASP D 347 33.05 20.77 20.14
N LEU D 348 32.16 21.74 19.91
CA LEU D 348 30.74 21.53 20.18
C LEU D 348 30.11 20.53 19.18
N MET D 349 30.69 20.42 17.98
CA MET D 349 30.23 19.51 16.96
C MET D 349 30.67 18.07 17.20
N ARG D 350 31.90 17.90 17.72
CA ARG D 350 32.60 16.63 17.69
C ARG D 350 32.59 15.96 19.05
N ASP D 351 32.71 16.76 20.11
CA ASP D 351 33.00 16.21 21.45
C ASP D 351 31.77 15.75 22.22
N ASP D 352 31.98 14.93 23.24
CA ASP D 352 30.89 14.52 24.11
C ASP D 352 30.60 15.52 25.23
N TYR D 353 31.63 16.21 25.73
CA TYR D 353 31.48 17.11 26.86
C TYR D 353 32.36 18.34 26.67
N VAL D 354 31.76 19.53 26.65
CA VAL D 354 32.51 20.76 26.39
C VAL D 354 32.25 21.80 27.49
N GLU D 355 33.32 22.15 28.19
CA GLU D 355 33.25 23.10 29.30
C GLU D 355 33.07 24.52 28.84
N LYS D 356 32.35 25.28 29.66
CA LYS D 356 32.25 26.74 29.51
C LYS D 356 33.64 27.33 29.26
N ASP D 357 33.73 28.21 28.26
CA ASP D 357 35.00 28.85 27.88
C ASP D 357 34.72 30.09 27.01
N ARG D 358 34.61 31.23 27.67
CA ARG D 358 34.24 32.48 27.01
C ARG D 358 35.22 32.95 25.93
N SER D 359 36.49 32.58 26.09
CA SER D 359 37.54 32.96 25.13
C SER D 359 37.40 32.20 23.80
N ARG D 360 36.56 31.16 23.78
CA ARG D 360 36.25 30.44 22.56
C ARG D 360 34.74 30.59 22.18
N GLY D 361 34.04 31.45 22.89
CA GLY D 361 32.64 31.72 22.60
C GLY D 361 31.64 30.72 23.17
N ILE D 362 32.10 29.88 24.09
CA ILE D 362 31.23 28.87 24.68
C ILE D 362 30.67 29.39 25.99
N TYR D 363 29.43 29.87 25.96
CA TYR D 363 28.81 30.49 27.14
C TYR D 363 28.31 29.50 28.18
N PHE D 364 28.12 28.25 27.77
CA PHE D 364 27.58 27.19 28.65
C PHE D 364 28.37 25.88 28.55
N THR D 365 28.50 25.19 29.67
CA THR D 365 28.96 23.82 29.62
C THR D 365 27.89 23.01 28.88
N GLN D 366 28.33 22.26 27.88
CA GLN D 366 27.43 21.46 27.06
C GLN D 366 27.77 19.96 27.13
N ASP D 367 26.77 19.17 27.54
CA ASP D 367 26.90 17.72 27.74
C ASP D 367 26.05 17.01 26.70
N TRP D 368 26.69 16.31 25.78
CA TRP D 368 25.96 15.70 24.67
C TRP D 368 25.41 14.33 24.96
N SER D 370 26.45 11.21 24.98
CA SER D 370 26.73 10.14 24.00
C SER D 370 26.12 10.29 22.62
N MET D 371 25.47 11.42 22.34
CA MET D 371 25.04 11.66 20.97
C MET D 371 26.29 11.70 20.07
N PRO D 372 26.26 10.97 18.98
CA PRO D 372 27.42 10.94 18.05
C PRO D 372 27.92 12.35 17.66
N GLY D 373 29.23 12.47 17.42
CA GLY D 373 29.80 13.70 16.92
C GLY D 373 29.66 13.88 15.40
N VAL D 374 29.61 15.13 14.98
CA VAL D 374 29.54 15.49 13.56
C VAL D 374 30.93 15.87 13.05
N MET D 375 31.29 15.35 11.89
CA MET D 375 32.54 15.67 11.23
C MET D 375 32.52 17.08 10.62
N PRO D 376 33.39 17.97 11.07
CA PRO D 376 33.48 19.31 10.46
C PRO D 376 34.10 19.27 9.07
N VAL D 377 33.54 20.09 8.18
CA VAL D 377 34.02 20.14 6.80
C VAL D 377 34.59 21.54 6.48
N ALA D 378 35.89 21.60 6.17
CA ALA D 378 36.54 22.88 5.86
C ALA D 378 36.60 23.02 4.33
N SER D 379 35.97 24.07 3.82
CA SER D 379 35.77 24.19 2.39
C SER D 379 35.60 25.66 2.03
N GLY D 380 36.17 26.08 0.90
CA GLY D 380 35.98 27.44 0.45
C GLY D 380 37.23 28.26 0.28
N GLY D 381 37.69 28.30 -0.97
CA GLY D 381 38.88 29.03 -1.35
C GLY D 381 40.19 28.57 -0.71
N ILE D 382 40.35 27.27 -0.50
CA ILE D 382 41.58 26.75 0.08
C ILE D 382 42.38 26.02 -0.97
N HIS D 383 43.71 26.01 -0.83
CA HIS D 383 44.60 25.30 -1.75
C HIS D 383 45.73 24.63 -0.99
N VAL D 384 46.62 23.94 -1.71
CA VAL D 384 47.72 23.21 -1.10
C VAL D 384 48.50 23.97 -0.01
N TRP D 385 48.79 25.25 -0.22
CA TRP D 385 49.55 26.00 0.78
C TRP D 385 48.83 26.17 2.14
N HIS D 386 47.50 26.07 2.13
CA HIS D 386 46.72 26.10 3.38
C HIS D 386 46.76 24.77 4.16
N MET D 387 47.19 23.69 3.53
CA MET D 387 47.12 22.37 4.14
C MET D 387 47.68 22.27 5.55
N PRO D 388 48.92 22.72 5.82
CA PRO D 388 49.44 22.65 7.20
C PRO D 388 48.53 23.41 8.20
N ALA D 389 48.08 24.62 7.89
CA ALA D 389 47.16 25.36 8.78
C ALA D 389 45.87 24.60 9.06
N LEU D 390 45.34 23.95 8.01
CA LEU D 390 44.11 23.16 8.16
C LEU D 390 44.30 21.93 9.05
N VAL D 391 45.35 21.17 8.83
CA VAL D 391 45.65 19.99 9.66
C VAL D 391 45.96 20.42 11.10
N GLU D 392 46.63 21.56 11.25
CA GLU D 392 46.87 22.09 12.58
C GLU D 392 45.57 22.50 13.33
N ILE D 393 44.65 23.17 12.64
CA ILE D 393 43.39 23.64 13.24
C ILE D 393 42.43 22.50 13.60
N PHE D 394 42.24 21.58 12.64
CA PHE D 394 41.19 20.57 12.71
C PHE D 394 41.62 19.21 13.21
N GLY D 395 42.89 18.85 13.00
CA GLY D 395 43.35 17.49 13.29
C GLY D 395 42.76 16.53 12.27
N ASP D 396 42.76 15.26 12.60
CA ASP D 396 42.34 14.22 11.66
C ASP D 396 40.84 14.12 11.42
N ASP D 397 40.03 14.47 12.41
CA ASP D 397 38.58 14.23 12.31
C ASP D 397 37.89 15.42 11.67
N ALA D 398 38.13 15.55 10.38
CA ALA D 398 37.64 16.64 9.57
C ALA D 398 37.65 16.19 8.14
N CYS D 399 36.91 16.89 7.31
CA CYS D 399 37.02 16.68 5.90
C CYS D 399 37.43 18.02 5.24
N LEU D 400 38.43 17.97 4.37
CA LEU D 400 38.93 19.17 3.69
C LEU D 400 38.54 19.15 2.24
N GLN D 401 37.90 20.23 1.80
CA GLN D 401 37.36 20.26 0.45
C GLN D 401 37.99 21.28 -0.48
N PHE D 402 38.39 20.81 -1.66
CA PHE D 402 39.08 21.66 -2.62
C PHE D 402 38.38 21.68 -3.98
N GLY D 403 37.49 22.63 -4.17
CA GLY D 403 36.80 22.73 -5.44
C GLY D 403 37.68 23.33 -6.52
N GLY D 404 37.77 24.64 -6.49
CA GLY D 404 38.68 25.33 -7.37
C GLY D 404 40.09 24.79 -7.21
N GLY D 405 40.41 24.35 -5.98
CA GLY D 405 41.73 23.84 -5.64
C GLY D 405 42.07 22.53 -6.33
N THR D 406 41.08 21.90 -6.94
CA THR D 406 41.29 20.68 -7.69
C THR D 406 41.05 20.95 -9.18
N LEU D 407 39.85 21.45 -9.52
CA LEU D 407 39.47 21.64 -10.93
C LEU D 407 40.16 22.85 -11.59
N GLY D 408 40.97 23.57 -10.79
CA GLY D 408 41.76 24.67 -11.29
C GLY D 408 43.23 24.37 -11.38
N HIS D 409 43.60 23.10 -11.20
CA HIS D 409 44.99 22.66 -11.36
C HIS D 409 45.33 22.65 -12.84
N PRO D 410 46.52 23.13 -13.23
CA PRO D 410 46.85 23.29 -14.65
C PRO D 410 46.83 21.99 -15.42
N TRP D 411 46.90 20.86 -14.73
CA TRP D 411 46.96 19.58 -15.44
C TRP D 411 45.66 18.77 -15.40
N GLY D 412 44.58 19.34 -14.87
CA GLY D 412 43.32 18.62 -14.76
C GLY D 412 43.09 17.99 -13.39
N ASN D 413 42.01 17.20 -13.29
CA ASN D 413 41.45 16.82 -12.03
C ASN D 413 42.28 15.76 -11.34
N ALA D 414 42.70 14.75 -12.09
CA ALA D 414 43.44 13.67 -11.47
C ALA D 414 44.77 14.13 -10.85
N PRO D 415 45.58 14.88 -11.59
CA PRO D 415 46.76 15.55 -10.98
C PRO D 415 46.39 16.47 -9.83
N GLY D 416 45.32 17.27 -9.99
CA GLY D 416 44.89 18.17 -8.95
C GLY D 416 44.62 17.43 -7.66
N ALA D 417 43.93 16.29 -7.76
CA ALA D 417 43.52 15.49 -6.62
C ALA D 417 44.76 14.93 -5.96
N ALA D 418 45.68 14.44 -6.81
CA ALA D 418 46.93 13.87 -6.31
C ALA D 418 47.76 14.89 -5.54
N ALA D 419 47.81 16.11 -6.07
CA ALA D 419 48.49 17.21 -5.40
C ALA D 419 47.93 17.41 -4.02
N ASN D 420 46.60 17.46 -3.92
CA ASN D 420 45.98 17.70 -2.62
C ASN D 420 46.20 16.52 -1.66
N ARG D 421 46.18 15.30 -2.19
CA ARG D 421 46.33 14.11 -1.36
C ARG D 421 47.79 13.98 -0.86
N VAL D 422 48.76 14.21 -1.74
CA VAL D 422 50.17 14.27 -1.34
C VAL D 422 50.38 15.33 -0.25
N ALA D 423 49.81 16.53 -0.44
CA ALA D 423 49.99 17.62 0.54
C ALA D 423 49.48 17.18 1.90
N LEU D 424 48.29 16.59 1.93
CA LEU D 424 47.65 16.21 3.17
C LEU D 424 48.42 15.10 3.87
N GLU D 425 48.88 14.14 3.07
CA GLU D 425 49.62 13.03 3.62
C GLU D 425 50.99 13.46 4.14
N ALA D 426 51.70 14.32 3.41
CA ALA D 426 52.94 14.91 3.90
C ALA D 426 52.78 15.68 5.23
N CYS D 427 51.70 16.47 5.36
CA CYS D 427 51.46 17.18 6.61
C CYS D 427 51.14 16.24 7.80
N THR D 428 50.43 15.17 7.51
CA THR D 428 50.01 14.19 8.49
C THR D 428 51.22 13.39 8.97
N GLN D 429 52.05 12.97 8.01
CA GLN D 429 53.31 12.33 8.38
C GLN D 429 54.14 13.25 9.26
N ALA D 430 54.37 14.50 8.81
CA ALA D 430 55.18 15.46 9.57
C ALA D 430 54.67 15.60 11.00
N ARG D 431 53.36 15.78 11.15
CA ARG D 431 52.77 15.92 12.46
C ARG D 431 53.03 14.70 13.35
N ASN D 432 52.89 13.52 12.77
CA ASN D 432 53.10 12.29 13.49
C ASN D 432 54.56 12.09 13.91
N GLU D 433 55.48 12.57 13.10
CA GLU D 433 56.91 12.60 13.46
C GLU D 433 57.29 13.68 14.51
N GLY D 434 56.32 14.45 15.01
CA GLY D 434 56.58 15.47 16.02
C GLY D 434 56.87 16.89 15.55
N ARG D 435 56.84 17.12 14.24
CA ARG D 435 57.05 18.45 13.67
C ARG D 435 55.88 19.38 14.03
N ASP D 436 56.18 20.65 14.24
CA ASP D 436 55.17 21.65 14.56
C ASP D 436 54.69 22.32 13.27
N LEU D 437 53.49 21.97 12.85
CA LEU D 437 52.92 22.49 11.62
C LEU D 437 52.69 24.00 11.60
N ALA D 438 52.36 24.58 12.76
CA ALA D 438 52.24 26.04 12.86
C ALA D 438 53.56 26.75 12.49
N ARG D 439 54.69 26.18 12.90
CA ARG D 439 56.00 26.74 12.60
C ARG D 439 56.59 26.22 11.27
N GLU D 440 56.52 24.91 11.06
CA GLU D 440 57.31 24.23 10.02
C GLU D 440 56.47 23.88 8.77
N GLY D 441 55.22 24.32 8.75
CA GLY D 441 54.29 23.99 7.69
C GLY D 441 54.74 24.30 6.26
N GLY D 442 55.21 25.53 6.04
CA GLY D 442 55.83 25.92 4.79
C GLY D 442 56.96 24.99 4.34
N ASP D 443 57.79 24.56 5.26
CA ASP D 443 58.85 23.62 4.92
C ASP D 443 58.36 22.26 4.48
N VAL D 444 57.32 21.75 5.15
CA VAL D 444 56.72 20.47 4.78
C VAL D 444 56.19 20.50 3.34
N ILE D 445 55.44 21.55 3.01
CA ILE D 445 54.93 21.68 1.66
C ILE D 445 56.06 21.81 0.63
N ARG D 446 57.03 22.69 0.91
CA ARG D 446 58.14 22.91 0.00
C ARG D 446 58.91 21.64 -0.31
N SER D 447 59.14 20.80 0.70
CA SER D 447 59.79 19.51 0.50
C SER D 447 59.00 18.61 -0.43
N ALA D 448 57.70 18.50 -0.14
CA ALA D 448 56.79 17.72 -0.95
C ALA D 448 56.70 18.21 -2.42
N CYS D 449 56.77 19.52 -2.64
CA CYS D 449 56.88 20.07 -4.01
C CYS D 449 58.08 19.59 -4.76
N LYS D 450 59.22 19.58 -4.06
CA LYS D 450 60.49 19.18 -4.65
C LYS D 450 60.34 17.72 -5.09
N TRP D 451 59.53 16.97 -4.37
CA TRP D 451 59.43 15.55 -4.61
C TRP D 451 58.33 15.18 -5.66
N SER D 452 57.19 15.87 -5.64
CA SER D 452 56.00 15.50 -6.43
C SER D 452 55.66 16.53 -7.52
N PRO D 453 55.80 16.18 -8.80
CA PRO D 453 55.60 17.17 -9.87
C PRO D 453 54.16 17.75 -9.90
N GLU D 454 53.16 16.94 -9.55
CA GLU D 454 51.76 17.38 -9.44
C GLU D 454 51.59 18.45 -8.36
N LEU D 455 52.17 18.20 -7.21
CA LEU D 455 52.10 19.18 -6.14
C LEU D 455 52.82 20.46 -6.54
N ALA D 456 54.05 20.32 -7.07
CA ALA D 456 54.85 21.45 -7.55
C ALA D 456 54.04 22.39 -8.46
N ALA D 457 53.31 21.81 -9.42
CA ALA D 457 52.54 22.63 -10.37
C ALA D 457 51.45 23.42 -9.66
N ALA D 458 50.85 22.83 -8.62
CA ALA D 458 49.79 23.47 -7.89
C ALA D 458 50.38 24.55 -7.03
N CYS D 459 51.53 24.24 -6.42
CA CYS D 459 52.25 25.23 -5.60
C CYS D 459 52.60 26.50 -6.32
N GLU D 460 53.09 26.36 -7.56
CA GLU D 460 53.40 27.50 -8.43
C GLU D 460 52.19 28.40 -8.80
N VAL D 461 51.08 27.76 -9.14
CA VAL D 461 49.87 28.50 -9.52
C VAL D 461 49.32 29.36 -8.39
N TRP D 462 49.29 28.82 -7.17
CA TRP D 462 48.62 29.48 -6.05
C TRP D 462 49.50 30.07 -4.96
N LYS D 463 50.81 30.13 -5.22
CA LYS D 463 51.80 30.64 -4.25
C LYS D 463 51.44 31.99 -3.62
N GLU D 464 51.00 32.91 -4.46
CA GLU D 464 50.69 34.25 -3.95
C GLU D 464 49.38 34.37 -3.13
N ILE D 465 48.49 33.39 -3.25
CA ILE D 465 47.07 33.58 -2.90
C ILE D 465 46.73 33.42 -1.42
N LYS D 466 46.25 34.52 -0.84
CA LYS D 466 45.86 34.62 0.57
C LYS D 466 44.51 35.32 0.69
N PHE D 467 43.83 35.05 1.80
CA PHE D 467 42.55 35.71 2.08
C PHE D 467 42.62 36.31 3.46
N GLU D 468 43.06 37.56 3.52
CA GLU D 468 43.28 38.25 4.79
C GLU D 468 42.48 39.55 4.82
N PHE D 469 41.42 39.54 5.63
CA PHE D 469 40.53 40.69 5.76
C PHE D 469 40.20 40.87 7.24
N ASP D 470 39.68 42.05 7.54
CA ASP D 470 39.21 42.38 8.88
C ASP D 470 37.98 41.50 9.21
N THR D 471 38.03 40.83 10.36
CA THR D 471 36.96 39.93 10.80
C THR D 471 35.74 40.70 11.32
N ILE D 472 34.54 40.35 10.84
CA ILE D 472 33.28 40.96 11.32
C ILE D 472 32.76 40.27 12.58
N ASP D 473 32.60 38.95 12.51
CA ASP D 473 32.13 38.16 13.66
C ASP D 473 33.24 37.94 14.70
N LYS D 474 33.63 39.03 15.36
CA LYS D 474 34.62 39.01 16.45
C LYS D 474 33.91 38.58 17.73
N LEU D 475 34.65 37.98 18.65
CA LEU D 475 34.10 37.63 19.96
C LEU D 475 33.46 38.81 20.74
N MET E 1 52.31 19.11 -18.91
CA MET E 1 51.19 18.34 -18.28
C MET E 1 51.58 16.87 -18.17
N MET E 2 51.47 16.31 -16.98
CA MET E 2 51.70 14.89 -16.86
C MET E 2 50.35 14.21 -16.62
N VAL E 3 50.21 12.98 -17.10
CA VAL E 3 48.98 12.24 -16.96
C VAL E 3 49.13 11.25 -15.82
N TRP E 4 48.24 11.31 -14.84
CA TRP E 4 48.21 10.35 -13.75
C TRP E 4 47.79 9.00 -14.30
N THR E 5 48.66 7.98 -14.19
CA THR E 5 48.36 6.68 -14.80
C THR E 5 47.21 5.91 -14.09
N PRO E 6 46.29 5.34 -14.88
CA PRO E 6 45.28 4.39 -14.34
C PRO E 6 45.78 2.95 -14.22
N VAL E 7 46.96 2.69 -14.78
CA VAL E 7 47.58 1.37 -14.83
C VAL E 7 48.47 1.17 -13.63
N ASN E 8 48.39 -0.10 -13.25
CA ASN E 8 48.40 -0.71 -11.94
C ASN E 8 48.87 0.25 -10.85
N ASN E 9 47.93 1.04 -10.35
CA ASN E 9 48.22 2.18 -9.47
C ASN E 9 47.34 2.13 -8.21
N LYS E 10 47.15 0.91 -7.73
CA LYS E 10 46.32 0.66 -6.54
C LYS E 10 46.93 1.26 -5.30
N MET E 11 46.08 1.79 -4.43
CA MET E 11 46.52 2.52 -3.24
C MET E 11 46.04 1.85 -1.97
N PHE E 12 46.61 2.24 -0.84
CA PHE E 12 46.34 1.54 0.43
C PHE E 12 46.08 2.46 1.58
N GLU E 13 45.27 3.50 1.32
CA GLU E 13 44.92 4.51 2.30
C GLU E 13 46.15 5.28 2.83
N THR E 14 46.19 5.57 4.12
CA THR E 14 47.13 6.57 4.65
C THR E 14 48.59 6.30 4.31
N PHE E 15 49.20 7.31 3.67
CA PHE E 15 50.63 7.36 3.36
C PHE E 15 51.01 6.74 2.03
N SER E 16 50.07 6.11 1.35
CA SER E 16 50.43 5.48 0.07
C SER E 16 50.74 6.47 -1.06
N TYR E 17 50.50 7.76 -0.85
CA TYR E 17 50.85 8.75 -1.89
C TYR E 17 52.22 9.37 -1.62
N LEU E 18 52.86 8.94 -0.55
CA LEU E 18 54.20 9.37 -0.19
C LEU E 18 55.21 8.34 -0.74
N PRO E 19 56.51 8.66 -0.76
CA PRO E 19 57.53 7.62 -0.99
C PRO E 19 57.36 6.51 0.07
N PRO E 20 57.70 5.26 -0.25
CA PRO E 20 57.58 4.15 0.72
C PRO E 20 58.33 4.46 2.03
N LEU E 21 57.74 4.08 3.16
CA LEU E 21 58.33 4.40 4.46
C LEU E 21 59.62 3.62 4.73
N THR E 22 60.70 4.34 5.10
CA THR E 22 61.93 3.76 5.55
C THR E 22 61.73 3.19 6.95
N ASP E 23 62.69 2.39 7.40
CA ASP E 23 62.64 1.80 8.74
C ASP E 23 62.61 2.84 9.84
N GLU E 24 63.34 3.95 9.64
CA GLU E 24 63.38 5.10 10.56
C GLU E 24 62.01 5.81 10.59
N GLN E 25 61.34 5.85 9.44
CA GLN E 25 60.02 6.48 9.36
C GLN E 25 58.94 5.66 10.06
N ILE E 26 58.99 4.35 9.87
CA ILE E 26 58.08 3.44 10.57
C ILE E 26 58.29 3.51 12.10
N ALA E 27 59.55 3.50 12.52
CA ALA E 27 59.87 3.65 13.93
C ALA E 27 59.31 4.97 14.50
N ALA E 28 59.30 6.03 13.70
CA ALA E 28 58.77 7.31 14.15
C ALA E 28 57.26 7.24 14.37
N GLN E 29 56.57 6.55 13.46
CA GLN E 29 55.12 6.34 13.59
C GLN E 29 54.81 5.52 14.85
N VAL E 30 55.63 4.51 15.11
CA VAL E 30 55.47 3.70 16.32
C VAL E 30 55.63 4.53 17.58
N ASP E 31 56.64 5.41 17.63
CA ASP E 31 56.86 6.32 18.77
C ASP E 31 55.62 7.18 19.03
N TYR E 32 55.01 7.66 17.94
CA TYR E 32 53.79 8.45 18.02
C TYR E 32 52.64 7.67 18.66
N ILE E 33 52.45 6.41 18.27
CA ILE E 33 51.47 5.52 18.91
C ILE E 33 51.71 5.41 20.43
N VAL E 34 52.96 5.14 20.80
CA VAL E 34 53.34 4.98 22.19
C VAL E 34 53.21 6.30 22.99
N ALA E 35 53.64 7.41 22.39
CA ALA E 35 53.52 8.74 23.05
C ALA E 35 52.07 9.12 23.33
N ASN E 36 51.14 8.60 22.53
CA ASN E 36 49.74 8.93 22.70
C ASN E 36 48.92 7.90 23.50
N GLY E 37 49.56 6.79 23.87
CA GLY E 37 48.92 5.76 24.70
C GLY E 37 47.91 4.90 23.94
N TRP E 38 48.05 4.83 22.62
CA TRP E 38 47.11 4.07 21.79
C TRP E 38 47.54 2.63 21.71
N ILE E 39 46.61 1.76 21.29
CA ILE E 39 46.83 0.32 21.28
C ILE E 39 47.26 -0.15 19.92
N PRO E 40 48.51 -0.60 19.78
CA PRO E 40 49.00 -1.07 18.47
C PRO E 40 48.49 -2.47 18.17
N CYS E 41 48.26 -2.74 16.91
CA CYS E 41 47.79 -4.04 16.47
C CYS E 41 48.21 -4.23 15.00
N LEU E 42 48.49 -5.50 14.63
CA LEU E 42 48.76 -5.84 13.25
C LEU E 42 47.65 -6.69 12.64
N GLU E 43 47.37 -6.42 11.37
CA GLU E 43 46.38 -7.14 10.57
C GLU E 43 46.99 -7.53 9.21
N PHE E 44 46.60 -8.66 8.67
CA PHE E 44 47.18 -9.14 7.43
C PHE E 44 46.14 -9.76 6.54
N ALA E 45 46.41 -9.71 5.23
CA ALA E 45 45.53 -10.26 4.23
C ALA E 45 46.31 -11.12 3.23
N THR E 46 45.83 -12.33 3.00
CA THR E 46 46.52 -13.27 2.13
C THR E 46 45.80 -13.42 0.80
N ASP E 47 44.67 -12.72 0.65
CA ASP E 47 43.82 -12.82 -0.52
C ASP E 47 43.69 -11.44 -1.18
N HIS E 48 42.44 -10.98 -1.37
CA HIS E 48 42.19 -9.65 -1.95
C HIS E 48 42.65 -8.59 -0.93
N GLY E 49 43.54 -7.70 -1.34
CA GLY E 49 43.94 -6.64 -0.43
C GLY E 49 43.06 -5.40 -0.53
N PHE E 50 41.95 -5.50 -1.28
CA PHE E 50 41.11 -4.32 -1.57
C PHE E 50 39.66 -4.52 -1.26
N VAL E 51 38.98 -3.41 -1.05
CA VAL E 51 37.56 -3.43 -0.87
C VAL E 51 36.88 -3.90 -2.15
N TYR E 52 35.79 -4.66 -2.01
CA TYR E 52 35.00 -5.15 -3.12
C TYR E 52 33.57 -5.42 -2.63
N ARG E 53 32.69 -5.88 -3.51
CA ARG E 53 31.32 -6.20 -3.11
C ARG E 53 30.85 -7.50 -3.75
N GLU E 54 30.90 -8.57 -3.00
CA GLU E 54 30.47 -9.87 -3.49
C GLU E 54 29.09 -10.24 -2.95
N HIS E 55 28.91 -10.09 -1.63
CA HIS E 55 27.79 -10.71 -0.93
C HIS E 55 26.58 -9.81 -0.74
N HIS E 56 26.79 -8.50 -0.91
CA HIS E 56 25.72 -7.52 -0.71
C HIS E 56 26.04 -6.17 -1.32
N ASN E 57 25.01 -5.36 -1.58
CA ASN E 57 25.19 -4.15 -2.41
C ASN E 57 24.72 -2.80 -1.83
N SER E 58 24.15 -2.81 -0.63
CA SER E 58 23.50 -1.63 -0.08
C SER E 58 24.52 -0.58 0.41
N PRO E 59 24.06 0.65 0.64
CA PRO E 59 24.95 1.74 1.07
C PRO E 59 25.74 1.41 2.33
N GLY E 60 27.04 1.64 2.28
CA GLY E 60 27.91 1.41 3.43
C GLY E 60 28.30 -0.03 3.73
N TYR E 61 27.88 -0.96 2.85
CA TYR E 61 28.32 -2.34 2.92
C TYR E 61 29.39 -2.58 1.89
N TYR E 62 30.52 -3.13 2.34
CA TYR E 62 31.66 -3.54 1.50
C TYR E 62 32.28 -4.79 2.08
N ASP E 63 32.70 -5.70 1.20
CA ASP E 63 33.52 -6.81 1.60
C ASP E 63 34.97 -6.36 1.50
N GLY E 64 35.87 -7.02 2.23
CA GLY E 64 37.28 -6.71 2.14
C GLY E 64 37.72 -5.65 3.09
N ARG E 65 36.83 -5.18 3.96
CA ARG E 65 37.27 -4.20 5.00
C ARG E 65 38.03 -4.89 6.13
N TYR E 66 37.56 -6.05 6.57
CA TYR E 66 38.23 -6.77 7.65
C TYR E 66 39.40 -7.54 7.09
N TRP E 67 40.52 -7.46 7.79
CA TRP E 67 41.65 -8.35 7.52
C TRP E 67 41.80 -9.26 8.75
N THR E 68 42.75 -10.21 8.67
CA THR E 68 42.94 -11.16 9.74
C THR E 68 43.87 -10.52 10.76
N MET E 69 43.49 -10.65 12.03
CA MET E 69 44.24 -10.07 13.10
C MET E 69 45.44 -10.96 13.43
N TRP E 70 46.60 -10.30 13.57
CA TRP E 70 47.81 -10.97 14.02
C TRP E 70 47.81 -10.99 15.55
N LYS E 71 47.66 -12.19 16.12
CA LYS E 71 47.63 -12.36 17.55
C LYS E 71 46.53 -11.52 18.16
N LEU E 72 46.90 -10.57 19.03
CA LEU E 72 45.94 -9.70 19.71
C LEU E 72 46.49 -8.29 19.73
N PRO E 73 45.63 -7.28 19.87
CA PRO E 73 46.08 -5.91 20.10
C PRO E 73 46.98 -5.93 21.31
N MET E 74 48.02 -5.11 21.27
CA MET E 74 49.04 -5.13 22.31
C MET E 74 48.65 -4.21 23.47
N PHE E 75 47.67 -4.66 24.26
CA PHE E 75 47.16 -3.87 25.38
C PHE E 75 48.25 -3.64 26.40
N GLY E 76 48.36 -2.39 26.84
CA GLY E 76 49.30 -2.00 27.87
C GLY E 76 50.73 -1.80 27.41
N CYS E 77 51.00 -2.12 26.16
CA CYS E 77 52.36 -2.04 25.62
C CYS E 77 52.78 -0.59 25.41
N ARG E 78 53.90 -0.23 26.01
CA ARG E 78 54.48 1.11 25.93
C ARG E 78 55.91 1.04 25.37
N ASP E 79 56.25 -0.10 24.76
CA ASP E 79 57.60 -0.36 24.30
C ASP E 79 57.68 -0.40 22.77
N PRO E 80 58.17 0.67 22.14
CA PRO E 80 58.29 0.71 20.68
C PRO E 80 59.04 -0.51 20.11
N MET E 81 60.09 -0.99 20.77
CA MET E 81 60.85 -2.17 20.31
C MET E 81 59.96 -3.42 20.14
N GLN E 82 59.07 -3.65 21.11
CA GLN E 82 58.14 -4.79 21.10
C GLN E 82 57.26 -4.77 19.84
N VAL E 83 56.71 -3.59 19.53
CA VAL E 83 55.91 -3.39 18.33
C VAL E 83 56.72 -3.70 17.07
N LEU E 84 57.92 -3.11 16.97
CA LEU E 84 58.80 -3.37 15.84
C LEU E 84 59.11 -4.86 15.66
N ARG E 85 59.28 -5.57 16.77
CA ARG E 85 59.51 -7.02 16.75
C ARG E 85 58.31 -7.85 16.28
N GLU E 86 57.11 -7.43 16.65
CA GLU E 86 55.89 -8.09 16.13
C GLU E 86 55.70 -7.83 14.62
N ILE E 87 56.10 -6.67 14.12
CA ILE E 87 56.07 -6.44 12.68
C ILE E 87 56.94 -7.47 11.97
N VAL E 88 58.13 -7.71 12.51
CA VAL E 88 59.07 -8.66 11.93
C VAL E 88 58.51 -10.08 11.99
N ALA E 89 57.96 -10.46 13.15
CA ALA E 89 57.38 -11.80 13.35
C ALA E 89 56.21 -12.10 12.37
N CYS E 90 55.31 -11.14 12.23
CA CYS E 90 54.16 -11.24 11.34
C CYS E 90 54.58 -11.32 9.88
N THR E 91 55.44 -10.41 9.44
CA THR E 91 55.96 -10.51 8.06
C THR E 91 56.76 -11.76 7.78
N LYS E 92 57.39 -12.33 8.80
CA LYS E 92 58.14 -13.58 8.67
C LYS E 92 57.20 -14.76 8.50
N ALA E 93 56.12 -14.78 9.25
CA ALA E 93 55.16 -15.87 9.18
C ALA E 93 54.35 -15.81 7.90
N PHE E 94 54.10 -14.60 7.40
CA PHE E 94 53.31 -14.40 6.19
C PHE E 94 54.04 -13.47 5.20
N PRO E 95 55.11 -13.96 4.59
CA PRO E 95 55.96 -13.12 3.73
C PRO E 95 55.28 -12.68 2.44
N ASP E 96 54.13 -13.26 2.11
CA ASP E 96 53.45 -12.92 0.87
C ASP E 96 52.14 -12.13 1.07
N ALA E 97 51.85 -11.77 2.31
CA ALA E 97 50.59 -11.12 2.63
C ALA E 97 50.70 -9.61 2.55
N TYR E 98 49.55 -8.95 2.43
CA TYR E 98 49.47 -7.55 2.75
C TYR E 98 49.45 -7.50 4.27
N VAL E 99 50.24 -6.61 4.85
CA VAL E 99 50.32 -6.48 6.30
C VAL E 99 50.24 -4.99 6.62
N ARG E 100 49.41 -4.63 7.60
CA ARG E 100 49.29 -3.24 8.02
C ARG E 100 49.33 -3.12 9.54
N LEU E 101 49.90 -2.00 10.00
CA LEU E 101 49.97 -1.66 11.39
C LEU E 101 48.86 -0.66 11.65
N VAL E 102 48.09 -0.93 12.71
CA VAL E 102 47.00 -0.03 13.07
C VAL E 102 47.16 0.26 14.55
N ALA E 103 46.45 1.28 15.03
CA ALA E 103 46.41 1.59 16.45
C ALA E 103 45.00 2.01 16.83
N PHE E 104 44.57 1.60 18.02
CA PHE E 104 43.24 1.91 18.51
C PHE E 104 43.27 2.88 19.65
N ASP E 105 42.27 3.76 19.67
CA ASP E 105 41.96 4.59 20.81
C ASP E 105 40.73 4.02 21.50
N ASN E 106 40.86 3.65 22.77
CA ASN E 106 39.73 3.02 23.45
C ASN E 106 38.70 3.99 24.06
N GLN E 107 39.08 5.27 24.16
CA GLN E 107 38.18 6.34 24.59
C GLN E 107 37.14 6.66 23.50
N LYS E 108 37.60 6.99 22.30
CA LYS E 108 36.70 7.20 21.19
C LYS E 108 36.19 5.86 20.58
N GLN E 109 36.80 4.75 21.00
CA GLN E 109 36.62 3.45 20.36
C GLN E 109 36.62 3.51 18.82
N VAL E 110 37.79 3.79 18.26
CA VAL E 110 37.96 3.83 16.82
C VAL E 110 39.43 3.61 16.51
N GLN E 111 39.71 3.07 15.34
CA GLN E 111 41.06 3.00 14.86
C GLN E 111 41.54 4.42 14.57
N ILE E 112 42.69 4.77 15.11
CA ILE E 112 43.11 6.16 15.12
C ILE E 112 44.29 6.41 14.16
N MET E 113 44.86 5.34 13.63
CA MET E 113 45.91 5.42 12.63
C MET E 113 46.13 4.06 12.00
N GLY E 114 46.79 4.03 10.85
CA GLY E 114 47.04 2.79 10.14
C GLY E 114 47.76 3.06 8.84
N PHE E 115 48.65 2.15 8.47
CA PHE E 115 49.35 2.22 7.19
C PHE E 115 49.92 0.87 6.85
N LEU E 116 50.08 0.60 5.57
CA LEU E 116 50.63 -0.65 5.08
C LEU E 116 52.14 -0.78 5.40
N VAL E 117 52.57 -1.95 5.85
CA VAL E 117 53.99 -2.19 6.08
C VAL E 117 54.59 -3.25 5.16
N GLN E 118 53.75 -4.00 4.44
CA GLN E 118 54.21 -5.02 3.50
C GLN E 118 53.12 -5.31 2.48
N ARG E 119 53.49 -5.40 1.21
CA ARG E 119 52.59 -5.92 0.19
C ARG E 119 53.24 -7.15 -0.47
N PRO E 120 52.45 -8.01 -1.12
CA PRO E 120 53.00 -9.19 -1.81
C PRO E 120 53.99 -8.81 -2.92
N LYS E 121 54.96 -9.69 -3.21
CA LYS E 121 55.96 -9.38 -4.24
C LYS E 121 55.50 -9.89 -5.60
N GLN E 127 52.52 1.14 -8.44
CA GLN E 127 53.55 1.95 -9.12
C GLN E 127 54.57 2.59 -8.16
N PRO E 128 55.87 2.49 -8.49
CA PRO E 128 56.90 3.38 -7.91
C PRO E 128 56.44 4.87 -7.80
N ALA E 129 56.87 5.55 -6.72
CA ALA E 129 56.43 6.93 -6.38
C ALA E 129 56.51 8.02 -7.50
N ASN E 130 57.30 7.76 -8.54
CA ASN E 130 57.56 8.71 -9.64
C ASN E 130 57.06 8.26 -11.03
N LYS E 131 56.72 6.97 -11.14
CA LYS E 131 56.15 6.40 -12.38
C LYS E 131 54.60 6.50 -12.40
N ARG E 132 54.06 7.31 -11.48
CA ARG E 132 52.60 7.50 -11.32
C ARG E 132 52.00 8.47 -12.36
N SER E 133 52.88 9.27 -12.97
CA SER E 133 52.53 10.21 -14.05
C SER E 133 53.39 9.98 -15.31
N VAL E 134 52.84 10.30 -16.49
CA VAL E 134 53.48 10.04 -17.79
C VAL E 134 53.29 11.19 -18.81
N THR F 7 -25.11 59.29 -13.51
CA THR F 7 -26.43 58.70 -13.14
C THR F 7 -27.03 57.78 -14.23
N LYS F 8 -26.53 57.94 -15.46
CA LYS F 8 -27.00 57.20 -16.64
C LYS F 8 -26.41 55.77 -16.70
N ALA F 9 -27.18 54.83 -17.26
CA ALA F 9 -26.86 53.38 -17.32
C ALA F 9 -25.61 52.95 -18.15
N GLY F 10 -24.67 52.24 -17.50
CA GLY F 10 -23.48 51.70 -18.15
C GLY F 10 -23.77 50.46 -19.00
N ALA F 11 -22.73 49.65 -19.27
CA ALA F 11 -22.90 48.41 -20.06
C ALA F 11 -23.72 47.34 -19.31
N GLY F 12 -24.97 47.11 -19.70
CA GLY F 12 -25.83 46.14 -19.02
C GLY F 12 -25.93 44.80 -19.72
N PHE F 13 -26.85 43.94 -19.27
CA PHE F 13 -27.05 42.66 -19.90
C PHE F 13 -28.14 42.82 -20.96
N LYS F 14 -27.82 42.55 -22.21
CA LYS F 14 -28.80 42.58 -23.25
C LYS F 14 -28.87 41.21 -23.90
N ALA F 15 -29.96 40.52 -23.62
CA ALA F 15 -30.22 39.21 -24.19
C ALA F 15 -30.31 39.25 -25.72
N GLY F 16 -29.86 38.17 -26.35
CA GLY F 16 -30.02 38.03 -27.77
C GLY F 16 -28.71 37.82 -28.46
N VAL F 17 -28.78 37.50 -29.76
CA VAL F 17 -27.64 37.22 -30.60
C VAL F 17 -27.06 38.50 -31.18
N LYS F 18 -25.74 38.60 -31.17
CA LYS F 18 -25.07 39.67 -31.91
C LYS F 18 -23.81 39.07 -32.58
N ASP F 19 -23.15 39.84 -33.43
CA ASP F 19 -22.00 39.35 -34.18
C ASP F 19 -20.85 39.11 -33.23
N TYR F 20 -20.14 38.01 -33.44
CA TYR F 20 -18.93 37.72 -32.69
C TYR F 20 -17.87 38.81 -32.85
N ARG F 21 -17.82 39.46 -34.02
CA ARG F 21 -16.79 40.46 -34.33
C ARG F 21 -16.84 41.71 -33.44
N LEU F 22 -17.99 41.98 -32.82
CA LEU F 22 -18.09 43.12 -31.91
C LEU F 22 -17.26 42.93 -30.64
N THR F 23 -16.96 41.67 -30.29
CA THR F 23 -16.17 41.38 -29.10
C THR F 23 -14.84 40.73 -29.45
N TYR F 24 -14.83 39.86 -30.46
CA TYR F 24 -13.67 38.96 -30.67
C TYR F 24 -12.74 39.26 -31.85
N TYR F 25 -13.05 40.28 -32.64
CA TYR F 25 -12.15 40.78 -33.66
C TYR F 25 -11.53 42.08 -33.14
N THR F 26 -10.22 42.04 -32.87
CA THR F 26 -9.52 43.20 -32.33
C THR F 26 -8.21 43.43 -33.09
N PRO F 27 -8.29 44.06 -34.26
CA PRO F 27 -7.11 44.20 -35.14
C PRO F 27 -6.03 45.16 -34.63
N ASP F 28 -6.28 45.89 -33.54
CA ASP F 28 -5.30 46.80 -32.95
C ASP F 28 -4.68 46.24 -31.68
N TYR F 29 -4.99 44.99 -31.35
CA TYR F 29 -4.48 44.35 -30.14
C TYR F 29 -2.98 44.10 -30.29
N VAL F 30 -2.22 44.52 -29.29
CA VAL F 30 -0.80 44.26 -29.25
C VAL F 30 -0.65 42.96 -28.44
N VAL F 31 -0.08 41.92 -29.07
CA VAL F 31 0.00 40.63 -28.40
C VAL F 31 1.02 40.64 -27.29
N ARG F 32 0.76 39.83 -26.27
CA ARG F 32 1.62 39.77 -25.11
C ARG F 32 2.60 38.63 -25.26
N ASP F 33 3.74 38.76 -24.60
CA ASP F 33 4.76 37.73 -24.62
C ASP F 33 4.31 36.43 -23.94
N THR F 34 3.20 36.45 -23.22
CA THR F 34 2.68 35.24 -22.58
C THR F 34 1.47 34.63 -23.29
N ASP F 35 1.01 35.27 -24.36
CA ASP F 35 -0.14 34.77 -25.10
C ASP F 35 0.21 33.51 -25.88
N ILE F 36 -0.72 32.56 -25.97
CA ILE F 36 -0.58 31.48 -26.94
C ILE F 36 -1.17 32.06 -28.24
N LEU F 37 -0.49 31.84 -29.36
CA LEU F 37 -0.93 32.39 -30.65
C LEU F 37 -1.23 31.28 -31.63
N ALA F 38 -2.34 31.37 -32.34
CA ALA F 38 -2.68 30.32 -33.28
C ALA F 38 -2.82 30.90 -34.69
N ALA F 39 -2.37 30.15 -35.67
CA ALA F 39 -2.55 30.54 -37.05
C ALA F 39 -3.48 29.50 -37.69
N PHE F 40 -4.69 29.94 -38.00
CA PHE F 40 -5.70 29.11 -38.65
C PHE F 40 -5.86 29.48 -40.11
N ARG F 41 -5.79 28.47 -40.97
CA ARG F 41 -6.15 28.62 -42.37
C ARG F 41 -7.66 28.32 -42.46
N MET F 42 -8.41 29.31 -42.90
CA MET F 42 -9.84 29.39 -42.69
C MET F 42 -10.52 29.54 -44.05
N THR F 43 -11.56 28.76 -44.29
CA THR F 43 -12.36 28.84 -45.51
C THR F 43 -13.82 29.12 -45.14
N PRO F 44 -14.26 30.38 -45.19
CA PRO F 44 -15.63 30.74 -44.77
C PRO F 44 -16.68 30.21 -45.72
N GLN F 45 -17.92 30.05 -45.24
CA GLN F 45 -19.06 29.81 -46.13
C GLN F 45 -19.32 31.09 -46.91
N PRO F 46 -19.92 31.03 -48.11
CA PRO F 46 -20.26 32.26 -48.86
C PRO F 46 -21.16 33.18 -48.04
N GLY F 47 -20.86 34.48 -48.02
CA GLY F 47 -21.64 35.44 -47.26
C GLY F 47 -21.29 35.59 -45.77
N VAL F 48 -20.27 34.84 -45.33
CA VAL F 48 -19.72 35.03 -43.99
C VAL F 48 -18.43 35.84 -44.16
N PRO F 49 -18.41 37.07 -43.66
CA PRO F 49 -17.20 37.91 -43.75
C PRO F 49 -16.05 37.26 -42.98
N PRO F 50 -14.84 37.30 -43.54
CA PRO F 50 -13.68 36.69 -42.87
C PRO F 50 -13.50 37.20 -41.41
N GLU F 51 -13.76 38.48 -41.16
CA GLU F 51 -13.65 39.05 -39.82
C GLU F 51 -14.61 38.39 -38.82
N GLU F 52 -15.83 38.12 -39.27
CA GLU F 52 -16.84 37.43 -38.46
C GLU F 52 -16.43 35.97 -38.24
N CYS F 53 -15.86 35.36 -39.27
CA CYS F 53 -15.36 33.99 -39.17
C CYS F 53 -14.22 33.84 -38.16
N GLY F 54 -13.18 34.66 -38.29
CA GLY F 54 -12.08 34.69 -37.34
C GLY F 54 -12.54 34.98 -35.91
N ALA F 55 -13.47 35.93 -35.78
CA ALA F 55 -14.01 36.25 -34.47
C ALA F 55 -14.74 35.03 -33.88
N ALA F 56 -15.52 34.33 -34.73
CA ALA F 56 -16.22 33.10 -34.31
C ALA F 56 -15.22 32.02 -33.81
N VAL F 57 -14.15 31.78 -34.56
CA VAL F 57 -13.13 30.84 -34.13
C VAL F 57 -12.52 31.26 -32.78
N ALA F 58 -12.21 32.54 -32.67
CA ALA F 58 -11.65 33.06 -31.44
C ALA F 58 -12.61 32.91 -30.27
N ALA F 59 -13.87 33.21 -30.50
CA ALA F 59 -14.86 33.21 -29.44
C ALA F 59 -15.11 31.81 -28.94
N GLU F 60 -15.32 30.87 -29.87
CA GLU F 60 -15.85 29.56 -29.51
C GLU F 60 -14.72 28.62 -29.13
N SER F 61 -13.48 29.14 -29.16
CA SER F 61 -12.34 28.41 -28.63
C SER F 61 -11.82 29.07 -27.36
N SER F 62 -12.57 30.05 -26.84
CA SER F 62 -12.12 30.69 -25.60
C SER F 62 -13.23 30.95 -24.59
N THR F 63 -14.06 31.97 -24.80
CA THR F 63 -15.07 32.30 -23.78
C THR F 63 -16.50 32.41 -24.26
N GLY F 64 -16.70 32.57 -25.57
CA GLY F 64 -18.01 32.96 -26.10
C GLY F 64 -18.86 31.82 -26.59
N THR F 65 -20.16 32.02 -26.60
CA THR F 65 -21.08 31.11 -27.27
C THR F 65 -21.98 31.92 -28.24
N TRP F 66 -23.03 31.29 -28.79
CA TRP F 66 -23.78 31.82 -29.92
C TRP F 66 -24.72 33.00 -29.58
N THR F 67 -25.02 33.20 -28.30
CA THR F 67 -25.88 34.29 -27.86
C THR F 67 -25.27 34.94 -26.59
N THR F 68 -25.70 36.15 -26.24
CA THR F 68 -25.10 36.88 -25.13
C THR F 68 -25.57 36.28 -23.81
N VAL F 69 -24.62 36.02 -22.90
CA VAL F 69 -24.96 35.46 -21.61
C VAL F 69 -24.68 36.48 -20.49
N TRP F 70 -25.54 36.47 -19.46
CA TRP F 70 -25.44 37.48 -18.41
C TRP F 70 -24.22 37.27 -17.53
N THR F 71 -23.75 36.04 -17.43
CA THR F 71 -22.66 35.75 -16.53
C THR F 71 -21.34 36.42 -16.88
N ASP F 72 -21.19 36.88 -18.14
CA ASP F 72 -20.01 37.61 -18.60
C ASP F 72 -19.65 38.77 -17.67
N GLY F 73 -20.67 39.52 -17.25
CA GLY F 73 -20.50 40.67 -16.39
C GLY F 73 -19.97 40.37 -14.98
N LEU F 74 -20.01 39.10 -14.56
CA LEU F 74 -19.44 38.72 -13.27
C LEU F 74 -17.93 38.65 -13.33
N THR F 75 -17.41 38.60 -14.54
CA THR F 75 -15.98 38.45 -14.71
C THR F 75 -15.44 39.52 -15.69
N SER F 76 -14.21 39.39 -16.15
CA SER F 76 -13.68 40.39 -17.07
C SER F 76 -13.38 39.72 -18.38
N LEU F 77 -14.27 39.92 -19.35
CA LEU F 77 -14.10 39.31 -20.65
C LEU F 77 -12.81 39.80 -21.33
N ASP F 78 -12.46 41.05 -21.08
CA ASP F 78 -11.23 41.63 -21.62
C ASP F 78 -10.00 40.82 -21.24
N ARG F 79 -9.97 40.37 -19.98
CA ARG F 79 -8.86 39.63 -19.45
C ARG F 79 -8.77 38.23 -20.07
N TYR F 80 -9.90 37.61 -20.38
CA TYR F 80 -9.92 36.18 -20.70
C TYR F 80 -10.18 35.84 -22.15
N LYS F 81 -10.88 36.71 -22.88
CA LYS F 81 -11.25 36.41 -24.24
C LYS F 81 -10.09 36.09 -25.18
N GLY F 82 -10.30 35.13 -26.06
CA GLY F 82 -9.43 34.95 -27.21
C GLY F 82 -9.72 36.05 -28.21
N ARG F 83 -8.70 36.45 -28.94
CA ARG F 83 -8.82 37.62 -29.80
C ARG F 83 -8.25 37.30 -31.16
N CYS F 84 -9.06 37.49 -32.18
CA CYS F 84 -8.56 37.44 -33.56
C CYS F 84 -8.00 38.81 -33.88
N TYR F 85 -6.67 38.89 -34.02
CA TYR F 85 -6.00 40.19 -34.05
C TYR F 85 -5.44 40.53 -35.44
N ASP F 86 -5.53 39.57 -36.37
CA ASP F 86 -5.02 39.77 -37.71
C ASP F 86 -5.58 38.72 -38.65
N ILE F 87 -5.92 39.15 -39.86
CA ILE F 87 -6.41 38.29 -40.93
C ILE F 87 -5.73 38.66 -42.27
N GLU F 88 -4.92 37.73 -42.79
CA GLU F 88 -4.25 37.88 -44.08
C GLU F 88 -5.00 37.03 -45.08
N PRO F 89 -5.17 37.50 -46.32
CA PRO F 89 -5.67 36.63 -47.38
C PRO F 89 -4.52 35.73 -47.81
N VAL F 90 -4.86 34.56 -48.34
CA VAL F 90 -3.85 33.62 -48.83
C VAL F 90 -3.60 33.87 -50.32
N PRO F 91 -2.32 34.03 -50.69
CA PRO F 91 -1.91 34.22 -52.10
C PRO F 91 -2.44 33.13 -53.05
N GLY F 92 -3.22 33.55 -54.03
CA GLY F 92 -3.74 32.67 -55.07
C GLY F 92 -4.92 31.79 -54.65
N GLU F 93 -5.71 32.28 -53.69
CA GLU F 93 -6.93 31.62 -53.24
C GLU F 93 -7.98 32.70 -53.05
N ASP F 94 -9.17 32.46 -53.56
CA ASP F 94 -10.20 33.48 -53.47
C ASP F 94 -10.91 33.45 -52.12
N ASN F 95 -10.92 32.28 -51.49
CA ASN F 95 -11.71 32.10 -50.27
C ASN F 95 -10.95 31.46 -49.08
N GLN F 96 -9.66 31.75 -49.00
CA GLN F 96 -8.85 31.27 -47.90
C GLN F 96 -8.14 32.41 -47.18
N TYR F 97 -8.08 32.31 -45.85
CA TYR F 97 -7.46 33.34 -45.02
C TYR F 97 -6.66 32.73 -43.90
N ILE F 98 -5.62 33.41 -43.47
CA ILE F 98 -4.97 33.04 -42.25
C ILE F 98 -5.44 33.99 -41.20
N ALA F 99 -6.17 33.46 -40.23
CA ALA F 99 -6.62 34.23 -39.09
C ALA F 99 -5.68 33.93 -37.93
N TYR F 100 -5.22 34.99 -37.26
CA TYR F 100 -4.36 34.89 -36.10
C TYR F 100 -5.14 35.17 -34.82
N VAL F 101 -5.04 34.27 -33.84
CA VAL F 101 -5.84 34.37 -32.63
C VAL F 101 -4.90 34.33 -31.46
N ALA F 102 -5.04 35.27 -30.53
CA ALA F 102 -4.23 35.29 -29.33
C ALA F 102 -5.05 34.83 -28.12
N TYR F 103 -4.47 33.93 -27.33
CA TYR F 103 -5.14 33.41 -26.14
C TYR F 103 -4.32 33.75 -24.93
N ILE F 105 -2.62 33.39 -21.36
CA ILE F 105 -2.10 32.23 -20.65
C ILE F 105 -3.04 31.69 -19.55
N ASP F 106 -3.91 32.52 -18.99
CA ASP F 106 -4.84 32.07 -17.95
C ASP F 106 -5.83 31.02 -18.39
N LEU F 107 -6.01 30.87 -19.68
CA LEU F 107 -7.00 29.96 -20.22
C LEU F 107 -6.60 28.52 -20.11
N PHE F 108 -5.31 28.27 -19.87
CA PHE F 108 -4.80 26.93 -20.01
C PHE F 108 -4.36 26.27 -18.72
N GLU F 109 -4.55 24.96 -18.64
CA GLU F 109 -4.08 24.20 -17.50
C GLU F 109 -2.59 23.94 -17.67
N GLU F 110 -1.84 24.24 -16.63
CA GLU F 110 -0.38 24.09 -16.62
C GLU F 110 0.00 22.64 -16.88
N GLY F 111 0.91 22.40 -17.82
CA GLY F 111 1.43 21.07 -18.11
C GLY F 111 0.47 20.08 -18.79
N SER F 112 -0.67 20.56 -19.30
CA SER F 112 -1.65 19.73 -20.01
C SER F 112 -1.81 20.05 -21.52
N VAL F 113 -1.21 19.21 -22.38
CA VAL F 113 -1.40 19.34 -23.81
C VAL F 113 -2.85 19.07 -24.13
N THR F 114 -3.46 18.18 -23.35
CA THR F 114 -4.86 17.82 -23.52
C THR F 114 -5.75 19.06 -23.43
N ASN F 115 -5.47 19.91 -22.45
CA ASN F 115 -6.32 21.09 -22.26
C ASN F 115 -6.09 22.13 -23.35
N MET F 116 -4.84 22.28 -23.77
CA MET F 116 -4.54 23.18 -24.87
C MET F 116 -5.32 22.82 -26.13
N PHE F 117 -5.23 21.57 -26.56
CA PHE F 117 -5.95 21.09 -27.74
C PHE F 117 -7.46 21.23 -27.58
N THR F 118 -7.96 20.88 -26.40
CA THR F 118 -9.37 20.95 -26.14
C THR F 118 -9.93 22.33 -26.39
N SER F 119 -9.19 23.36 -26.01
CA SER F 119 -9.59 24.75 -26.25
C SER F 119 -9.43 25.12 -27.74
N ILE F 120 -8.21 25.02 -28.24
CA ILE F 120 -7.87 25.58 -29.52
C ILE F 120 -8.48 24.78 -30.66
N VAL F 121 -8.61 23.46 -30.49
CA VAL F 121 -9.14 22.66 -31.59
C VAL F 121 -10.43 21.90 -31.26
N GLY F 122 -11.04 22.27 -30.13
CA GLY F 122 -12.14 21.52 -29.57
C GLY F 122 -13.42 21.47 -30.38
N ASN F 123 -14.02 22.63 -30.59
CA ASN F 123 -15.29 22.69 -31.31
C ASN F 123 -15.29 23.40 -32.67
N VAL F 124 -14.33 24.29 -32.90
CA VAL F 124 -14.43 25.27 -33.99
C VAL F 124 -14.43 24.62 -35.37
N PHE F 125 -13.73 23.50 -35.51
CA PHE F 125 -13.62 22.81 -36.80
C PHE F 125 -14.95 22.30 -37.35
N GLY F 126 -15.98 22.25 -36.50
CA GLY F 126 -17.26 21.74 -36.92
C GLY F 126 -18.31 22.81 -37.19
N PHE F 127 -17.94 24.08 -37.01
CA PHE F 127 -18.88 25.17 -37.22
C PHE F 127 -19.49 25.17 -38.61
N LYS F 128 -20.81 25.33 -38.66
CA LYS F 128 -21.55 25.41 -39.92
C LYS F 128 -21.06 26.54 -40.82
N ALA F 129 -20.71 27.66 -40.20
CA ALA F 129 -20.29 28.89 -40.90
C ALA F 129 -18.97 28.77 -41.62
N LEU F 130 -18.20 27.72 -41.36
CA LEU F 130 -17.00 27.54 -42.17
C LEU F 130 -17.00 26.24 -42.90
N ARG F 131 -16.37 26.22 -44.08
CA ARG F 131 -16.32 25.03 -44.93
C ARG F 131 -15.10 24.17 -44.63
N ALA F 132 -14.04 24.79 -44.12
CA ALA F 132 -12.82 24.09 -43.81
C ALA F 132 -11.96 24.96 -42.91
N LEU F 133 -11.17 24.29 -42.08
CA LEU F 133 -10.30 24.95 -41.10
C LEU F 133 -9.08 24.09 -40.85
N ARG F 134 -7.92 24.73 -40.77
CA ARG F 134 -6.66 24.07 -40.53
C ARG F 134 -5.83 24.89 -39.58
N LEU F 135 -5.40 24.26 -38.49
CA LEU F 135 -4.46 24.91 -37.59
C LEU F 135 -3.06 24.64 -38.14
N GLU F 136 -2.36 25.71 -38.52
CA GLU F 136 -1.06 25.62 -39.18
C GLU F 136 0.06 25.72 -38.18
N ASP F 137 -0.09 26.57 -37.17
CA ASP F 137 1.02 26.77 -36.23
C ASP F 137 0.50 27.28 -34.89
N LEU F 138 1.28 27.04 -33.82
CA LEU F 138 1.02 27.63 -32.50
C LEU F 138 2.26 28.31 -31.97
N ARG F 139 2.12 29.47 -31.36
CA ARG F 139 3.25 30.01 -30.63
C ARG F 139 3.05 29.71 -29.15
N ILE F 140 3.80 28.73 -28.62
CA ILE F 140 3.81 28.40 -27.21
C ILE F 140 4.84 29.32 -26.53
N PRO F 141 4.41 30.24 -25.67
CA PRO F 141 5.32 31.17 -25.02
C PRO F 141 6.14 30.42 -23.93
N PRO F 142 7.36 30.86 -23.64
CA PRO F 142 8.19 30.31 -22.55
C PRO F 142 7.44 30.14 -21.21
N ALA F 143 6.59 31.10 -20.84
CA ALA F 143 5.90 30.99 -19.57
C ALA F 143 4.96 29.74 -19.52
N TYR F 144 4.36 29.37 -20.66
CA TYR F 144 3.59 28.13 -20.68
C TYR F 144 4.50 26.91 -20.79
N VAL F 145 5.53 26.98 -21.63
CA VAL F 145 6.48 25.88 -21.86
C VAL F 145 7.05 25.35 -20.54
N LYS F 146 7.43 26.26 -19.66
CA LYS F 146 8.03 25.95 -18.40
C LYS F 146 7.13 25.15 -17.48
N THR F 147 5.81 25.13 -17.75
CA THR F 147 4.90 24.33 -16.88
C THR F 147 4.89 22.83 -17.24
N PHE F 148 5.59 22.46 -18.30
CA PHE F 148 5.61 21.06 -18.74
C PHE F 148 6.86 20.34 -18.32
N VAL F 149 6.71 19.07 -17.96
CA VAL F 149 7.90 18.24 -17.66
C VAL F 149 8.74 18.07 -18.95
N GLY F 150 8.06 17.97 -20.09
CA GLY F 150 8.76 17.87 -21.37
C GLY F 150 9.40 16.52 -21.52
N PRO F 152 11.50 13.13 -21.45
CA PRO F 152 12.17 12.46 -20.32
C PRO F 152 13.69 12.67 -20.36
N HIS F 153 14.31 12.72 -21.53
CA HIS F 153 15.77 12.88 -21.63
C HIS F 153 16.18 13.93 -22.69
N GLY F 154 15.75 13.70 -23.93
CA GLY F 154 16.16 14.58 -25.02
C GLY F 154 17.48 14.14 -25.62
N ILE F 155 17.78 14.67 -26.82
CA ILE F 155 18.90 14.24 -27.65
C ILE F 155 20.23 14.04 -26.94
N GLN F 156 20.74 15.10 -26.31
CA GLN F 156 22.07 15.07 -25.69
C GLN F 156 22.14 13.97 -24.62
N VAL F 157 21.20 13.95 -23.68
CA VAL F 157 21.22 12.98 -22.60
C VAL F 157 21.11 11.58 -23.17
N GLU F 158 20.32 11.44 -24.24
CA GLU F 158 20.18 10.15 -24.92
C GLU F 158 21.51 9.65 -25.51
N ARG F 159 22.24 10.50 -26.22
CA ARG F 159 23.55 10.13 -26.74
C ARG F 159 24.47 9.77 -25.61
N ASP F 160 24.40 10.53 -24.54
CA ASP F 160 25.24 10.26 -23.39
C ASP F 160 24.92 8.93 -22.75
N LYS F 161 23.64 8.56 -22.63
CA LYS F 161 23.28 7.25 -22.06
C LYS F 161 23.75 6.10 -22.93
N LEU F 162 23.56 6.21 -24.24
CA LEU F 162 23.90 5.11 -25.13
C LEU F 162 25.38 5.08 -25.51
N ASN F 163 26.09 6.17 -25.26
CA ASN F 163 27.50 6.27 -25.63
C ASN F 163 27.68 6.24 -27.15
N LYS F 164 26.80 6.95 -27.86
CA LYS F 164 26.79 6.94 -29.31
C LYS F 164 26.88 8.36 -29.86
N TYR F 165 27.97 8.62 -30.58
CA TYR F 165 28.26 9.95 -31.04
C TYR F 165 28.78 9.97 -32.46
N GLY F 166 28.47 11.05 -33.16
CA GLY F 166 29.16 11.36 -34.41
C GLY F 166 28.53 10.80 -35.66
N ARG F 167 27.37 10.16 -35.50
CA ARG F 167 26.60 9.68 -36.64
C ARG F 167 25.12 9.57 -36.29
N GLY F 168 24.28 9.44 -37.31
CA GLY F 168 22.88 9.10 -37.12
C GLY F 168 22.76 7.75 -36.42
N LEU F 169 21.69 7.55 -35.65
CA LEU F 169 21.38 6.22 -35.10
C LEU F 169 20.65 5.37 -36.15
N LEU F 170 20.84 4.05 -36.07
CA LEU F 170 20.22 3.12 -37.02
C LEU F 170 19.25 2.19 -36.35
N GLY F 171 18.07 2.13 -36.93
CA GLY F 171 17.04 1.28 -36.41
C GLY F 171 16.38 0.45 -37.47
N CYS F 172 15.36 -0.29 -37.07
CA CYS F 172 14.69 -1.23 -37.94
C CYS F 172 13.45 -1.81 -37.26
N THR F 173 12.32 -1.74 -37.95
CA THR F 173 11.11 -2.42 -37.51
C THR F 173 11.09 -3.89 -37.94
N ILE F 174 10.84 -4.79 -37.00
CA ILE F 174 10.54 -6.17 -37.32
C ILE F 174 9.31 -6.31 -38.18
N LYS F 175 9.36 -7.22 -39.16
CA LYS F 175 8.29 -7.53 -40.09
C LYS F 175 8.21 -9.05 -40.22
N PRO F 176 7.07 -9.62 -40.62
CA PRO F 176 5.82 -8.91 -40.93
C PRO F 176 5.31 -8.12 -39.73
N LYS F 177 4.52 -7.10 -39.99
CA LYS F 177 4.00 -6.24 -38.91
C LYS F 177 3.42 -7.11 -37.79
N LEU F 178 2.53 -8.04 -38.16
CA LEU F 178 1.84 -8.88 -37.21
C LEU F 178 2.01 -10.32 -37.67
N GLY F 179 1.91 -11.27 -36.73
CA GLY F 179 1.92 -12.65 -37.10
C GLY F 179 3.14 -13.43 -36.66
N LEU F 180 4.19 -12.77 -36.18
CA LEU F 180 5.36 -13.53 -35.69
C LEU F 180 5.17 -13.90 -34.22
N SER F 181 5.67 -15.06 -33.82
CA SER F 181 5.63 -15.50 -32.42
C SER F 181 6.71 -14.75 -31.63
N ALA F 182 6.63 -14.84 -30.30
CA ALA F 182 7.58 -14.16 -29.46
C ALA F 182 9.01 -14.63 -29.72
N LYS F 183 9.18 -15.95 -29.81
CA LYS F 183 10.52 -16.53 -29.99
C LYS F 183 11.09 -16.10 -31.36
N ASN F 184 10.25 -16.09 -32.39
CA ASN F 184 10.71 -15.60 -33.70
C ASN F 184 11.01 -14.13 -33.71
N TYR F 185 10.24 -13.36 -32.96
CA TYR F 185 10.53 -11.94 -32.81
C TYR F 185 11.93 -11.70 -32.26
N GLY F 186 12.29 -12.37 -31.16
CA GLY F 186 13.61 -12.28 -30.58
C GLY F 186 14.72 -12.77 -31.49
N ARG F 187 14.53 -13.91 -32.12
CA ARG F 187 15.42 -14.40 -33.16
C ARG F 187 15.72 -13.33 -34.23
N ALA F 188 14.67 -12.72 -34.80
CA ALA F 188 14.86 -11.64 -35.79
C ALA F 188 15.64 -10.47 -35.19
N VAL F 189 15.33 -10.13 -33.95
CA VAL F 189 15.91 -8.97 -33.29
C VAL F 189 17.41 -9.17 -33.12
N TYR F 190 17.80 -10.34 -32.66
CA TYR F 190 19.19 -10.63 -32.41
C TYR F 190 19.99 -10.52 -33.71
N GLU F 191 19.45 -11.08 -34.77
CA GLU F 191 20.14 -11.07 -36.05
C GLU F 191 20.30 -9.64 -36.58
N CYS F 192 19.26 -8.81 -36.47
CA CYS F 192 19.37 -7.39 -36.81
C CYS F 192 20.42 -6.65 -36.00
N LEU F 193 20.38 -6.79 -34.69
CA LEU F 193 21.24 -6.02 -33.80
C LEU F 193 22.71 -6.42 -33.96
N ARG F 194 22.98 -7.69 -34.17
CA ARG F 194 24.36 -8.15 -34.25
C ARG F 194 25.07 -7.72 -35.55
N GLY F 195 24.30 -7.30 -36.55
CA GLY F 195 24.87 -6.95 -37.84
C GLY F 195 25.30 -5.51 -37.87
N GLY F 196 24.90 -4.72 -36.89
CA GLY F 196 25.34 -3.33 -36.85
C GLY F 196 24.26 -2.30 -36.56
N LEU F 197 23.01 -2.69 -36.41
CA LEU F 197 21.98 -1.68 -36.03
C LEU F 197 22.07 -1.37 -34.53
N ASP F 198 21.71 -0.15 -34.14
CA ASP F 198 21.64 0.25 -32.74
C ASP F 198 20.35 -0.20 -32.09
N PHE F 199 19.25 -0.12 -32.85
CA PHE F 199 17.90 -0.39 -32.35
C PHE F 199 17.08 -1.25 -33.28
N THR F 200 16.24 -2.10 -32.71
CA THR F 200 15.10 -2.63 -33.44
C THR F 200 13.83 -2.12 -32.75
N ASP F 202 9.29 -2.88 -32.07
CA ASP F 202 7.97 -3.40 -32.28
C ASP F 202 7.32 -2.50 -33.32
N ASP F 203 6.57 -3.10 -34.26
CA ASP F 203 5.73 -2.30 -35.12
C ASP F 203 4.71 -1.56 -34.26
N GLU F 204 4.21 -0.45 -34.77
CA GLU F 204 3.30 0.38 -33.99
C GLU F 204 2.07 -0.40 -33.50
N ASN F 205 1.64 -1.39 -34.28
CA ASN F 205 0.42 -2.11 -33.93
C ASN F 205 0.68 -3.44 -33.21
N VAL F 206 1.95 -3.72 -32.95
CA VAL F 206 2.32 -4.89 -32.14
C VAL F 206 2.13 -4.52 -30.71
N ASN F 207 1.09 -5.01 -30.07
CA ASN F 207 0.87 -4.67 -28.67
C ASN F 207 0.87 -5.97 -27.86
N SER F 208 -0.30 -6.60 -27.72
CA SER F 208 -0.40 -7.97 -27.19
C SER F 208 -1.54 -8.64 -27.88
N GLN F 209 -1.29 -9.78 -28.49
CA GLN F 209 -2.27 -10.36 -29.38
C GLN F 209 -2.21 -11.88 -29.26
N PRO F 210 -3.26 -12.60 -29.69
CA PRO F 210 -3.25 -14.06 -29.73
C PRO F 210 -1.97 -14.73 -30.27
N PHE F 211 -1.44 -14.27 -31.42
CA PHE F 211 -0.21 -14.86 -31.97
C PHE F 211 1.02 -14.59 -31.10
N MET F 212 1.00 -13.51 -30.32
CA MET F 212 2.15 -13.13 -29.49
C MET F 212 1.76 -12.21 -28.31
N ARG F 213 1.78 -12.75 -27.09
CA ARG F 213 1.52 -11.96 -25.91
C ARG F 213 2.70 -11.09 -25.53
N TRP F 214 2.43 -9.91 -24.95
CA TRP F 214 3.48 -8.87 -24.80
C TRP F 214 4.61 -9.34 -23.90
N ARG F 215 4.28 -9.98 -22.77
CA ARG F 215 5.32 -10.33 -21.82
C ARG F 215 6.30 -11.38 -22.34
N ASP F 216 5.80 -12.41 -22.99
CA ASP F 216 6.65 -13.33 -23.74
C ASP F 216 7.57 -12.56 -24.72
N ARG F 217 7.05 -11.57 -25.45
CA ARG F 217 7.89 -10.84 -26.38
C ARG F 217 8.99 -10.08 -25.65
N PHE F 218 8.63 -9.32 -24.63
CA PHE F 218 9.60 -8.57 -23.83
C PHE F 218 10.76 -9.44 -23.33
N LEU F 219 10.46 -10.66 -22.88
CA LEU F 219 11.50 -11.51 -22.32
C LEU F 219 12.46 -12.02 -23.40
N PHE F 220 11.90 -12.46 -24.52
CA PHE F 220 12.71 -12.90 -25.64
C PHE F 220 13.50 -11.76 -26.29
N VAL F 221 12.91 -10.57 -26.33
CA VAL F 221 13.63 -9.46 -26.92
C VAL F 221 14.79 -9.06 -26.03
N ALA F 222 14.57 -9.06 -24.72
CA ALA F 222 15.65 -8.84 -23.77
C ALA F 222 16.83 -9.82 -23.96
N GLU F 223 16.55 -11.11 -24.06
CA GLU F 223 17.62 -12.09 -24.34
C GLU F 223 18.38 -11.70 -25.62
N ALA F 224 17.64 -11.33 -26.65
CA ALA F 224 18.24 -10.95 -27.92
C ALA F 224 19.09 -9.67 -27.80
N ILE F 225 18.59 -8.65 -27.08
CA ILE F 225 19.37 -7.41 -26.88
C ILE F 225 20.72 -7.70 -26.24
N TYR F 226 20.71 -8.42 -25.13
CA TYR F 226 21.91 -8.73 -24.36
C TYR F 226 22.88 -9.62 -25.09
N LYS F 227 22.38 -10.59 -25.85
CA LYS F 227 23.28 -11.40 -26.67
C LYS F 227 23.97 -10.54 -27.75
N ALA F 228 23.22 -9.68 -28.44
CA ALA F 228 23.83 -8.93 -29.55
C ALA F 228 24.77 -7.88 -28.98
N GLN F 229 24.45 -7.38 -27.80
CA GLN F 229 25.33 -6.44 -27.15
C GLN F 229 26.66 -7.06 -26.71
N ALA F 230 26.64 -8.31 -26.24
CA ALA F 230 27.86 -8.96 -25.78
C ALA F 230 28.70 -9.35 -27.00
N GLU F 231 28.04 -9.68 -28.09
CA GLU F 231 28.72 -10.08 -29.31
C GLU F 231 29.41 -8.91 -29.99
N THR F 232 28.79 -7.73 -29.98
CA THR F 232 29.35 -6.58 -30.72
C THR F 232 30.19 -5.62 -29.89
N GLY F 233 29.91 -5.54 -28.59
CA GLY F 233 30.55 -4.56 -27.74
C GLY F 233 29.92 -3.15 -27.78
N GLU F 234 28.81 -2.98 -28.53
CA GLU F 234 28.10 -1.71 -28.64
C GLU F 234 26.74 -1.82 -27.90
N VAL F 235 26.30 -0.74 -27.27
CA VAL F 235 25.02 -0.71 -26.59
C VAL F 235 23.92 -0.93 -27.62
N LYS F 236 22.99 -1.81 -27.27
CA LYS F 236 21.89 -2.14 -28.14
C LYS F 236 20.55 -1.91 -27.44
N GLY F 237 19.51 -1.64 -28.23
CA GLY F 237 18.16 -1.48 -27.71
C GLY F 237 17.09 -2.01 -28.62
N HIS F 238 15.86 -2.13 -28.12
CA HIS F 238 14.71 -2.45 -28.95
C HIS F 238 13.51 -1.73 -28.37
N TYR F 239 12.83 -0.91 -29.16
CA TYR F 239 11.72 -0.16 -28.60
C TYR F 239 10.52 -1.06 -28.32
N LEU F 240 10.41 -1.53 -27.08
CA LEU F 240 9.32 -2.39 -26.70
C LEU F 240 8.07 -1.52 -26.66
N ASN F 241 6.96 -1.98 -27.20
CA ASN F 241 5.79 -1.15 -27.26
C ASN F 241 4.96 -1.18 -25.99
N ALA F 242 4.78 -0.02 -25.36
CA ALA F 242 3.93 0.07 -24.18
C ALA F 242 2.48 0.49 -24.48
N THR F 243 2.18 0.81 -25.74
CA THR F 243 0.82 1.20 -26.14
C THR F 243 -0.15 0.14 -25.70
N ALA F 244 -1.24 0.54 -25.06
CA ALA F 244 -2.20 -0.43 -24.51
C ALA F 244 -3.62 0.11 -24.44
N GLY F 245 -4.55 -0.75 -24.10
CA GLY F 245 -5.93 -0.32 -23.97
C GLY F 245 -6.26 0.54 -22.76
N THR F 246 -5.55 0.33 -21.65
CA THR F 246 -5.78 1.11 -20.44
C THR F 246 -4.46 1.63 -19.88
N CYS F 247 -4.52 2.66 -19.05
CA CYS F 247 -3.31 3.23 -18.40
C CYS F 247 -2.61 2.18 -17.53
N GLU F 248 -3.40 1.36 -16.85
CA GLU F 248 -2.89 0.34 -15.97
C GLU F 248 -2.10 -0.67 -16.78
N GLU F 249 -2.62 -1.07 -17.94
CA GLU F 249 -1.90 -2.03 -18.78
C GLU F 249 -0.64 -1.37 -19.35
N MET F 250 -0.78 -0.14 -19.81
CA MET F 250 0.39 0.62 -20.27
C MET F 250 1.50 0.59 -19.23
N MET F 251 1.17 0.96 -18.00
CA MET F 251 2.16 1.03 -16.92
C MET F 251 2.81 -0.30 -16.61
N LYS F 252 2.02 -1.37 -16.62
CA LYS F 252 2.54 -2.71 -16.41
C LYS F 252 3.69 -3.06 -17.40
N ARG F 253 3.54 -2.59 -18.62
CA ARG F 253 4.47 -2.87 -19.69
C ARG F 253 5.76 -2.07 -19.47
N ALA F 254 5.60 -0.79 -19.15
CA ALA F 254 6.75 0.04 -18.82
C ALA F 254 7.50 -0.54 -17.63
N VAL F 255 6.79 -0.90 -16.55
CA VAL F 255 7.41 -1.49 -15.37
C VAL F 255 8.19 -2.79 -15.69
N ALA F 257 9.53 -3.54 -18.65
CA ALA F 257 10.71 -3.07 -19.38
C ALA F 257 11.81 -2.58 -18.43
N LYS F 258 11.43 -1.77 -17.44
CA LYS F 258 12.36 -1.34 -16.39
C LYS F 258 13.01 -2.54 -15.64
N GLU F 259 12.24 -3.54 -15.27
CA GLU F 259 12.76 -4.68 -14.52
C GLU F 259 13.78 -5.40 -15.37
N LEU F 260 13.61 -5.32 -16.68
CA LEU F 260 14.51 -6.04 -17.59
C LEU F 260 15.80 -5.29 -17.85
N GLY F 261 15.86 -4.04 -17.41
CA GLY F 261 17.05 -3.22 -17.57
C GLY F 261 17.25 -2.65 -19.00
N VAL F 262 16.25 -2.80 -19.88
CA VAL F 262 16.39 -2.39 -21.28
C VAL F 262 16.37 -0.86 -21.38
N PRO F 263 17.02 -0.28 -22.39
CA PRO F 263 17.18 1.17 -22.39
C PRO F 263 15.96 1.97 -22.86
N ILE F 264 15.08 1.39 -23.68
CA ILE F 264 14.11 2.21 -24.41
C ILE F 264 12.74 1.51 -24.64
N ILE F 265 11.65 2.25 -24.49
CA ILE F 265 10.33 1.72 -24.84
C ILE F 265 9.67 2.66 -25.86
N MET F 266 8.53 2.26 -26.41
CA MET F 266 7.83 3.13 -27.35
C MET F 266 6.34 3.31 -27.04
N HIS F 267 5.74 4.34 -27.63
CA HIS F 267 4.35 4.68 -27.38
C HIS F 267 3.78 5.38 -28.62
N ASP F 268 2.55 5.03 -28.99
CA ASP F 268 1.84 5.67 -30.08
C ASP F 268 1.03 6.77 -29.46
N TYR F 269 1.63 7.96 -29.36
CA TYR F 269 0.97 9.04 -28.63
C TYR F 269 -0.40 9.52 -29.13
N LEU F 270 -0.72 9.35 -30.40
CA LEU F 270 -2.03 9.82 -30.89
C LEU F 270 -3.15 8.81 -30.70
N THR F 271 -2.85 7.51 -30.88
CA THR F 271 -3.89 6.48 -30.71
C THR F 271 -4.00 6.08 -29.24
N GLY F 272 -2.91 6.22 -28.49
CA GLY F 272 -2.96 6.05 -27.05
C GLY F 272 -3.55 7.30 -26.41
N GLY F 273 -3.11 8.47 -26.88
CA GLY F 273 -3.59 9.72 -26.34
C GLY F 273 -2.62 10.54 -25.51
N PHE F 274 -2.85 11.85 -25.49
CA PHE F 274 -1.98 12.76 -24.77
C PHE F 274 -1.97 12.52 -23.26
N THR F 275 -3.10 12.11 -22.68
CA THR F 275 -3.17 11.95 -21.23
C THR F 275 -2.29 10.77 -20.85
N ALA F 276 -2.49 9.64 -21.52
CA ALA F 276 -1.63 8.46 -21.40
C ALA F 276 -0.18 8.76 -21.69
N ASN F 277 0.09 9.50 -22.77
CA ASN F 277 1.46 9.78 -23.17
C ASN F 277 2.27 10.57 -22.15
N THR F 278 1.68 11.65 -21.65
CA THR F 278 2.28 12.47 -20.62
C THR F 278 2.59 11.64 -19.37
N SER F 279 1.64 10.80 -18.94
CA SER F 279 1.86 9.94 -17.80
C SER F 279 3.07 9.08 -18.04
N LEU F 280 3.15 8.49 -19.22
CA LEU F 280 4.23 7.57 -19.53
C LEU F 280 5.58 8.33 -19.59
N ALA F 281 5.57 9.54 -20.12
CA ALA F 281 6.78 10.33 -20.17
C ALA F 281 7.32 10.65 -18.78
N ILE F 282 6.43 10.92 -17.84
CA ILE F 282 6.80 11.16 -16.46
C ILE F 282 7.38 9.89 -15.81
N TYR F 283 6.75 8.74 -16.05
CA TYR F 283 7.30 7.47 -15.61
C TYR F 283 8.70 7.22 -16.14
N CYS F 284 8.92 7.55 -17.42
CA CYS F 284 10.20 7.35 -18.06
C CYS F 284 11.30 8.23 -17.47
N ARG F 285 10.97 9.48 -17.23
CA ARG F 285 11.86 10.40 -16.54
C ARG F 285 12.25 9.85 -15.15
N ASP F 286 11.29 9.31 -14.41
CA ASP F 286 11.52 8.87 -13.04
C ASP F 286 12.24 7.56 -12.96
N ASN F 287 12.37 6.87 -14.10
CA ASN F 287 12.95 5.55 -14.12
C ASN F 287 14.09 5.36 -15.16
N GLY F 288 14.49 6.47 -15.77
CA GLY F 288 15.56 6.48 -16.74
C GLY F 288 15.35 5.68 -18.02
N LEU F 289 14.11 5.44 -18.40
CA LEU F 289 13.82 4.80 -19.65
C LEU F 289 13.73 5.85 -20.78
N LEU F 290 14.36 5.61 -21.89
CA LEU F 290 14.15 6.43 -23.07
C LEU F 290 12.80 6.11 -23.69
N LEU F 291 12.17 7.13 -24.27
CA LEU F 291 10.83 7.00 -24.80
C LEU F 291 10.77 7.37 -26.28
N HIS F 292 10.55 6.35 -27.11
CA HIS F 292 10.39 6.50 -28.56
C HIS F 292 8.92 6.75 -28.91
N ILE F 293 8.64 7.74 -29.75
CA ILE F 293 7.25 8.08 -30.05
C ILE F 293 6.92 7.86 -31.50
N HIS F 294 5.94 6.97 -31.70
CA HIS F 294 5.38 6.69 -33.01
C HIS F 294 4.13 7.55 -33.21
N ARG F 295 3.98 8.10 -34.41
CA ARG F 295 2.96 9.09 -34.66
C ARG F 295 1.76 8.53 -35.41
N ALA F 296 1.53 7.22 -35.27
CA ALA F 296 0.40 6.55 -35.92
C ALA F 296 -0.88 7.38 -35.82
N MET F 297 -1.51 7.55 -36.99
CA MET F 297 -2.77 8.28 -37.13
C MET F 297 -2.58 9.76 -37.48
N HIS F 298 -1.35 10.26 -37.43
CA HIS F 298 -1.16 11.68 -37.66
C HIS F 298 -1.73 12.10 -39.05
N ALA F 299 -1.61 11.21 -40.04
CA ALA F 299 -2.00 11.56 -41.42
C ALA F 299 -3.52 11.64 -41.58
N VAL F 300 -4.24 11.12 -40.60
CA VAL F 300 -5.70 11.31 -40.59
C VAL F 300 -6.03 12.80 -40.35
N ILE F 301 -5.19 13.45 -39.56
CA ILE F 301 -5.36 14.84 -39.10
C ILE F 301 -4.61 15.83 -39.99
N ASP F 302 -3.48 15.39 -40.54
CA ASP F 302 -2.51 16.34 -41.08
C ASP F 302 -2.16 16.29 -42.57
N ARG F 303 -2.77 15.39 -43.32
CA ARG F 303 -2.44 15.23 -44.72
C ARG F 303 -2.93 16.39 -45.65
N GLN F 304 -4.19 16.78 -45.50
CA GLN F 304 -4.81 17.76 -46.39
C GLN F 304 -4.49 19.21 -46.04
N ARG F 305 -4.31 20.01 -47.07
CA ARG F 305 -3.89 21.39 -47.00
C ARG F 305 -4.98 22.33 -46.47
N ASN F 306 -6.26 21.99 -46.74
CA ASN F 306 -7.39 22.85 -46.40
C ASN F 306 -7.99 22.62 -45.00
N HIS F 307 -7.74 21.45 -44.41
CA HIS F 307 -8.43 21.07 -43.19
C HIS F 307 -7.63 20.13 -42.31
N GLY F 308 -7.68 20.38 -40.99
CA GLY F 308 -7.03 19.55 -39.99
C GLY F 308 -6.00 20.34 -39.19
N ILE F 309 -4.91 19.66 -38.80
CA ILE F 309 -3.85 20.29 -37.99
C ILE F 309 -2.56 19.85 -38.61
N HIS F 310 -1.68 20.81 -38.87
CA HIS F 310 -0.41 20.47 -39.49
C HIS F 310 0.46 19.66 -38.54
N PHE F 311 1.26 18.76 -39.07
CA PHE F 311 2.09 17.96 -38.21
C PHE F 311 2.99 18.80 -37.32
N ARG F 312 3.48 19.93 -37.82
CA ARG F 312 4.33 20.76 -36.95
C ARG F 312 3.69 21.13 -35.62
N VAL F 313 2.37 21.27 -35.58
CA VAL F 313 1.67 21.51 -34.30
C VAL F 313 1.63 20.23 -33.44
N LEU F 314 1.31 19.08 -34.06
CA LEU F 314 1.38 17.77 -33.40
C LEU F 314 2.77 17.46 -32.90
N ALA F 315 3.79 17.97 -33.59
CA ALA F 315 5.16 17.78 -33.16
C ALA F 315 5.45 18.64 -31.94
N LYS F 316 5.03 19.90 -31.99
CA LYS F 316 5.25 20.82 -30.86
C LYS F 316 4.57 20.22 -29.61
N ALA F 317 3.36 19.70 -29.80
CA ALA F 317 2.58 19.16 -28.70
C ALA F 317 3.27 17.93 -28.11
N LEU F 318 3.79 17.06 -28.96
CA LEU F 318 4.55 15.92 -28.48
C LEU F 318 5.77 16.37 -27.69
N ARG F 319 6.49 17.38 -28.19
CA ARG F 319 7.64 17.91 -27.42
C ARG F 319 7.25 18.33 -26.03
N MET F 320 6.09 18.98 -25.88
CA MET F 320 5.62 19.40 -24.58
C MET F 320 5.19 18.21 -23.69
N SER F 321 4.42 17.30 -24.28
CA SER F 321 3.86 16.15 -23.57
C SER F 321 4.96 15.18 -23.14
N GLY F 322 5.94 14.97 -24.04
CA GLY F 322 7.15 14.28 -23.68
C GLY F 322 7.48 13.12 -24.58
N GLY F 323 8.65 13.14 -25.21
CA GLY F 323 9.16 12.04 -26.01
C GLY F 323 10.63 12.26 -26.31
N ASP F 324 11.44 11.23 -26.22
CA ASP F 324 12.85 11.33 -26.64
C ASP F 324 13.04 11.24 -28.18
N HIS F 325 12.25 10.39 -28.83
CA HIS F 325 12.23 10.27 -30.29
C HIS F 325 10.84 10.59 -30.80
N LEU F 326 10.76 11.13 -32.02
CA LEU F 326 9.50 11.27 -32.71
C LEU F 326 9.71 11.12 -34.22
N HIS F 327 8.89 10.27 -34.83
CA HIS F 327 8.94 10.05 -36.29
C HIS F 327 8.66 11.35 -37.01
N SER F 328 9.45 11.64 -38.03
CA SER F 328 9.41 12.93 -38.68
C SER F 328 9.17 12.83 -40.18
N GLY F 329 9.04 11.60 -40.69
CA GLY F 329 8.97 11.37 -42.14
C GLY F 329 10.36 11.26 -42.75
N THR F 330 10.46 10.88 -44.01
CA THR F 330 11.75 10.61 -44.67
C THR F 330 11.98 11.51 -45.85
N VAL F 331 10.94 12.21 -46.29
CA VAL F 331 10.96 12.96 -47.54
C VAL F 331 11.01 12.09 -48.80
N VAL F 332 11.93 11.13 -48.81
CA VAL F 332 12.16 10.31 -50.00
C VAL F 332 11.52 8.92 -49.99
N GLY F 333 10.82 8.59 -48.92
CA GLY F 333 10.32 7.21 -48.77
C GLY F 333 8.88 7.04 -49.19
N LYS F 334 8.23 5.97 -48.74
CA LYS F 334 6.87 5.61 -49.16
C LYS F 334 5.75 6.50 -48.61
N LEU F 335 6.08 7.32 -47.61
CA LEU F 335 5.06 8.18 -47.02
C LEU F 335 5.37 9.64 -47.29
N GLU F 336 4.32 10.47 -47.34
CA GLU F 336 4.47 11.85 -47.78
C GLU F 336 5.19 12.72 -46.77
N GLY F 337 6.03 13.63 -47.28
CA GLY F 337 6.64 14.66 -46.46
C GLY F 337 7.50 15.57 -47.31
N GLU F 338 7.07 16.79 -47.58
CA GLU F 338 7.84 17.67 -48.45
C GLU F 338 9.06 18.21 -47.73
N ARG F 339 10.14 18.40 -48.46
CA ARG F 339 11.42 18.77 -47.93
C ARG F 339 11.43 20.04 -47.05
N GLU F 340 10.93 21.14 -47.60
CA GLU F 340 10.99 22.42 -46.88
C GLU F 340 10.14 22.40 -45.62
N VAL F 341 8.99 21.74 -45.69
CA VAL F 341 8.06 21.59 -44.58
C VAL F 341 8.75 20.77 -43.46
N THR F 342 9.35 19.64 -43.86
CA THR F 342 10.06 18.75 -42.96
C THR F 342 11.25 19.44 -42.32
N LEU F 343 12.04 20.19 -43.08
CA LEU F 343 13.17 20.90 -42.48
C LEU F 343 12.69 21.86 -41.39
N GLY F 344 11.54 22.49 -41.63
CA GLY F 344 10.98 23.43 -40.67
C GLY F 344 10.67 22.77 -39.33
N PHE F 345 9.86 21.70 -39.35
CA PHE F 345 9.47 21.11 -38.09
C PHE F 345 10.56 20.29 -37.39
N VAL F 346 11.54 19.83 -38.14
CA VAL F 346 12.71 19.18 -37.57
C VAL F 346 13.45 20.20 -36.71
N ASP F 347 13.54 21.43 -37.21
CA ASP F 347 14.11 22.51 -36.39
C ASP F 347 13.27 22.73 -35.13
N LEU F 348 11.95 22.73 -35.29
CA LEU F 348 11.05 22.92 -34.17
C LEU F 348 11.17 21.80 -33.15
N MET F 349 11.52 20.59 -33.61
CA MET F 349 11.64 19.44 -32.72
C MET F 349 12.93 19.45 -31.94
N ARG F 350 14.03 19.90 -32.58
CA ARG F 350 15.39 19.75 -32.04
C ARG F 350 15.94 21.00 -31.37
N ASP F 351 15.61 22.16 -31.91
CA ASP F 351 16.38 23.37 -31.57
C ASP F 351 15.79 24.11 -30.37
N ASP F 352 16.57 25.00 -29.80
CA ASP F 352 16.10 25.81 -28.68
C ASP F 352 15.31 27.06 -29.10
N TYR F 353 15.63 27.60 -30.27
CA TYR F 353 15.07 28.85 -30.71
C TYR F 353 14.93 28.79 -32.21
N VAL F 354 13.71 28.93 -32.71
CA VAL F 354 13.45 28.88 -34.13
C VAL F 354 12.70 30.12 -34.62
N GLU F 355 13.31 30.86 -35.55
CA GLU F 355 12.75 32.11 -36.07
C GLU F 355 11.61 31.86 -37.06
N LYS F 356 10.65 32.77 -37.05
CA LYS F 356 9.62 32.85 -38.08
C LYS F 356 10.27 32.72 -39.47
N ASP F 357 9.69 31.85 -40.31
CA ASP F 357 10.20 31.54 -41.64
C ASP F 357 9.10 30.89 -42.49
N ARG F 358 8.38 31.70 -43.28
CA ARG F 358 7.19 31.18 -43.97
C ARG F 358 7.55 30.19 -45.07
N SER F 359 8.77 30.29 -45.59
CA SER F 359 9.21 29.39 -46.64
C SER F 359 9.45 27.97 -46.15
N ARG F 360 9.52 27.81 -44.82
CA ARG F 360 9.59 26.47 -44.20
C ARG F 360 8.36 26.10 -43.35
N GLY F 361 7.28 26.89 -43.48
CA GLY F 361 6.04 26.65 -42.74
C GLY F 361 6.01 27.18 -41.30
N ILE F 362 7.02 27.92 -40.87
CA ILE F 362 7.07 28.40 -39.50
C ILE F 362 6.42 29.78 -39.42
N TYR F 363 5.16 29.83 -38.97
CA TYR F 363 4.42 31.09 -38.86
C TYR F 363 4.80 31.97 -37.67
N PHE F 364 5.43 31.39 -36.66
CA PHE F 364 5.77 32.12 -35.45
C PHE F 364 7.20 31.81 -35.01
N THR F 365 7.89 32.81 -34.48
CA THR F 365 9.11 32.57 -33.75
C THR F 365 8.80 31.73 -32.49
N GLN F 366 9.52 30.65 -32.31
CA GLN F 366 9.28 29.72 -31.21
C GLN F 366 10.50 29.59 -30.31
N ASP F 367 10.30 29.91 -29.04
CA ASP F 367 11.34 29.86 -28.04
C ASP F 367 11.06 28.71 -27.08
N TRP F 368 11.93 27.72 -27.05
CA TRP F 368 11.67 26.54 -26.22
C TRP F 368 12.24 26.61 -24.81
N SER F 370 15.03 26.19 -23.20
CA SER F 370 15.84 25.07 -22.68
C SER F 370 15.17 23.70 -22.53
N MET F 371 13.91 23.59 -22.99
CA MET F 371 13.28 22.28 -23.02
C MET F 371 14.07 21.38 -23.98
N PRO F 372 14.38 20.16 -23.56
CA PRO F 372 15.21 19.27 -24.39
C PRO F 372 14.60 19.07 -25.77
N GLY F 373 15.48 18.93 -26.75
CA GLY F 373 15.04 18.59 -28.09
C GLY F 373 14.73 17.11 -28.25
N VAL F 374 13.80 16.83 -29.19
CA VAL F 374 13.40 15.49 -29.56
C VAL F 374 14.16 14.99 -30.80
N MET F 375 14.61 13.75 -30.78
CA MET F 375 15.31 13.18 -31.92
C MET F 375 14.35 12.78 -33.03
N PRO F 376 14.51 13.33 -34.25
CA PRO F 376 13.64 12.92 -35.38
C PRO F 376 14.02 11.52 -35.84
N VAL F 377 12.99 10.73 -36.17
CA VAL F 377 13.18 9.39 -36.69
C VAL F 377 12.63 9.29 -38.10
N ALA F 378 13.51 8.98 -39.07
CA ALA F 378 13.13 8.90 -40.48
C ALA F 378 12.93 7.44 -40.82
N SER F 379 11.73 7.08 -41.26
CA SER F 379 11.36 5.69 -41.35
C SER F 379 10.25 5.53 -42.36
N GLY F 380 10.30 4.47 -43.14
CA GLY F 380 9.23 4.20 -44.08
C GLY F 380 9.63 4.11 -45.57
N GLY F 381 9.93 2.90 -45.99
CA GLY F 381 10.19 2.63 -47.39
C GLY F 381 11.52 3.19 -47.84
N ILE F 382 12.52 3.25 -46.96
CA ILE F 382 13.85 3.69 -47.34
C ILE F 382 14.84 2.53 -47.38
N HIS F 383 15.91 2.69 -48.16
CA HIS F 383 16.91 1.65 -48.38
C HIS F 383 18.28 2.30 -48.62
N VAL F 384 19.31 1.49 -48.79
CA VAL F 384 20.68 2.01 -48.87
C VAL F 384 20.92 3.16 -49.85
N TRP F 385 20.27 3.15 -51.03
CA TRP F 385 20.43 4.27 -51.98
C TRP F 385 19.92 5.64 -51.46
N HIS F 386 19.00 5.61 -50.50
CA HIS F 386 18.46 6.84 -49.87
C HIS F 386 19.41 7.46 -48.84
N MET F 387 20.40 6.68 -48.40
CA MET F 387 21.27 7.08 -47.30
C MET F 387 21.91 8.48 -47.46
N PRO F 388 22.54 8.79 -48.58
CA PRO F 388 23.10 10.13 -48.75
C PRO F 388 22.03 11.21 -48.62
N ALA F 389 20.87 11.05 -49.25
CA ALA F 389 19.83 12.08 -49.11
C ALA F 389 19.39 12.24 -47.65
N LEU F 390 19.32 11.14 -46.90
CA LEU F 390 18.90 11.19 -45.48
C LEU F 390 19.92 11.89 -44.58
N VAL F 391 21.19 11.57 -44.75
CA VAL F 391 22.27 12.22 -44.01
C VAL F 391 22.35 13.71 -44.35
N GLU F 392 22.10 14.05 -45.60
CA GLU F 392 22.06 15.44 -46.03
C GLU F 392 20.89 16.21 -45.38
N ILE F 393 19.70 15.62 -45.34
CA ILE F 393 18.52 16.29 -44.80
C ILE F 393 18.60 16.45 -43.27
N PHE F 394 18.90 15.36 -42.59
CA PHE F 394 18.79 15.32 -41.14
C PHE F 394 20.08 15.60 -40.36
N GLY F 395 21.25 15.38 -40.99
CA GLY F 395 22.51 15.47 -40.28
C GLY F 395 22.60 14.34 -39.26
N ASP F 396 23.49 14.49 -38.30
CA ASP F 396 23.71 13.41 -37.32
C ASP F 396 22.60 13.18 -36.33
N ASP F 397 21.88 14.22 -35.92
CA ASP F 397 20.94 14.08 -34.81
C ASP F 397 19.61 13.61 -35.32
N ALA F 398 19.57 12.33 -35.69
CA ALA F 398 18.43 11.68 -36.27
C ALA F 398 18.62 10.18 -36.12
N CYS F 399 17.51 9.47 -36.21
CA CYS F 399 17.56 8.02 -36.23
C CYS F 399 16.92 7.56 -37.53
N LEU F 400 17.58 6.66 -38.22
CA LEU F 400 17.12 6.21 -39.52
C LEU F 400 16.68 4.77 -39.41
N GLN F 401 15.47 4.47 -39.83
CA GLN F 401 14.96 3.14 -39.62
C GLN F 401 14.72 2.39 -40.89
N PHE F 402 15.18 1.14 -40.93
CA PHE F 402 15.06 0.33 -42.12
C PHE F 402 14.38 -1.00 -41.80
N GLY F 403 13.06 -1.07 -41.95
CA GLY F 403 12.36 -2.33 -41.73
C GLY F 403 12.56 -3.29 -42.89
N GLY F 404 11.76 -3.06 -43.95
CA GLY F 404 11.91 -3.75 -45.23
C GLY F 404 13.32 -3.75 -45.71
N GLY F 405 14.00 -2.63 -45.49
CA GLY F 405 15.36 -2.44 -45.92
C GLY F 405 16.38 -3.29 -45.20
N THR F 406 15.97 -4.02 -44.18
CA THR F 406 16.90 -4.88 -43.44
C THR F 406 16.40 -6.29 -43.59
N LEU F 407 15.13 -6.51 -43.22
CA LEU F 407 14.54 -7.85 -43.26
C LEU F 407 14.23 -8.35 -44.67
N GLY F 408 14.45 -7.48 -45.65
CA GLY F 408 14.28 -7.83 -47.05
C GLY F 408 15.59 -7.99 -47.80
N HIS F 409 16.71 -7.90 -47.10
CA HIS F 409 18.01 -8.19 -47.70
C HIS F 409 18.11 -9.68 -48.12
N PRO F 410 18.64 -9.96 -49.31
CA PRO F 410 18.66 -11.35 -49.79
C PRO F 410 19.46 -12.31 -48.89
N TRP F 411 20.32 -11.80 -48.02
CA TRP F 411 21.10 -12.72 -47.16
C TRP F 411 20.64 -12.78 -45.69
N GLY F 412 19.55 -12.08 -45.39
CA GLY F 412 19.04 -12.07 -44.04
C GLY F 412 19.41 -10.83 -43.25
N ASN F 413 19.08 -10.87 -41.96
CA ASN F 413 19.08 -9.67 -41.12
C ASN F 413 20.47 -9.14 -40.79
N ALA F 414 21.40 -10.01 -40.41
CA ALA F 414 22.71 -9.50 -40.03
C ALA F 414 23.44 -8.86 -41.22
N PRO F 415 23.48 -9.52 -42.37
CA PRO F 415 24.01 -8.84 -43.57
C PRO F 415 23.23 -7.56 -43.87
N GLY F 416 21.89 -7.60 -43.76
CA GLY F 416 21.05 -6.44 -44.07
C GLY F 416 21.42 -5.25 -43.21
N ALA F 417 21.65 -5.55 -41.94
CA ALA F 417 22.00 -4.54 -40.97
C ALA F 417 23.36 -3.95 -41.33
N ALA F 418 24.31 -4.83 -41.67
CA ALA F 418 25.67 -4.44 -41.95
C ALA F 418 25.69 -3.55 -43.18
N ALA F 419 24.91 -3.93 -44.19
CA ALA F 419 24.78 -3.11 -45.39
C ALA F 419 24.35 -1.69 -44.98
N ASN F 420 23.32 -1.59 -44.15
CA ASN F 420 22.80 -0.27 -43.79
C ASN F 420 23.83 0.52 -43.00
N ARG F 421 24.56 -0.18 -42.12
CA ARG F 421 25.51 0.48 -41.23
C ARG F 421 26.70 0.95 -42.05
N VAL F 422 27.25 0.08 -42.91
CA VAL F 422 28.30 0.49 -43.85
C VAL F 422 27.88 1.73 -44.70
N ALA F 423 26.70 1.67 -45.31
CA ALA F 423 26.20 2.83 -46.09
C ALA F 423 26.21 4.14 -45.28
N LEU F 424 25.71 4.09 -44.04
CA LEU F 424 25.62 5.30 -43.20
C LEU F 424 27.00 5.82 -42.81
N GLU F 425 27.90 4.89 -42.50
CA GLU F 425 29.23 5.27 -42.06
C GLU F 425 30.04 5.82 -43.24
N ALA F 426 29.93 5.19 -44.40
CA ALA F 426 30.52 5.74 -45.62
C ALA F 426 30.03 7.16 -45.90
N CYS F 427 28.73 7.41 -45.78
CA CYS F 427 28.16 8.76 -46.03
C CYS F 427 28.61 9.80 -45.03
N THR F 428 28.79 9.35 -43.79
CA THR F 428 29.18 10.20 -42.69
C THR F 428 30.64 10.58 -42.87
N GLN F 429 31.45 9.60 -43.25
CA GLN F 429 32.88 9.87 -43.50
C GLN F 429 33.02 10.85 -44.67
N ALA F 430 32.31 10.59 -45.76
CA ALA F 430 32.39 11.48 -46.93
C ALA F 430 32.04 12.91 -46.56
N ARG F 431 30.94 13.06 -45.81
CA ARG F 431 30.51 14.39 -45.39
C ARG F 431 31.56 15.09 -44.58
N ASN F 432 32.22 14.35 -43.70
CA ASN F 432 33.24 14.92 -42.81
C ASN F 432 34.49 15.32 -43.60
N GLU F 433 34.78 14.55 -44.64
CA GLU F 433 35.88 14.90 -45.54
C GLU F 433 35.55 16.08 -46.51
N GLY F 434 34.36 16.68 -46.40
CA GLY F 434 34.04 17.83 -47.24
C GLY F 434 33.28 17.54 -48.54
N ARG F 435 33.01 16.28 -48.83
CA ARG F 435 32.18 15.91 -50.00
C ARG F 435 30.75 16.39 -49.84
N ASP F 436 30.17 16.81 -50.96
CA ASP F 436 28.80 17.31 -51.01
C ASP F 436 27.82 16.16 -51.32
N LEU F 437 27.14 15.66 -50.29
CA LEU F 437 26.28 14.49 -50.47
C LEU F 437 25.17 14.68 -51.48
N ALA F 438 24.63 15.90 -51.59
CA ALA F 438 23.57 16.21 -52.54
C ALA F 438 24.03 15.96 -53.99
N ARG F 439 25.30 16.24 -54.27
CA ARG F 439 25.87 16.02 -55.60
C ARG F 439 26.55 14.66 -55.75
N GLU F 440 27.33 14.24 -54.75
CA GLU F 440 28.26 13.11 -54.88
C GLU F 440 27.76 11.83 -54.21
N GLY F 441 26.55 11.90 -53.65
CA GLY F 441 25.99 10.80 -52.87
C GLY F 441 25.96 9.45 -53.57
N GLY F 442 25.46 9.41 -54.82
CA GLY F 442 25.51 8.21 -55.64
C GLY F 442 26.91 7.59 -55.73
N ASP F 443 27.94 8.44 -55.81
CA ASP F 443 29.33 7.97 -55.91
C ASP F 443 29.83 7.40 -54.60
N VAL F 444 29.40 8.01 -53.50
CA VAL F 444 29.77 7.47 -52.18
C VAL F 444 29.27 6.04 -52.02
N ILE F 445 27.99 5.81 -52.34
CA ILE F 445 27.38 4.49 -52.20
C ILE F 445 27.99 3.50 -53.17
N ARG F 446 28.13 3.91 -54.45
CA ARG F 446 28.79 3.05 -55.46
C ARG F 446 30.18 2.55 -55.05
N SER F 447 31.00 3.42 -54.47
CA SER F 447 32.32 3.05 -53.92
C SER F 447 32.23 2.02 -52.81
N ALA F 448 31.37 2.28 -51.83
CA ALA F 448 31.11 1.35 -50.74
C ALA F 448 30.60 -0.03 -51.21
N CYS F 449 29.78 -0.07 -52.26
CA CYS F 449 29.36 -1.32 -52.92
C CYS F 449 30.50 -2.15 -53.43
N LYS F 450 31.43 -1.47 -54.10
CA LYS F 450 32.59 -2.11 -54.68
C LYS F 450 33.39 -2.74 -53.53
N TRP F 451 33.29 -2.14 -52.35
CA TRP F 451 34.10 -2.58 -51.25
C TRP F 451 33.44 -3.65 -50.32
N SER F 452 32.13 -3.53 -50.11
CA SER F 452 31.41 -4.38 -49.14
C SER F 452 30.39 -5.29 -49.85
N PRO F 453 30.58 -6.59 -49.80
CA PRO F 453 29.67 -7.52 -50.51
C PRO F 453 28.22 -7.43 -49.97
N GLU F 454 28.05 -7.19 -48.68
CA GLU F 454 26.72 -7.09 -48.09
C GLU F 454 26.00 -5.90 -48.67
N LEU F 455 26.69 -4.77 -48.73
CA LEU F 455 26.12 -3.56 -49.31
C LEU F 455 25.80 -3.76 -50.79
N ALA F 456 26.73 -4.38 -51.51
CA ALA F 456 26.56 -4.63 -52.94
C ALA F 456 25.27 -5.36 -53.22
N ALA F 457 24.98 -6.38 -52.40
CA ALA F 457 23.81 -7.22 -52.62
C ALA F 457 22.53 -6.40 -52.40
N ALA F 458 22.57 -5.47 -51.44
CA ALA F 458 21.42 -4.60 -51.14
C ALA F 458 21.21 -3.59 -52.26
N CYS F 459 22.31 -3.05 -52.74
CA CYS F 459 22.29 -2.11 -53.86
C CYS F 459 21.66 -2.68 -55.12
N GLU F 460 21.98 -3.94 -55.43
CA GLU F 460 21.39 -4.64 -56.58
C GLU F 460 19.88 -4.84 -56.46
N VAL F 461 19.43 -5.31 -55.31
CA VAL F 461 18.01 -5.56 -55.09
C VAL F 461 17.13 -4.31 -55.25
N TRP F 462 17.63 -3.17 -54.75
CA TRP F 462 16.78 -1.99 -54.64
C TRP F 462 17.13 -0.83 -55.56
N LYS F 463 18.07 -1.07 -56.47
CA LYS F 463 18.59 -0.06 -57.38
C LYS F 463 17.53 0.79 -58.05
N GLU F 464 16.46 0.14 -58.53
CA GLU F 464 15.41 0.82 -59.31
C GLU F 464 14.42 1.62 -58.46
N ILE F 465 14.39 1.34 -57.17
CA ILE F 465 13.24 1.70 -56.33
C ILE F 465 13.24 3.13 -55.80
N LYS F 466 12.20 3.86 -56.20
CA LYS F 466 12.00 5.29 -55.91
C LYS F 466 10.55 5.53 -55.55
N PHE F 467 10.27 6.58 -54.79
CA PHE F 467 8.89 6.96 -54.44
C PHE F 467 8.67 8.41 -54.79
N GLU F 468 8.16 8.64 -55.99
CA GLU F 468 8.04 10.00 -56.52
C GLU F 468 6.62 10.23 -56.98
N PHE F 469 5.91 11.07 -56.24
CA PHE F 469 4.49 11.30 -56.44
C PHE F 469 4.22 12.76 -56.17
N ASP F 470 3.11 13.26 -56.68
CA ASP F 470 2.73 14.63 -56.48
C ASP F 470 2.40 14.86 -54.97
N THR F 471 3.00 15.90 -54.37
CA THR F 471 2.80 16.22 -52.96
C THR F 471 1.42 16.85 -52.66
N ILE F 472 0.73 16.34 -51.64
CA ILE F 472 -0.58 16.87 -51.23
C ILE F 472 -0.45 18.00 -50.23
N ASP F 473 0.32 17.79 -49.18
CA ASP F 473 0.59 18.80 -48.15
C ASP F 473 1.67 19.82 -48.60
N LYS F 474 1.34 20.59 -49.64
CA LYS F 474 2.21 21.65 -50.14
C LYS F 474 2.07 22.84 -49.22
N LEU F 475 3.08 23.70 -49.18
CA LEU F 475 3.03 24.93 -48.40
C LEU F 475 1.87 25.88 -48.82
N MET G 1 -37.80 -7.74 44.35
CA MET G 1 -36.97 -7.19 43.25
C MET G 1 -37.61 -5.92 42.72
N MET G 2 -36.84 -4.85 42.67
CA MET G 2 -37.33 -3.64 42.03
C MET G 2 -36.61 -3.43 40.70
N VAL G 3 -37.30 -2.82 39.74
CA VAL G 3 -36.75 -2.62 38.40
C VAL G 3 -36.34 -1.18 38.27
N TRP G 4 -35.08 -0.96 37.89
CA TRP G 4 -34.56 0.38 37.67
C TRP G 4 -35.18 0.96 36.39
N THR G 5 -35.94 2.04 36.51
CA THR G 5 -36.67 2.53 35.33
C THR G 5 -35.75 3.13 34.26
N PRO G 6 -35.98 2.79 32.99
CA PRO G 6 -35.31 3.45 31.85
C PRO G 6 -36.01 4.76 31.40
N VAL G 7 -37.18 5.05 31.94
CA VAL G 7 -37.98 6.21 31.57
C VAL G 7 -37.69 7.31 32.55
N ASN G 8 -37.88 8.50 32.00
CA ASN G 8 -36.97 9.61 31.94
C ASN G 8 -36.12 9.77 33.17
N ASN G 9 -34.96 9.14 33.13
CA ASN G 9 -34.12 8.95 34.31
C ASN G 9 -32.72 9.44 34.00
N LYS G 10 -32.63 10.55 33.29
CA LYS G 10 -31.34 11.15 32.91
C LYS G 10 -30.57 11.63 34.13
N MET G 11 -29.25 11.46 34.09
CA MET G 11 -28.40 11.77 35.22
C MET G 11 -27.41 12.89 34.86
N PHE G 12 -26.76 13.46 35.88
CA PHE G 12 -25.90 14.61 35.66
C PHE G 12 -24.55 14.53 36.36
N GLU G 13 -23.94 13.34 36.30
CA GLU G 13 -22.67 13.06 36.93
C GLU G 13 -22.73 13.21 38.47
N THR G 14 -21.69 13.77 39.08
CA THR G 14 -21.50 13.63 40.51
C THR G 14 -22.67 14.11 41.35
N PHE G 15 -23.10 13.22 42.25
CA PHE G 15 -24.19 13.46 43.18
C PHE G 15 -25.60 13.27 42.63
N SER G 16 -25.76 12.94 41.37
CA SER G 16 -27.16 12.78 40.89
C SER G 16 -27.87 11.51 41.36
N TYR G 17 -27.15 10.58 41.96
CA TYR G 17 -27.79 9.40 42.51
C TYR G 17 -28.14 9.55 44.00
N LEU G 18 -27.88 10.72 44.56
CA LEU G 18 -28.27 11.07 45.92
C LEU G 18 -29.57 11.88 45.89
N PRO G 19 -30.22 12.08 47.05
CA PRO G 19 -31.34 13.03 47.12
C PRO G 19 -30.86 14.42 46.67
N PRO G 20 -31.73 15.26 46.11
CA PRO G 20 -31.31 16.59 45.64
C PRO G 20 -30.63 17.36 46.77
N LEU G 21 -29.61 18.15 46.46
CA LEU G 21 -28.87 18.83 47.52
C LEU G 21 -29.65 19.99 48.12
N THR G 22 -29.74 20.03 49.45
CA THR G 22 -30.31 21.16 50.20
C THR G 22 -29.36 22.35 50.12
N ASP G 23 -29.85 23.52 50.50
CA ASP G 23 -29.02 24.74 50.58
C ASP G 23 -27.81 24.58 51.53
N GLU G 24 -28.04 23.88 52.64
CA GLU G 24 -26.98 23.58 53.62
C GLU G 24 -25.91 22.62 53.04
N GLN G 25 -26.35 21.66 52.23
CA GLN G 25 -25.43 20.74 51.56
C GLN G 25 -24.59 21.40 50.48
N ILE G 26 -25.23 22.25 49.65
CA ILE G 26 -24.49 23.06 48.69
C ILE G 26 -23.44 23.96 49.38
N ALA G 27 -23.83 24.64 50.45
CA ALA G 27 -22.90 25.48 51.21
C ALA G 27 -21.72 24.69 51.75
N ALA G 28 -21.97 23.44 52.16
CA ALA G 28 -20.89 22.58 52.65
C ALA G 28 -19.90 22.21 51.53
N GLN G 29 -20.40 21.94 50.32
CA GLN G 29 -19.53 21.71 49.16
C GLN G 29 -18.71 22.97 48.83
N VAL G 30 -19.34 24.13 48.89
CA VAL G 30 -18.62 25.39 48.71
C VAL G 30 -17.48 25.59 49.72
N ASP G 31 -17.76 25.34 51.01
CA ASP G 31 -16.70 25.37 52.03
C ASP G 31 -15.52 24.47 51.67
N TYR G 32 -15.83 23.27 51.19
CA TYR G 32 -14.82 22.31 50.73
C TYR G 32 -13.93 22.90 49.64
N ILE G 33 -14.54 23.59 48.68
CA ILE G 33 -13.75 24.24 47.62
C ILE G 33 -12.82 25.25 48.23
N VAL G 34 -13.37 26.09 49.12
CA VAL G 34 -12.59 27.16 49.72
C VAL G 34 -11.47 26.62 50.60
N ALA G 35 -11.77 25.61 51.41
CA ALA G 35 -10.78 25.02 52.30
C ALA G 35 -9.62 24.41 51.51
N ASN G 36 -9.89 23.98 50.29
CA ASN G 36 -8.84 23.39 49.48
C ASN G 36 -8.10 24.35 48.54
N GLY G 37 -8.54 25.61 48.49
CA GLY G 37 -7.92 26.61 47.65
C GLY G 37 -8.18 26.46 46.17
N TRP G 38 -9.28 25.79 45.82
CA TRP G 38 -9.64 25.57 44.41
C TRP G 38 -10.42 26.71 43.82
N ILE G 39 -10.40 26.83 42.51
CA ILE G 39 -11.02 27.97 41.87
C ILE G 39 -12.44 27.62 41.49
N PRO G 40 -13.43 28.25 42.13
CA PRO G 40 -14.83 28.03 41.79
C PRO G 40 -15.22 28.69 40.45
N CYS G 41 -16.12 28.05 39.70
CA CYS G 41 -16.62 28.62 38.46
C CYS G 41 -18.02 28.10 38.19
N LEU G 42 -18.84 28.88 37.49
CA LEU G 42 -20.17 28.43 37.11
C LEU G 42 -20.27 28.28 35.61
N GLU G 43 -21.02 27.25 35.18
CA GLU G 43 -21.26 27.01 33.74
C GLU G 43 -22.73 26.70 33.57
N PHE G 44 -23.29 27.09 32.42
CA PHE G 44 -24.71 26.89 32.20
C PHE G 44 -25.01 26.45 30.77
N ALA G 45 -26.14 25.76 30.61
CA ALA G 45 -26.53 25.27 29.30
C ALA G 45 -28.02 25.58 29.02
N THR G 46 -28.28 26.19 27.88
CA THR G 46 -29.65 26.60 27.58
C THR G 46 -30.27 25.69 26.54
N ASP G 47 -29.49 24.72 26.05
CA ASP G 47 -29.92 23.80 24.99
C ASP G 47 -29.90 22.36 25.48
N HIS G 48 -29.15 21.50 24.76
CA HIS G 48 -28.97 20.11 25.19
C HIS G 48 -28.14 20.08 26.49
N GLY G 49 -28.68 19.53 27.57
CA GLY G 49 -27.87 19.31 28.76
C GLY G 49 -27.06 18.01 28.82
N PHE G 50 -26.97 17.29 27.70
CA PHE G 50 -26.28 16.00 27.67
C PHE G 50 -25.29 15.87 26.55
N VAL G 51 -24.35 14.97 26.77
CA VAL G 51 -23.40 14.58 25.75
C VAL G 51 -24.13 13.97 24.55
N TYR G 52 -23.66 14.25 23.35
CA TYR G 52 -24.20 13.68 22.13
C TYR G 52 -23.11 13.71 21.07
N ARG G 53 -23.39 13.20 19.88
CA ARG G 53 -22.42 13.22 18.79
C ARG G 53 -23.04 13.67 17.48
N GLU G 54 -22.84 14.92 17.11
CA GLU G 54 -23.44 15.44 15.88
C GLU G 54 -22.40 15.61 14.80
N HIS G 55 -21.26 16.22 15.16
CA HIS G 55 -20.28 16.69 14.17
C HIS G 55 -19.14 15.72 13.87
N HIS G 56 -18.91 14.74 14.73
CA HIS G 56 -17.83 13.77 14.54
C HIS G 56 -18.02 12.53 15.42
N ASN G 57 -17.37 11.42 15.05
CA ASN G 57 -17.68 10.13 15.65
C ASN G 57 -16.51 9.31 16.29
N SER G 58 -15.30 9.84 16.20
CA SER G 58 -14.11 9.07 16.59
C SER G 58 -13.98 8.93 18.13
N PRO G 59 -13.17 7.97 18.58
CA PRO G 59 -12.97 7.73 20.02
C PRO G 59 -12.57 9.02 20.76
N GLY G 60 -13.29 9.30 21.85
CA GLY G 60 -12.95 10.41 22.70
C GLY G 60 -13.48 11.75 22.24
N TYR G 61 -14.18 11.75 21.11
CA TYR G 61 -14.90 12.92 20.65
C TYR G 61 -16.40 12.89 21.05
N TYR G 62 -16.87 13.95 21.70
CA TYR G 62 -18.30 14.10 22.02
C TYR G 62 -18.64 15.57 21.92
N ASP G 63 -19.84 15.87 21.43
CA ASP G 63 -20.37 17.23 21.54
C ASP G 63 -21.10 17.31 22.88
N GLY G 64 -21.36 18.56 23.34
CA GLY G 64 -22.13 18.79 24.53
C GLY G 64 -21.33 18.65 25.81
N ARG G 65 -20.01 18.49 25.71
CA ARG G 65 -19.17 18.53 26.92
C ARG G 65 -18.97 19.95 27.46
N TYR G 66 -18.79 20.93 26.57
CA TYR G 66 -18.58 22.32 26.99
C TYR G 66 -19.92 22.95 27.23
N TRP G 67 -20.04 23.62 28.37
CA TRP G 67 -21.16 24.51 28.60
C TRP G 67 -20.67 25.94 28.52
N THR G 68 -21.60 26.91 28.61
CA THR G 68 -21.24 28.33 28.56
C THR G 68 -20.80 28.77 29.93
N MET G 69 -19.64 29.41 29.98
CA MET G 69 -19.08 29.93 31.21
C MET G 69 -19.82 31.15 31.72
N TRP G 70 -20.13 31.14 33.01
CA TRP G 70 -20.73 32.32 33.64
C TRP G 70 -19.62 33.27 34.12
N LYS G 71 -19.49 34.40 33.43
CA LYS G 71 -18.47 35.41 33.78
C LYS G 71 -17.08 34.77 33.66
N LEU G 72 -16.32 34.72 34.75
CA LEU G 72 -15.00 34.11 34.77
C LEU G 72 -14.84 33.27 36.02
N PRO G 73 -13.91 32.32 36.00
CA PRO G 73 -13.62 31.57 37.22
C PRO G 73 -13.22 32.61 38.24
N MET G 74 -13.60 32.36 39.48
CA MET G 74 -13.40 33.31 40.57
C MET G 74 -12.02 33.17 41.18
N PHE G 75 -11.02 33.57 40.42
CA PHE G 75 -9.62 33.53 40.90
C PHE G 75 -9.42 34.33 42.15
N GLY G 76 -8.73 33.71 43.11
CA GLY G 76 -8.35 34.34 44.36
C GLY G 76 -9.44 34.37 45.42
N CYS G 77 -10.64 34.00 45.00
CA CYS G 77 -11.79 34.07 45.89
C CYS G 77 -11.70 33.02 46.98
N ARG G 78 -11.80 33.47 48.24
CA ARG G 78 -11.75 32.63 49.44
C ARG G 78 -13.01 32.81 50.28
N ASP G 79 -14.03 33.39 49.68
CA ASP G 79 -15.24 33.78 50.40
C ASP G 79 -16.43 32.92 49.94
N PRO G 80 -16.84 31.96 50.76
CA PRO G 80 -18.00 31.12 50.43
C PRO G 80 -19.27 31.93 50.09
N MET G 81 -19.50 33.06 50.76
CA MET G 81 -20.70 33.86 50.51
C MET G 81 -20.72 34.41 49.08
N GLN G 82 -19.55 34.84 48.61
CA GLN G 82 -19.41 35.34 47.25
C GLN G 82 -19.81 34.31 46.18
N VAL G 83 -19.36 33.08 46.38
CA VAL G 83 -19.71 31.97 45.51
C VAL G 83 -21.22 31.74 45.52
N LEU G 84 -21.81 31.61 46.72
CA LEU G 84 -23.26 31.40 46.85
C LEU G 84 -24.08 32.49 46.17
N ARG G 85 -23.65 33.75 46.31
CA ARG G 85 -24.24 34.87 45.58
C ARG G 85 -24.15 34.81 44.04
N GLU G 86 -23.06 34.27 43.50
CA GLU G 86 -22.95 34.09 42.05
C GLU G 86 -23.89 32.97 41.55
N ILE G 87 -24.08 31.94 42.35
CA ILE G 87 -25.06 30.91 42.00
C ILE G 87 -26.44 31.54 41.84
N VAL G 88 -26.80 32.43 42.75
CA VAL G 88 -28.10 33.09 42.73
C VAL G 88 -28.19 34.02 41.52
N ALA G 89 -27.13 34.78 41.24
CA ALA G 89 -27.07 35.69 40.09
C ALA G 89 -27.20 34.96 38.75
N CYS G 90 -26.46 33.88 38.60
CA CYS G 90 -26.50 33.06 37.40
C CYS G 90 -27.88 32.44 37.17
N THR G 91 -28.44 31.78 38.20
CA THR G 91 -29.77 31.18 38.07
C THR G 91 -30.87 32.23 37.86
N LYS G 92 -30.65 33.46 38.32
CA LYS G 92 -31.59 34.55 38.10
C LYS G 92 -31.58 35.04 36.66
N ALA G 93 -30.40 35.10 36.07
CA ALA G 93 -30.25 35.55 34.69
C ALA G 93 -30.71 34.47 33.72
N PHE G 94 -30.53 33.20 34.10
CA PHE G 94 -30.91 32.05 33.24
C PHE G 94 -31.78 31.03 33.98
N PRO G 95 -33.03 31.40 34.30
CA PRO G 95 -33.89 30.59 35.17
C PRO G 95 -34.31 29.25 34.57
N ASP G 96 -34.14 29.11 33.27
CA ASP G 96 -34.50 27.88 32.56
C ASP G 96 -33.32 26.97 32.16
N ALA G 97 -32.11 27.31 32.59
CA ALA G 97 -30.94 26.63 32.08
C ALA G 97 -30.50 25.54 33.04
N TYR G 98 -29.78 24.57 32.51
CA TYR G 98 -28.96 23.71 33.36
C TYR G 98 -27.83 24.59 33.84
N VAL G 99 -27.56 24.55 35.13
CA VAL G 99 -26.47 25.29 35.73
C VAL G 99 -25.68 24.33 36.61
N ARG G 100 -24.35 24.41 36.50
CA ARG G 100 -23.48 23.62 37.37
C ARG G 100 -22.36 24.40 38.01
N LEU G 101 -22.01 24.01 39.22
CA LEU G 101 -20.89 24.60 39.96
C LEU G 101 -19.71 23.67 39.81
N VAL G 102 -18.58 24.21 39.36
CA VAL G 102 -17.36 23.41 39.15
C VAL G 102 -16.23 24.11 39.89
N ALA G 103 -15.11 23.41 40.06
CA ALA G 103 -13.97 24.01 40.72
C ALA G 103 -12.75 23.49 40.02
N PHE G 104 -11.73 24.33 39.86
CA PHE G 104 -10.49 23.95 39.21
C PHE G 104 -9.31 23.91 40.16
N ASP G 105 -8.41 22.97 39.91
CA ASP G 105 -7.13 22.91 40.58
C ASP G 105 -6.13 23.34 39.52
N ASN G 106 -5.35 24.37 39.78
CA ASN G 106 -4.40 24.85 38.77
C ASN G 106 -3.03 24.12 38.76
N GLN G 107 -2.78 23.34 39.81
CA GLN G 107 -1.56 22.54 39.95
C GLN G 107 -1.66 21.31 39.02
N LYS G 108 -2.75 20.55 39.15
CA LYS G 108 -2.99 19.42 38.26
C LYS G 108 -3.59 19.88 36.92
N GLN G 109 -3.99 21.14 36.88
CA GLN G 109 -4.76 21.70 35.78
C GLN G 109 -5.91 20.80 35.31
N VAL G 110 -6.91 20.64 36.16
CA VAL G 110 -8.05 19.79 35.86
C VAL G 110 -9.20 20.24 36.76
N GLN G 111 -10.41 20.03 36.29
CA GLN G 111 -11.60 20.23 37.11
C GLN G 111 -11.64 19.17 38.22
N ILE G 112 -11.84 19.62 39.44
CA ILE G 112 -11.59 18.77 40.56
C ILE G 112 -12.86 18.44 41.30
N MET G 113 -13.92 19.17 40.96
CA MET G 113 -15.24 18.83 41.42
C MET G 113 -16.29 19.52 40.56
N GLY G 114 -17.53 19.08 40.69
CA GLY G 114 -18.63 19.61 39.90
C GLY G 114 -19.94 18.92 40.24
N PHE G 115 -21.03 19.70 40.26
CA PHE G 115 -22.35 19.12 40.41
C PHE G 115 -23.41 20.12 39.96
N LEU G 116 -24.53 19.59 39.51
CA LEU G 116 -25.63 20.41 39.01
C LEU G 116 -26.29 21.20 40.13
N VAL G 117 -26.61 22.46 39.90
CA VAL G 117 -27.35 23.23 40.89
C VAL G 117 -28.73 23.67 40.42
N GLN G 118 -28.99 23.58 39.12
CA GLN G 118 -30.31 23.91 38.58
C GLN G 118 -30.54 23.16 37.29
N ARG G 119 -31.74 22.60 37.12
CA ARG G 119 -32.16 22.07 35.82
C ARG G 119 -33.44 22.79 35.39
N PRO G 120 -33.76 22.77 34.08
CA PRO G 120 -34.97 23.43 33.59
C PRO G 120 -36.24 22.82 34.20
N LYS G 121 -37.28 23.63 34.34
CA LYS G 121 -38.53 23.11 34.93
C LYS G 121 -39.48 22.57 33.86
N GLN G 127 -36.23 11.73 37.24
CA GLN G 127 -37.02 11.05 38.27
C GLN G 127 -36.66 11.48 39.69
N PRO G 128 -37.68 11.83 40.50
CA PRO G 128 -37.55 11.85 41.97
C PRO G 128 -36.74 10.66 42.54
N ALA G 129 -35.95 10.92 43.59
CA ALA G 129 -34.99 9.96 44.16
C ALA G 129 -35.49 8.53 44.49
N ASN G 130 -36.81 8.37 44.63
CA ASN G 130 -37.45 7.10 45.03
C ASN G 130 -38.34 6.46 43.95
N LYS G 131 -38.65 7.22 42.89
CA LYS G 131 -39.43 6.74 41.75
C LYS G 131 -38.52 6.18 40.65
N ARG G 132 -37.26 5.93 41.00
CA ARG G 132 -36.26 5.38 40.06
C ARG G 132 -36.38 3.85 39.87
N SER G 133 -37.05 3.20 40.83
CA SER G 133 -37.34 1.76 40.77
C SER G 133 -38.85 1.46 40.92
N VAL G 134 -39.31 0.34 40.34
CA VAL G 134 -40.74 0.01 40.24
C VAL G 134 -41.00 -1.51 40.42
N MET H 1 25.08 -16.26 -50.63
CA MET H 1 24.82 -15.76 -49.24
C MET H 1 26.06 -15.84 -48.40
N MET H 2 26.48 -14.73 -47.81
CA MET H 2 27.56 -14.78 -46.85
C MET H 2 26.97 -14.64 -45.42
N VAL H 3 27.61 -15.31 -44.47
CA VAL H 3 27.23 -15.28 -43.06
C VAL H 3 28.12 -14.31 -42.31
N TRP H 4 27.51 -13.34 -41.64
CA TRP H 4 28.22 -12.39 -40.83
C TRP H 4 28.76 -13.15 -39.58
N THR H 5 30.06 -13.19 -39.40
CA THR H 5 30.62 -13.96 -38.31
C THR H 5 30.34 -13.34 -36.94
N PRO H 6 29.94 -14.17 -35.96
CA PRO H 6 29.84 -13.77 -34.55
C PRO H 6 31.17 -13.84 -33.75
N VAL H 7 32.22 -14.43 -34.32
CA VAL H 7 33.53 -14.61 -33.68
C VAL H 7 34.46 -13.61 -34.33
N ASN H 8 35.51 -13.11 -33.68
CA ASN H 8 35.49 -12.24 -32.55
C ASN H 8 35.47 -10.94 -33.36
N ASN H 9 34.32 -10.28 -33.32
CA ASN H 9 33.98 -9.29 -34.29
C ASN H 9 33.49 -8.05 -33.57
N LYS H 10 34.18 -7.73 -32.50
CA LYS H 10 33.79 -6.60 -31.68
C LYS H 10 33.96 -5.28 -32.42
N MET H 11 33.07 -4.33 -32.15
CA MET H 11 33.02 -3.05 -32.84
C MET H 11 33.22 -1.89 -31.88
N PHE H 12 33.48 -0.71 -32.43
CA PHE H 12 33.90 0.43 -31.60
C PHE H 12 33.22 1.72 -31.99
N GLU H 13 31.92 1.61 -32.26
CA GLU H 13 31.11 2.73 -32.70
C GLU H 13 31.61 3.38 -34.02
N THR H 14 31.49 4.70 -34.16
CA THR H 14 31.60 5.33 -35.47
C THR H 14 32.83 4.96 -36.27
N PHE H 15 32.57 4.50 -37.49
CA PHE H 15 33.59 4.14 -38.50
C PHE H 15 34.16 2.71 -38.40
N SER H 16 33.77 1.93 -37.39
CA SER H 16 34.36 0.59 -37.29
C SER H 16 33.88 -0.39 -38.35
N TYR H 17 32.85 -0.03 -39.09
CA TYR H 17 32.38 -0.90 -40.20
C TYR H 17 33.03 -0.55 -41.53
N LEU H 18 33.90 0.48 -41.50
CA LEU H 18 34.70 0.87 -42.65
C LEU H 18 36.08 0.19 -42.61
N PRO H 19 36.84 0.26 -43.71
CA PRO H 19 38.26 -0.13 -43.63
C PRO H 19 38.97 0.76 -42.60
N PRO H 20 39.99 0.23 -41.92
CA PRO H 20 40.70 1.03 -40.89
C PRO H 20 41.21 2.35 -41.48
N LEU H 21 41.17 3.42 -40.70
CA LEU H 21 41.49 4.75 -41.22
C LEU H 21 42.98 4.95 -41.45
N THR H 22 43.33 5.36 -42.66
CA THR H 22 44.70 5.77 -43.02
C THR H 22 45.09 7.06 -42.30
N ASP H 23 46.38 7.37 -42.27
CA ASP H 23 46.85 8.61 -41.67
C ASP H 23 46.22 9.86 -42.32
N GLU H 24 46.04 9.81 -43.63
CA GLU H 24 45.39 10.87 -44.41
C GLU H 24 43.89 11.03 -44.06
N GLN H 25 43.24 9.90 -43.79
CA GLN H 25 41.84 9.93 -43.39
C GLN H 25 41.66 10.48 -41.98
N ILE H 26 42.55 10.11 -41.05
CA ILE H 26 42.51 10.66 -39.69
C ILE H 26 42.75 12.17 -39.75
N ALA H 27 43.72 12.60 -40.54
CA ALA H 27 44.01 14.02 -40.71
C ALA H 27 42.80 14.79 -41.27
N ALA H 28 42.01 14.16 -42.11
CA ALA H 28 40.84 14.82 -42.69
C ALA H 28 39.71 14.98 -41.66
N GLN H 29 39.53 13.97 -40.80
CA GLN H 29 38.64 14.08 -39.64
C GLN H 29 39.07 15.21 -38.70
N VAL H 30 40.37 15.30 -38.43
CA VAL H 30 40.92 16.36 -37.59
C VAL H 30 40.63 17.76 -38.18
N ASP H 31 40.88 17.96 -39.47
CA ASP H 31 40.49 19.19 -40.19
C ASP H 31 39.01 19.55 -39.99
N TYR H 32 38.13 18.56 -40.15
CA TYR H 32 36.71 18.71 -39.87
C TYR H 32 36.44 19.24 -38.45
N ILE H 33 37.12 18.73 -37.45
CA ILE H 33 36.95 19.23 -36.07
C ILE H 33 37.32 20.71 -36.00
N VAL H 34 38.49 21.04 -36.56
CA VAL H 34 39.02 22.39 -36.53
C VAL H 34 38.13 23.35 -37.34
N ALA H 35 37.66 22.93 -38.51
CA ALA H 35 36.83 23.77 -39.37
C ALA H 35 35.51 24.10 -38.68
N ASN H 36 35.08 23.25 -37.74
CA ASN H 36 33.80 23.48 -37.06
C ASN H 36 33.94 24.11 -35.67
N GLY H 37 35.16 24.34 -35.24
CA GLY H 37 35.39 25.00 -33.96
C GLY H 37 35.15 24.13 -32.75
N TRP H 38 35.21 22.83 -32.93
CA TRP H 38 34.94 21.92 -31.83
C TRP H 38 36.17 21.66 -30.98
N ILE H 39 35.96 21.11 -29.78
CA ILE H 39 37.05 20.89 -28.86
C ILE H 39 37.57 19.46 -28.95
N PRO H 40 38.76 19.28 -29.49
CA PRO H 40 39.35 17.93 -29.58
C PRO H 40 39.80 17.41 -28.21
N CYS H 41 39.66 16.11 -27.99
CA CYS H 41 40.15 15.52 -26.77
C CYS H 41 40.48 14.07 -27.01
N LEU H 42 41.42 13.53 -26.24
CA LEU H 42 41.73 12.12 -26.34
C LEU H 42 41.36 11.39 -25.06
N GLU H 43 40.86 10.16 -25.23
CA GLU H 43 40.52 9.25 -24.13
C GLU H 43 41.14 7.88 -24.36
N PHE H 44 41.54 7.19 -23.30
CA PHE H 44 42.14 5.88 -23.43
C PHE H 44 41.64 4.88 -22.38
N ALA H 45 41.70 3.59 -22.72
CA ALA H 45 41.27 2.55 -21.80
C ALA H 45 42.32 1.44 -21.77
N THR H 46 42.74 1.08 -20.56
CA THR H 46 43.78 0.06 -20.40
C THR H 46 43.22 -1.28 -19.99
N ASP H 47 41.91 -1.31 -19.79
CA ASP H 47 41.21 -2.50 -19.29
C ASP H 47 40.17 -2.98 -20.30
N HIS H 48 38.91 -3.11 -19.86
CA HIS H 48 37.79 -3.46 -20.74
C HIS H 48 37.54 -2.32 -21.71
N GLY H 49 37.65 -2.55 -23.02
CA GLY H 49 37.33 -1.52 -23.98
C GLY H 49 35.84 -1.48 -24.36
N PHE H 50 35.00 -2.22 -23.64
CA PHE H 50 33.57 -2.33 -24.00
C PHE H 50 32.65 -2.03 -22.84
N VAL H 51 31.43 -1.65 -23.20
CA VAL H 51 30.36 -1.46 -22.25
C VAL H 51 30.04 -2.81 -21.59
N TYR H 52 29.73 -2.75 -20.30
CA TYR H 52 29.34 -3.93 -19.53
C TYR H 52 28.48 -3.48 -18.35
N ARG H 53 28.04 -4.43 -17.51
CA ARG H 53 27.25 -4.11 -16.32
C ARG H 53 27.70 -4.91 -15.13
N GLU H 54 28.51 -4.31 -14.28
CA GLU H 54 28.97 -4.97 -13.07
C GLU H 54 28.23 -4.47 -11.83
N HIS H 55 28.14 -3.15 -11.67
CA HIS H 55 27.73 -2.55 -10.39
C HIS H 55 26.25 -2.23 -10.26
N HIS H 56 25.55 -2.15 -11.39
CA HIS H 56 24.13 -1.84 -11.40
C HIS H 56 23.41 -2.27 -12.71
N ASN H 57 22.09 -2.42 -12.66
CA ASN H 57 21.37 -3.04 -13.77
C ASN H 57 20.20 -2.28 -14.41
N SER H 58 19.92 -1.08 -13.89
CA SER H 58 18.71 -0.36 -14.28
C SER H 58 18.80 0.22 -15.68
N PRO H 59 17.67 0.63 -16.26
CA PRO H 59 17.67 1.19 -17.61
C PRO H 59 18.63 2.40 -17.71
N GLY H 60 19.45 2.41 -18.77
CA GLY H 60 20.32 3.55 -19.04
C GLY H 60 21.57 3.59 -18.20
N TYR H 61 21.76 2.61 -17.32
CA TYR H 61 23.01 2.45 -16.60
C TYR H 61 23.91 1.40 -17.28
N TYR H 62 25.18 1.76 -17.50
CA TYR H 62 26.22 0.84 -18.04
C TYR H 62 27.56 1.25 -17.44
N ASP H 63 28.40 0.25 -17.12
CA ASP H 63 29.79 0.49 -16.79
C ASP H 63 30.60 0.47 -18.09
N GLY H 64 31.75 1.12 -18.10
CA GLY H 64 32.62 1.08 -19.24
C GLY H 64 32.35 2.14 -20.29
N ARG H 65 31.42 3.06 -19.99
CA ARG H 65 31.21 4.22 -20.87
C ARG H 65 32.33 5.26 -20.73
N TYR H 66 32.77 5.53 -19.50
CA TYR H 66 33.85 6.46 -19.30
C TYR H 66 35.19 5.78 -19.56
N TRP H 67 36.03 6.42 -20.36
CA TRP H 67 37.43 6.09 -20.43
C TRP H 67 38.28 7.16 -19.69
N THR H 68 39.58 6.94 -19.59
CA THR H 68 40.45 7.87 -18.90
C THR H 68 40.81 9.01 -19.84
N MET H 69 40.75 10.24 -19.32
CA MET H 69 41.05 11.40 -20.14
C MET H 69 42.55 11.55 -20.29
N TRP H 70 43.00 11.82 -21.52
CA TRP H 70 44.40 12.15 -21.77
C TRP H 70 44.58 13.65 -21.63
N LYS H 71 45.25 14.06 -20.56
CA LYS H 71 45.53 15.46 -20.28
C LYS H 71 44.22 16.24 -20.15
N LEU H 72 44.03 17.29 -20.94
CA LEU H 72 42.77 18.02 -20.91
C LEU H 72 42.22 18.21 -22.32
N PRO H 73 40.93 18.51 -22.46
CA PRO H 73 40.42 18.86 -23.78
C PRO H 73 41.23 20.07 -24.25
N MET H 74 41.51 20.12 -25.54
CA MET H 74 42.40 21.15 -26.07
C MET H 74 41.60 22.39 -26.43
N PHE H 75 41.19 23.10 -25.38
CA PHE H 75 40.43 24.33 -25.55
C PHE H 75 41.19 25.38 -26.33
N GLY H 76 40.49 25.99 -27.27
CA GLY H 76 41.02 27.08 -28.08
C GLY H 76 41.93 26.64 -29.22
N CYS H 77 42.24 25.35 -29.27
CA CYS H 77 43.15 24.83 -30.27
C CYS H 77 42.53 24.82 -31.65
N ARG H 78 43.21 25.45 -32.60
CA ARG H 78 42.79 25.57 -34.02
C ARG H 78 43.85 25.01 -34.94
N ASP H 79 44.77 24.25 -34.38
CA ASP H 79 45.90 23.72 -35.13
C ASP H 79 45.82 22.20 -35.30
N PRO H 80 45.47 21.74 -36.51
CA PRO H 80 45.40 20.29 -36.78
C PRO H 80 46.69 19.52 -36.43
N MET H 81 47.85 20.11 -36.68
CA MET H 81 49.14 19.49 -36.33
C MET H 81 49.26 19.17 -34.82
N GLN H 82 48.82 20.11 -33.98
CA GLN H 82 48.88 19.95 -32.53
C GLN H 82 48.11 18.72 -32.09
N VAL H 83 46.90 18.57 -32.63
CA VAL H 83 46.03 17.42 -32.41
C VAL H 83 46.73 16.12 -32.83
N LEU H 84 47.19 16.08 -34.07
CA LEU H 84 47.94 14.91 -34.56
C LEU H 84 49.11 14.51 -33.67
N ARG H 85 49.85 15.50 -33.16
CA ARG H 85 50.96 15.27 -32.21
C ARG H 85 50.51 14.67 -30.88
N GLU H 86 49.35 15.11 -30.36
CA GLU H 86 48.84 14.57 -29.09
C GLU H 86 48.39 13.12 -29.26
N ILE H 87 47.86 12.78 -30.44
CA ILE H 87 47.57 11.37 -30.75
C ILE H 87 48.81 10.52 -30.65
N VAL H 88 49.92 11.03 -31.20
CA VAL H 88 51.20 10.31 -31.15
C VAL H 88 51.71 10.18 -29.71
N ALA H 89 51.59 11.26 -28.94
CA ALA H 89 52.08 11.30 -27.57
C ALA H 89 51.31 10.30 -26.70
N CYS H 90 49.98 10.35 -26.81
CA CYS H 90 49.11 9.44 -26.05
C CYS H 90 49.38 8.00 -26.37
N THR H 91 49.39 7.66 -27.67
CA THR H 91 49.66 6.28 -28.09
C THR H 91 51.05 5.79 -27.69
N LYS H 92 52.01 6.71 -27.60
CA LYS H 92 53.35 6.38 -27.18
C LYS H 92 53.42 6.04 -25.66
N ALA H 93 52.66 6.80 -24.85
CA ALA H 93 52.65 6.61 -23.41
C ALA H 93 51.88 5.36 -23.04
N PHE H 94 50.88 5.03 -23.86
CA PHE H 94 50.00 3.89 -23.63
C PHE H 94 49.87 2.99 -24.86
N PRO H 95 50.97 2.35 -25.28
CA PRO H 95 50.99 1.60 -26.54
C PRO H 95 50.05 0.40 -26.55
N ASP H 96 49.58 -0.03 -25.38
CA ASP H 96 48.69 -1.19 -25.26
C ASP H 96 47.22 -0.85 -24.95
N ALA H 97 46.88 0.43 -24.98
CA ALA H 97 45.53 0.84 -24.63
C ALA H 97 44.64 0.97 -25.85
N TYR H 98 43.33 0.90 -25.61
CA TYR H 98 42.37 1.45 -26.58
C TYR H 98 42.49 2.96 -26.46
N VAL H 99 42.60 3.64 -27.60
CA VAL H 99 42.64 5.09 -27.61
C VAL H 99 41.65 5.63 -28.61
N ARG H 100 40.93 6.68 -28.24
CA ARG H 100 39.95 7.30 -29.13
C ARG H 100 40.07 8.82 -29.16
N LEU H 101 39.85 9.37 -30.33
CA LEU H 101 39.75 10.81 -30.53
C LEU H 101 38.30 11.22 -30.51
N VAL H 102 37.99 12.19 -29.65
CA VAL H 102 36.62 12.70 -29.56
C VAL H 102 36.66 14.21 -29.75
N ALA H 103 35.51 14.82 -30.01
CA ALA H 103 35.44 16.28 -30.05
C ALA H 103 34.18 16.72 -29.36
N PHE H 104 34.24 17.87 -28.68
CA PHE H 104 33.08 18.40 -27.99
C PHE H 104 32.56 19.67 -28.63
N ASP H 105 31.24 19.82 -28.65
CA ASP H 105 30.57 21.07 -28.96
C ASP H 105 30.07 21.68 -27.66
N ASN H 106 30.55 22.85 -27.27
CA ASN H 106 30.12 23.42 -25.99
C ASN H 106 28.78 24.20 -25.99
N GLN H 107 28.25 24.50 -27.19
CA GLN H 107 26.92 25.08 -27.37
C GLN H 107 25.81 24.06 -27.05
N LYS H 108 25.86 22.90 -27.70
CA LYS H 108 24.95 21.82 -27.39
C LYS H 108 25.35 21.05 -26.12
N GLN H 109 26.57 21.28 -25.62
CA GLN H 109 27.23 20.49 -24.59
C GLN H 109 27.10 18.98 -24.76
N VAL H 110 27.78 18.44 -25.76
CA VAL H 110 27.68 17.02 -26.09
C VAL H 110 28.88 16.69 -26.94
N GLN H 111 29.33 15.46 -26.85
CA GLN H 111 30.33 14.94 -27.77
C GLN H 111 29.74 14.86 -29.17
N ILE H 112 30.43 15.47 -30.12
CA ILE H 112 29.87 15.65 -31.43
C ILE H 112 30.52 14.75 -32.48
N MET H 113 31.59 14.10 -32.11
CA MET H 113 32.23 13.08 -32.95
C MET H 113 33.20 12.25 -32.10
N GLY H 114 33.65 11.14 -32.67
CA GLY H 114 34.55 10.23 -31.99
C GLY H 114 34.80 8.96 -32.79
N PHE H 115 36.02 8.47 -32.74
CA PHE H 115 36.38 7.21 -33.39
C PHE H 115 37.67 6.70 -32.81
N LEU H 116 37.82 5.37 -32.81
CA LEU H 116 38.99 4.70 -32.27
C LEU H 116 40.23 4.99 -33.10
N VAL H 117 41.35 5.29 -32.44
CA VAL H 117 42.61 5.45 -33.16
C VAL H 117 43.64 4.35 -32.88
N GLN H 118 43.46 3.61 -31.81
CA GLN H 118 44.38 2.51 -31.49
C GLN H 118 43.63 1.47 -30.68
N ARG H 119 43.85 0.20 -31.02
CA ARG H 119 43.44 -0.89 -30.15
C ARG H 119 44.67 -1.68 -29.72
N PRO H 120 44.59 -2.44 -28.61
CA PRO H 120 45.71 -3.26 -28.15
C PRO H 120 46.13 -4.30 -29.18
N LYS H 121 47.39 -4.76 -29.15
CA LYS H 121 47.83 -5.76 -30.11
C LYS H 121 47.70 -7.20 -29.59
N GLN H 127 38.03 -8.49 -36.26
CA GLN H 127 38.16 -9.03 -37.62
C GLN H 127 38.58 -7.98 -38.67
N PRO H 128 39.61 -8.32 -39.47
CA PRO H 128 39.88 -7.61 -40.74
C PRO H 128 38.60 -7.30 -41.54
N ALA H 129 38.59 -6.17 -42.26
CA ALA H 129 37.38 -5.64 -42.92
C ALA H 129 36.63 -6.59 -43.89
N ASN H 130 37.32 -7.64 -44.35
CA ASN H 130 36.76 -8.60 -45.33
C ASN H 130 36.51 -10.03 -44.79
N LYS H 131 37.07 -10.32 -43.61
CA LYS H 131 36.90 -11.63 -42.95
C LYS H 131 35.67 -11.63 -42.02
N ARG H 132 34.83 -10.60 -42.16
CA ARG H 132 33.63 -10.43 -41.33
C ARG H 132 32.45 -11.31 -41.78
N SER H 133 32.52 -11.79 -43.03
CA SER H 133 31.55 -12.72 -43.60
C SER H 133 32.23 -13.99 -44.16
N VAL H 134 31.49 -15.11 -44.17
CA VAL H 134 32.03 -16.44 -44.50
C VAL H 134 31.05 -17.31 -45.33
N THR I 7 45.92 30.68 -38.65
CA THR I 7 45.72 29.36 -37.95
C THR I 7 46.23 29.32 -36.45
N LYS I 8 46.01 30.42 -35.70
CA LYS I 8 46.55 30.61 -34.32
C LYS I 8 45.53 30.44 -33.19
N ALA I 9 46.03 30.11 -31.98
CA ALA I 9 45.24 29.68 -30.81
C ALA I 9 44.23 30.69 -30.19
N GLY I 10 43.01 30.21 -29.90
CA GLY I 10 41.95 30.99 -29.26
C GLY I 10 42.00 30.96 -27.73
N ALA I 11 40.95 31.50 -27.09
CA ALA I 11 40.81 31.44 -25.62
C ALA I 11 40.95 29.99 -25.12
N GLY I 12 41.99 29.73 -24.34
CA GLY I 12 42.28 28.42 -23.79
C GLY I 12 42.08 28.35 -22.28
N PHE I 13 42.54 27.28 -21.63
CA PHE I 13 42.47 27.21 -20.18
C PHE I 13 43.73 27.81 -19.59
N LYS I 14 43.56 28.82 -18.74
CA LYS I 14 44.69 29.41 -18.04
C LYS I 14 44.47 29.35 -16.54
N ALA I 15 45.21 28.46 -15.90
CA ALA I 15 45.10 28.23 -14.48
C ALA I 15 45.46 29.48 -13.71
N GLY I 16 44.77 29.71 -12.58
CA GLY I 16 45.14 30.78 -11.70
C GLY I 16 44.00 31.71 -11.39
N VAL I 17 44.25 32.63 -10.47
CA VAL I 17 43.24 33.54 -9.98
C VAL I 17 43.21 34.77 -10.89
N LYS I 18 42.03 35.25 -11.24
CA LYS I 18 41.88 36.55 -11.84
C LYS I 18 40.69 37.25 -11.17
N ASP I 19 40.44 38.50 -11.52
CA ASP I 19 39.34 39.26 -10.93
C ASP I 19 38.01 38.76 -11.41
N TYR I 20 37.03 38.72 -10.50
CA TYR I 20 35.67 38.33 -10.86
C TYR I 20 35.05 39.28 -11.89
N ARG I 21 35.44 40.56 -11.85
CA ARG I 21 34.83 41.56 -12.71
C ARG I 21 35.13 41.34 -14.19
N LEU I 22 36.18 40.57 -14.50
CA LEU I 22 36.49 40.30 -15.91
C LEU I 22 35.42 39.40 -16.57
N THR I 23 34.67 38.66 -15.77
CA THR I 23 33.64 37.80 -16.31
C THR I 23 32.23 38.20 -15.89
N TYR I 24 32.10 38.72 -14.66
CA TYR I 24 30.82 38.81 -13.98
C TYR I 24 30.23 40.22 -13.84
N TYR I 25 31.04 41.23 -14.13
CA TYR I 25 30.56 42.59 -14.19
C TYR I 25 30.28 42.97 -15.64
N THR I 26 29.00 43.11 -16.01
CA THR I 26 28.64 43.43 -17.38
C THR I 26 27.64 44.59 -17.41
N PRO I 27 28.09 45.84 -17.29
CA PRO I 27 27.19 46.99 -17.14
C PRO I 27 26.41 47.33 -18.39
N ASP I 28 26.68 46.66 -19.52
CA ASP I 28 25.99 46.93 -20.79
C ASP I 28 24.97 45.84 -21.12
N TYR I 29 24.80 44.91 -20.17
CA TYR I 29 23.91 43.79 -20.39
C TYR I 29 22.44 44.27 -20.39
N VAL I 30 21.68 43.80 -21.37
CA VAL I 30 20.27 44.10 -21.45
C VAL I 30 19.57 42.90 -20.84
N VAL I 31 18.87 43.12 -19.73
CA VAL I 31 18.23 42.02 -19.02
C VAL I 31 17.06 41.43 -19.81
N ARG I 32 16.88 40.14 -19.62
CA ARG I 32 15.85 39.42 -20.35
C ARG I 32 14.62 39.29 -19.50
N ASP I 33 13.47 39.22 -20.17
CA ASP I 33 12.21 39.16 -19.44
C ASP I 33 12.10 37.87 -18.60
N THR I 34 12.95 36.87 -18.89
CA THR I 34 12.98 35.61 -18.11
C THR I 34 14.01 35.52 -16.96
N ASP I 35 14.87 36.53 -16.85
CA ASP I 35 15.90 36.57 -15.83
C ASP I 35 15.29 36.82 -14.47
N ILE I 36 15.81 36.14 -13.45
CA ILE I 36 15.57 36.51 -12.07
C ILE I 36 16.60 37.63 -11.75
N LEU I 37 16.12 38.73 -11.18
CA LEU I 37 16.92 39.88 -10.84
C LEU I 37 16.97 40.03 -9.34
N ALA I 38 18.12 40.38 -8.81
CA ALA I 38 18.27 40.60 -7.38
C ALA I 38 18.86 41.99 -7.14
N ALA I 39 18.39 42.66 -6.09
CA ALA I 39 18.97 43.90 -5.63
C ALA I 39 19.61 43.69 -4.29
N PHE I 40 20.93 43.79 -4.28
CA PHE I 40 21.73 43.57 -3.08
C PHE I 40 22.25 44.90 -2.55
N ARG I 41 22.03 45.16 -1.27
CA ARG I 41 22.65 46.30 -0.60
C ARG I 41 23.98 45.84 0.00
N MET I 42 25.08 46.38 -0.54
CA MET I 42 26.42 45.78 -0.45
C MET I 42 27.41 46.70 0.28
N THR I 43 28.16 46.15 1.24
CA THR I 43 29.14 46.94 2.01
C THR I 43 30.54 46.33 1.87
N PRO I 44 31.32 46.79 0.91
CA PRO I 44 32.64 46.22 0.66
C PRO I 44 33.63 46.47 1.78
N GLN I 45 34.63 45.60 1.89
CA GLN I 45 35.75 45.87 2.77
C GLN I 45 36.55 47.02 2.11
N PRO I 46 37.29 47.80 2.91
CA PRO I 46 38.16 48.86 2.33
C PRO I 46 39.11 48.28 1.26
N GLY I 47 39.24 48.97 0.14
CA GLY I 47 40.15 48.56 -0.91
C GLY I 47 39.60 47.49 -1.84
N VAL I 48 38.33 47.11 -1.67
CA VAL I 48 37.69 46.21 -2.62
C VAL I 48 36.77 47.08 -3.45
N PRO I 49 37.05 47.25 -4.74
CA PRO I 49 36.21 48.09 -5.60
C PRO I 49 34.78 47.56 -5.67
N PRO I 50 33.79 48.43 -5.66
CA PRO I 50 32.39 47.98 -5.70
C PRO I 50 32.12 47.02 -6.88
N GLU I 51 32.73 47.29 -8.04
CA GLU I 51 32.53 46.47 -9.23
C GLU I 51 33.03 45.04 -9.01
N GLU I 52 34.17 44.93 -8.34
CA GLU I 52 34.72 43.61 -8.03
C GLU I 52 33.86 42.90 -6.98
N CYS I 53 33.33 43.66 -6.03
CA CYS I 53 32.38 43.13 -5.06
C CYS I 53 31.07 42.60 -5.67
N GLY I 54 30.41 43.42 -6.51
CA GLY I 54 29.20 43.00 -7.22
C GLY I 54 29.42 41.81 -8.14
N ALA I 55 30.56 41.80 -8.82
CA ALA I 55 30.94 40.66 -9.64
C ALA I 55 31.16 39.38 -8.78
N ALA I 56 31.81 39.53 -7.62
CA ALA I 56 31.99 38.40 -6.68
C ALA I 56 30.66 37.78 -6.25
N VAL I 57 29.72 38.64 -5.85
CA VAL I 57 28.39 38.21 -5.45
C VAL I 57 27.72 37.46 -6.59
N ALA I 58 27.82 37.99 -7.82
CA ALA I 58 27.18 37.41 -8.99
C ALA I 58 27.82 36.09 -9.37
N ALA I 59 29.14 36.06 -9.30
CA ALA I 59 29.93 34.87 -9.59
C ALA I 59 29.63 33.72 -8.62
N GLU I 60 29.71 34.00 -7.34
CA GLU I 60 29.64 32.94 -6.33
C GLU I 60 28.21 32.59 -5.98
N SER I 61 27.25 33.24 -6.63
CA SER I 61 25.85 32.82 -6.49
C SER I 61 25.33 32.21 -7.79
N SER I 62 26.24 31.92 -8.70
CA SER I 62 25.82 31.35 -9.95
C SER I 62 26.75 30.26 -10.47
N THR I 63 27.87 30.62 -11.06
CA THR I 63 28.72 29.63 -11.71
C THR I 63 30.16 29.64 -11.28
N GLY I 64 30.65 30.76 -10.69
CA GLY I 64 32.06 30.98 -10.48
C GLY I 64 32.62 30.50 -9.15
N THR I 65 33.91 30.17 -9.12
CA THR I 65 34.61 30.03 -7.84
C THR I 65 35.87 30.92 -7.81
N TRP I 66 36.72 30.74 -6.79
CA TRP I 66 37.80 31.69 -6.51
C TRP I 66 38.96 31.68 -7.52
N THR I 67 39.06 30.64 -8.35
CA THR I 67 40.17 30.45 -9.29
C THR I 67 39.60 29.90 -10.61
N THR I 68 40.34 29.99 -11.72
CA THR I 68 39.78 29.60 -13.00
C THR I 68 39.79 28.09 -13.08
N VAL I 69 38.68 27.51 -13.55
CA VAL I 69 38.58 26.06 -13.70
C VAL I 69 38.44 25.67 -15.17
N TRP I 70 39.11 24.61 -15.57
CA TRP I 70 39.07 24.18 -16.97
C TRP I 70 37.68 23.78 -17.48
N THR I 71 36.83 23.26 -16.60
CA THR I 71 35.54 22.71 -17.00
C THR I 71 34.60 23.74 -17.62
N ASP I 72 34.86 25.03 -17.39
CA ASP I 72 34.08 26.12 -18.00
C ASP I 72 33.97 25.94 -19.51
N GLY I 73 35.07 25.55 -20.12
CA GLY I 73 35.13 25.41 -21.56
C GLY I 73 34.24 24.31 -22.13
N LEU I 74 33.77 23.40 -21.29
CA LEU I 74 32.89 22.34 -21.75
C LEU I 74 31.47 22.83 -21.92
N THR I 75 31.16 23.97 -21.31
CA THR I 75 29.84 24.52 -21.35
C THR I 75 29.89 25.96 -21.86
N SER I 76 28.79 26.68 -21.78
CA SER I 76 28.79 28.08 -22.20
C SER I 76 28.55 29.00 -21.01
N LEU I 77 29.63 29.58 -20.50
CA LEU I 77 29.55 30.51 -19.39
C LEU I 77 28.61 31.68 -19.68
N ASP I 78 28.61 32.18 -20.91
CA ASP I 78 27.72 33.28 -21.31
C ASP I 78 26.25 32.97 -21.06
N ARG I 79 25.85 31.75 -21.38
CA ARG I 79 24.48 31.31 -21.22
C ARG I 79 24.08 31.23 -19.75
N TYR I 80 25.01 30.82 -18.89
CA TYR I 80 24.64 30.46 -17.54
C TYR I 80 25.03 31.43 -16.43
N LYS I 81 26.07 32.21 -16.64
CA LYS I 81 26.60 33.03 -15.55
C LYS I 81 25.58 34.05 -15.04
N GLY I 82 25.61 34.31 -13.74
CA GLY I 82 24.98 35.48 -13.19
C GLY I 82 25.74 36.72 -13.59
N ARG I 83 25.05 37.84 -13.73
CA ARG I 83 25.71 39.04 -14.18
C ARG I 83 25.35 40.19 -13.26
N CYS I 84 26.36 40.84 -12.70
CA CYS I 84 26.16 42.16 -12.11
C CYS I 84 26.09 43.23 -13.21
N TYR I 85 24.92 43.81 -13.39
CA TYR I 85 24.68 44.65 -14.56
C TYR I 85 24.52 46.14 -14.24
N ASP I 86 24.51 46.47 -12.97
CA ASP I 86 24.35 47.83 -12.53
C ASP I 86 24.74 47.95 -11.08
N ILE I 87 25.43 49.05 -10.75
CA ILE I 87 25.81 49.40 -9.38
C ILE I 87 25.52 50.88 -9.08
N GLU I 88 24.58 51.15 -8.18
CA GLU I 88 24.19 52.49 -7.77
C GLU I 88 24.81 52.71 -6.40
N PRO I 89 25.35 53.89 -6.13
CA PRO I 89 25.72 54.22 -4.75
C PRO I 89 24.47 54.54 -3.95
N VAL I 90 24.52 54.33 -2.63
CA VAL I 90 23.38 54.65 -1.79
C VAL I 90 23.47 56.10 -1.29
N PRO I 91 22.40 56.88 -1.47
CA PRO I 91 22.37 58.30 -0.99
C PRO I 91 22.69 58.43 0.50
N GLY I 92 23.75 59.20 0.80
CA GLY I 92 24.13 59.49 2.17
C GLY I 92 24.81 58.36 2.94
N GLU I 93 25.55 57.54 2.21
CA GLU I 93 26.36 56.47 2.77
C GLU I 93 27.63 56.43 1.94
N ASP I 94 28.77 56.40 2.60
CA ASP I 94 30.05 56.45 1.89
C ASP I 94 30.47 55.09 1.33
N ASN I 95 30.00 54.02 1.98
CA ASN I 95 30.44 52.68 1.65
C ASN I 95 29.33 51.66 1.38
N GLN I 96 28.19 52.13 0.87
CA GLN I 96 27.08 51.24 0.56
C GLN I 96 26.64 51.38 -0.89
N TYR I 97 26.35 50.23 -1.51
CA TYR I 97 25.91 50.20 -2.90
C TYR I 97 24.72 49.26 -3.11
N ILE I 98 23.92 49.56 -4.12
CA ILE I 98 22.95 48.59 -4.57
C ILE I 98 23.55 47.98 -5.82
N ALA I 99 23.88 46.68 -5.74
CA ALA I 99 24.30 45.90 -6.90
C ALA I 99 23.12 45.08 -7.44
N TYR I 100 22.92 45.20 -8.74
CA TYR I 100 21.84 44.48 -9.40
C TYR I 100 22.44 43.30 -10.13
N VAL I 101 21.85 42.13 -9.90
CA VAL I 101 22.35 40.90 -10.48
C VAL I 101 21.27 40.21 -11.28
N ALA I 102 21.62 39.77 -12.49
CA ALA I 102 20.64 39.05 -13.32
C ALA I 102 21.01 37.58 -13.41
N TYR I 103 20.03 36.70 -13.18
CA TYR I 103 20.28 35.26 -13.25
C TYR I 103 19.41 34.66 -14.34
N ILE I 105 17.06 32.08 -16.15
CA ILE I 105 16.06 31.11 -15.68
C ILE I 105 16.56 29.63 -15.60
N ASP I 106 17.50 29.26 -16.47
CA ASP I 106 18.07 27.92 -16.47
C ASP I 106 18.76 27.51 -15.18
N LEU I 107 19.12 28.48 -14.36
CA LEU I 107 19.84 28.19 -13.15
C LEU I 107 18.98 27.55 -12.08
N PHE I 108 17.66 27.61 -12.24
CA PHE I 108 16.79 27.32 -11.11
C PHE I 108 15.92 26.10 -11.29
N GLU I 109 15.70 25.36 -10.21
CA GLU I 109 14.77 24.26 -10.28
C GLU I 109 13.34 24.80 -10.25
N GLU I 110 12.53 24.26 -11.16
CA GLU I 110 11.14 24.65 -11.29
C GLU I 110 10.39 24.33 -10.02
N GLY I 111 9.59 25.27 -9.53
CA GLY I 111 8.80 25.07 -8.33
C GLY I 111 9.49 24.92 -6.97
N SER I 112 10.81 25.17 -6.89
CA SER I 112 11.56 25.08 -5.67
C SER I 112 12.06 26.43 -5.12
N VAL I 113 11.40 26.95 -4.09
CA VAL I 113 11.89 28.14 -3.43
C VAL I 113 13.24 27.82 -2.79
N THR I 114 13.35 26.60 -2.29
CA THR I 114 14.56 26.13 -1.66
C THR I 114 15.76 26.32 -2.60
N ASN I 115 15.59 25.96 -3.85
CA ASN I 115 16.68 26.07 -4.80
C ASN I 115 17.05 27.52 -5.10
N MET I 116 16.04 28.35 -5.26
CA MET I 116 16.25 29.77 -5.49
C MET I 116 17.05 30.44 -4.35
N PHE I 117 16.66 30.20 -3.10
CA PHE I 117 17.39 30.75 -1.97
C PHE I 117 18.80 30.20 -1.90
N THR I 118 18.92 28.89 -2.09
CA THR I 118 20.24 28.26 -2.10
C THR I 118 21.25 28.98 -3.03
N SER I 119 20.82 29.31 -4.25
CA SER I 119 21.66 30.03 -5.18
C SER I 119 21.92 31.47 -4.77
N ILE I 120 20.83 32.22 -4.61
CA ILE I 120 20.95 33.66 -4.45
C ILE I 120 21.49 34.05 -3.08
N VAL I 121 21.15 33.32 -2.02
CA VAL I 121 21.60 33.69 -0.71
C VAL I 121 22.40 32.60 -0.03
N GLY I 122 22.95 31.67 -0.82
CA GLY I 122 23.61 30.49 -0.27
C GLY I 122 24.93 30.71 0.45
N ASN I 123 25.89 31.32 -0.26
CA ASN I 123 27.23 31.48 0.29
C ASN I 123 27.69 32.93 0.42
N VAL I 124 27.21 33.81 -0.45
CA VAL I 124 27.81 35.12 -0.64
C VAL I 124 27.82 36.01 0.61
N PHE I 125 26.86 35.82 1.50
CA PHE I 125 26.78 36.65 2.70
C PHE I 125 27.95 36.45 3.67
N GLY I 126 28.72 35.40 3.44
CA GLY I 126 29.82 35.06 4.32
C GLY I 126 31.18 35.36 3.76
N PHE I 127 31.21 35.96 2.56
CA PHE I 127 32.47 36.35 1.94
C PHE I 127 33.29 37.35 2.76
N LYS I 128 34.59 37.07 2.88
CA LYS I 128 35.49 37.89 3.68
C LYS I 128 35.55 39.29 3.13
N ALA I 129 35.52 39.40 1.79
CA ALA I 129 35.65 40.66 1.05
C ALA I 129 34.53 41.64 1.26
N LEU I 130 33.41 41.22 1.84
CA LEU I 130 32.40 42.21 2.18
C LEU I 130 32.12 42.22 3.67
N ARG I 131 31.68 43.37 4.18
CA ARG I 131 31.45 43.57 5.61
C ARG I 131 29.99 43.32 5.97
N ALA I 132 29.10 43.53 4.99
CA ALA I 132 27.66 43.34 5.17
C ALA I 132 27.00 43.18 3.80
N LEU I 133 25.89 42.46 3.77
CA LEU I 133 25.11 42.30 2.55
C LEU I 133 23.66 42.10 2.90
N ARG I 134 22.79 42.75 2.15
CA ARG I 134 21.35 42.60 2.36
C ARG I 134 20.63 42.43 1.05
N LEU I 135 19.86 41.36 0.90
CA LEU I 135 19.05 41.18 -0.29
C LEU I 135 17.76 41.97 -0.07
N GLU I 136 17.53 42.96 -0.92
CA GLU I 136 16.42 43.89 -0.73
C GLU I 136 15.20 43.47 -1.53
N ASP I 137 15.41 42.94 -2.73
CA ASP I 137 14.32 42.61 -3.62
C ASP I 137 14.73 41.56 -4.67
N LEU I 138 13.74 40.85 -5.18
CA LEU I 138 13.90 39.90 -6.27
C LEU I 138 12.84 40.17 -7.30
N ARG I 139 13.20 40.11 -8.57
CA ARG I 139 12.21 40.14 -9.61
C ARG I 139 12.03 38.70 -10.07
N ILE I 140 10.92 38.09 -9.66
CA ILE I 140 10.53 36.76 -10.16
C ILE I 140 9.76 36.93 -11.48
N PRO I 141 10.33 36.52 -12.60
CA PRO I 141 9.65 36.66 -13.89
C PRO I 141 8.47 35.69 -13.98
N PRO I 142 7.44 36.05 -14.74
CA PRO I 142 6.29 35.15 -14.97
C PRO I 142 6.67 33.73 -15.40
N ALA I 143 7.70 33.59 -16.21
CA ALA I 143 8.05 32.25 -16.66
C ALA I 143 8.52 31.33 -15.49
N TYR I 144 9.16 31.90 -14.49
CA TYR I 144 9.47 31.13 -13.29
C TYR I 144 8.25 30.98 -12.38
N VAL I 145 7.47 32.04 -12.20
CA VAL I 145 6.29 32.03 -11.33
C VAL I 145 5.34 30.88 -11.70
N LYS I 146 5.14 30.69 -13.00
CA LYS I 146 4.23 29.66 -13.49
C LYS I 146 4.64 28.24 -13.12
N THR I 147 5.90 28.01 -12.75
CA THR I 147 6.33 26.66 -12.38
C THR I 147 5.95 26.28 -10.94
N PHE I 148 5.30 27.19 -10.21
CA PHE I 148 4.95 26.96 -8.82
C PHE I 148 3.46 26.69 -8.66
N VAL I 149 3.13 25.75 -7.77
CA VAL I 149 1.74 25.50 -7.41
C VAL I 149 1.18 26.76 -6.74
N GLY I 150 1.99 27.44 -5.94
CA GLY I 150 1.57 28.68 -5.29
C GLY I 150 0.56 28.43 -4.17
N PRO I 152 -2.55 27.55 -1.84
CA PRO I 152 -3.58 26.53 -1.99
C PRO I 152 -4.92 27.12 -2.36
N HIS I 153 -5.23 28.33 -1.91
CA HIS I 153 -6.50 28.95 -2.30
C HIS I 153 -6.38 30.42 -2.71
N GLY I 154 -5.80 31.24 -1.85
CA GLY I 154 -5.73 32.67 -2.09
C GLY I 154 -6.98 33.40 -1.60
N ILE I 155 -6.91 34.73 -1.54
CA ILE I 155 -7.93 35.58 -0.92
C ILE I 155 -9.37 35.35 -1.37
N GLN I 156 -9.61 35.40 -2.67
CA GLN I 156 -10.96 35.31 -3.23
C GLN I 156 -11.59 33.98 -2.85
N VAL I 157 -10.89 32.89 -3.13
CA VAL I 157 -11.41 31.53 -2.86
C VAL I 157 -11.63 31.33 -1.34
N GLU I 158 -10.75 31.87 -0.53
CA GLU I 158 -10.93 31.86 0.90
C GLU I 158 -12.22 32.56 1.34
N ARG I 159 -12.44 33.77 0.87
CA ARG I 159 -13.68 34.46 1.20
C ARG I 159 -14.89 33.63 0.77
N ASP I 160 -14.78 33.04 -0.42
CA ASP I 160 -15.86 32.23 -0.96
C ASP I 160 -16.10 30.97 -0.15
N LYS I 161 -15.06 30.31 0.33
CA LYS I 161 -15.23 29.14 1.21
C LYS I 161 -15.84 29.46 2.58
N LEU I 162 -15.43 30.57 3.17
CA LEU I 162 -15.92 30.93 4.49
C LEU I 162 -17.25 31.66 4.43
N ASN I 163 -17.61 32.15 3.24
CA ASN I 163 -18.80 32.96 3.05
C ASN I 163 -18.74 34.31 3.84
N LYS I 164 -17.55 34.93 3.82
CA LYS I 164 -17.28 36.13 4.62
C LYS I 164 -16.84 37.25 3.70
N TYR I 165 -17.63 38.31 3.64
CA TYR I 165 -17.35 39.42 2.74
C TYR I 165 -17.55 40.80 3.39
N GLY I 166 -16.85 41.81 2.84
CA GLY I 166 -17.18 43.19 3.15
C GLY I 166 -16.53 43.80 4.38
N ARG I 167 -15.64 43.05 5.04
CA ARG I 167 -14.87 43.51 6.18
C ARG I 167 -13.61 42.65 6.33
N GLY I 168 -12.67 43.12 7.15
CA GLY I 168 -11.53 42.33 7.55
C GLY I 168 -11.95 41.15 8.42
N LEU I 169 -11.17 40.07 8.35
CA LEU I 169 -11.40 38.94 9.26
C LEU I 169 -10.79 39.19 10.62
N LEU I 170 -11.41 38.61 11.65
CA LEU I 170 -10.98 38.79 13.03
C LEU I 170 -10.51 37.50 13.65
N GLY I 171 -9.29 37.53 14.14
CA GLY I 171 -8.71 36.38 14.81
C GLY I 171 -8.17 36.70 16.19
N CYS I 172 -7.50 35.71 16.78
CA CYS I 172 -7.04 35.80 18.15
C CYS I 172 -6.18 34.57 18.51
N THR I 173 -4.98 34.80 19.03
CA THR I 173 -4.13 33.76 19.56
C THR I 173 -4.50 33.43 21.01
N ILE I 174 -4.71 32.16 21.30
CA ILE I 174 -4.88 31.73 22.69
C ILE I 174 -3.60 31.96 23.52
N LYS I 175 -3.80 32.41 24.74
CA LYS I 175 -2.72 32.74 25.69
C LYS I 175 -3.14 32.14 27.02
N PRO I 176 -2.20 31.84 27.92
CA PRO I 176 -0.76 32.02 27.72
C PRO I 176 -0.23 31.19 26.54
N LYS I 177 0.93 31.56 25.99
CA LYS I 177 1.43 30.93 24.77
C LYS I 177 1.52 29.41 24.98
N LEU I 178 2.14 29.01 26.09
CA LEU I 178 2.32 27.63 26.48
C LEU I 178 1.79 27.45 27.89
N GLY I 179 1.39 26.23 28.22
CA GLY I 179 0.99 25.96 29.59
C GLY I 179 -0.47 25.56 29.82
N LEU I 180 -1.37 25.86 28.90
CA LEU I 180 -2.77 25.41 28.99
C LEU I 180 -2.97 23.96 28.56
N SER I 181 -3.95 23.30 29.16
CA SER I 181 -4.24 21.91 28.83
C SER I 181 -5.14 21.93 27.59
N ALA I 182 -5.31 20.76 26.98
CA ALA I 182 -6.12 20.64 25.79
C ALA I 182 -7.58 21.06 26.05
N LYS I 183 -8.16 20.59 27.15
CA LYS I 183 -9.52 20.93 27.51
C LYS I 183 -9.66 22.44 27.75
N ASN I 184 -8.68 23.07 28.42
CA ASN I 184 -8.76 24.51 28.63
C ASN I 184 -8.59 25.31 27.36
N TYR I 185 -7.83 24.75 26.43
CA TYR I 185 -7.61 25.39 25.15
C TYR I 185 -8.94 25.49 24.41
N GLY I 186 -9.67 24.38 24.33
CA GLY I 186 -10.95 24.39 23.67
C GLY I 186 -11.95 25.28 24.41
N ARG I 187 -11.95 25.24 25.73
CA ARG I 187 -12.77 26.14 26.50
C ARG I 187 -12.56 27.60 26.10
N ALA I 188 -11.30 28.03 26.09
CA ALA I 188 -10.94 29.37 25.64
C ALA I 188 -11.36 29.67 24.20
N VAL I 189 -11.19 28.71 23.32
CA VAL I 189 -11.51 28.88 21.89
C VAL I 189 -13.02 29.07 21.71
N TYR I 190 -13.81 28.29 22.42
CA TYR I 190 -15.26 28.39 22.26
C TYR I 190 -15.74 29.77 22.72
N GLU I 191 -15.17 30.26 23.82
CA GLU I 191 -15.62 31.54 24.35
C GLU I 191 -15.22 32.71 23.43
N CYS I 192 -14.01 32.63 22.84
CA CYS I 192 -13.57 33.61 21.83
C CYS I 192 -14.48 33.60 20.61
N LEU I 193 -14.67 32.44 20.02
CA LEU I 193 -15.41 32.34 18.76
C LEU I 193 -16.87 32.72 18.93
N ARG I 194 -17.46 32.41 20.08
CA ARG I 194 -18.90 32.67 20.26
C ARG I 194 -19.21 34.13 20.44
N GLY I 195 -18.23 34.92 20.82
CA GLY I 195 -18.41 36.34 20.99
C GLY I 195 -18.28 37.20 19.74
N GLY I 196 -17.81 36.64 18.62
CA GLY I 196 -17.77 37.40 17.40
C GLY I 196 -16.53 37.27 16.55
N LEU I 197 -15.47 36.59 17.02
CA LEU I 197 -14.29 36.39 16.17
C LEU I 197 -14.55 35.30 15.12
N ASP I 198 -13.89 35.40 13.97
CA ASP I 198 -13.99 34.39 12.92
C ASP I 198 -13.05 33.22 13.20
N PHE I 199 -11.86 33.54 13.71
CA PHE I 199 -10.83 32.56 13.94
C PHE I 199 -10.19 32.66 15.31
N THR I 200 -9.73 31.54 15.82
CA THR I 200 -8.73 31.56 16.87
C THR I 200 -7.52 30.84 16.33
N ASP I 202 -3.69 28.44 17.41
CA ASP I 202 -2.55 27.97 18.19
C ASP I 202 -1.49 29.04 18.12
N ASP I 203 -0.77 29.27 19.23
CA ASP I 203 0.41 30.12 19.17
C ASP I 203 1.46 29.41 18.32
N GLU I 204 2.41 30.15 17.76
CA GLU I 204 3.35 29.57 16.81
C GLU I 204 4.16 28.44 17.45
N ASN I 205 4.41 28.52 18.75
CA ASN I 205 5.21 27.51 19.44
C ASN I 205 4.41 26.41 20.11
N VAL I 206 3.09 26.47 20.01
CA VAL I 206 2.23 25.38 20.43
C VAL I 206 2.25 24.32 19.36
N ASN I 207 2.94 23.23 19.63
CA ASN I 207 3.00 22.12 18.69
C ASN I 207 2.46 20.87 19.37
N SER I 208 3.33 20.12 20.06
CA SER I 208 2.90 19.00 20.90
C SER I 208 3.87 18.89 22.06
N GLN I 209 3.34 19.03 23.26
CA GLN I 209 4.20 19.18 24.42
C GLN I 209 3.63 18.43 25.61
N PRO I 210 4.46 18.12 26.61
CA PRO I 210 3.97 17.42 27.82
C PRO I 210 2.67 18.00 28.39
N PHE I 211 2.55 19.32 28.56
CA PHE I 211 1.32 19.91 29.11
C PHE I 211 0.09 19.78 28.18
N MET I 212 0.31 19.51 26.89
CA MET I 212 -0.78 19.41 25.94
C MET I 212 -0.31 18.73 24.65
N ARG I 213 -0.80 17.51 24.40
CA ARG I 213 -0.47 16.76 23.19
C ARG I 213 -1.37 17.21 22.06
N TRP I 214 -0.83 17.17 20.82
CA TRP I 214 -1.51 17.83 19.71
C TRP I 214 -2.86 17.23 19.40
N ARG I 215 -2.96 15.91 19.39
CA ARG I 215 -4.21 15.30 18.97
C ARG I 215 -5.39 15.55 19.95
N ASP I 216 -5.12 15.48 21.28
CA ASP I 216 -6.05 15.97 22.29
C ASP I 216 -6.52 17.40 21.99
N ARG I 217 -5.58 18.30 21.68
CA ARG I 217 -5.95 19.68 21.33
C ARG I 217 -6.86 19.76 20.11
N PHE I 218 -6.49 19.04 19.06
CA PHE I 218 -7.25 19.09 17.83
C PHE I 218 -8.71 18.68 18.08
N LEU I 219 -8.92 17.63 18.87
CA LEU I 219 -10.27 17.13 19.15
C LEU I 219 -11.13 18.11 19.98
N PHE I 220 -10.53 18.69 21.00
CA PHE I 220 -11.23 19.65 21.83
C PHE I 220 -11.53 20.94 21.10
N VAL I 221 -10.58 21.41 20.30
CA VAL I 221 -10.77 22.62 19.49
C VAL I 221 -11.87 22.42 18.44
N ALA I 222 -11.86 21.26 17.78
CA ALA I 222 -12.95 20.86 16.91
C ALA I 222 -14.32 20.95 17.61
N GLU I 223 -14.47 20.37 18.81
CA GLU I 223 -15.74 20.49 19.55
C GLU I 223 -16.10 21.97 19.71
N ALA I 224 -15.11 22.78 20.09
CA ALA I 224 -15.32 24.19 20.34
C ALA I 224 -15.76 24.96 19.11
N ILE I 225 -15.10 24.72 17.96
CA ILE I 225 -15.42 25.39 16.71
C ILE I 225 -16.85 25.13 16.36
N TYR I 226 -17.26 23.86 16.39
CA TYR I 226 -18.61 23.49 15.97
C TYR I 226 -19.66 24.03 16.94
N LYS I 227 -19.36 24.04 18.22
CA LYS I 227 -20.33 24.62 19.16
C LYS I 227 -20.51 26.11 18.92
N ALA I 228 -19.42 26.84 18.66
CA ALA I 228 -19.51 28.27 18.49
C ALA I 228 -20.20 28.58 17.17
N GLN I 229 -19.94 27.77 16.16
CA GLN I 229 -20.60 27.92 14.89
C GLN I 229 -22.12 27.73 14.98
N ALA I 230 -22.56 26.73 15.74
CA ALA I 230 -24.00 26.44 15.84
C ALA I 230 -24.68 27.54 16.65
N GLU I 231 -23.95 28.11 17.59
CA GLU I 231 -24.50 29.14 18.45
C GLU I 231 -24.64 30.50 17.72
N THR I 232 -23.70 30.82 16.85
CA THR I 232 -23.70 32.12 16.16
C THR I 232 -24.29 32.13 14.77
N GLY I 233 -24.24 30.99 14.08
CA GLY I 233 -24.70 30.94 12.70
C GLY I 233 -23.69 31.40 11.65
N GLU I 234 -22.48 31.75 12.08
CA GLU I 234 -21.40 32.17 11.18
C GLU I 234 -20.30 31.08 11.14
N VAL I 235 -19.70 30.85 9.98
CA VAL I 235 -18.60 29.90 9.86
C VAL I 235 -17.45 30.29 10.79
N LYS I 236 -16.91 29.31 11.50
CA LYS I 236 -15.82 29.55 12.43
C LYS I 236 -14.63 28.65 12.08
N GLY I 237 -13.43 29.06 12.50
CA GLY I 237 -12.28 28.21 12.39
C GLY I 237 -11.26 28.46 13.49
N HIS I 238 -10.24 27.61 13.52
CA HIS I 238 -9.12 27.79 14.45
C HIS I 238 -7.89 27.25 13.75
N TYR I 239 -6.82 28.02 13.70
CA TYR I 239 -5.66 27.56 12.93
C TYR I 239 -4.91 26.55 13.76
N LEU I 240 -5.20 25.27 13.51
CA LEU I 240 -4.49 24.18 14.16
C LEU I 240 -3.08 24.05 13.64
N ASN I 241 -2.11 24.01 14.55
CA ASN I 241 -0.72 24.11 14.13
C ASN I 241 -0.22 22.76 13.65
N ALA I 242 0.23 22.71 12.40
CA ALA I 242 0.83 21.50 11.85
C ALA I 242 2.36 21.48 11.94
N THR I 243 2.97 22.55 12.39
CA THR I 243 4.42 22.62 12.50
C THR I 243 4.90 21.45 13.35
N ALA I 244 5.96 20.79 12.89
CA ALA I 244 6.44 19.59 13.55
C ALA I 244 7.91 19.34 13.33
N GLY I 245 8.46 18.36 14.03
CA GLY I 245 9.84 17.97 13.88
C GLY I 245 10.23 17.26 12.60
N THR I 246 9.30 16.50 12.02
CA THR I 246 9.56 15.76 10.78
C THR I 246 8.40 15.96 9.80
N CYS I 247 8.61 15.66 8.52
CA CYS I 247 7.55 15.76 7.52
C CYS I 247 6.39 14.82 7.84
N GLU I 248 6.74 13.62 8.29
CA GLU I 248 5.77 12.59 8.60
C GLU I 248 4.83 13.04 9.74
N GLU I 249 5.39 13.68 10.77
CA GLU I 249 4.58 14.21 11.87
C GLU I 249 3.75 15.40 11.45
N MET I 250 4.32 16.27 10.62
CA MET I 250 3.58 17.37 10.03
C MET I 250 2.35 16.85 9.27
N MET I 251 2.56 15.87 8.39
CA MET I 251 1.47 15.32 7.57
C MET I 251 0.40 14.64 8.40
N LYS I 252 0.79 13.94 9.46
CA LYS I 252 -0.18 13.29 10.36
C LYS I 252 -1.15 14.32 10.99
N ARG I 253 -0.63 15.50 11.31
CA ARG I 253 -1.42 16.57 11.88
C ARG I 253 -2.39 17.18 10.85
N ALA I 254 -1.89 17.50 9.65
CA ALA I 254 -2.76 17.97 8.57
C ALA I 254 -3.87 16.95 8.27
N VAL I 255 -3.51 15.66 8.10
CA VAL I 255 -4.50 14.62 7.88
C VAL I 255 -5.56 14.58 9.02
N ALA I 257 -6.56 17.07 10.92
CA ALA I 257 -7.38 18.25 10.66
C ALA I 257 -8.38 18.06 9.53
N LYS I 258 -7.96 17.36 8.50
CA LYS I 258 -8.87 17.05 7.41
C LYS I 258 -10.00 16.10 7.88
N GLU I 259 -9.63 15.04 8.60
CA GLU I 259 -10.61 14.08 9.13
C GLU I 259 -11.67 14.82 9.97
N LEU I 260 -11.26 15.91 10.64
CA LEU I 260 -12.14 16.61 11.56
C LEU I 260 -13.05 17.59 10.86
N GLY I 261 -12.76 17.89 9.58
CA GLY I 261 -13.60 18.75 8.78
C GLY I 261 -13.41 20.24 9.03
N VAL I 262 -12.37 20.60 9.79
CA VAL I 262 -12.11 22.01 10.12
C VAL I 262 -11.54 22.75 8.91
N PRO I 263 -11.76 24.05 8.81
CA PRO I 263 -11.45 24.76 7.56
C PRO I 263 -9.98 25.13 7.38
N ILE I 264 -9.18 25.20 8.43
CA ILE I 264 -7.90 25.88 8.30
C ILE I 264 -6.84 25.32 9.23
N ILE I 265 -5.59 25.22 8.75
CA ILE I 265 -4.48 24.87 9.64
C ILE I 265 -3.36 25.94 9.54
N MET I 266 -2.33 25.82 10.36
CA MET I 266 -1.23 26.78 10.24
C MET I 266 0.12 26.08 10.18
N HIS I 267 1.13 26.85 9.78
CA HIS I 267 2.49 26.36 9.63
C HIS I 267 3.46 27.51 9.79
N ASP I 268 4.56 27.26 10.53
CA ASP I 268 5.64 28.25 10.65
C ASP I 268 6.68 28.01 9.55
N TYR I 269 6.57 28.74 8.45
CA TYR I 269 7.33 28.36 7.28
C TYR I 269 8.84 28.50 7.37
N LEU I 270 9.32 29.39 8.21
CA LEU I 270 10.77 29.57 8.31
C LEU I 270 11.39 28.61 9.29
N THR I 271 10.71 28.31 10.41
CA THR I 271 11.30 27.34 11.35
C THR I 271 11.03 25.90 10.95
N GLY I 272 9.97 25.69 10.17
CA GLY I 272 9.68 24.39 9.60
C GLY I 272 10.50 24.24 8.33
N GLY I 273 10.55 25.31 7.53
CA GLY I 273 11.36 25.31 6.33
C GLY I 273 10.57 25.23 5.04
N PHE I 274 11.20 25.70 3.95
CA PHE I 274 10.52 25.79 2.66
C PHE I 274 10.15 24.44 2.04
N THR I 275 10.98 23.43 2.23
CA THR I 275 10.68 22.10 1.69
C THR I 275 9.41 21.54 2.32
N ALA I 276 9.33 21.60 3.66
CA ALA I 276 8.15 21.13 4.38
C ALA I 276 6.92 22.00 4.08
N ASN I 277 7.15 23.29 3.92
CA ASN I 277 6.04 24.19 3.65
C ASN I 277 5.40 23.94 2.30
N THR I 278 6.21 23.86 1.26
CA THR I 278 5.70 23.58 -0.07
C THR I 278 4.89 22.24 -0.06
N SER I 279 5.44 21.21 0.57
CA SER I 279 4.75 19.95 0.73
C SER I 279 3.38 20.12 1.38
N LEU I 280 3.33 20.95 2.42
CA LEU I 280 2.09 21.15 3.14
C LEU I 280 1.10 21.96 2.32
N ALA I 281 1.59 22.95 1.57
CA ALA I 281 0.71 23.72 0.70
C ALA I 281 0.08 22.83 -0.38
N ILE I 282 0.88 21.94 -0.96
CA ILE I 282 0.32 20.99 -1.93
C ILE I 282 -0.75 20.07 -1.31
N TYR I 283 -0.47 19.56 -0.11
CA TYR I 283 -1.46 18.78 0.64
C TYR I 283 -2.76 19.54 0.89
N CYS I 284 -2.64 20.82 1.25
CA CYS I 284 -3.81 21.67 1.49
C CYS I 284 -4.63 21.92 0.23
N ARG I 285 -3.94 22.13 -0.91
CA ARG I 285 -4.60 22.32 -2.19
C ARG I 285 -5.39 21.06 -2.54
N ASP I 286 -4.78 19.89 -2.32
CA ASP I 286 -5.43 18.63 -2.69
C ASP I 286 -6.56 18.18 -1.76
N ASN I 287 -6.67 18.81 -0.60
CA ASN I 287 -7.66 18.42 0.39
C ASN I 287 -8.58 19.52 0.87
N GLY I 288 -8.51 20.68 0.22
CA GLY I 288 -9.37 21.81 0.52
C GLY I 288 -9.14 22.50 1.86
N LEU I 289 -7.96 22.33 2.46
CA LEU I 289 -7.66 23.00 3.73
C LEU I 289 -7.06 24.36 3.45
N LEU I 290 -7.48 25.38 4.18
CA LEU I 290 -6.82 26.67 4.07
C LEU I 290 -5.52 26.63 4.86
N LEU I 291 -4.51 27.38 4.42
CA LEU I 291 -3.23 27.37 5.12
C LEU I 291 -2.76 28.74 5.64
N HIS I 292 -2.74 28.88 6.95
CA HIS I 292 -2.29 30.13 7.60
C HIS I 292 -0.79 30.05 7.83
N ILE I 293 -0.05 31.09 7.45
CA ILE I 293 1.39 31.03 7.59
C ILE I 293 1.90 32.01 8.63
N HIS I 294 2.60 31.47 9.61
CA HIS I 294 3.21 32.27 10.67
C HIS I 294 4.69 32.48 10.31
N ARG I 295 5.20 33.68 10.49
CA ARG I 295 6.53 34.01 10.01
C ARG I 295 7.58 34.02 11.10
N ALA I 296 7.37 33.24 12.15
CA ALA I 296 8.34 33.12 13.23
C ALA I 296 9.75 33.00 12.70
N MET I 297 10.64 33.80 13.30
CA MET I 297 12.08 33.82 12.97
C MET I 297 12.44 34.84 11.88
N HIS I 298 11.44 35.40 11.20
CA HIS I 298 11.74 36.38 10.15
C HIS I 298 12.63 37.52 10.62
N ALA I 299 12.41 38.01 11.84
CA ALA I 299 13.17 39.17 12.33
C ALA I 299 14.63 38.82 12.62
N VAL I 300 14.97 37.55 12.71
CA VAL I 300 16.36 37.14 12.84
C VAL I 300 17.10 37.53 11.54
N ILE I 301 16.35 37.47 10.43
CA ILE I 301 16.89 37.63 9.09
C ILE I 301 16.68 39.04 8.56
N ASP I 302 15.53 39.61 8.88
CA ASP I 302 15.12 40.86 8.22
C ASP I 302 15.07 42.17 9.02
N ARG I 303 15.52 42.17 10.28
CA ARG I 303 15.38 43.37 11.11
C ARG I 303 16.34 44.51 10.71
N GLN I 304 17.62 44.18 10.53
CA GLN I 304 18.68 45.16 10.30
C GLN I 304 18.82 45.61 8.85
N ARG I 305 19.17 46.89 8.70
CA ARG I 305 19.15 47.62 7.44
C ARG I 305 20.35 47.28 6.56
N ASN I 306 21.45 46.89 7.20
CA ASN I 306 22.73 46.65 6.52
C ASN I 306 22.97 45.17 6.12
N HIS I 307 22.28 44.26 6.79
CA HIS I 307 22.55 42.85 6.58
C HIS I 307 21.33 41.94 6.69
N GLY I 308 21.21 41.01 5.75
CA GLY I 308 20.19 39.95 5.81
C GLY I 308 19.32 39.93 4.59
N ILE I 309 18.02 39.71 4.75
CA ILE I 309 17.07 39.62 3.63
C ILE I 309 15.86 40.39 4.09
N HIS I 310 15.37 41.29 3.24
CA HIS I 310 14.22 42.08 3.60
C HIS I 310 12.96 41.20 3.64
N PHE I 311 12.05 41.48 4.56
CA PHE I 311 10.86 40.65 4.61
C PHE I 311 10.10 40.57 3.28
N ARG I 312 10.13 41.63 2.46
CA ARG I 312 9.41 41.56 1.19
C ARG I 312 9.88 40.39 0.34
N VAL I 313 11.16 40.04 0.43
CA VAL I 313 11.68 38.88 -0.29
C VAL I 313 11.13 37.60 0.33
N LEU I 314 11.19 37.50 1.65
CA LEU I 314 10.59 36.35 2.33
C LEU I 314 9.10 36.22 2.06
N ALA I 315 8.41 37.36 1.94
CA ALA I 315 6.98 37.35 1.56
C ALA I 315 6.78 36.86 0.16
N LYS I 316 7.64 37.30 -0.78
CA LYS I 316 7.50 36.84 -2.15
C LYS I 316 7.67 35.34 -2.18
N ALA I 317 8.72 34.88 -1.50
CA ALA I 317 9.04 33.45 -1.44
C ALA I 317 7.88 32.62 -0.88
N LEU I 318 7.26 33.11 0.19
CA LEU I 318 6.10 32.42 0.75
C LEU I 318 4.95 32.33 -0.28
N ARG I 319 4.70 33.43 -1.00
CA ARG I 319 3.69 33.40 -2.04
C ARG I 319 3.93 32.30 -3.06
N MET I 320 5.17 32.10 -3.44
CA MET I 320 5.50 31.04 -4.37
C MET I 320 5.39 29.63 -3.73
N SER I 321 5.94 29.47 -2.54
CA SER I 321 5.92 28.21 -1.82
C SER I 321 4.54 27.79 -1.43
N GLY I 322 3.71 28.76 -1.05
CA GLY I 322 2.31 28.55 -0.83
C GLY I 322 1.78 28.84 0.56
N GLY I 323 0.81 29.73 0.63
CA GLY I 323 0.13 30.05 1.88
C GLY I 323 -1.10 30.90 1.62
N ASP I 324 -2.19 30.63 2.33
CA ASP I 324 -3.37 31.46 2.18
C ASP I 324 -3.34 32.75 2.98
N HIS I 325 -2.73 32.70 4.17
CA HIS I 325 -2.52 33.88 5.01
C HIS I 325 -1.04 34.00 5.23
N LEU I 326 -0.56 35.22 5.46
CA LEU I 326 0.80 35.45 5.93
C LEU I 326 0.86 36.70 6.83
N HIS I 327 1.43 36.56 8.00
CA HIS I 327 1.63 37.68 8.91
C HIS I 327 2.41 38.78 8.22
N SER I 328 1.98 40.01 8.43
CA SER I 328 2.52 41.14 7.70
C SER I 328 3.03 42.28 8.62
N GLY I 329 2.86 42.13 9.92
CA GLY I 329 3.09 43.21 10.85
C GLY I 329 1.82 44.02 11.04
N THR I 330 1.84 44.94 12.00
CA THR I 330 0.69 45.79 12.33
C THR I 330 0.99 47.25 12.12
N VAL I 331 2.26 47.61 12.01
CA VAL I 331 2.71 49.01 12.02
C VAL I 331 2.62 49.66 13.39
N VAL I 332 1.46 49.60 14.03
CA VAL I 332 1.20 50.30 15.29
C VAL I 332 1.38 49.44 16.58
N GLY I 333 1.69 48.15 16.42
CA GLY I 333 1.71 47.23 17.56
C GLY I 333 3.09 47.04 18.17
N LYS I 334 3.25 45.99 18.99
CA LYS I 334 4.48 45.76 19.75
C LYS I 334 5.70 45.34 18.91
N LEU I 335 5.50 44.97 17.63
CA LEU I 335 6.61 44.53 16.79
C LEU I 335 6.80 45.51 15.66
N GLU I 336 8.04 45.61 15.19
CA GLU I 336 8.42 46.63 14.26
C GLU I 336 7.84 46.41 12.86
N GLY I 337 7.48 47.52 12.20
CA GLY I 337 7.15 47.50 10.79
C GLY I 337 6.75 48.90 10.38
N GLU I 338 7.58 49.55 9.58
CA GLU I 338 7.28 50.91 9.17
C GLU I 338 6.18 50.94 8.11
N ARG I 339 5.37 51.98 8.16
CA ARG I 339 4.22 52.13 7.30
C ARG I 339 4.45 52.00 5.78
N GLU I 340 5.42 52.74 5.22
CA GLU I 340 5.61 52.74 3.76
C GLU I 340 6.17 51.40 3.26
N VAL I 341 7.02 50.79 4.09
CA VAL I 341 7.63 49.51 3.79
C VAL I 341 6.52 48.45 3.79
N THR I 342 5.67 48.49 4.81
CA THR I 342 4.57 47.54 4.93
C THR I 342 3.56 47.68 3.80
N LEU I 343 3.22 48.90 3.42
CA LEU I 343 2.27 49.08 2.32
C LEU I 343 2.85 48.50 1.04
N GLY I 344 4.16 48.62 0.90
CA GLY I 344 4.86 48.05 -0.25
C GLY I 344 4.72 46.55 -0.37
N PHE I 345 5.01 45.82 0.72
CA PHE I 345 4.99 44.38 0.60
C PHE I 345 3.59 43.78 0.73
N VAL I 346 2.67 44.52 1.31
CA VAL I 346 1.27 44.10 1.32
C VAL I 346 0.76 44.06 -0.13
N ASP I 347 1.10 45.08 -0.93
CA ASP I 347 0.78 45.06 -2.36
C ASP I 347 1.46 43.87 -3.04
N LEU I 348 2.71 43.60 -2.70
CA LEU I 348 3.39 42.43 -3.24
C LEU I 348 2.73 41.11 -2.88
N MET I 349 2.06 41.06 -1.72
CA MET I 349 1.44 39.83 -1.24
C MET I 349 0.08 39.59 -1.92
N ARG I 350 -0.69 40.66 -2.08
CA ARG I 350 -2.09 40.62 -2.51
C ARG I 350 -2.35 40.78 -4.02
N ASP I 351 -1.55 41.62 -4.67
CA ASP I 351 -1.88 42.12 -6.00
C ASP I 351 -1.36 41.26 -7.14
N ASP I 352 -1.93 41.45 -8.32
CA ASP I 352 -1.44 40.74 -9.48
C ASP I 352 -0.23 41.39 -10.16
N TYR I 353 -0.18 42.73 -10.12
CA TYR I 353 0.86 43.49 -10.78
C TYR I 353 1.28 44.67 -9.91
N VAL I 354 2.57 44.75 -9.57
CA VAL I 354 3.06 45.82 -8.72
C VAL I 354 4.21 46.59 -9.42
N GLU I 355 4.07 47.89 -9.57
CA GLU I 355 5.06 48.67 -10.28
C GLU I 355 6.21 49.04 -9.37
N LYS I 356 7.42 49.08 -9.94
CA LYS I 356 8.57 49.69 -9.28
C LYS I 356 8.16 50.98 -8.54
N ASP I 357 8.56 51.09 -7.28
CA ASP I 357 8.26 52.23 -6.42
C ASP I 357 9.20 52.29 -5.23
N ARG I 358 10.30 53.04 -5.36
CA ARG I 358 11.36 53.00 -4.36
C ARG I 358 10.93 53.58 -3.02
N SER I 359 9.95 54.46 -3.05
CA SER I 359 9.47 55.09 -1.82
C SER I 359 8.68 54.12 -0.93
N ARG I 360 8.32 52.96 -1.50
CA ARG I 360 7.69 51.88 -0.75
C ARG I 360 8.58 50.63 -0.71
N GLY I 361 9.83 50.76 -1.18
CA GLY I 361 10.82 49.70 -1.09
C GLY I 361 10.72 48.67 -2.18
N ILE I 362 9.95 48.97 -3.21
CA ILE I 362 9.83 48.06 -4.32
C ILE I 362 10.84 48.40 -5.37
N TYR I 363 11.93 47.62 -5.45
CA TYR I 363 13.02 47.87 -6.42
C TYR I 363 12.72 47.43 -7.84
N PHE I 364 11.74 46.55 -8.01
CA PHE I 364 11.43 45.92 -9.29
C PHE I 364 9.94 45.87 -9.57
N THR I 365 9.55 46.06 -10.82
CA THR I 365 8.19 45.75 -11.20
C THR I 365 7.99 44.23 -11.09
N GLN I 366 6.93 43.82 -10.42
CA GLN I 366 6.65 42.43 -10.16
C GLN I 366 5.32 42.01 -10.73
N ASP I 367 5.34 41.00 -11.58
CA ASP I 367 4.16 40.54 -12.29
C ASP I 367 3.91 39.12 -11.83
N TRP I 368 2.77 38.90 -11.18
CA TRP I 368 2.50 37.60 -10.54
C TRP I 368 1.74 36.63 -11.46
N SER I 370 -1.29 35.99 -12.45
CA SER I 370 -2.49 35.32 -11.92
C SER I 370 -2.29 34.33 -10.77
N MET I 371 -1.10 34.28 -10.19
CA MET I 371 -0.96 33.53 -8.98
C MET I 371 -1.84 34.18 -7.90
N PRO I 372 -2.58 33.38 -7.16
CA PRO I 372 -3.49 33.94 -6.15
C PRO I 372 -2.73 34.79 -5.13
N GLY I 373 -3.41 35.79 -4.58
CA GLY I 373 -2.80 36.63 -3.56
C GLY I 373 -2.96 36.02 -2.18
N VAL I 374 -2.10 36.48 -1.26
CA VAL I 374 -2.06 36.02 0.10
C VAL I 374 -2.68 37.09 0.99
N MET I 375 -3.48 36.65 1.96
CA MET I 375 -4.13 37.53 2.88
C MET I 375 -3.14 37.96 3.96
N PRO I 376 -2.88 39.26 4.10
CA PRO I 376 -2.04 39.73 5.18
C PRO I 376 -2.73 39.61 6.53
N VAL I 377 -1.95 39.25 7.54
CA VAL I 377 -2.44 39.10 8.91
C VAL I 377 -1.69 40.07 9.81
N ALA I 378 -2.45 40.98 10.44
CA ALA I 378 -1.88 42.01 11.30
C ALA I 378 -2.10 41.52 12.70
N SER I 379 -1.02 41.28 13.42
CA SER I 379 -1.12 40.67 14.74
C SER I 379 0.06 41.13 15.59
N GLY I 380 -0.17 41.31 16.90
CA GLY I 380 0.91 41.63 17.81
C GLY I 380 0.76 42.93 18.56
N GLY I 381 0.17 42.88 19.75
CA GLY I 381 0.11 44.02 20.64
C GLY I 381 -0.86 45.07 20.15
N ILE I 382 -1.96 44.66 19.53
CA ILE I 382 -2.98 45.60 19.10
C ILE I 382 -4.24 45.45 19.93
N HIS I 383 -5.01 46.52 20.01
CA HIS I 383 -6.24 46.54 20.78
C HIS I 383 -7.24 47.44 20.10
N VAL I 384 -8.43 47.60 20.70
CA VAL I 384 -9.54 48.29 20.05
C VAL I 384 -9.22 49.68 19.54
N TRP I 385 -8.40 50.44 20.27
CA TRP I 385 -8.02 51.79 19.83
C TRP I 385 -7.20 51.80 18.52
N HIS I 386 -6.55 50.69 18.20
CA HIS I 386 -5.79 50.60 16.94
C HIS I 386 -6.69 50.36 15.73
N MET I 387 -7.92 49.95 15.97
CA MET I 387 -8.79 49.48 14.88
C MET I 387 -8.88 50.43 13.67
N PRO I 388 -9.12 51.72 13.88
CA PRO I 388 -9.20 52.66 12.74
C PRO I 388 -7.91 52.69 11.93
N ALA I 389 -6.75 52.73 12.58
CA ALA I 389 -5.46 52.71 11.88
C ALA I 389 -5.27 51.44 11.06
N LEU I 390 -5.66 50.30 11.63
CA LEU I 390 -5.55 49.02 10.92
C LEU I 390 -6.45 48.95 9.70
N VAL I 391 -7.71 49.34 9.85
CA VAL I 391 -8.64 49.37 8.72
C VAL I 391 -8.19 50.35 7.64
N GLU I 392 -7.64 51.48 8.08
CA GLU I 392 -7.09 52.44 7.13
C GLU I 392 -5.88 51.89 6.34
N ILE I 393 -4.96 51.20 7.03
CA ILE I 393 -3.74 50.68 6.41
C ILE I 393 -4.05 49.50 5.50
N PHE I 394 -4.86 48.56 6.00
CA PHE I 394 -5.02 47.28 5.30
C PHE I 394 -6.25 47.16 4.39
N GLY I 395 -7.28 47.95 4.67
CA GLY I 395 -8.55 47.77 3.98
C GLY I 395 -9.21 46.47 4.45
N ASP I 396 -10.11 45.94 3.62
CA ASP I 396 -10.89 44.76 3.97
C ASP I 396 -10.13 43.47 3.81
N ASP I 397 -9.21 43.38 2.85
CA ASP I 397 -8.56 42.12 2.57
C ASP I 397 -7.39 41.86 3.49
N ALA I 398 -7.72 41.53 4.75
CA ALA I 398 -6.74 41.36 5.80
C ALA I 398 -7.41 40.66 6.94
N CYS I 399 -6.60 40.05 7.79
CA CYS I 399 -7.11 39.47 8.99
C CYS I 399 -6.42 40.18 10.12
N LEU I 400 -7.19 40.60 11.13
CA LEU I 400 -6.65 41.30 12.28
C LEU I 400 -6.75 40.41 13.51
N GLN I 401 -5.62 40.26 14.22
CA GLN I 401 -5.55 39.33 15.32
C GLN I 401 -5.35 39.97 16.66
N PHE I 402 -6.18 39.59 17.63
CA PHE I 402 -6.11 40.15 18.97
C PHE I 402 -6.01 39.05 20.00
N GLY I 403 -4.79 38.71 20.41
CA GLY I 403 -4.57 37.72 21.47
C GLY I 403 -4.85 38.29 22.84
N GLY I 404 -3.85 38.97 23.39
CA GLY I 404 -3.98 39.75 24.61
C GLY I 404 -5.19 40.65 24.53
N GLY I 405 -5.42 41.24 23.35
CA GLY I 405 -6.55 42.13 23.13
C GLY I 405 -7.93 41.48 23.25
N THR I 406 -7.99 40.17 23.36
CA THR I 406 -9.24 39.46 23.59
C THR I 406 -9.20 38.79 24.94
N LEU I 407 -8.18 37.96 25.19
CA LEU I 407 -8.08 37.22 26.47
C LEU I 407 -7.72 38.09 27.68
N GLY I 408 -7.47 39.37 27.44
CA GLY I 408 -7.10 40.31 28.48
C GLY I 408 -8.21 41.29 28.77
N HIS I 409 -9.39 41.03 28.21
CA HIS I 409 -10.55 41.88 28.45
C HIS I 409 -11.08 41.59 29.86
N PRO I 410 -11.46 42.61 30.63
CA PRO I 410 -11.82 42.37 32.05
C PRO I 410 -13.03 41.45 32.22
N TRP I 411 -13.85 41.28 31.20
CA TRP I 411 -14.99 40.39 31.35
C TRP I 411 -14.84 38.99 30.72
N GLY I 412 -13.66 38.64 30.22
CA GLY I 412 -13.49 37.33 29.60
C GLY I 412 -13.58 37.36 28.08
N ASN I 413 -13.55 36.17 27.47
CA ASN I 413 -13.25 36.04 26.05
C ASN I 413 -14.41 36.47 25.16
N ALA I 414 -15.62 36.02 25.50
CA ALA I 414 -16.79 36.35 24.69
C ALA I 414 -17.00 37.88 24.61
N PRO I 415 -17.06 38.57 25.74
CA PRO I 415 -17.14 40.04 25.69
C PRO I 415 -15.93 40.65 24.97
N GLY I 416 -14.70 40.15 25.22
CA GLY I 416 -13.53 40.64 24.53
C GLY I 416 -13.64 40.57 23.01
N ALA I 417 -14.11 39.43 22.52
CA ALA I 417 -14.32 39.19 21.10
C ALA I 417 -15.38 40.14 20.55
N ALA I 418 -16.49 40.28 21.28
CA ALA I 418 -17.55 41.20 20.88
C ALA I 418 -17.03 42.61 20.78
N ALA I 419 -16.18 43.00 21.72
CA ALA I 419 -15.63 44.36 21.69
C ALA I 419 -14.82 44.56 20.42
N ASN I 420 -13.97 43.58 20.07
CA ASN I 420 -13.20 43.72 18.86
C ASN I 420 -14.06 43.76 17.60
N ARG I 421 -15.13 42.96 17.61
CA ARG I 421 -15.98 42.81 16.45
C ARG I 421 -16.82 44.07 16.26
N VAL I 422 -17.38 44.59 17.34
CA VAL I 422 -18.05 45.88 17.31
C VAL I 422 -17.16 47.01 16.74
N ALA I 423 -15.93 47.11 17.27
CA ALA I 423 -14.97 48.11 16.86
C ALA I 423 -14.70 48.02 15.37
N LEU I 424 -14.47 46.80 14.87
CA LEU I 424 -14.14 46.62 13.46
C LEU I 424 -15.34 46.94 12.59
N GLU I 425 -16.54 46.59 13.06
CA GLU I 425 -17.71 46.81 12.26
C GLU I 425 -18.03 48.31 12.20
N ALA I 426 -17.93 48.99 13.35
CA ALA I 426 -18.11 50.44 13.42
C ALA I 426 -17.17 51.15 12.45
N CYS I 427 -15.89 50.76 12.45
CA CYS I 427 -14.91 51.38 11.58
C CYS I 427 -15.20 51.16 10.09
N THR I 428 -15.64 49.94 9.77
CA THR I 428 -15.99 49.56 8.42
C THR I 428 -17.19 50.37 7.92
N GLN I 429 -18.26 50.43 8.73
CA GLN I 429 -19.40 51.29 8.44
C GLN I 429 -18.97 52.75 8.20
N ALA I 430 -18.20 53.31 9.15
CA ALA I 430 -17.72 54.69 9.01
C ALA I 430 -17.00 54.92 7.70
N ARG I 431 -16.08 54.02 7.36
CA ARG I 431 -15.36 54.12 6.11
C ARG I 431 -16.29 54.13 4.89
N ASN I 432 -17.24 53.19 4.87
CA ASN I 432 -18.19 53.07 3.78
C ASN I 432 -19.09 54.32 3.66
N GLU I 433 -19.39 54.96 4.79
CA GLU I 433 -20.16 56.19 4.78
C GLU I 433 -19.34 57.39 4.34
N GLY I 434 -18.04 57.20 4.05
CA GLY I 434 -17.18 58.27 3.57
C GLY I 434 -16.35 59.01 4.63
N ARG I 435 -16.44 58.57 5.88
CA ARG I 435 -15.61 59.13 6.92
C ARG I 435 -14.14 58.81 6.67
N ASP I 436 -13.27 59.75 7.00
CA ASP I 436 -11.81 59.58 6.91
C ASP I 436 -11.21 59.03 8.22
N LEU I 437 -10.89 57.74 8.22
CA LEU I 437 -10.48 57.06 9.44
C LEU I 437 -9.19 57.59 10.03
N ALA I 438 -8.28 58.06 9.16
CA ALA I 438 -7.03 58.68 9.61
C ALA I 438 -7.32 59.92 10.46
N ARG I 439 -8.36 60.68 10.12
CA ARG I 439 -8.70 61.88 10.88
C ARG I 439 -9.74 61.63 11.95
N GLU I 440 -10.77 60.85 11.63
CA GLU I 440 -11.95 60.74 12.48
C GLU I 440 -12.00 59.46 13.33
N GLY I 441 -10.93 58.67 13.28
CA GLY I 441 -10.92 57.33 13.84
C GLY I 441 -11.24 57.29 15.33
N GLY I 442 -10.56 58.16 16.07
CA GLY I 442 -10.81 58.34 17.50
C GLY I 442 -12.28 58.51 17.79
N ASP I 443 -12.97 59.30 16.95
CA ASP I 443 -14.38 59.62 17.17
C ASP I 443 -15.28 58.43 16.91
N VAL I 444 -14.94 57.64 15.88
CA VAL I 444 -15.69 56.43 15.57
C VAL I 444 -15.65 55.49 16.77
N ILE I 445 -14.46 55.23 17.30
CA ILE I 445 -14.37 54.35 18.48
C ILE I 445 -15.12 54.92 19.68
N ARG I 446 -14.89 56.20 19.99
CA ARG I 446 -15.56 56.84 21.10
C ARG I 446 -17.09 56.70 21.05
N SER I 447 -17.66 56.92 19.87
CA SER I 447 -19.10 56.73 19.65
C SER I 447 -19.57 55.30 19.93
N ALA I 448 -18.87 54.34 19.34
CA ALA I 448 -19.10 52.93 19.62
C ALA I 448 -18.98 52.53 21.12
N CYS I 449 -18.01 53.10 21.85
CA CYS I 449 -17.92 52.95 23.32
C CYS I 449 -19.15 53.37 24.07
N LYS I 450 -19.70 54.50 23.66
CA LYS I 450 -20.88 55.10 24.30
C LYS I 450 -22.02 54.13 24.09
N TRP I 451 -21.99 53.40 22.98
CA TRP I 451 -23.07 52.50 22.63
C TRP I 451 -22.95 51.05 23.18
N SER I 452 -21.74 50.48 23.19
CA SER I 452 -21.55 49.08 23.56
C SER I 452 -20.77 48.91 24.86
N PRO I 453 -21.38 48.34 25.91
CA PRO I 453 -20.70 48.21 27.20
C PRO I 453 -19.42 47.35 27.13
N GLU I 454 -19.44 46.25 26.37
CA GLU I 454 -18.25 45.43 26.12
C GLU I 454 -17.08 46.20 25.55
N LEU I 455 -17.36 47.01 24.52
CA LEU I 455 -16.34 47.86 23.93
C LEU I 455 -15.84 48.90 24.95
N ALA I 456 -16.76 49.55 25.66
CA ALA I 456 -16.40 50.60 26.59
C ALA I 456 -15.38 50.08 27.60
N ALA I 457 -15.60 48.83 28.06
CA ALA I 457 -14.75 48.23 29.08
C ALA I 457 -13.35 48.02 28.52
N ALA I 458 -13.26 47.64 27.25
CA ALA I 458 -11.95 47.42 26.61
C ALA I 458 -11.25 48.75 26.39
N CYS I 459 -12.03 49.74 26.00
CA CYS I 459 -11.51 51.08 25.79
C CYS I 459 -10.85 51.66 27.01
N GLU I 460 -11.47 51.45 28.15
CA GLU I 460 -10.94 51.95 29.44
C GLU I 460 -9.61 51.30 29.81
N VAL I 461 -9.55 49.99 29.67
CA VAL I 461 -8.36 49.23 30.07
C VAL I 461 -7.13 49.62 29.29
N TRP I 462 -7.30 49.90 28.00
CA TRP I 462 -6.14 50.06 27.12
C TRP I 462 -5.94 51.47 26.59
N LYS I 463 -6.72 52.41 27.12
CA LYS I 463 -6.72 53.78 26.63
C LYS I 463 -5.31 54.38 26.50
N GLU I 464 -4.49 54.12 27.50
CA GLU I 464 -3.16 54.73 27.51
C GLU I 464 -2.14 54.09 26.57
N ILE I 465 -2.43 52.88 26.07
CA ILE I 465 -1.38 52.00 25.56
C ILE I 465 -1.01 52.21 24.11
N LYS I 466 0.26 52.58 23.91
CA LYS I 466 0.84 52.86 22.60
C LYS I 466 2.19 52.19 22.46
N PHE I 467 2.64 51.96 21.22
CA PHE I 467 3.97 51.40 20.99
C PHE I 467 4.73 52.25 19.98
N GLU I 468 5.47 53.22 20.52
CA GLU I 468 6.15 54.22 19.72
C GLU I 468 7.66 54.21 20.00
N PHE I 469 8.41 53.71 19.05
CA PHE I 469 9.85 53.58 19.21
C PHE I 469 10.51 53.97 17.89
N ASP I 470 11.80 54.23 17.97
CA ASP I 470 12.57 54.57 16.78
C ASP I 470 12.67 53.32 15.88
N THR I 471 12.36 53.48 14.59
CA THR I 471 12.36 52.40 13.62
C THR I 471 13.79 51.96 13.21
N ILE I 472 14.07 50.65 13.26
CA ILE I 472 15.37 50.14 12.81
C ILE I 472 15.40 49.91 11.32
N ASP I 473 14.41 49.19 10.81
CA ASP I 473 14.33 48.85 9.39
C ASP I 473 13.74 50.03 8.59
N LYS I 474 14.53 51.11 8.48
CA LYS I 474 14.16 52.30 7.72
C LYS I 474 14.46 52.01 6.25
N LEU I 475 13.75 52.68 5.34
CA LEU I 475 14.10 52.62 3.91
C LEU I 475 15.54 53.00 3.57
N MET J 1 -38.92 41.05 -15.73
CA MET J 1 -38.27 39.83 -15.16
C MET J 1 -39.15 39.25 -14.06
N MET J 2 -39.45 37.97 -14.17
CA MET J 2 -40.12 37.29 -13.08
C MET J 2 -39.12 36.34 -12.42
N VAL J 3 -39.29 36.13 -11.12
CA VAL J 3 -38.42 35.27 -10.33
C VAL J 3 -39.08 33.94 -10.13
N TRP J 4 -38.38 32.86 -10.45
CA TRP J 4 -38.90 31.52 -10.25
C TRP J 4 -38.87 31.19 -8.76
N THR J 5 -40.02 30.92 -8.16
CA THR J 5 -40.05 30.78 -6.70
C THR J 5 -39.40 29.48 -6.17
N PRO J 6 -38.57 29.58 -5.13
CA PRO J 6 -38.02 28.38 -4.45
C PRO J 6 -38.95 27.79 -3.37
N VAL J 7 -40.04 28.46 -3.04
CA VAL J 7 -41.04 28.01 -2.05
C VAL J 7 -42.29 27.52 -2.78
N ASN J 8 -43.07 26.55 -2.29
CA ASN J 8 -42.76 25.16 -2.06
C ASN J 8 -43.22 24.72 -3.46
N ASN J 9 -42.22 24.38 -4.28
CA ASN J 9 -42.39 24.28 -5.73
C ASN J 9 -41.83 22.94 -6.16
N LYS J 10 -42.12 21.93 -5.35
CA LYS J 10 -41.64 20.58 -5.63
C LYS J 10 -42.25 20.04 -6.91
N MET J 11 -41.47 19.23 -7.63
CA MET J 11 -41.84 18.71 -8.95
C MET J 11 -41.82 17.18 -8.96
N PHE J 12 -42.39 16.59 -10.00
CA PHE J 12 -42.64 15.15 -10.03
C PHE J 12 -42.32 14.54 -11.38
N GLU J 13 -41.21 14.98 -11.96
CA GLU J 13 -40.73 14.51 -13.25
C GLU J 13 -41.75 14.80 -14.36
N THR J 14 -41.90 13.87 -15.30
CA THR J 14 -42.52 14.19 -16.57
C THR J 14 -43.91 14.80 -16.46
N PHE J 15 -44.06 15.96 -17.13
CA PHE J 15 -45.29 16.73 -17.25
C PHE J 15 -45.62 17.64 -16.07
N SER J 16 -44.82 17.64 -15.00
CA SER J 16 -45.10 18.57 -13.89
C SER J 16 -44.87 20.05 -14.17
N TYR J 17 -44.28 20.40 -15.32
CA TYR J 17 -44.08 21.82 -15.64
C TYR J 17 -45.20 22.32 -16.54
N LEU J 18 -46.13 21.42 -16.87
CA LEU J 18 -47.32 21.72 -17.67
C LEU J 18 -48.49 22.01 -16.73
N PRO J 19 -49.57 22.60 -17.24
CA PRO J 19 -50.81 22.67 -16.43
C PRO J 19 -51.23 21.27 -16.03
N PRO J 20 -51.90 21.09 -14.89
CA PRO J 20 -52.29 19.74 -14.45
C PRO J 20 -53.12 19.03 -15.53
N LEU J 21 -52.93 17.72 -15.72
CA LEU J 21 -53.60 17.00 -16.78
C LEU J 21 -55.09 16.80 -16.54
N THR J 22 -55.89 17.16 -17.53
CA THR J 22 -57.32 16.89 -17.54
C THR J 22 -57.59 15.40 -17.73
N ASP J 23 -58.85 15.01 -17.54
CA ASP J 23 -59.25 13.62 -17.68
C ASP J 23 -59.06 13.17 -19.11
N GLU J 24 -59.38 14.06 -20.05
CA GLU J 24 -59.18 13.85 -21.49
C GLU J 24 -57.67 13.67 -21.85
N GLN J 25 -56.81 14.45 -21.20
CA GLN J 25 -55.37 14.36 -21.42
C GLN J 25 -54.76 13.09 -20.85
N ILE J 26 -55.19 12.67 -19.66
CA ILE J 26 -54.80 11.37 -19.11
C ILE J 26 -55.23 10.24 -20.06
N ALA J 27 -56.45 10.33 -20.56
CA ALA J 27 -56.98 9.27 -21.41
C ALA J 27 -56.16 9.16 -22.69
N ALA J 28 -55.65 10.31 -23.16
CA ALA J 28 -54.84 10.35 -24.36
C ALA J 28 -53.46 9.71 -24.15
N GLN J 29 -52.88 9.93 -22.96
CA GLN J 29 -51.66 9.23 -22.56
C GLN J 29 -51.88 7.72 -22.50
N VAL J 30 -53.01 7.29 -21.97
CA VAL J 30 -53.33 5.87 -21.88
C VAL J 30 -53.44 5.23 -23.26
N ASP J 31 -54.14 5.91 -24.18
CA ASP J 31 -54.24 5.46 -25.59
C ASP J 31 -52.86 5.25 -26.24
N TYR J 32 -51.95 6.18 -25.94
CA TYR J 32 -50.55 6.08 -26.34
C TYR J 32 -49.88 4.78 -25.84
N ILE J 33 -50.03 4.48 -24.55
CA ILE J 33 -49.50 3.24 -23.97
C ILE J 33 -50.00 2.03 -24.72
N VAL J 34 -51.32 1.97 -24.94
CA VAL J 34 -51.97 0.85 -25.61
C VAL J 34 -51.56 0.75 -27.08
N ALA J 35 -51.47 1.89 -27.78
CA ALA J 35 -51.12 1.89 -29.20
C ALA J 35 -49.70 1.37 -29.41
N ASN J 36 -48.87 1.52 -28.37
CA ASN J 36 -47.49 1.06 -28.47
C ASN J 36 -47.23 -0.32 -27.86
N GLY J 37 -48.26 -0.93 -27.28
CA GLY J 37 -48.13 -2.25 -26.71
C GLY J 37 -47.36 -2.33 -25.41
N TRP J 38 -47.20 -1.21 -24.71
CA TRP J 38 -46.46 -1.17 -23.47
C TRP J 38 -47.32 -1.65 -22.29
N ILE J 39 -46.67 -2.02 -21.19
CA ILE J 39 -47.36 -2.61 -20.05
C ILE J 39 -47.66 -1.53 -19.01
N PRO J 40 -48.93 -1.22 -18.80
CA PRO J 40 -49.29 -0.19 -17.83
C PRO J 40 -49.17 -0.70 -16.39
N CYS J 41 -48.77 0.16 -15.45
CA CYS J 41 -48.70 -0.20 -14.06
C CYS J 41 -48.96 1.02 -13.20
N LEU J 42 -49.49 0.80 -12.00
CA LEU J 42 -49.63 1.87 -11.04
C LEU J 42 -48.75 1.66 -9.81
N GLU J 43 -48.18 2.77 -9.33
CA GLU J 43 -47.35 2.81 -8.14
C GLU J 43 -47.83 3.97 -7.25
N PHE J 44 -47.71 3.78 -5.94
CA PHE J 44 -48.15 4.80 -5.00
C PHE J 44 -47.21 4.96 -3.82
N ALA J 45 -47.19 6.14 -3.23
CA ALA J 45 -46.37 6.38 -2.03
C ALA J 45 -47.20 7.07 -0.95
N THR J 46 -47.12 6.54 0.26
CA THR J 46 -47.90 7.09 1.36
C THR J 46 -47.03 7.90 2.29
N ASP J 47 -45.72 7.94 2.00
CA ASP J 47 -44.74 8.63 2.84
C ASP J 47 -44.06 9.75 2.07
N HIS J 48 -42.72 9.71 2.01
CA HIS J 48 -41.97 10.73 1.28
C HIS J 48 -42.25 10.52 -0.20
N GLY J 49 -42.77 11.52 -0.90
CA GLY J 49 -42.91 11.44 -2.34
C GLY J 49 -41.66 11.81 -3.16
N PHE J 50 -40.52 12.02 -2.50
CA PHE J 50 -39.31 12.51 -3.18
C PHE J 50 -38.09 11.70 -2.89
N VAL J 51 -37.14 11.83 -3.79
CA VAL J 51 -35.85 11.19 -3.63
C VAL J 51 -35.14 11.80 -2.42
N TYR J 52 -34.44 10.97 -1.66
CA TYR J 52 -33.65 11.44 -0.52
C TYR J 52 -32.50 10.46 -0.30
N ARG J 53 -31.64 10.73 0.68
CA ARG J 53 -30.57 9.81 1.01
C ARG J 53 -30.47 9.60 2.50
N GLU J 54 -31.01 8.49 3.01
CA GLU J 54 -30.89 8.16 4.43
C GLU J 54 -29.83 7.09 4.72
N HIS J 55 -29.86 6.00 3.95
CA HIS J 55 -29.15 4.79 4.32
C HIS J 55 -27.76 4.64 3.69
N HIS J 56 -27.51 5.42 2.64
CA HIS J 56 -26.24 5.39 1.93
C HIS J 56 -26.02 6.64 1.05
N ASN J 57 -24.77 6.91 0.69
CA ASN J 57 -24.39 8.19 0.05
C ASN J 57 -23.61 8.14 -1.30
N SER J 58 -23.26 6.94 -1.75
CA SER J 58 -22.38 6.80 -2.91
C SER J 58 -23.07 7.22 -4.24
N PRO J 59 -22.29 7.46 -5.29
CA PRO J 59 -22.84 7.83 -6.60
C PRO J 59 -23.91 6.87 -7.10
N GLY J 60 -25.04 7.45 -7.48
CA GLY J 60 -26.13 6.69 -8.07
C GLY J 60 -27.04 5.95 -7.12
N TYR J 61 -26.76 6.06 -5.81
CA TYR J 61 -27.62 5.55 -4.78
C TYR J 61 -28.55 6.68 -4.28
N TYR J 62 -29.85 6.39 -4.26
CA TYR J 62 -30.86 7.28 -3.64
C TYR J 62 -31.95 6.43 -3.02
N ASP J 63 -32.48 6.90 -1.90
CA ASP J 63 -33.68 6.32 -1.37
C ASP J 63 -34.87 7.03 -2.00
N GLY J 64 -36.03 6.38 -1.97
CA GLY J 64 -37.26 6.99 -2.38
C GLY J 64 -37.51 6.87 -3.86
N ARG J 65 -36.65 6.15 -4.57
CA ARG J 65 -36.92 5.89 -5.98
C ARG J 65 -38.04 4.86 -6.15
N TYR J 66 -38.07 3.83 -5.30
CA TYR J 66 -39.13 2.82 -5.40
C TYR J 66 -40.35 3.31 -4.70
N TRP J 67 -41.49 3.13 -5.34
CA TRP J 67 -42.80 3.30 -4.70
C TRP J 67 -43.46 1.94 -4.59
N THR J 68 -44.59 1.86 -3.89
CA THR J 68 -45.29 0.60 -3.72
C THR J 68 -46.10 0.35 -4.96
N MET J 69 -46.04 -0.88 -5.48
CA MET J 69 -46.76 -1.30 -6.66
C MET J 69 -48.22 -1.60 -6.35
N TRP J 70 -49.12 -1.07 -7.17
CA TRP J 70 -50.53 -1.34 -7.00
C TRP J 70 -50.88 -2.62 -7.76
N LYS J 71 -51.15 -3.70 -7.05
CA LYS J 71 -51.48 -4.97 -7.67
C LYS J 71 -50.31 -5.48 -8.52
N LEU J 72 -50.52 -5.71 -9.80
CA LEU J 72 -49.43 -6.13 -10.69
C LEU J 72 -49.46 -5.32 -11.99
N PRO J 73 -48.36 -5.26 -12.74
CA PRO J 73 -48.40 -4.61 -14.05
C PRO J 73 -49.47 -5.35 -14.83
N MET J 74 -50.20 -4.65 -15.68
CA MET J 74 -51.35 -5.20 -16.39
C MET J 74 -50.92 -5.84 -17.70
N PHE J 75 -50.24 -6.99 -17.58
CA PHE J 75 -49.74 -7.74 -18.74
C PHE J 75 -50.86 -8.12 -19.68
N GLY J 76 -50.61 -7.93 -20.97
CA GLY J 76 -51.56 -8.32 -22.00
C GLY J 76 -52.76 -7.41 -22.17
N CYS J 77 -52.87 -6.40 -21.32
CA CYS J 77 -54.01 -5.50 -21.38
C CYS J 77 -53.87 -4.52 -22.56
N ARG J 78 -54.92 -4.48 -23.38
CA ARG J 78 -55.01 -3.60 -24.55
C ARG J 78 -56.27 -2.74 -24.44
N ASP J 79 -56.82 -2.65 -23.23
CA ASP J 79 -58.07 -1.94 -23.00
C ASP J 79 -57.88 -0.65 -22.19
N PRO J 80 -57.89 0.51 -22.86
CA PRO J 80 -57.73 1.80 -22.16
C PRO J 80 -58.68 1.96 -20.98
N MET J 81 -59.94 1.52 -21.11
CA MET J 81 -60.95 1.63 -20.05
C MET J 81 -60.50 0.90 -18.76
N GLN J 82 -59.94 -0.30 -18.91
CA GLN J 82 -59.45 -1.10 -17.80
C GLN J 82 -58.42 -0.33 -17.00
N VAL J 83 -57.47 0.28 -17.72
CA VAL J 83 -56.41 1.09 -17.12
C VAL J 83 -57.02 2.27 -16.35
N LEU J 84 -57.91 3.02 -16.99
CA LEU J 84 -58.58 4.15 -16.35
C LEU J 84 -59.33 3.74 -15.08
N ARG J 85 -59.95 2.56 -15.09
CA ARG J 85 -60.64 2.03 -13.91
C ARG J 85 -59.67 1.69 -12.78
N GLU J 86 -58.46 1.21 -13.11
CA GLU J 86 -57.48 0.87 -12.06
C GLU J 86 -56.97 2.15 -11.40
N ILE J 87 -56.85 3.21 -12.18
CA ILE J 87 -56.46 4.50 -11.60
C ILE J 87 -57.48 4.88 -10.53
N VAL J 88 -58.76 4.71 -10.83
CA VAL J 88 -59.83 5.09 -9.92
C VAL J 88 -59.80 4.20 -8.68
N ALA J 89 -59.66 2.89 -8.90
CA ALA J 89 -59.56 1.94 -7.80
C ALA J 89 -58.41 2.27 -6.85
N CYS J 90 -57.22 2.52 -7.42
CA CYS J 90 -56.02 2.85 -6.64
C CYS J 90 -56.17 4.12 -5.81
N THR J 91 -56.61 5.20 -6.46
CA THR J 91 -56.82 6.48 -5.78
C THR J 91 -57.94 6.40 -4.77
N LYS J 92 -58.87 5.47 -4.97
CA LYS J 92 -59.98 5.28 -4.03
C LYS J 92 -59.48 4.58 -2.76
N ALA J 93 -58.59 3.61 -2.92
CA ALA J 93 -58.05 2.85 -1.79
C ALA J 93 -57.03 3.67 -1.02
N PHE J 94 -56.34 4.59 -1.72
CA PHE J 94 -55.28 5.40 -1.10
C PHE J 94 -55.45 6.89 -1.44
N PRO J 95 -56.49 7.50 -0.89
CA PRO J 95 -56.88 8.84 -1.33
C PRO J 95 -55.88 9.90 -0.91
N ASP J 96 -54.98 9.57 0.01
CA ASP J 96 -53.98 10.52 0.49
C ASP J 96 -52.56 10.26 -0.02
N ALA J 97 -52.40 9.30 -0.94
CA ALA J 97 -51.09 8.93 -1.45
C ALA J 97 -50.70 9.71 -2.70
N TYR J 98 -49.39 9.79 -2.95
CA TYR J 98 -48.90 10.11 -4.25
C TYR J 98 -49.16 8.87 -5.10
N VAL J 99 -49.74 9.05 -6.29
CA VAL J 99 -50.01 7.95 -7.20
C VAL J 99 -49.52 8.32 -8.59
N ARG J 100 -48.86 7.37 -9.26
CA ARG J 100 -48.34 7.60 -10.59
C ARG J 100 -48.62 6.45 -11.52
N LEU J 101 -48.93 6.79 -12.76
CA LEU J 101 -49.11 5.80 -13.81
C LEU J 101 -47.81 5.68 -14.59
N VAL J 102 -47.33 4.45 -14.79
CA VAL J 102 -46.09 4.19 -15.50
C VAL J 102 -46.40 3.12 -16.53
N ALA J 103 -45.51 2.98 -17.49
CA ALA J 103 -45.61 1.90 -18.47
C ALA J 103 -44.22 1.30 -18.72
N PHE J 104 -44.17 -0.01 -18.96
CA PHE J 104 -42.92 -0.69 -19.23
C PHE J 104 -42.85 -1.21 -20.64
N ASP J 105 -41.65 -1.15 -21.20
CA ASP J 105 -41.32 -1.82 -22.45
C ASP J 105 -40.49 -3.05 -22.11
N ASN J 106 -40.98 -4.24 -22.47
CA ASN J 106 -40.23 -5.43 -22.09
C ASN J 106 -39.06 -5.80 -23.02
N GLN J 107 -39.01 -5.15 -24.18
CA GLN J 107 -37.94 -5.37 -25.17
C GLN J 107 -36.68 -4.68 -24.68
N LYS J 108 -36.80 -3.39 -24.40
CA LYS J 108 -35.71 -2.62 -23.81
C LYS J 108 -35.53 -2.89 -22.30
N GLN J 109 -36.52 -3.53 -21.69
CA GLN J 109 -36.65 -3.68 -20.24
C GLN J 109 -36.37 -2.39 -19.44
N VAL J 110 -37.24 -1.42 -19.64
CA VAL J 110 -37.12 -0.13 -18.98
C VAL J 110 -38.49 0.49 -18.94
N GLN J 111 -38.72 1.31 -17.93
CA GLN J 111 -39.92 2.11 -17.85
C GLN J 111 -39.83 3.15 -18.95
N ILE J 112 -40.88 3.25 -19.74
CA ILE J 112 -40.83 4.01 -20.98
C ILE J 112 -41.70 5.26 -20.92
N MET J 113 -42.52 5.34 -19.87
CA MET J 113 -43.23 6.56 -19.54
C MET J 113 -43.76 6.56 -18.10
N GLY J 114 -44.22 7.72 -17.66
CA GLY J 114 -44.71 7.87 -16.31
C GLY J 114 -45.04 9.31 -16.00
N PHE J 115 -46.07 9.49 -15.15
CA PHE J 115 -46.47 10.82 -14.71
C PHE J 115 -47.39 10.67 -13.54
N LEU J 116 -47.39 11.69 -12.67
CA LEU J 116 -48.16 11.68 -11.46
C LEU J 116 -49.65 11.80 -11.79
N VAL J 117 -50.50 11.04 -11.09
CA VAL J 117 -51.94 11.19 -11.28
C VAL J 117 -52.71 11.66 -10.05
N GLN J 118 -52.04 11.67 -8.88
CA GLN J 118 -52.62 12.16 -7.64
C GLN J 118 -51.50 12.55 -6.68
N ARG J 119 -51.66 13.70 -6.02
CA ARG J 119 -50.83 14.01 -4.86
C ARG J 119 -51.71 14.21 -3.63
N PRO J 120 -51.14 14.09 -2.41
CA PRO J 120 -51.90 14.30 -1.18
C PRO J 120 -52.48 15.70 -1.13
N LYS J 121 -53.60 15.87 -0.45
CA LYS J 121 -54.23 17.19 -0.32
C LYS J 121 -53.74 17.90 0.94
N GLN J 127 -46.93 24.35 -6.18
CA GLN J 127 -47.45 25.61 -6.71
C GLN J 127 -48.36 25.43 -7.92
N PRO J 128 -49.55 26.04 -7.91
CA PRO J 128 -50.32 26.29 -9.15
C PRO J 128 -49.45 26.74 -10.36
N ALA J 129 -49.84 26.33 -11.57
CA ALA J 129 -49.02 26.51 -12.81
C ALA J 129 -48.55 27.96 -13.15
N ASN J 130 -49.18 28.95 -12.53
CA ASN J 130 -48.91 30.38 -12.80
C ASN J 130 -48.32 31.15 -11.60
N LYS J 131 -48.37 30.54 -10.41
CA LYS J 131 -47.81 31.12 -9.17
C LYS J 131 -46.37 30.65 -8.95
N ARG J 132 -45.76 30.10 -10.00
CA ARG J 132 -44.37 29.63 -9.98
C ARG J 132 -43.31 30.75 -10.14
N SER J 133 -43.75 31.89 -10.67
CA SER J 133 -42.94 33.08 -10.79
C SER J 133 -43.59 34.33 -10.14
N VAL J 134 -42.75 35.26 -9.66
CA VAL J 134 -43.19 36.43 -8.86
C VAL J 134 -42.46 37.75 -9.25
N THR K 7 24.95 -59.83 12.11
CA THR K 7 25.32 -59.37 10.72
C THR K 7 24.57 -60.11 9.57
N LYS K 8 23.25 -59.95 9.56
CA LYS K 8 22.34 -60.59 8.59
C LYS K 8 21.34 -59.58 8.01
N ALA K 9 21.37 -59.40 6.69
CA ALA K 9 20.58 -58.37 5.98
C ALA K 9 19.07 -58.29 6.36
N GLY K 10 18.65 -57.11 6.85
CA GLY K 10 17.24 -56.82 7.14
C GLY K 10 16.50 -56.25 5.93
N ALA K 11 15.29 -55.73 6.15
CA ALA K 11 14.43 -55.28 5.05
C ALA K 11 15.13 -54.24 4.13
N GLY K 12 15.51 -54.68 2.94
CA GLY K 12 16.15 -53.81 1.98
C GLY K 12 15.19 -53.26 0.94
N PHE K 13 15.75 -52.62 -0.06
CA PHE K 13 14.95 -52.17 -1.18
C PHE K 13 14.87 -53.30 -2.21
N LYS K 14 13.66 -53.71 -2.56
CA LYS K 14 13.47 -54.71 -3.60
C LYS K 14 12.54 -54.13 -4.66
N ALA K 15 13.11 -53.88 -5.83
CA ALA K 15 12.38 -53.29 -6.92
C ALA K 15 11.31 -54.24 -7.40
N GLY K 16 10.22 -53.68 -7.87
CA GLY K 16 9.21 -54.49 -8.49
C GLY K 16 7.86 -54.31 -7.85
N VAL K 17 6.86 -54.89 -8.49
CA VAL K 17 5.47 -54.75 -8.10
C VAL K 17 5.14 -55.84 -7.09
N LYS K 18 4.39 -55.46 -6.07
CA LYS K 18 3.82 -56.43 -5.15
C LYS K 18 2.40 -55.98 -4.78
N ASP K 19 1.66 -56.84 -4.10
CA ASP K 19 0.28 -56.52 -3.75
C ASP K 19 0.23 -55.37 -2.74
N TYR K 20 -0.74 -54.48 -2.94
CA TYR K 20 -0.95 -53.39 -2.00
C TYR K 20 -1.27 -53.95 -0.62
N ARG K 21 -1.95 -55.10 -0.58
CA ARG K 21 -2.46 -55.63 0.69
C ARG K 21 -1.36 -56.02 1.68
N LEU K 22 -0.15 -56.24 1.18
CA LEU K 22 0.97 -56.57 2.05
C LEU K 22 1.40 -55.39 2.93
N THR K 23 1.08 -54.16 2.52
CA THR K 23 1.41 -52.98 3.31
C THR K 23 0.19 -52.25 3.87
N TYR K 24 -0.89 -52.26 3.12
CA TYR K 24 -1.99 -51.30 3.34
C TYR K 24 -3.29 -51.92 3.86
N TYR K 25 -3.33 -53.25 3.95
CA TYR K 25 -4.45 -53.92 4.58
C TYR K 25 -3.99 -54.34 5.96
N THR K 26 -4.57 -53.72 6.99
CA THR K 26 -4.18 -54.02 8.37
C THR K 26 -5.43 -54.18 9.25
N PRO K 27 -6.06 -55.35 9.21
CA PRO K 27 -7.35 -55.54 9.90
C PRO K 27 -7.24 -55.59 11.43
N ASP K 28 -6.04 -55.60 11.99
CA ASP K 28 -5.86 -55.59 13.45
C ASP K 28 -5.47 -54.22 14.00
N TYR K 29 -5.46 -53.22 13.12
CA TYR K 29 -5.08 -51.88 13.52
C TYR K 29 -6.14 -51.27 14.44
N VAL K 30 -5.68 -50.71 15.55
CA VAL K 30 -6.57 -50.02 16.47
C VAL K 30 -6.48 -48.55 16.07
N VAL K 31 -7.62 -47.97 15.64
CA VAL K 31 -7.61 -46.58 15.18
C VAL K 31 -7.35 -45.59 16.31
N ARG K 32 -6.67 -44.51 15.97
CA ARG K 32 -6.34 -43.48 16.94
C ARG K 32 -7.36 -42.36 16.90
N ASP K 33 -7.50 -41.68 18.02
CA ASP K 33 -8.50 -40.63 18.13
C ASP K 33 -8.17 -39.43 17.25
N THR K 34 -6.96 -39.38 16.69
CA THR K 34 -6.59 -38.27 15.79
C THR K 34 -6.63 -38.64 14.30
N ASP K 35 -6.89 -39.92 14.01
CA ASP K 35 -7.01 -40.37 12.62
C ASP K 35 -8.25 -39.77 11.94
N ILE K 36 -8.10 -39.43 10.66
CA ILE K 36 -9.25 -39.18 9.80
C ILE K 36 -9.66 -40.59 9.30
N LEU K 37 -10.96 -40.89 9.37
CA LEU K 37 -11.50 -42.16 8.92
C LEU K 37 -12.45 -41.95 7.74
N ALA K 38 -12.35 -42.83 6.74
CA ALA K 38 -13.20 -42.75 5.58
C ALA K 38 -13.96 -44.07 5.41
N ALA K 39 -15.22 -43.96 5.01
CA ALA K 39 -16.03 -45.12 4.64
C ALA K 39 -16.30 -45.09 3.14
N PHE K 40 -15.67 -46.02 2.44
CA PHE K 40 -15.82 -46.11 1.01
C PHE K 40 -16.74 -47.27 0.63
N ARG K 41 -17.79 -46.99 -0.13
CA ARG K 41 -18.54 -48.02 -0.81
C ARG K 41 -17.84 -48.37 -2.14
N MET K 42 -17.38 -49.60 -2.25
CA MET K 42 -16.38 -50.04 -3.21
C MET K 42 -16.96 -51.18 -4.03
N THR K 43 -16.80 -51.08 -5.37
CA THR K 43 -17.20 -52.13 -6.30
C THR K 43 -15.97 -52.60 -7.12
N PRO K 44 -15.33 -53.69 -6.69
CA PRO K 44 -14.14 -54.19 -7.40
C PRO K 44 -14.46 -54.73 -8.80
N GLN K 45 -13.45 -54.77 -9.65
CA GLN K 45 -13.55 -55.48 -10.91
C GLN K 45 -13.57 -56.97 -10.56
N PRO K 46 -14.14 -57.84 -11.41
CA PRO K 46 -14.06 -59.29 -11.18
C PRO K 46 -12.59 -59.75 -11.04
N GLY K 47 -12.33 -60.62 -10.06
CA GLY K 47 -10.98 -61.17 -9.88
C GLY K 47 -10.04 -60.27 -9.07
N VAL K 48 -10.55 -59.14 -8.60
CA VAL K 48 -9.80 -58.32 -7.66
C VAL K 48 -10.37 -58.56 -6.25
N PRO K 49 -9.59 -59.16 -5.36
CA PRO K 49 -10.07 -59.44 -4.00
C PRO K 49 -10.39 -58.11 -3.29
N PRO K 50 -11.49 -58.08 -2.54
CA PRO K 50 -11.86 -56.85 -1.80
C PRO K 50 -10.70 -56.28 -0.93
N GLU K 51 -9.93 -57.16 -0.29
CA GLU K 51 -8.82 -56.74 0.54
C GLU K 51 -7.76 -56.00 -0.27
N GLU K 52 -7.50 -56.49 -1.47
CA GLU K 52 -6.52 -55.85 -2.35
C GLU K 52 -7.08 -54.51 -2.86
N CYS K 53 -8.39 -54.45 -3.07
CA CYS K 53 -9.06 -53.23 -3.51
C CYS K 53 -9.01 -52.14 -2.43
N GLY K 54 -9.34 -52.54 -1.21
CA GLY K 54 -9.32 -51.65 -0.05
C GLY K 54 -7.91 -51.16 0.26
N ALA K 55 -6.95 -52.07 0.16
CA ALA K 55 -5.55 -51.67 0.31
C ALA K 55 -5.15 -50.69 -0.82
N ALA K 56 -5.58 -50.92 -2.06
CA ALA K 56 -5.24 -49.99 -3.18
C ALA K 56 -5.75 -48.59 -2.91
N VAL K 57 -6.99 -48.50 -2.46
CA VAL K 57 -7.62 -47.22 -2.17
C VAL K 57 -6.82 -46.51 -1.09
N ALA K 58 -6.49 -47.24 -0.03
CA ALA K 58 -5.70 -46.70 1.07
C ALA K 58 -4.30 -46.28 0.66
N ALA K 59 -3.63 -47.12 -0.12
CA ALA K 59 -2.30 -46.81 -0.59
C ALA K 59 -2.31 -45.56 -1.46
N GLU K 60 -3.21 -45.50 -2.44
CA GLU K 60 -3.08 -44.50 -3.50
C GLU K 60 -3.72 -43.19 -3.09
N SER K 61 -4.25 -43.16 -1.87
CA SER K 61 -4.76 -41.92 -1.33
C SER K 61 -3.91 -41.47 -0.17
N SER K 62 -2.72 -42.06 -0.03
CA SER K 62 -1.85 -41.69 1.09
C SER K 62 -0.39 -41.67 0.68
N THR K 63 0.28 -42.82 0.60
CA THR K 63 1.72 -42.82 0.40
C THR K 63 2.23 -43.69 -0.76
N GLY K 64 1.39 -44.61 -1.25
CA GLY K 64 1.86 -45.67 -2.12
C GLY K 64 1.66 -45.40 -3.59
N THR K 65 2.54 -45.96 -4.42
CA THR K 65 2.25 -46.04 -5.84
C THR K 65 2.28 -47.50 -6.32
N TRP K 66 2.29 -47.72 -7.65
CA TRP K 66 2.01 -49.03 -8.24
C TRP K 66 3.17 -50.02 -8.12
N THR K 67 4.38 -49.55 -7.83
CA THR K 67 5.57 -50.38 -7.74
C THR K 67 6.38 -49.89 -6.54
N THR K 68 7.31 -50.72 -6.04
CA THR K 68 8.02 -50.38 -4.79
C THR K 68 9.05 -49.30 -5.05
N VAL K 69 9.10 -48.28 -4.21
CA VAL K 69 10.08 -47.21 -4.41
C VAL K 69 11.09 -47.24 -3.27
N TRP K 70 12.36 -46.98 -3.59
CA TRP K 70 13.43 -47.03 -2.58
C TRP K 70 13.28 -45.95 -1.49
N THR K 71 12.73 -44.78 -1.87
CA THR K 71 12.65 -43.64 -0.94
C THR K 71 11.86 -43.90 0.34
N ASP K 72 10.98 -44.90 0.32
CA ASP K 72 10.21 -45.34 1.49
C ASP K 72 11.10 -45.50 2.72
N GLY K 73 12.26 -46.09 2.51
CA GLY K 73 13.17 -46.42 3.60
C GLY K 73 13.80 -45.20 4.27
N LEU K 74 13.70 -44.03 3.62
CA LEU K 74 14.22 -42.80 4.22
C LEU K 74 13.25 -42.28 5.27
N THR K 75 12.02 -42.73 5.21
CA THR K 75 11.01 -42.25 6.12
C THR K 75 10.39 -43.44 6.86
N SER K 76 9.32 -43.21 7.61
CA SER K 76 8.63 -44.29 8.30
C SER K 76 7.25 -44.50 7.72
N LEU K 77 7.10 -45.51 6.88
CA LEU K 77 5.83 -45.81 6.25
C LEU K 77 4.76 -46.13 7.27
N ASP K 78 5.13 -46.83 8.36
CA ASP K 78 4.23 -47.13 9.46
C ASP K 78 3.54 -45.89 10.04
N ARG K 79 4.31 -44.82 10.22
CA ARG K 79 3.81 -43.56 10.72
C ARG K 79 2.82 -42.90 9.78
N TYR K 80 3.07 -42.98 8.47
CA TYR K 80 2.37 -42.15 7.50
C TYR K 80 1.33 -42.85 6.66
N LYS K 81 1.43 -44.17 6.48
CA LYS K 81 0.54 -44.83 5.52
C LYS K 81 -0.91 -44.78 5.94
N GLY K 82 -1.77 -44.62 4.94
CA GLY K 82 -3.19 -44.89 5.13
C GLY K 82 -3.38 -46.38 5.31
N ARG K 83 -4.39 -46.77 6.07
CA ARG K 83 -4.59 -48.16 6.41
C ARG K 83 -6.02 -48.55 6.16
N CYS K 84 -6.23 -49.56 5.34
CA CYS K 84 -7.53 -50.20 5.29
C CYS K 84 -7.63 -51.16 6.47
N TYR K 85 -8.47 -50.83 7.43
CA TYR K 85 -8.52 -51.57 8.69
C TYR K 85 -9.77 -52.42 8.88
N ASP K 86 -10.74 -52.29 7.96
CA ASP K 86 -11.97 -53.10 8.04
C ASP K 86 -12.70 -53.10 6.72
N ILE K 87 -13.28 -54.26 6.37
CA ILE K 87 -14.07 -54.43 5.14
C ILE K 87 -15.34 -55.24 5.47
N GLU K 88 -16.50 -54.60 5.39
CA GLU K 88 -17.81 -55.25 5.56
C GLU K 88 -18.40 -55.45 4.17
N PRO K 89 -19.05 -56.60 3.94
CA PRO K 89 -19.87 -56.75 2.72
C PRO K 89 -21.16 -55.92 2.89
N VAL K 90 -21.74 -55.48 1.78
CA VAL K 90 -22.99 -54.75 1.83
C VAL K 90 -24.17 -55.75 1.71
N PRO K 91 -25.13 -55.64 2.65
CA PRO K 91 -26.33 -56.48 2.62
C PRO K 91 -27.09 -56.45 1.28
N GLY K 92 -27.21 -57.61 0.65
CA GLY K 92 -28.00 -57.74 -0.57
C GLY K 92 -27.33 -57.20 -1.81
N GLU K 93 -26.00 -57.29 -1.83
CA GLU K 93 -25.18 -56.92 -3.00
C GLU K 93 -24.04 -57.91 -3.09
N ASP K 94 -23.85 -58.49 -4.26
CA ASP K 94 -22.85 -59.55 -4.40
C ASP K 94 -21.45 -58.99 -4.54
N ASN K 95 -21.35 -57.76 -5.04
CA ASN K 95 -20.05 -57.16 -5.37
C ASN K 95 -19.82 -55.75 -4.80
N GLN K 96 -20.37 -55.47 -3.62
CA GLN K 96 -20.19 -54.17 -2.99
C GLN K 96 -19.70 -54.35 -1.57
N TYR K 97 -18.73 -53.53 -1.18
CA TYR K 97 -18.16 -53.56 0.16
C TYR K 97 -17.99 -52.17 0.74
N ILE K 98 -18.09 -52.05 2.04
CA ILE K 98 -17.66 -50.83 2.72
C ILE K 98 -16.27 -51.07 3.24
N ALA K 99 -15.31 -50.35 2.66
CA ALA K 99 -13.92 -50.39 3.10
C ALA K 99 -13.67 -49.21 4.04
N TYR K 100 -13.06 -49.47 5.19
CA TYR K 100 -12.77 -48.42 6.17
C TYR K 100 -11.28 -48.11 6.12
N VAL K 101 -10.94 -46.83 6.02
CA VAL K 101 -9.55 -46.45 5.85
C VAL K 101 -9.25 -45.41 6.91
N ALA K 102 -8.08 -45.54 7.53
CA ALA K 102 -7.64 -44.63 8.57
C ALA K 102 -6.43 -43.87 8.06
N TYR K 103 -6.46 -42.54 8.22
CA TYR K 103 -5.37 -41.70 7.76
C TYR K 103 -4.82 -40.95 8.92
N ILE K 105 -3.21 -37.97 11.09
CA ILE K 105 -3.40 -36.53 11.03
C ILE K 105 -2.25 -35.78 10.32
N ASP K 106 -1.05 -36.37 10.35
CA ASP K 106 0.13 -35.79 9.71
C ASP K 106 0.04 -35.60 8.22
N LEU K 107 -0.86 -36.34 7.58
CA LEU K 107 -1.02 -36.32 6.14
C LEU K 107 -1.64 -35.03 5.62
N PHE K 108 -2.29 -34.26 6.49
CA PHE K 108 -3.16 -33.22 6.03
C PHE K 108 -2.68 -31.84 6.38
N GLU K 109 -2.90 -30.88 5.47
CA GLU K 109 -2.57 -29.51 5.78
C GLU K 109 -3.66 -28.94 6.67
N GLU K 110 -3.23 -28.27 7.74
CA GLU K 110 -4.12 -27.64 8.72
C GLU K 110 -5.03 -26.59 8.06
N GLY K 111 -6.32 -26.63 8.36
CA GLY K 111 -7.21 -25.64 7.79
C GLY K 111 -7.53 -25.68 6.29
N SER K 112 -7.15 -26.75 5.59
CA SER K 112 -7.38 -26.87 4.16
C SER K 112 -8.34 -28.03 3.78
N VAL K 113 -9.58 -27.69 3.49
CA VAL K 113 -10.50 -28.68 2.95
C VAL K 113 -9.99 -29.17 1.58
N THR K 114 -9.41 -28.26 0.81
CA THR K 114 -8.84 -28.63 -0.47
C THR K 114 -7.85 -29.79 -0.35
N ASN K 115 -6.92 -29.67 0.60
CA ASN K 115 -5.94 -30.73 0.82
C ASN K 115 -6.53 -32.07 1.24
N MET K 116 -7.54 -32.01 2.10
CA MET K 116 -8.21 -33.23 2.55
C MET K 116 -8.86 -33.97 1.37
N PHE K 117 -9.63 -33.26 0.56
CA PHE K 117 -10.24 -33.86 -0.62
C PHE K 117 -9.21 -34.32 -1.64
N THR K 118 -8.11 -33.57 -1.80
CA THR K 118 -7.08 -33.98 -2.74
C THR K 118 -6.50 -35.36 -2.42
N SER K 119 -6.25 -35.62 -1.14
CA SER K 119 -5.77 -36.93 -0.72
C SER K 119 -6.86 -37.99 -0.82
N ILE K 120 -7.98 -37.77 -0.13
CA ILE K 120 -8.97 -38.82 0.03
C ILE K 120 -9.70 -39.11 -1.27
N VAL K 121 -9.98 -38.10 -2.08
CA VAL K 121 -10.74 -38.35 -3.28
C VAL K 121 -10.02 -37.98 -4.55
N GLY K 122 -8.69 -37.91 -4.49
CA GLY K 122 -7.88 -37.35 -5.55
C GLY K 122 -7.75 -38.20 -6.79
N ASN K 123 -7.22 -39.41 -6.62
CA ASN K 123 -6.99 -40.31 -7.74
C ASN K 123 -7.76 -41.64 -7.73
N VAL K 124 -8.06 -42.15 -6.54
CA VAL K 124 -8.58 -43.51 -6.43
C VAL K 124 -9.87 -43.80 -7.21
N PHE K 125 -10.73 -42.80 -7.43
CA PHE K 125 -11.99 -43.03 -8.13
C PHE K 125 -11.82 -43.41 -9.59
N GLY K 126 -10.61 -43.22 -10.12
CA GLY K 126 -10.34 -43.53 -11.50
C GLY K 126 -9.54 -44.80 -11.75
N PHE K 127 -9.26 -45.54 -10.69
CA PHE K 127 -8.52 -46.77 -10.79
C PHE K 127 -9.21 -47.83 -11.67
N LYS K 128 -8.44 -48.46 -12.57
CA LYS K 128 -8.98 -49.47 -13.46
C LYS K 128 -9.54 -50.66 -12.70
N ALA K 129 -8.89 -51.00 -11.60
CA ALA K 129 -9.21 -52.16 -10.79
C ALA K 129 -10.53 -52.05 -10.06
N LEU K 130 -11.12 -50.86 -9.97
CA LEU K 130 -12.49 -50.82 -9.46
C LEU K 130 -13.45 -50.24 -10.49
N ARG K 131 -14.72 -50.63 -10.38
CA ARG K 131 -15.76 -50.32 -11.34
C ARG K 131 -16.56 -49.10 -10.87
N ALA K 132 -16.56 -48.88 -9.56
CA ALA K 132 -17.34 -47.82 -8.94
C ALA K 132 -16.83 -47.62 -7.55
N LEU K 133 -16.89 -46.38 -7.09
CA LEU K 133 -16.44 -46.02 -5.74
C LEU K 133 -17.26 -44.84 -5.24
N ARG K 134 -17.66 -44.91 -3.97
CA ARG K 134 -18.39 -43.83 -3.34
C ARG K 134 -17.91 -43.58 -1.92
N LEU K 135 -17.54 -42.34 -1.63
CA LEU K 135 -17.20 -41.92 -0.27
C LEU K 135 -18.46 -41.59 0.49
N GLU K 136 -18.78 -42.42 1.48
CA GLU K 136 -20.04 -42.31 2.19
C GLU K 136 -19.93 -41.38 3.40
N ASP K 137 -18.83 -41.47 4.14
CA ASP K 137 -18.66 -40.68 5.34
C ASP K 137 -17.18 -40.44 5.66
N LEU K 138 -16.90 -39.38 6.44
CA LEU K 138 -15.58 -39.10 6.99
C LEU K 138 -15.69 -38.86 8.49
N ARG K 139 -14.78 -39.40 9.26
CA ARG K 139 -14.67 -39.00 10.65
C ARG K 139 -13.55 -37.97 10.77
N ILE K 140 -13.91 -36.69 10.89
CA ILE K 140 -12.97 -35.59 11.16
C ILE K 140 -12.74 -35.51 12.66
N PRO K 141 -11.55 -35.86 13.14
CA PRO K 141 -11.28 -35.84 14.58
C PRO K 141 -11.19 -34.41 15.09
N PRO K 142 -11.55 -34.19 16.35
CA PRO K 142 -11.39 -32.86 16.97
C PRO K 142 -10.01 -32.19 16.74
N ALA K 143 -8.93 -32.93 16.76
CA ALA K 143 -7.61 -32.32 16.56
C ALA K 143 -7.42 -31.73 15.17
N TYR K 144 -8.09 -32.27 14.14
CA TYR K 144 -8.10 -31.64 12.84
C TYR K 144 -9.14 -30.48 12.77
N VAL K 145 -10.31 -30.70 13.38
CA VAL K 145 -11.39 -29.73 13.34
C VAL K 145 -10.89 -28.38 13.86
N LYS K 146 -10.08 -28.43 14.91
CA LYS K 146 -9.62 -27.22 15.56
C LYS K 146 -8.72 -26.36 14.68
N THR K 147 -8.15 -26.93 13.61
CA THR K 147 -7.26 -26.15 12.75
C THR K 147 -8.03 -25.30 11.75
N PHE K 148 -9.35 -25.39 11.73
CA PHE K 148 -10.15 -24.64 10.78
C PHE K 148 -10.80 -23.42 11.43
N VAL K 149 -10.89 -22.33 10.67
CA VAL K 149 -11.62 -21.15 11.14
C VAL K 149 -13.09 -21.48 11.25
N GLY K 150 -13.61 -22.28 10.31
CA GLY K 150 -15.00 -22.73 10.34
C GLY K 150 -15.97 -21.63 9.90
N PRO K 152 -18.22 -18.43 9.63
CA PRO K 152 -17.99 -17.07 10.09
C PRO K 152 -18.78 -16.72 11.33
N HIS K 153 -19.99 -17.28 11.49
CA HIS K 153 -20.87 -16.95 12.59
C HIS K 153 -21.52 -18.13 13.20
N GLY K 154 -22.29 -18.87 12.41
CA GLY K 154 -23.06 -20.01 12.92
C GLY K 154 -24.42 -19.63 13.45
N ILE K 155 -25.31 -20.62 13.57
CA ILE K 155 -26.73 -20.41 13.88
C ILE K 155 -27.05 -19.38 14.98
N GLN K 156 -26.47 -19.56 16.16
CA GLN K 156 -26.79 -18.77 17.36
C GLN K 156 -26.44 -17.29 17.13
N VAL K 157 -25.23 -17.05 16.64
CA VAL K 157 -24.75 -15.70 16.39
C VAL K 157 -25.61 -15.05 15.29
N GLU K 158 -25.95 -15.84 14.27
CA GLU K 158 -26.83 -15.36 13.25
C GLU K 158 -28.20 -14.88 13.78
N ARG K 159 -28.84 -15.69 14.61
CA ARG K 159 -30.12 -15.28 15.19
C ARG K 159 -29.94 -14.03 16.02
N ASP K 160 -28.84 -13.97 16.77
CA ASP K 160 -28.53 -12.82 17.60
C ASP K 160 -28.31 -11.53 16.79
N LYS K 161 -27.62 -11.65 15.65
CA LYS K 161 -27.41 -10.50 14.77
C LYS K 161 -28.69 -9.99 14.13
N LEU K 162 -29.55 -10.88 13.68
CA LEU K 162 -30.77 -10.47 13.00
C LEU K 162 -31.94 -10.17 13.96
N ASN K 163 -31.79 -10.57 15.22
CA ASN K 163 -32.80 -10.41 16.26
C ASN K 163 -34.06 -11.22 15.90
N LYS K 164 -33.86 -12.46 15.45
CA LYS K 164 -34.93 -13.31 14.92
C LYS K 164 -34.95 -14.64 15.66
N TYR K 165 -36.05 -14.92 16.33
CA TYR K 165 -36.09 -16.06 17.23
C TYR K 165 -37.45 -16.75 17.21
N GLY K 166 -37.46 -18.04 17.47
CA GLY K 166 -38.68 -18.76 17.75
C GLY K 166 -39.42 -19.33 16.56
N ARG K 167 -38.83 -19.22 15.38
CA ARG K 167 -39.41 -19.77 14.16
C ARG K 167 -38.32 -19.97 13.13
N GLY K 168 -38.61 -20.76 12.10
CA GLY K 168 -37.75 -20.82 10.93
C GLY K 168 -37.67 -19.47 10.22
N LEU K 169 -36.58 -19.26 9.49
CA LEU K 169 -36.41 -18.06 8.69
C LEU K 169 -37.06 -18.29 7.34
N LEU K 170 -37.54 -17.21 6.73
CA LEU K 170 -38.22 -17.31 5.46
C LEU K 170 -37.52 -16.57 4.37
N GLY K 171 -37.30 -17.25 3.25
CA GLY K 171 -36.57 -16.69 2.13
C GLY K 171 -37.27 -16.87 0.81
N CYS K 172 -36.61 -16.43 -0.27
CA CYS K 172 -37.20 -16.51 -1.59
C CYS K 172 -36.21 -16.10 -2.68
N THR K 173 -36.04 -16.97 -3.67
CA THR K 173 -35.20 -16.64 -4.82
C THR K 173 -35.96 -15.80 -5.84
N ILE K 174 -35.38 -14.69 -6.29
CA ILE K 174 -35.97 -13.91 -7.39
C ILE K 174 -35.97 -14.73 -8.68
N LYS K 175 -37.07 -14.62 -9.44
CA LYS K 175 -37.28 -15.33 -10.70
C LYS K 175 -37.82 -14.30 -11.69
N PRO K 176 -37.63 -14.46 -13.00
CA PRO K 176 -36.89 -15.58 -13.61
C PRO K 176 -35.43 -15.67 -13.14
N LYS K 177 -34.79 -16.82 -13.32
CA LYS K 177 -33.43 -17.01 -12.83
C LYS K 177 -32.53 -15.93 -13.37
N LEU K 178 -32.61 -15.73 -14.67
CA LEU K 178 -31.79 -14.79 -15.42
C LEU K 178 -32.70 -14.00 -16.30
N GLY K 179 -32.28 -12.80 -16.66
CA GLY K 179 -33.04 -11.98 -17.58
C GLY K 179 -33.69 -10.73 -16.98
N LEU K 180 -33.74 -10.59 -15.66
CA LEU K 180 -34.25 -9.33 -15.09
C LEU K 180 -33.15 -8.24 -15.04
N SER K 181 -33.56 -6.99 -15.17
CA SER K 181 -32.66 -5.86 -15.02
C SER K 181 -32.44 -5.59 -13.53
N ALA K 182 -31.39 -4.81 -13.23
CA ALA K 182 -31.08 -4.41 -11.88
C ALA K 182 -32.22 -3.74 -11.17
N LYS K 183 -32.82 -2.75 -11.82
CA LYS K 183 -33.95 -2.03 -11.26
C LYS K 183 -35.11 -2.99 -10.98
N ASN K 184 -35.37 -3.91 -11.92
CA ASN K 184 -36.52 -4.81 -11.72
C ASN K 184 -36.29 -5.82 -10.60
N TYR K 185 -35.01 -6.17 -10.43
CA TYR K 185 -34.57 -7.04 -9.36
C TYR K 185 -34.87 -6.37 -8.03
N GLY K 186 -34.46 -5.12 -7.88
CA GLY K 186 -34.75 -4.40 -6.65
C GLY K 186 -36.25 -4.26 -6.39
N ARG K 187 -37.00 -3.91 -7.43
CA ARG K 187 -38.45 -3.82 -7.35
C ARG K 187 -39.04 -5.10 -6.78
N ALA K 188 -38.69 -6.22 -7.40
CA ALA K 188 -39.14 -7.52 -6.93
C ALA K 188 -38.75 -7.76 -5.47
N VAL K 189 -37.52 -7.40 -5.11
CA VAL K 189 -36.97 -7.68 -3.78
C VAL K 189 -37.75 -6.90 -2.72
N TYR K 190 -38.04 -5.64 -3.02
CA TYR K 190 -38.78 -4.80 -2.06
C TYR K 190 -40.19 -5.36 -1.81
N GLU K 191 -40.87 -5.77 -2.87
CA GLU K 191 -42.22 -6.34 -2.71
C GLU K 191 -42.24 -7.64 -1.92
N CYS K 192 -41.25 -8.51 -2.13
CA CYS K 192 -41.11 -9.73 -1.34
C CYS K 192 -40.90 -9.45 0.15
N LEU K 193 -39.90 -8.64 0.45
CA LEU K 193 -39.50 -8.40 1.82
C LEU K 193 -40.58 -7.66 2.60
N ARG K 194 -41.29 -6.75 1.94
CA ARG K 194 -42.31 -5.96 2.63
C ARG K 194 -43.56 -6.75 3.01
N GLY K 195 -43.75 -7.90 2.35
CA GLY K 195 -44.87 -8.76 2.66
C GLY K 195 -44.67 -9.73 3.81
N GLY K 196 -43.45 -9.86 4.34
CA GLY K 196 -43.22 -10.76 5.45
C GLY K 196 -42.00 -11.69 5.42
N LEU K 197 -41.30 -11.75 4.31
CA LEU K 197 -40.10 -12.58 4.20
C LEU K 197 -38.91 -11.90 4.87
N ASP K 198 -38.02 -12.69 5.45
CA ASP K 198 -36.83 -12.17 6.10
C ASP K 198 -35.76 -11.89 5.06
N PHE K 199 -35.63 -12.79 4.08
CA PHE K 199 -34.59 -12.73 3.06
C PHE K 199 -35.13 -12.89 1.64
N THR K 200 -34.43 -12.31 0.68
CA THR K 200 -34.54 -12.73 -0.70
C THR K 200 -33.15 -13.12 -1.12
N ASP K 202 -30.22 -13.68 -4.67
CA ASP K 202 -29.81 -13.87 -6.06
C ASP K 202 -29.95 -15.36 -6.37
N ASP K 203 -30.40 -15.73 -7.56
CA ASP K 203 -30.33 -17.13 -7.99
C ASP K 203 -28.84 -17.51 -8.12
N GLU K 204 -28.52 -18.78 -7.96
CA GLU K 204 -27.12 -19.21 -7.90
C GLU K 204 -26.32 -18.79 -9.14
N ASN K 205 -26.97 -18.71 -10.27
CA ASN K 205 -26.29 -18.33 -11.52
C ASN K 205 -26.33 -16.86 -11.86
N VAL K 206 -26.96 -16.05 -11.01
CA VAL K 206 -26.98 -14.60 -11.15
C VAL K 206 -25.67 -14.10 -10.58
N ASN K 207 -24.76 -13.67 -11.46
CA ASN K 207 -23.47 -13.20 -11.01
C ASN K 207 -23.25 -11.77 -11.55
N SER K 208 -22.66 -11.64 -12.74
CA SER K 208 -22.70 -10.35 -13.45
C SER K 208 -22.81 -10.66 -14.92
N GLN K 209 -23.82 -10.11 -15.58
CA GLN K 209 -24.13 -10.50 -16.94
C GLN K 209 -24.56 -9.30 -17.76
N PRO K 210 -24.51 -9.38 -19.09
CA PRO K 210 -25.03 -8.32 -19.95
C PRO K 210 -26.43 -7.76 -19.57
N PHE K 211 -27.42 -8.58 -19.23
CA PHE K 211 -28.74 -8.03 -18.85
C PHE K 211 -28.74 -7.28 -17.49
N MET K 212 -27.73 -7.58 -16.66
CA MET K 212 -27.68 -7.05 -15.30
C MET K 212 -26.25 -7.20 -14.74
N ARG K 213 -25.56 -6.08 -14.60
CA ARG K 213 -24.25 -6.02 -13.98
C ARG K 213 -24.33 -6.01 -12.45
N TRP K 214 -23.36 -6.66 -11.80
CA TRP K 214 -23.48 -6.94 -10.38
C TRP K 214 -23.65 -5.71 -9.51
N ARG K 215 -22.85 -4.68 -9.77
CA ARG K 215 -22.83 -3.56 -8.87
C ARG K 215 -24.14 -2.76 -8.97
N ASP K 216 -24.71 -2.62 -10.18
CA ASP K 216 -26.03 -2.04 -10.32
C ASP K 216 -27.03 -2.81 -9.45
N ARG K 217 -26.96 -4.13 -9.49
CA ARG K 217 -27.87 -4.96 -8.71
C ARG K 217 -27.70 -4.70 -7.21
N PHE K 218 -26.46 -4.66 -6.74
CA PHE K 218 -26.19 -4.53 -5.31
C PHE K 218 -26.79 -3.23 -4.83
N LEU K 219 -26.68 -2.16 -5.62
CA LEU K 219 -27.18 -0.86 -5.18
C LEU K 219 -28.71 -0.80 -5.10
N PHE K 220 -29.36 -1.29 -6.13
CA PHE K 220 -30.81 -1.34 -6.13
C PHE K 220 -31.34 -2.26 -5.06
N VAL K 221 -30.66 -3.39 -4.83
CA VAL K 221 -31.12 -4.33 -3.81
C VAL K 221 -30.98 -3.74 -2.40
N ALA K 222 -29.85 -3.07 -2.15
CA ALA K 222 -29.69 -2.25 -0.93
C ALA K 222 -30.83 -1.26 -0.69
N GLU K 223 -31.18 -0.45 -1.69
CA GLU K 223 -32.34 0.45 -1.58
C GLU K 223 -33.60 -0.31 -1.15
N ALA K 224 -33.85 -1.45 -1.77
CA ALA K 224 -35.02 -2.28 -1.52
C ALA K 224 -34.99 -2.88 -0.11
N ILE K 225 -33.81 -3.32 0.34
CA ILE K 225 -33.69 -3.88 1.68
C ILE K 225 -34.08 -2.88 2.71
N TYR K 226 -33.50 -1.67 2.58
CA TYR K 226 -33.71 -0.62 3.60
C TYR K 226 -35.14 -0.07 3.56
N LYS K 227 -35.75 0.03 2.37
CA LYS K 227 -37.13 0.47 2.31
C LYS K 227 -38.08 -0.54 2.99
N ALA K 228 -37.87 -1.82 2.76
CA ALA K 228 -38.76 -2.82 3.31
C ALA K 228 -38.53 -2.94 4.81
N GLN K 229 -37.30 -2.72 5.24
CA GLN K 229 -36.98 -2.72 6.65
C GLN K 229 -37.67 -1.57 7.41
N ALA K 230 -37.66 -0.39 6.81
CA ALA K 230 -38.29 0.78 7.45
C ALA K 230 -39.83 0.66 7.46
N GLU K 231 -40.37 0.05 6.44
CA GLU K 231 -41.80 -0.20 6.32
C GLU K 231 -42.34 -1.24 7.31
N THR K 232 -41.57 -2.28 7.60
CA THR K 232 -42.04 -3.37 8.46
C THR K 232 -41.53 -3.31 9.90
N GLY K 233 -40.35 -2.74 10.10
CA GLY K 233 -39.75 -2.73 11.43
C GLY K 233 -38.96 -3.98 11.79
N GLU K 234 -38.84 -4.93 10.84
CA GLU K 234 -38.10 -6.16 11.06
C GLU K 234 -36.83 -6.09 10.21
N VAL K 235 -35.73 -6.62 10.75
CA VAL K 235 -34.48 -6.73 9.99
C VAL K 235 -34.69 -7.56 8.71
N LYS K 236 -34.20 -7.03 7.58
CA LYS K 236 -34.31 -7.67 6.29
C LYS K 236 -32.95 -7.88 5.66
N GLY K 237 -32.85 -8.87 4.78
CA GLY K 237 -31.62 -9.04 4.01
C GLY K 237 -31.87 -9.62 2.64
N HIS K 238 -30.85 -9.61 1.80
CA HIS K 238 -30.90 -10.27 0.53
C HIS K 238 -29.52 -10.91 0.25
N TYR K 239 -29.47 -12.20 -0.10
CA TYR K 239 -28.17 -12.83 -0.33
C TYR K 239 -27.54 -12.38 -1.67
N LEU K 240 -26.69 -11.37 -1.59
CA LEU K 240 -26.04 -10.87 -2.78
C LEU K 240 -24.94 -11.85 -3.15
N ASN K 241 -24.94 -12.25 -4.41
CA ASN K 241 -24.05 -13.29 -4.87
C ASN K 241 -22.63 -12.81 -5.11
N ALA K 242 -21.69 -13.29 -4.32
CA ALA K 242 -20.30 -12.96 -4.56
C ALA K 242 -19.59 -13.91 -5.52
N THR K 243 -20.26 -14.99 -5.94
CA THR K 243 -19.65 -15.98 -6.83
C THR K 243 -19.10 -15.28 -8.06
N ALA K 244 -17.84 -15.61 -8.41
CA ALA K 244 -17.17 -14.91 -9.50
C ALA K 244 -16.15 -15.79 -10.19
N GLY K 245 -15.63 -15.29 -11.31
CA GLY K 245 -14.61 -15.96 -12.08
C GLY K 245 -13.23 -15.98 -11.47
N THR K 246 -12.83 -14.92 -10.76
CA THR K 246 -11.51 -14.85 -10.07
C THR K 246 -11.69 -14.48 -8.59
N CYS K 247 -10.69 -14.72 -7.74
CA CYS K 247 -10.77 -14.38 -6.32
C CYS K 247 -10.91 -12.88 -6.14
N GLU K 248 -10.12 -12.15 -6.93
CA GLU K 248 -10.14 -10.70 -6.98
C GLU K 248 -11.54 -10.14 -7.24
N GLU K 249 -12.28 -10.74 -8.20
CA GLU K 249 -13.66 -10.28 -8.48
C GLU K 249 -14.60 -10.64 -7.34
N MET K 250 -14.45 -11.86 -6.81
CA MET K 250 -15.22 -12.32 -5.65
C MET K 250 -15.07 -11.33 -4.49
N MET K 251 -13.83 -10.95 -4.17
CA MET K 251 -13.54 -10.04 -3.08
C MET K 251 -14.12 -8.65 -3.29
N LYS K 252 -14.01 -8.12 -4.51
CA LYS K 252 -14.61 -6.83 -4.82
C LYS K 252 -16.10 -6.81 -4.45
N ARG K 253 -16.81 -7.90 -4.77
CA ARG K 253 -18.23 -7.98 -4.53
C ARG K 253 -18.54 -8.03 -3.02
N ALA K 254 -17.78 -8.85 -2.27
CA ALA K 254 -17.90 -8.95 -0.83
C ALA K 254 -17.65 -7.58 -0.22
N VAL K 255 -16.55 -6.92 -0.63
CA VAL K 255 -16.23 -5.53 -0.18
C VAL K 255 -17.36 -4.49 -0.43
N ALA K 257 -20.63 -5.20 -0.77
CA ALA K 257 -21.67 -5.60 0.19
C ALA K 257 -21.41 -5.02 1.56
N LYS K 258 -20.18 -5.11 2.01
CA LYS K 258 -19.80 -4.54 3.29
C LYS K 258 -20.01 -3.01 3.34
N GLU K 259 -19.56 -2.32 2.29
CA GLU K 259 -19.74 -0.84 2.19
C GLU K 259 -21.20 -0.43 2.23
N LEU K 260 -22.06 -1.29 1.72
CA LEU K 260 -23.49 -1.06 1.70
C LEU K 260 -24.15 -1.38 3.04
N GLY K 261 -23.45 -2.07 3.92
CA GLY K 261 -23.98 -2.34 5.25
C GLY K 261 -25.01 -3.45 5.32
N VAL K 262 -25.15 -4.20 4.22
CA VAL K 262 -26.14 -5.29 4.13
C VAL K 262 -25.66 -6.49 4.94
N PRO K 263 -26.58 -7.26 5.51
CA PRO K 263 -26.19 -8.27 6.50
C PRO K 263 -25.64 -9.55 5.94
N ILE K 264 -25.87 -9.89 4.67
CA ILE K 264 -25.59 -11.26 4.22
C ILE K 264 -25.20 -11.35 2.74
N ILE K 265 -24.26 -12.24 2.41
CA ILE K 265 -23.91 -12.50 1.02
C ILE K 265 -23.95 -13.99 0.76
N MET K 266 -23.88 -14.39 -0.51
CA MET K 266 -23.88 -15.81 -0.81
C MET K 266 -22.72 -16.22 -1.72
N HIS K 267 -22.38 -17.50 -1.69
CA HIS K 267 -21.34 -18.11 -2.50
C HIS K 267 -21.69 -19.54 -2.92
N ASP K 268 -21.42 -19.88 -4.17
CA ASP K 268 -21.60 -21.25 -4.65
C ASP K 268 -20.30 -22.03 -4.40
N TYR K 269 -20.19 -22.73 -3.29
CA TYR K 269 -18.90 -23.27 -2.90
C TYR K 269 -18.29 -24.36 -3.77
N LEU K 270 -19.11 -25.17 -4.41
CA LEU K 270 -18.55 -26.17 -5.29
C LEU K 270 -18.15 -25.63 -6.67
N THR K 271 -18.94 -24.74 -7.28
CA THR K 271 -18.55 -24.24 -8.59
C THR K 271 -17.52 -23.13 -8.42
N GLY K 272 -17.56 -22.42 -7.30
CA GLY K 272 -16.49 -21.47 -6.99
C GLY K 272 -15.25 -22.20 -6.50
N GLY K 273 -15.47 -23.13 -5.60
CA GLY K 273 -14.41 -23.99 -5.13
C GLY K 273 -14.06 -23.72 -3.69
N PHE K 274 -13.40 -24.69 -3.05
CA PHE K 274 -13.08 -24.63 -1.63
C PHE K 274 -12.02 -23.56 -1.30
N THR K 275 -11.02 -23.40 -2.17
CA THR K 275 -10.01 -22.37 -1.94
C THR K 275 -10.64 -20.97 -1.86
N ALA K 276 -11.45 -20.61 -2.87
CA ALA K 276 -12.20 -19.36 -2.89
C ALA K 276 -13.18 -19.29 -1.72
N ASN K 277 -13.90 -20.36 -1.44
CA ASN K 277 -14.85 -20.34 -0.33
C ASN K 277 -14.23 -20.08 1.03
N THR K 278 -13.16 -20.78 1.34
CA THR K 278 -12.49 -20.57 2.61
C THR K 278 -12.01 -19.12 2.76
N SER K 279 -11.49 -18.55 1.68
CA SER K 279 -11.05 -17.18 1.69
C SER K 279 -12.21 -16.28 2.00
N LEU K 280 -13.34 -16.55 1.38
CA LEU K 280 -14.51 -15.69 1.53
C LEU K 280 -15.10 -15.81 2.95
N ALA K 281 -15.05 -17.01 3.53
CA ALA K 281 -15.53 -17.22 4.89
C ALA K 281 -14.67 -16.44 5.87
N ILE K 282 -13.36 -16.48 5.69
CA ILE K 282 -12.46 -15.68 6.49
C ILE K 282 -12.74 -14.16 6.40
N TYR K 283 -12.92 -13.63 5.17
CA TYR K 283 -13.33 -12.25 4.96
C TYR K 283 -14.63 -11.91 5.69
N CYS K 284 -15.61 -12.81 5.63
CA CYS K 284 -16.88 -12.60 6.28
C CYS K 284 -16.74 -12.52 7.79
N ARG K 285 -15.93 -13.43 8.36
CA ARG K 285 -15.67 -13.43 9.79
C ARG K 285 -15.05 -12.09 10.21
N ASP K 286 -14.08 -11.61 9.43
CA ASP K 286 -13.39 -10.38 9.79
C ASP K 286 -14.20 -9.13 9.51
N ASN K 287 -15.35 -9.26 8.82
CA ASN K 287 -16.15 -8.07 8.48
C ASN K 287 -17.61 -8.14 8.90
N GLY K 288 -17.95 -9.17 9.67
CA GLY K 288 -19.28 -9.34 10.22
C GLY K 288 -20.36 -9.60 9.18
N LEU K 289 -19.97 -10.12 8.02
CA LEU K 289 -20.96 -10.48 7.02
C LEU K 289 -21.38 -11.94 7.24
N LEU K 290 -22.68 -12.19 7.20
CA LEU K 290 -23.19 -13.57 7.15
C LEU K 290 -23.01 -14.18 5.78
N LEU K 291 -22.75 -15.49 5.75
CA LEU K 291 -22.44 -16.15 4.51
C LEU K 291 -23.39 -17.31 4.20
N HIS K 292 -24.21 -17.12 3.17
CA HIS K 292 -25.14 -18.16 2.71
C HIS K 292 -24.48 -19.02 1.63
N ILE K 293 -24.58 -20.35 1.75
CA ILE K 293 -23.88 -21.23 0.83
C ILE K 293 -24.83 -21.99 -0.05
N HIS K 294 -24.68 -21.82 -1.37
CA HIS K 294 -25.50 -22.54 -2.33
C HIS K 294 -24.66 -23.71 -2.79
N ARG K 295 -25.29 -24.89 -2.92
CA ARG K 295 -24.57 -26.12 -3.20
C ARG K 295 -24.63 -26.54 -4.65
N ALA K 296 -24.87 -25.59 -5.55
CA ALA K 296 -24.84 -25.84 -6.99
C ALA K 296 -23.79 -26.85 -7.39
N MET K 297 -24.22 -27.86 -8.15
CA MET K 297 -23.36 -28.90 -8.73
C MET K 297 -23.21 -30.12 -7.82
N HIS K 298 -23.72 -30.07 -6.59
CA HIS K 298 -23.57 -31.21 -5.70
C HIS K 298 -24.12 -32.49 -6.31
N ALA K 299 -25.26 -32.42 -6.98
CA ALA K 299 -25.91 -33.63 -7.49
C ALA K 299 -25.12 -34.30 -8.60
N VAL K 300 -24.17 -33.60 -9.19
CA VAL K 300 -23.26 -34.17 -10.17
C VAL K 300 -22.40 -35.20 -9.48
N ILE K 301 -22.08 -34.90 -8.21
CA ILE K 301 -21.21 -35.72 -7.38
C ILE K 301 -21.97 -36.72 -6.51
N ASP K 302 -23.15 -36.32 -6.02
CA ASP K 302 -23.75 -37.08 -4.93
C ASP K 302 -25.05 -37.82 -5.18
N ARG K 303 -25.58 -37.78 -6.41
CA ARG K 303 -26.89 -38.37 -6.66
C ARG K 303 -26.88 -39.90 -6.62
N GLN K 304 -25.91 -40.53 -7.27
CA GLN K 304 -25.92 -41.99 -7.46
C GLN K 304 -25.35 -42.76 -6.30
N ARG K 305 -25.95 -43.90 -6.02
CA ARG K 305 -25.68 -44.71 -4.84
C ARG K 305 -24.35 -45.47 -4.95
N ASN K 306 -23.94 -45.80 -6.17
CA ASN K 306 -22.73 -46.62 -6.39
C ASN K 306 -21.43 -45.81 -6.54
N HIS K 307 -21.56 -44.54 -6.91
CA HIS K 307 -20.37 -43.77 -7.27
C HIS K 307 -20.48 -42.31 -6.89
N GLY K 308 -19.42 -41.78 -6.31
CA GLY K 308 -19.31 -40.34 -6.06
C GLY K 308 -18.97 -40.04 -4.61
N ILE K 309 -19.56 -38.97 -4.09
CA ILE K 309 -19.38 -38.56 -2.70
C ILE K 309 -20.75 -38.18 -2.17
N HIS K 310 -21.11 -38.75 -1.03
CA HIS K 310 -22.40 -38.46 -0.48
C HIS K 310 -22.44 -37.01 -0.02
N PHE K 311 -23.59 -36.37 -0.17
CA PHE K 311 -23.72 -34.99 0.28
C PHE K 311 -23.32 -34.77 1.75
N ARG K 312 -23.58 -35.74 2.64
CA ARG K 312 -23.17 -35.55 4.02
C ARG K 312 -21.67 -35.24 4.16
N VAL K 313 -20.82 -35.80 3.29
CA VAL K 313 -19.39 -35.46 3.31
C VAL K 313 -19.18 -34.06 2.74
N LEU K 314 -19.91 -33.71 1.69
CA LEU K 314 -19.80 -32.37 1.16
C LEU K 314 -20.30 -31.35 2.19
N ALA K 315 -21.30 -31.73 2.97
CA ALA K 315 -21.79 -30.87 4.07
C ALA K 315 -20.74 -30.70 5.16
N LYS K 316 -20.04 -31.78 5.52
CA LYS K 316 -19.08 -31.74 6.60
C LYS K 316 -17.99 -30.81 6.15
N ALA K 317 -17.61 -30.94 4.88
CA ALA K 317 -16.52 -30.14 4.28
C ALA K 317 -16.88 -28.67 4.27
N LEU K 318 -18.12 -28.36 3.89
CA LEU K 318 -18.57 -26.98 3.96
C LEU K 318 -18.48 -26.40 5.37
N ARG K 319 -18.96 -27.16 6.38
CA ARG K 319 -18.85 -26.71 7.76
C ARG K 319 -17.41 -26.34 8.16
N MET K 320 -16.46 -27.16 7.77
CA MET K 320 -15.05 -26.86 8.02
C MET K 320 -14.53 -25.65 7.21
N SER K 321 -14.75 -25.66 5.89
CA SER K 321 -14.42 -24.52 5.02
C SER K 321 -15.02 -23.18 5.46
N GLY K 322 -16.30 -23.19 5.88
CA GLY K 322 -17.00 -22.05 6.41
C GLY K 322 -18.26 -21.63 5.66
N GLY K 323 -19.37 -21.64 6.37
CA GLY K 323 -20.62 -21.08 5.87
C GLY K 323 -21.65 -20.94 6.97
N ASP K 324 -22.47 -19.88 6.92
CA ASP K 324 -23.52 -19.71 7.90
C ASP K 324 -24.82 -20.45 7.57
N HIS K 325 -25.13 -20.55 6.29
CA HIS K 325 -26.26 -21.32 5.77
C HIS K 325 -25.72 -22.33 4.80
N LEU K 326 -26.41 -23.47 4.69
CA LEU K 326 -26.15 -24.40 3.60
C LEU K 326 -27.42 -25.10 3.18
N HIS K 327 -27.71 -25.06 1.89
CA HIS K 327 -28.84 -25.78 1.33
C HIS K 327 -28.78 -27.26 1.70
N SER K 328 -29.92 -27.79 2.12
CA SER K 328 -29.97 -29.14 2.65
C SER K 328 -30.98 -30.02 1.91
N GLY K 329 -31.70 -29.45 0.95
CA GLY K 329 -32.82 -30.13 0.31
C GLY K 329 -34.12 -29.91 1.08
N THR K 330 -35.24 -30.38 0.53
CA THR K 330 -36.55 -30.16 1.15
C THR K 330 -37.22 -31.44 1.51
N VAL K 331 -36.77 -32.54 0.92
CA VAL K 331 -37.46 -33.84 1.01
C VAL K 331 -38.71 -33.95 0.17
N VAL K 332 -39.60 -32.97 0.29
CA VAL K 332 -40.90 -32.99 -0.38
C VAL K 332 -40.97 -32.14 -1.68
N GLY K 333 -39.87 -31.49 -2.07
CA GLY K 333 -39.91 -30.56 -3.20
C GLY K 333 -39.47 -31.16 -4.53
N LYS K 334 -39.10 -30.32 -5.47
CA LYS K 334 -38.80 -30.78 -6.81
C LYS K 334 -37.45 -31.48 -6.95
N LEU K 335 -36.57 -31.35 -5.96
CA LEU K 335 -35.25 -32.01 -6.01
C LEU K 335 -35.14 -33.12 -4.97
N GLU K 336 -34.38 -34.15 -5.32
CA GLU K 336 -34.31 -35.36 -4.51
C GLU K 336 -33.65 -35.16 -3.14
N GLY K 337 -34.17 -35.87 -2.14
CA GLY K 337 -33.61 -35.94 -0.81
C GLY K 337 -34.47 -36.84 0.07
N GLU K 338 -33.98 -38.03 0.38
CA GLU K 338 -34.75 -38.91 1.23
C GLU K 338 -34.73 -38.44 2.69
N ARG K 339 -35.84 -38.63 3.37
CA ARG K 339 -36.04 -38.20 4.74
C ARG K 339 -34.98 -38.62 5.75
N GLU K 340 -34.68 -39.92 5.82
CA GLU K 340 -33.80 -40.41 6.90
C GLU K 340 -32.38 -39.97 6.64
N VAL K 341 -32.03 -39.84 5.35
CA VAL K 341 -30.70 -39.42 4.92
C VAL K 341 -30.55 -37.93 5.32
N THR K 342 -31.58 -37.16 5.02
CA THR K 342 -31.59 -35.73 5.28
C THR K 342 -31.53 -35.45 6.76
N LEU K 343 -32.31 -36.18 7.55
CA LEU K 343 -32.28 -35.95 8.99
C LEU K 343 -30.87 -36.20 9.53
N GLY K 344 -30.21 -37.21 8.99
CA GLY K 344 -28.83 -37.48 9.35
C GLY K 344 -27.89 -36.31 9.12
N PHE K 345 -27.80 -35.81 7.89
CA PHE K 345 -26.84 -34.75 7.62
C PHE K 345 -27.21 -33.35 8.15
N VAL K 346 -28.51 -33.10 8.37
CA VAL K 346 -28.93 -31.93 9.12
C VAL K 346 -28.38 -31.94 10.57
N ASP K 347 -28.49 -33.06 11.28
CA ASP K 347 -27.79 -33.20 12.55
C ASP K 347 -26.26 -32.95 12.40
N LEU K 348 -25.65 -33.49 11.35
CA LEU K 348 -24.23 -33.28 11.10
C LEU K 348 -23.89 -31.80 10.85
N MET K 349 -24.81 -31.06 10.24
CA MET K 349 -24.64 -29.63 9.98
C MET K 349 -24.79 -28.75 11.22
N ARG K 350 -25.71 -29.12 12.12
CA ARG K 350 -26.17 -28.23 13.19
C ARG K 350 -25.57 -28.52 14.55
N ASP K 351 -25.34 -29.80 14.83
CA ASP K 351 -25.12 -30.25 16.21
C ASP K 351 -23.64 -30.27 16.56
N ASP K 352 -23.37 -30.30 17.86
CA ASP K 352 -22.01 -30.40 18.34
C ASP K 352 -21.47 -31.83 18.34
N TYR K 353 -22.36 -32.81 18.59
CA TYR K 353 -21.95 -34.21 18.75
C TYR K 353 -23.01 -35.13 18.13
N VAL K 354 -22.60 -35.96 17.18
CA VAL K 354 -23.54 -36.83 16.47
C VAL K 354 -23.06 -38.28 16.50
N GLU K 355 -23.86 -39.14 17.13
CA GLU K 355 -23.49 -40.55 17.30
C GLU K 355 -23.65 -41.31 16.00
N LYS K 356 -22.81 -42.34 15.83
CA LYS K 356 -22.97 -43.33 14.78
C LYS K 356 -24.43 -43.83 14.75
N ASP K 357 -25.01 -43.84 13.54
CA ASP K 357 -26.40 -44.25 13.31
C ASP K 357 -26.61 -44.62 11.84
N ARG K 358 -26.43 -45.90 11.51
CA ARG K 358 -26.49 -46.37 10.14
C ARG K 358 -27.85 -46.20 9.49
N SER K 359 -28.92 -46.20 10.29
CA SER K 359 -30.29 -46.00 9.74
C SER K 359 -30.52 -44.57 9.22
N ARG K 360 -29.62 -43.64 9.58
CA ARG K 360 -29.65 -42.27 9.07
C ARG K 360 -28.40 -41.94 8.22
N GLY K 361 -27.63 -42.97 7.88
CA GLY K 361 -26.47 -42.80 7.03
C GLY K 361 -25.21 -42.30 7.69
N ILE K 362 -25.21 -42.28 9.02
CA ILE K 362 -24.04 -41.79 9.75
C ILE K 362 -23.16 -42.97 10.08
N TYR K 363 -22.02 -43.09 9.41
CA TYR K 363 -21.12 -44.26 9.58
C TYR K 363 -20.15 -44.09 10.75
N PHE K 364 -19.92 -42.83 11.15
CA PHE K 364 -19.00 -42.51 12.25
C PHE K 364 -19.61 -41.57 13.28
N THR K 365 -19.26 -41.78 14.54
CA THR K 365 -19.50 -40.76 15.53
C THR K 365 -18.68 -39.51 15.16
N GLN K 366 -19.35 -38.36 15.11
CA GLN K 366 -18.70 -37.11 14.75
C GLN K 366 -18.77 -36.08 15.87
N ASP K 367 -17.60 -35.63 16.31
CA ASP K 367 -17.47 -34.64 17.39
C ASP K 367 -16.97 -33.35 16.81
N TRP K 368 -17.76 -32.29 16.87
CA TRP K 368 -17.40 -31.05 16.19
C TRP K 368 -16.63 -30.09 17.08
N SER K 370 -17.18 -27.86 19.46
CA SER K 370 -17.64 -26.47 19.54
C SER K 370 -17.56 -25.63 18.28
N MET K 371 -17.25 -26.24 17.14
CA MET K 371 -17.36 -25.50 15.90
C MET K 371 -18.81 -25.10 15.70
N PRO K 372 -19.08 -23.84 15.36
CA PRO K 372 -20.47 -23.37 15.17
C PRO K 372 -21.23 -24.22 14.18
N GLY K 373 -22.54 -24.36 14.39
CA GLY K 373 -23.41 -25.07 13.45
C GLY K 373 -23.82 -24.24 12.24
N VAL K 374 -24.13 -24.92 11.13
CA VAL K 374 -24.60 -24.31 9.91
C VAL K 374 -26.13 -24.45 9.81
N MET K 375 -26.78 -23.38 9.39
CA MET K 375 -28.22 -23.34 9.26
C MET K 375 -28.64 -24.04 7.97
N PRO K 376 -29.43 -25.10 8.06
CA PRO K 376 -29.95 -25.74 6.83
C PRO K 376 -30.99 -24.89 6.13
N VAL K 377 -30.90 -24.87 4.81
CA VAL K 377 -31.82 -24.13 3.97
C VAL K 377 -32.60 -25.09 3.06
N ALA K 378 -33.93 -25.10 3.21
CA ALA K 378 -34.80 -25.97 2.45
C ALA K 378 -35.40 -25.13 1.36
N SER K 379 -35.08 -25.50 0.13
CA SER K 379 -35.45 -24.69 -1.00
C SER K 379 -35.67 -25.60 -2.21
N GLY K 380 -36.58 -25.20 -3.10
CA GLY K 380 -36.79 -25.95 -4.33
C GLY K 380 -38.14 -26.63 -4.53
N GLY K 381 -39.03 -25.92 -5.21
CA GLY K 381 -40.35 -26.43 -5.52
C GLY K 381 -41.23 -26.67 -4.30
N ILE K 382 -41.15 -25.81 -3.29
CA ILE K 382 -42.06 -25.91 -2.17
C ILE K 382 -43.09 -24.76 -2.17
N HIS K 383 -44.24 -25.00 -1.56
CA HIS K 383 -45.30 -24.03 -1.46
C HIS K 383 -46.00 -24.18 -0.11
N VAL K 384 -47.01 -23.37 0.13
CA VAL K 384 -47.66 -23.31 1.42
C VAL K 384 -48.14 -24.65 1.98
N TRP K 385 -48.59 -25.59 1.13
CA TRP K 385 -49.08 -26.87 1.64
C TRP K 385 -47.94 -27.75 2.23
N HIS K 386 -46.70 -27.45 1.86
CA HIS K 386 -45.54 -28.19 2.35
C HIS K 386 -45.12 -27.74 3.74
N MET K 387 -45.61 -26.58 4.16
CA MET K 387 -45.15 -25.93 5.38
C MET K 387 -45.16 -26.83 6.64
N PRO K 388 -46.27 -27.50 6.95
CA PRO K 388 -46.26 -28.42 8.09
C PRO K 388 -45.15 -29.48 7.99
N ALA K 389 -44.99 -30.13 6.83
CA ALA K 389 -43.96 -31.15 6.69
C ALA K 389 -42.55 -30.57 6.89
N LEU K 390 -42.34 -29.35 6.40
CA LEU K 390 -41.05 -28.65 6.57
C LEU K 390 -40.76 -28.29 8.01
N VAL K 391 -41.73 -27.72 8.71
CA VAL K 391 -41.56 -27.43 10.13
C VAL K 391 -41.36 -28.70 10.99
N GLU K 392 -42.06 -29.77 10.64
CA GLU K 392 -41.88 -31.05 11.29
C GLU K 392 -40.49 -31.63 11.07
N ILE K 393 -39.95 -31.53 9.86
CA ILE K 393 -38.65 -32.14 9.53
C ILE K 393 -37.49 -31.37 10.14
N PHE K 394 -37.50 -30.05 9.97
CA PHE K 394 -36.37 -29.19 10.29
C PHE K 394 -36.44 -28.50 11.63
N GLY K 395 -37.65 -28.28 12.17
CA GLY K 395 -37.79 -27.49 13.39
C GLY K 395 -37.52 -26.02 13.12
N ASP K 396 -37.23 -25.26 14.16
CA ASP K 396 -37.02 -23.82 13.98
C ASP K 396 -35.72 -23.43 13.32
N ASP K 397 -34.63 -24.17 13.61
CA ASP K 397 -33.30 -23.77 13.12
C ASP K 397 -33.07 -24.18 11.67
N ALA K 398 -33.70 -23.43 10.77
CA ALA K 398 -33.69 -23.69 9.35
C ALA K 398 -34.16 -22.47 8.65
N CYS K 399 -33.82 -22.36 7.38
CA CYS K 399 -34.38 -21.34 6.53
C CYS K 399 -35.15 -22.01 5.38
N LEU K 400 -36.38 -21.54 5.16
CA LEU K 400 -37.27 -22.13 4.16
C LEU K 400 -37.44 -21.12 3.04
N GLN K 401 -37.14 -21.56 1.83
CA GLN K 401 -37.16 -20.64 0.68
C GLN K 401 -38.22 -20.94 -0.34
N PHE K 402 -38.96 -19.91 -0.70
CA PHE K 402 -40.03 -20.05 -1.68
C PHE K 402 -39.84 -19.07 -2.84
N GLY K 403 -39.16 -19.49 -3.89
CA GLY K 403 -39.03 -18.69 -5.11
C GLY K 403 -40.33 -18.61 -5.91
N GLY K 404 -40.58 -19.65 -6.73
CA GLY K 404 -41.85 -19.81 -7.42
C GLY K 404 -43.03 -19.65 -6.48
N GLY K 405 -42.88 -20.15 -5.26
CA GLY K 405 -43.92 -20.09 -4.24
C GLY K 405 -44.23 -18.71 -3.70
N THR K 406 -43.46 -17.72 -4.14
CA THR K 406 -43.75 -16.34 -3.77
C THR K 406 -44.05 -15.56 -5.01
N LEU K 407 -43.16 -15.62 -5.99
CA LEU K 407 -43.32 -14.85 -7.23
C LEU K 407 -44.37 -15.41 -8.17
N GLY K 408 -44.90 -16.58 -7.84
CA GLY K 408 -45.97 -17.15 -8.63
C GLY K 408 -47.35 -17.09 -7.98
N HIS K 409 -47.47 -16.30 -6.90
CA HIS K 409 -48.74 -16.04 -6.24
C HIS K 409 -49.58 -15.14 -7.13
N PRO K 410 -50.88 -15.43 -7.27
CA PRO K 410 -51.72 -14.71 -8.24
C PRO K 410 -51.77 -13.23 -7.96
N TRP K 411 -51.48 -12.78 -6.76
CA TRP K 411 -51.60 -11.37 -6.42
C TRP K 411 -50.26 -10.63 -6.33
N GLY K 412 -49.16 -11.31 -6.66
CA GLY K 412 -47.86 -10.66 -6.63
C GLY K 412 -47.06 -10.91 -5.36
N ASN K 413 -45.90 -10.27 -5.26
CA ASN K 413 -44.92 -10.70 -4.27
C ASN K 413 -45.30 -10.46 -2.80
N ALA K 414 -45.85 -9.29 -2.51
CA ALA K 414 -46.13 -8.92 -1.15
C ALA K 414 -47.19 -9.87 -0.56
N PRO K 415 -48.30 -10.07 -1.27
CA PRO K 415 -49.28 -11.08 -0.87
C PRO K 415 -48.69 -12.50 -0.77
N GLY K 416 -47.84 -12.85 -1.75
CA GLY K 416 -47.19 -14.15 -1.78
C GLY K 416 -46.34 -14.38 -0.54
N ALA K 417 -45.63 -13.34 -0.11
CA ALA K 417 -44.75 -13.40 1.03
C ALA K 417 -45.58 -13.54 2.30
N ALA K 418 -46.65 -12.76 2.37
CA ALA K 418 -47.53 -12.78 3.50
C ALA K 418 -48.19 -14.16 3.65
N ALA K 419 -48.56 -14.80 2.54
CA ALA K 419 -49.16 -16.13 2.58
C ALA K 419 -48.15 -17.09 3.19
N ASN K 420 -46.88 -17.01 2.75
CA ASN K 420 -45.89 -17.94 3.26
C ASN K 420 -45.63 -17.69 4.77
N ARG K 421 -45.63 -16.41 5.18
CA ARG K 421 -45.33 -16.05 6.52
C ARG K 421 -46.46 -16.45 7.44
N VAL K 422 -47.71 -16.20 7.02
CA VAL K 422 -48.87 -16.70 7.79
C VAL K 422 -48.81 -18.23 7.98
N ALA K 423 -48.56 -18.95 6.89
CA ALA K 423 -48.49 -20.40 6.92
C ALA K 423 -47.45 -20.89 7.93
N LEU K 424 -46.26 -20.26 7.90
CA LEU K 424 -45.19 -20.66 8.78
C LEU K 424 -45.53 -20.34 10.24
N GLU K 425 -46.10 -19.17 10.46
CA GLU K 425 -46.46 -18.76 11.80
C GLU K 425 -47.59 -19.63 12.39
N ALA K 426 -48.59 -19.93 11.57
CA ALA K 426 -49.66 -20.86 11.97
C ALA K 426 -49.13 -22.24 12.41
N CYS K 427 -48.22 -22.78 11.58
CA CYS K 427 -47.64 -24.09 11.88
C CYS K 427 -46.81 -24.06 13.17
N THR K 428 -46.10 -22.95 13.37
CA THR K 428 -45.24 -22.80 14.53
C THR K 428 -46.06 -22.67 15.79
N GLN K 429 -47.11 -21.84 15.74
CA GLN K 429 -48.08 -21.78 16.82
C GLN K 429 -48.66 -23.17 17.16
N ALA K 430 -49.14 -23.86 16.13
CA ALA K 430 -49.80 -25.16 16.32
C ALA K 430 -48.85 -26.15 17.00
N ARG K 431 -47.60 -26.21 16.51
CA ARG K 431 -46.58 -27.06 17.11
C ARG K 431 -46.35 -26.76 18.59
N ASN K 432 -46.26 -25.46 18.92
CA ASN K 432 -46.00 -25.01 20.28
C ASN K 432 -47.18 -25.38 21.20
N GLU K 433 -48.40 -25.29 20.66
CA GLU K 433 -49.61 -25.69 21.40
C GLU K 433 -49.71 -27.23 21.62
N GLY K 434 -48.78 -28.00 21.07
CA GLY K 434 -48.80 -29.45 21.21
C GLY K 434 -49.43 -30.25 20.08
N ARG K 435 -49.85 -29.57 19.00
CA ARG K 435 -50.43 -30.26 17.85
C ARG K 435 -49.37 -31.07 17.11
N ASP K 436 -49.78 -32.22 16.61
CA ASP K 436 -48.87 -33.08 15.86
C ASP K 436 -48.93 -32.77 14.35
N LEU K 437 -47.95 -32.02 13.86
CA LEU K 437 -47.92 -31.53 12.47
C LEU K 437 -47.91 -32.64 11.41
N ALA K 438 -47.25 -33.76 11.70
CA ALA K 438 -47.29 -34.94 10.83
C ALA K 438 -48.73 -35.43 10.61
N ARG K 439 -49.56 -35.41 11.64
CA ARG K 439 -50.95 -35.82 11.51
C ARG K 439 -51.89 -34.69 11.13
N GLU K 440 -51.78 -33.54 11.81
CA GLU K 440 -52.79 -32.50 11.81
C GLU K 440 -52.44 -31.32 10.90
N GLY K 441 -51.33 -31.43 10.19
CA GLY K 441 -50.77 -30.33 9.40
C GLY K 441 -51.69 -29.73 8.35
N GLY K 442 -52.36 -30.59 7.59
CA GLY K 442 -53.38 -30.18 6.65
C GLY K 442 -54.46 -29.32 7.29
N ASP K 443 -54.85 -29.66 8.52
CA ASP K 443 -55.87 -28.92 9.24
C ASP K 443 -55.40 -27.53 9.60
N VAL K 444 -54.12 -27.43 9.98
CA VAL K 444 -53.54 -26.16 10.40
C VAL K 444 -53.57 -25.19 9.23
N ILE K 445 -53.13 -25.64 8.07
CA ILE K 445 -53.19 -24.82 6.87
C ILE K 445 -54.62 -24.46 6.47
N ARG K 446 -55.53 -25.44 6.48
CA ARG K 446 -56.92 -25.17 6.09
C ARG K 446 -57.57 -24.11 6.95
N SER K 447 -57.33 -24.16 8.25
CA SER K 447 -57.81 -23.15 9.19
C SER K 447 -57.29 -21.76 8.86
N ALA K 448 -55.99 -21.66 8.64
CA ALA K 448 -55.35 -20.41 8.26
C ALA K 448 -55.87 -19.86 6.92
N CYS K 449 -56.17 -20.74 5.96
CA CYS K 449 -56.83 -20.35 4.69
C CYS K 449 -58.15 -19.67 4.89
N LYS K 450 -58.92 -20.21 5.82
CA LYS K 450 -60.26 -19.72 6.14
C LYS K 450 -60.08 -18.31 6.68
N TRP K 451 -58.97 -18.09 7.38
CA TRP K 451 -58.73 -16.80 8.02
C TRP K 451 -58.04 -15.71 7.13
N SER K 452 -57.08 -16.12 6.30
CA SER K 452 -56.23 -15.18 5.55
C SER K 452 -56.45 -15.25 4.04
N PRO K 453 -56.99 -14.18 3.44
CA PRO K 453 -57.29 -14.20 2.00
C PRO K 453 -56.04 -14.46 1.12
N GLU K 454 -54.89 -13.89 1.48
CA GLU K 454 -53.62 -14.10 0.80
C GLU K 454 -53.22 -15.58 0.79
N LEU K 455 -53.35 -16.24 1.94
CA LEU K 455 -53.05 -17.65 2.07
C LEU K 455 -54.04 -18.49 1.29
N ALA K 456 -55.32 -18.17 1.40
CA ALA K 456 -56.36 -18.88 0.67
C ALA K 456 -56.06 -18.89 -0.83
N ALA K 457 -55.64 -17.74 -1.37
CA ALA K 457 -55.34 -17.65 -2.80
C ALA K 457 -54.16 -18.54 -3.19
N ALA K 458 -53.17 -18.65 -2.31
CA ALA K 458 -52.02 -19.50 -2.61
C ALA K 458 -52.43 -20.96 -2.50
N CYS K 459 -53.21 -21.27 -1.48
CA CYS K 459 -53.72 -22.62 -1.29
C CYS K 459 -54.48 -23.18 -2.48
N GLU K 460 -55.35 -22.36 -3.08
CA GLU K 460 -56.10 -22.72 -4.29
C GLU K 460 -55.19 -23.03 -5.50
N VAL K 461 -54.21 -22.17 -5.73
CA VAL K 461 -53.35 -22.31 -6.92
C VAL K 461 -52.54 -23.60 -6.89
N TRP K 462 -52.05 -23.98 -5.70
CA TRP K 462 -51.10 -25.08 -5.61
C TRP K 462 -51.63 -26.33 -4.93
N LYS K 463 -52.93 -26.36 -4.64
CA LYS K 463 -53.59 -27.50 -3.98
C LYS K 463 -53.20 -28.89 -4.52
N GLU K 464 -53.14 -29.01 -5.83
CA GLU K 464 -52.90 -30.33 -6.43
C GLU K 464 -51.42 -30.76 -6.43
N ILE K 465 -50.51 -29.82 -6.16
CA ILE K 465 -49.12 -29.96 -6.56
C ILE K 465 -48.24 -30.72 -5.56
N LYS K 466 -47.72 -31.85 -6.02
CA LYS K 466 -46.87 -32.77 -5.25
C LYS K 466 -45.67 -33.21 -6.10
N PHE K 467 -44.58 -33.63 -5.45
CA PHE K 467 -43.42 -34.19 -6.17
C PHE K 467 -43.08 -35.52 -5.58
N GLU K 468 -43.62 -36.57 -6.20
CA GLU K 468 -43.49 -37.91 -5.66
C GLU K 468 -42.93 -38.83 -6.73
N PHE K 469 -41.67 -39.20 -6.54
CA PHE K 469 -40.94 -40.04 -7.48
C PHE K 469 -40.11 -41.05 -6.70
N ASP K 470 -39.68 -42.09 -7.40
CA ASP K 470 -38.83 -43.11 -6.83
C ASP K 470 -37.47 -42.51 -6.48
N THR K 471 -36.98 -42.79 -5.27
CA THR K 471 -35.73 -42.21 -4.79
C THR K 471 -34.49 -42.94 -5.32
N ILE K 472 -33.53 -42.18 -5.84
CA ILE K 472 -32.28 -42.75 -6.36
C ILE K 472 -31.26 -43.01 -5.24
N ASP K 473 -30.98 -41.96 -4.48
CA ASP K 473 -30.02 -42.01 -3.39
C ASP K 473 -30.68 -42.63 -2.13
N LYS K 474 -30.96 -43.92 -2.23
CA LYS K 474 -31.47 -44.73 -1.11
C LYS K 474 -30.29 -45.10 -0.22
N LEU K 475 -30.55 -45.33 1.07
CA LEU K 475 -29.53 -45.84 1.99
C LEU K 475 -28.84 -47.17 1.53
N MET L 1 -19.18 42.97 35.29
CA MET L 1 -19.00 41.96 34.22
C MET L 1 -20.37 41.60 33.65
N MET L 2 -20.52 41.74 32.34
CA MET L 2 -21.74 41.29 31.69
C MET L 2 -21.43 40.00 30.92
N VAL L 3 -22.41 39.10 30.85
CA VAL L 3 -22.25 37.83 30.18
C VAL L 3 -22.90 37.93 28.81
N TRP L 4 -22.14 37.56 27.79
CA TRP L 4 -22.64 37.53 26.45
C TRP L 4 -23.56 36.34 26.30
N THR L 5 -24.84 36.59 25.99
CA THR L 5 -25.84 35.51 25.98
C THR L 5 -25.70 34.52 24.81
N PRO L 6 -25.76 33.21 25.12
CA PRO L 6 -25.80 32.16 24.08
C PRO L 6 -27.18 31.90 23.47
N VAL L 7 -28.23 32.45 24.08
CA VAL L 7 -29.62 32.30 23.64
C VAL L 7 -30.05 33.58 22.92
N ASN L 8 -30.99 33.58 22.00
CA ASN L 8 -30.89 33.05 20.68
C ASN L 8 -30.32 34.31 20.03
N ASN L 9 -29.03 34.22 19.70
CA ASN L 9 -28.20 35.38 19.43
C ASN L 9 -27.48 35.18 18.10
N LYS L 10 -28.21 34.63 17.14
CA LYS L 10 -27.68 34.30 15.83
C LYS L 10 -27.30 35.57 15.05
N MET L 11 -26.18 35.50 14.32
CA MET L 11 -25.65 36.64 13.63
C MET L 11 -25.65 36.43 12.12
N PHE L 12 -25.36 37.48 11.37
CA PHE L 12 -25.53 37.42 9.92
C PHE L 12 -24.41 38.13 9.19
N GLU L 13 -23.19 37.88 9.66
CA GLU L 13 -21.98 38.46 9.09
C GLU L 13 -21.95 39.99 9.16
N THR L 14 -21.46 40.68 8.14
CA THR L 14 -21.13 42.08 8.28
C THR L 14 -22.28 42.99 8.78
N PHE L 15 -21.97 43.73 9.83
CA PHE L 15 -22.82 44.75 10.41
C PHE L 15 -23.79 44.24 11.43
N SER L 16 -23.83 42.92 11.65
CA SER L 16 -24.81 42.40 12.61
C SER L 16 -24.48 42.66 14.07
N TYR L 17 -23.28 43.19 14.35
CA TYR L 17 -22.93 43.53 15.73
C TYR L 17 -23.18 45.01 16.03
N LEU L 18 -23.66 45.74 15.03
CA LEU L 18 -24.06 47.14 15.17
C LEU L 18 -25.58 47.23 15.41
N PRO L 19 -26.08 48.42 15.81
CA PRO L 19 -27.54 48.63 15.85
C PRO L 19 -28.12 48.42 14.43
N PRO L 20 -29.37 47.95 14.32
CA PRO L 20 -29.95 47.65 13.00
C PRO L 20 -29.86 48.88 12.09
N LEU L 21 -29.60 48.66 10.80
CA LEU L 21 -29.38 49.80 9.91
C LEU L 21 -30.67 50.55 9.62
N THR L 22 -30.66 51.87 9.82
CA THR L 22 -31.73 52.77 9.39
C THR L 22 -31.77 52.88 7.87
N ASP L 23 -32.88 53.42 7.36
CA ASP L 23 -33.03 53.66 5.92
C ASP L 23 -31.95 54.56 5.35
N GLU L 24 -31.56 55.58 6.10
CA GLU L 24 -30.48 56.50 5.73
C GLU L 24 -29.12 55.79 5.68
N GLN L 25 -28.90 54.86 6.59
CA GLN L 25 -27.66 54.08 6.64
C GLN L 25 -27.57 53.10 5.50
N ILE L 26 -28.68 52.41 5.19
CA ILE L 26 -28.75 51.53 4.02
C ILE L 26 -28.46 52.33 2.74
N ALA L 27 -29.09 53.50 2.60
CA ALA L 27 -28.86 54.34 1.45
C ALA L 27 -27.39 54.75 1.35
N ALA L 28 -26.74 54.93 2.48
CA ALA L 28 -25.34 55.34 2.46
C ALA L 28 -24.43 54.19 1.93
N GLN L 29 -24.74 52.96 2.34
CA GLN L 29 -24.06 51.77 1.81
C GLN L 29 -24.27 51.63 0.29
N VAL L 30 -25.47 51.89 -0.18
CA VAL L 30 -25.78 51.83 -1.62
C VAL L 30 -24.96 52.87 -2.44
N ASP L 31 -24.87 54.09 -1.93
CA ASP L 31 -24.01 55.13 -2.51
C ASP L 31 -22.56 54.68 -2.61
N TYR L 32 -22.07 54.01 -1.56
CA TYR L 32 -20.73 53.41 -1.56
C TYR L 32 -20.54 52.39 -2.69
N ILE L 33 -21.50 51.49 -2.87
CA ILE L 33 -21.48 50.56 -4.01
C ILE L 33 -21.38 51.30 -5.34
N VAL L 34 -22.28 52.28 -5.54
CA VAL L 34 -22.34 53.03 -6.79
C VAL L 34 -21.05 53.84 -7.00
N ALA L 35 -20.58 54.54 -5.97
CA ALA L 35 -19.34 55.32 -6.07
C ALA L 35 -18.13 54.45 -6.47
N ASN L 36 -18.17 53.17 -6.12
CA ASN L 36 -17.06 52.29 -6.46
C ASN L 36 -17.22 51.48 -7.75
N GLY L 37 -18.38 51.61 -8.40
CA GLY L 37 -18.65 50.90 -9.65
C GLY L 37 -18.89 49.40 -9.48
N TRP L 38 -19.32 48.97 -8.31
CA TRP L 38 -19.55 47.55 -8.07
C TRP L 38 -20.95 47.12 -8.50
N ILE L 39 -21.16 45.83 -8.67
CA ILE L 39 -22.42 45.34 -9.18
C ILE L 39 -23.33 44.92 -8.02
N PRO L 40 -24.43 45.65 -7.80
CA PRO L 40 -25.38 45.31 -6.74
C PRO L 40 -26.20 44.09 -7.12
N CYS L 41 -26.56 43.30 -6.13
CA CYS L 41 -27.42 42.16 -6.35
C CYS L 41 -28.15 41.83 -5.06
N LEU L 42 -29.34 41.24 -5.16
CA LEU L 42 -30.08 40.80 -4.00
C LEU L 42 -30.23 39.30 -4.00
N GLU L 43 -30.11 38.70 -2.80
CA GLU L 43 -30.27 37.27 -2.59
C GLU L 43 -31.22 37.07 -1.42
N PHE L 44 -32.01 35.99 -1.47
CA PHE L 44 -32.98 35.72 -0.41
C PHE L 44 -33.04 34.23 -0.01
N ALA L 45 -33.43 33.97 1.25
CA ALA L 45 -33.56 32.60 1.73
C ALA L 45 -34.91 32.39 2.39
N THR L 46 -35.62 31.36 1.99
CA THR L 46 -36.94 31.12 2.59
C THR L 46 -36.92 29.96 3.56
N ASP L 47 -35.74 29.36 3.72
CA ASP L 47 -35.55 28.19 4.59
C ASP L 47 -34.53 28.50 5.66
N HIS L 48 -33.45 27.71 5.72
CA HIS L 48 -32.41 27.90 6.73
C HIS L 48 -31.65 29.15 6.33
N GLY L 49 -31.57 30.14 7.21
CA GLY L 49 -30.74 31.31 6.96
C GLY L 49 -29.29 31.16 7.38
N PHE L 50 -28.89 29.95 7.80
CA PHE L 50 -27.54 29.73 8.33
C PHE L 50 -26.80 28.62 7.66
N VAL L 51 -25.47 28.68 7.76
CA VAL L 51 -24.63 27.61 7.30
C VAL L 51 -24.87 26.34 8.14
N TYR L 52 -24.84 25.20 7.47
CA TYR L 52 -24.96 23.90 8.12
C TYR L 52 -24.23 22.83 7.28
N ARG L 53 -24.26 21.59 7.74
CA ARG L 53 -23.65 20.51 6.96
C ARG L 53 -24.56 19.30 6.92
N GLU L 54 -25.27 19.12 5.80
CA GLU L 54 -26.16 17.98 5.65
C GLU L 54 -25.56 16.91 4.75
N HIS L 55 -25.09 17.34 3.58
CA HIS L 55 -24.73 16.42 2.50
C HIS L 55 -23.26 15.97 2.48
N HIS L 56 -22.39 16.71 3.17
CA HIS L 56 -20.96 16.40 3.15
C HIS L 56 -20.20 17.09 4.31
N ASN L 57 -19.01 16.59 4.64
CA ASN L 57 -18.32 16.98 5.88
C ASN L 57 -16.86 17.47 5.78
N SER L 58 -16.31 17.45 4.56
CA SER L 58 -14.89 17.73 4.37
C SER L 58 -14.54 19.22 4.51
N PRO L 59 -13.26 19.54 4.72
CA PRO L 59 -12.83 20.92 4.95
C PRO L 59 -13.31 21.86 3.85
N GLY L 60 -13.85 23.01 4.27
CA GLY L 60 -14.31 24.04 3.36
C GLY L 60 -15.60 23.74 2.60
N TYR L 61 -16.29 22.65 2.96
CA TYR L 61 -17.61 22.34 2.43
C TYR L 61 -18.65 22.72 3.49
N TYR L 62 -19.66 23.50 3.09
CA TYR L 62 -20.79 23.86 3.94
C TYR L 62 -22.04 23.92 3.07
N ASP L 63 -23.17 23.43 3.57
CA ASP L 63 -24.44 23.74 2.92
C ASP L 63 -24.93 25.09 3.43
N GLY L 64 -25.80 25.75 2.68
CA GLY L 64 -26.41 26.98 3.15
C GLY L 64 -25.69 28.26 2.81
N ARG L 65 -24.55 28.15 2.13
CA ARG L 65 -23.85 29.34 1.66
C ARG L 65 -24.56 30.01 0.50
N TYR L 66 -25.15 29.25 -0.39
CA TYR L 66 -25.88 29.86 -1.50
C TYR L 66 -27.29 30.20 -1.11
N TRP L 67 -27.71 31.42 -1.40
CA TRP L 67 -29.11 31.76 -1.29
C TRP L 67 -29.72 31.84 -2.69
N THR L 68 -30.99 32.18 -2.80
CA THR L 68 -31.63 32.30 -4.10
C THR L 68 -31.46 33.72 -4.58
N MET L 69 -31.05 33.86 -5.83
CA MET L 69 -30.79 35.15 -6.44
C MET L 69 -32.11 35.81 -6.83
N TRP L 70 -32.25 37.09 -6.46
CA TRP L 70 -33.40 37.89 -6.89
C TRP L 70 -33.14 38.50 -8.28
N LYS L 71 -33.82 37.98 -9.29
CA LYS L 71 -33.65 38.46 -10.68
C LYS L 71 -32.21 38.26 -11.14
N LEU L 72 -31.49 39.34 -11.47
CA LEU L 72 -30.11 39.24 -11.91
C LEU L 72 -29.31 40.33 -11.27
N PRO L 73 -27.98 40.19 -11.19
CA PRO L 73 -27.14 41.29 -10.70
C PRO L 73 -27.37 42.47 -11.62
N MET L 74 -27.38 43.67 -11.06
CA MET L 74 -27.81 44.84 -11.82
C MET L 74 -26.64 45.44 -12.56
N PHE L 75 -26.24 44.76 -13.62
CA PHE L 75 -25.08 45.19 -14.41
C PHE L 75 -25.29 46.56 -15.01
N GLY L 76 -24.29 47.43 -14.86
CA GLY L 76 -24.31 48.75 -15.47
C GLY L 76 -25.08 49.79 -14.68
N CYS L 77 -25.72 49.36 -13.60
CA CYS L 77 -26.55 50.26 -12.81
C CYS L 77 -25.70 51.19 -11.97
N ARG L 78 -25.94 52.49 -12.15
CA ARG L 78 -25.26 53.56 -11.43
C ARG L 78 -26.28 54.44 -10.70
N ASP L 79 -27.48 53.92 -10.53
CA ASP L 79 -28.56 54.68 -9.92
C ASP L 79 -28.97 54.12 -8.54
N PRO L 80 -28.53 54.76 -7.46
CA PRO L 80 -28.90 54.31 -6.10
C PRO L 80 -30.41 54.12 -5.90
N MET L 81 -31.25 54.96 -6.51
CA MET L 81 -32.70 54.83 -6.35
C MET L 81 -33.22 53.48 -6.88
N GLN L 82 -32.65 53.01 -7.99
CA GLN L 82 -33.05 51.76 -8.65
C GLN L 82 -32.79 50.59 -7.74
N VAL L 83 -31.59 50.58 -7.14
CA VAL L 83 -31.21 49.59 -6.13
C VAL L 83 -32.18 49.60 -4.95
N LEU L 84 -32.43 50.79 -4.42
CA LEU L 84 -33.35 50.92 -3.29
C LEU L 84 -34.75 50.38 -3.62
N ARG L 85 -35.20 50.64 -4.85
CA ARG L 85 -36.49 50.10 -5.34
C ARG L 85 -36.54 48.56 -5.47
N GLU L 86 -35.43 47.94 -5.86
CA GLU L 86 -35.37 46.47 -5.93
C GLU L 86 -35.39 45.85 -4.53
N ILE L 87 -34.81 46.52 -3.55
CA ILE L 87 -34.89 46.00 -2.18
C ILE L 87 -36.33 45.93 -1.76
N VAL L 88 -37.11 46.97 -2.07
CA VAL L 88 -38.52 47.02 -1.75
C VAL L 88 -39.29 45.94 -2.50
N ALA L 89 -39.05 45.84 -3.81
CA ALA L 89 -39.72 44.82 -4.63
C ALA L 89 -39.47 43.39 -4.13
N CYS L 90 -38.21 43.08 -3.83
CA CYS L 90 -37.81 41.77 -3.32
C CYS L 90 -38.47 41.46 -1.97
N THR L 91 -38.38 42.39 -1.02
CA THR L 91 -38.97 42.18 0.30
C THR L 91 -40.47 42.07 0.23
N LYS L 92 -41.04 42.69 -0.81
CA LYS L 92 -42.49 42.67 -1.03
C LYS L 92 -42.98 41.30 -1.51
N ALA L 93 -42.22 40.72 -2.42
CA ALA L 93 -42.52 39.41 -2.96
C ALA L 93 -42.22 38.29 -1.96
N PHE L 94 -41.26 38.52 -1.06
CA PHE L 94 -40.89 37.51 -0.05
C PHE L 94 -40.79 38.12 1.34
N PRO L 95 -41.94 38.50 1.89
CA PRO L 95 -41.95 39.24 3.16
C PRO L 95 -41.49 38.40 4.38
N ASP L 96 -41.37 37.09 4.18
CA ASP L 96 -40.96 36.23 5.28
C ASP L 96 -39.56 35.65 5.13
N ALA L 97 -38.84 36.11 4.11
CA ALA L 97 -37.54 35.55 3.81
C ALA L 97 -36.42 36.36 4.47
N TYR L 98 -35.28 35.72 4.71
CA TYR L 98 -34.04 36.46 4.92
C TYR L 98 -33.71 37.06 3.56
N VAL L 99 -33.36 38.33 3.54
CA VAL L 99 -32.95 38.99 2.31
C VAL L 99 -31.66 39.75 2.58
N ARG L 100 -30.71 39.68 1.62
CA ARG L 100 -29.46 40.39 1.78
C ARG L 100 -29.06 41.13 0.52
N LEU L 101 -28.45 42.30 0.70
CA LEU L 101 -27.88 43.06 -0.41
C LEU L 101 -26.38 42.78 -0.47
N VAL L 102 -25.92 42.37 -1.64
CA VAL L 102 -24.51 42.07 -1.87
C VAL L 102 -24.05 42.93 -3.03
N ALA L 103 -22.74 43.05 -3.21
CA ALA L 103 -22.19 43.70 -4.41
C ALA L 103 -20.98 42.93 -4.90
N PHE L 104 -20.77 42.93 -6.21
CA PHE L 104 -19.67 42.20 -6.82
C PHE L 104 -18.67 43.12 -7.49
N ASP L 105 -17.40 42.75 -7.40
CA ASP L 105 -16.32 43.38 -8.13
C ASP L 105 -15.93 42.36 -9.19
N ASN L 106 -16.02 42.77 -10.44
CA ASN L 106 -15.71 41.84 -11.51
C ASN L 106 -14.21 41.78 -11.88
N GLN L 107 -13.41 42.71 -11.36
CA GLN L 107 -11.95 42.69 -11.56
C GLN L 107 -11.31 41.62 -10.69
N LYS L 108 -11.58 41.64 -9.39
CA LYS L 108 -11.14 40.59 -8.47
C LYS L 108 -12.05 39.33 -8.56
N GLN L 109 -13.20 39.48 -9.21
CA GLN L 109 -14.25 38.46 -9.25
C GLN L 109 -14.54 37.88 -7.87
N VAL L 110 -15.09 38.71 -7.00
CA VAL L 110 -15.44 38.28 -5.65
C VAL L 110 -16.53 39.22 -5.16
N GLN L 111 -17.35 38.72 -4.24
CA GLN L 111 -18.29 39.58 -3.51
C GLN L 111 -17.48 40.52 -2.61
N ILE L 112 -17.77 41.80 -2.70
CA ILE L 112 -16.94 42.81 -2.11
C ILE L 112 -17.64 43.51 -0.94
N MET L 113 -18.93 43.23 -0.78
CA MET L 113 -19.70 43.67 0.38
C MET L 113 -21.04 42.93 0.48
N GLY L 114 -21.66 43.00 1.65
CA GLY L 114 -22.93 42.36 1.84
C GLY L 114 -23.43 42.54 3.23
N PHE L 115 -24.74 42.69 3.38
CA PHE L 115 -25.35 42.75 4.69
C PHE L 115 -26.82 42.41 4.60
N LEU L 116 -27.37 41.90 5.69
CA LEU L 116 -28.78 41.56 5.77
C LEU L 116 -29.70 42.81 5.72
N VAL L 117 -30.77 42.75 4.93
CA VAL L 117 -31.77 43.84 4.92
C VAL L 117 -33.13 43.44 5.49
N GLN L 118 -33.40 42.15 5.57
CA GLN L 118 -34.63 41.67 6.17
C GLN L 118 -34.39 40.30 6.77
N ARG L 119 -35.00 40.07 7.94
CA ARG L 119 -35.10 38.72 8.47
C ARG L 119 -36.59 38.37 8.69
N PRO L 120 -36.94 37.08 8.78
CA PRO L 120 -38.32 36.68 9.07
C PRO L 120 -38.83 37.22 10.41
N LYS L 121 -40.13 37.42 10.54
CA LYS L 121 -40.71 37.93 11.78
C LYS L 121 -41.17 36.81 12.70
N GLN L 127 -31.37 38.69 18.99
CA GLN L 127 -31.42 39.59 20.13
C GLN L 127 -31.29 41.06 19.74
N PRO L 128 -32.21 41.92 20.22
CA PRO L 128 -31.99 43.38 20.28
C PRO L 128 -30.56 43.80 20.68
N ALA L 129 -30.04 44.88 20.09
CA ALA L 129 -28.62 45.29 20.21
C ALA L 129 -28.03 45.42 21.65
N ASN L 130 -28.92 45.53 22.64
CA ASN L 130 -28.54 45.76 24.05
C ASN L 130 -28.87 44.60 25.01
N LYS L 131 -29.67 43.64 24.53
CA LYS L 131 -30.06 42.45 25.31
C LYS L 131 -29.11 41.29 25.05
N ARG L 132 -27.97 41.59 24.40
CA ARG L 132 -26.94 40.60 24.06
C ARG L 132 -26.04 40.22 25.25
N SER L 133 -26.05 41.05 26.30
CA SER L 133 -25.34 40.76 27.54
C SER L 133 -26.27 40.84 28.77
N VAL L 134 -25.93 40.12 29.83
CA VAL L 134 -26.80 39.99 31.02
C VAL L 134 -26.02 40.00 32.36
N ALA M 11 7.76 -22.43 -53.12
CA ALA M 11 7.68 -20.99 -52.71
C ALA M 11 8.85 -20.66 -51.76
N GLY M 12 9.88 -20.02 -52.30
CA GLY M 12 11.03 -19.64 -51.49
C GLY M 12 11.07 -18.16 -51.11
N PHE M 13 12.20 -17.69 -50.60
CA PHE M 13 12.34 -16.29 -50.35
C PHE M 13 12.97 -15.64 -51.58
N LYS M 14 12.29 -14.63 -52.11
CA LYS M 14 12.79 -13.87 -53.22
C LYS M 14 12.79 -12.41 -52.84
N ALA M 15 13.99 -11.89 -52.59
CA ALA M 15 14.20 -10.51 -52.23
C ALA M 15 13.73 -9.56 -53.36
N GLY M 16 13.24 -8.38 -52.97
CA GLY M 16 12.82 -7.41 -53.94
C GLY M 16 11.39 -6.94 -53.74
N VAL M 17 11.05 -5.88 -54.47
CA VAL M 17 9.74 -5.28 -54.44
C VAL M 17 8.84 -6.00 -55.43
N LYS M 18 7.59 -6.24 -55.05
CA LYS M 18 6.58 -6.66 -56.01
C LYS M 18 5.29 -5.95 -55.66
N ASP M 19 4.28 -6.06 -56.50
CA ASP M 19 3.02 -5.38 -56.25
C ASP M 19 2.33 -5.95 -55.02
N TYR M 20 1.69 -5.09 -54.25
CA TYR M 20 0.88 -5.48 -53.12
C TYR M 20 -0.30 -6.38 -53.55
N ARG M 21 -0.82 -6.14 -54.76
CA ARG M 21 -2.03 -6.81 -55.21
C ARG M 21 -1.80 -8.28 -55.42
N LEU M 22 -0.56 -8.70 -55.58
CA LEU M 22 -0.28 -10.13 -55.69
C LEU M 22 -0.59 -10.93 -54.42
N THR M 23 -0.62 -10.25 -53.26
CA THR M 23 -0.87 -10.92 -51.97
C THR M 23 -2.16 -10.46 -51.29
N TYR M 24 -2.44 -9.17 -51.40
CA TYR M 24 -3.43 -8.47 -50.58
C TYR M 24 -4.74 -8.03 -51.29
N TYR M 25 -4.83 -8.29 -52.60
CA TYR M 25 -6.09 -8.15 -53.32
C TYR M 25 -6.66 -9.52 -53.55
N THR M 26 -7.77 -9.85 -52.88
CA THR M 26 -8.38 -11.16 -53.01
C THR M 26 -9.89 -11.02 -53.20
N PRO M 27 -10.32 -10.75 -54.44
CA PRO M 27 -11.74 -10.45 -54.69
C PRO M 27 -12.68 -11.66 -54.58
N ASP M 28 -12.14 -12.86 -54.36
CA ASP M 28 -12.97 -14.07 -54.21
C ASP M 28 -13.04 -14.54 -52.75
N TYR M 29 -12.49 -13.74 -51.86
CA TYR M 29 -12.46 -14.11 -50.46
C TYR M 29 -13.87 -14.04 -49.86
N VAL M 30 -14.23 -15.07 -49.11
CA VAL M 30 -15.52 -15.10 -48.41
C VAL M 30 -15.23 -14.65 -46.99
N VAL M 31 -15.81 -13.52 -46.59
CA VAL M 31 -15.46 -12.96 -45.29
C VAL M 31 -16.02 -13.83 -44.18
N ARG M 32 -15.30 -13.88 -43.07
CA ARG M 32 -15.71 -14.69 -41.94
C ARG M 32 -16.47 -13.85 -40.95
N ASP M 33 -17.35 -14.49 -40.21
CA ASP M 33 -18.14 -13.81 -39.20
C ASP M 33 -17.32 -13.17 -38.07
N THR M 34 -16.05 -13.56 -37.92
CA THR M 34 -15.17 -12.95 -36.94
C THR M 34 -14.23 -11.86 -37.46
N ASP M 35 -14.23 -11.62 -38.77
CA ASP M 35 -13.40 -10.58 -39.37
C ASP M 35 -13.83 -9.20 -38.98
N ILE M 36 -12.89 -8.28 -38.73
CA ILE M 36 -13.22 -6.86 -38.67
C ILE M 36 -13.15 -6.40 -40.15
N LEU M 37 -14.14 -5.62 -40.58
CA LEU M 37 -14.26 -5.15 -41.96
C LEU M 37 -14.19 -3.63 -41.99
N ALA M 38 -13.42 -3.11 -42.93
CA ALA M 38 -13.31 -1.68 -43.05
C ALA M 38 -13.77 -1.23 -44.43
N ALA M 39 -14.49 -0.12 -44.47
CA ALA M 39 -14.86 0.53 -45.73
C ALA M 39 -14.06 1.82 -45.84
N PHE M 40 -13.10 1.83 -46.78
CA PHE M 40 -12.30 3.01 -47.03
C PHE M 40 -12.75 3.70 -48.29
N ARG M 41 -13.01 5.00 -48.20
CA ARG M 41 -13.14 5.84 -49.42
C ARG M 41 -11.75 6.31 -49.87
N MET M 42 -11.35 5.89 -51.05
CA MET M 42 -9.97 5.94 -51.49
C MET M 42 -9.82 6.79 -52.75
N THR M 43 -8.81 7.66 -52.78
CA THR M 43 -8.50 8.51 -53.94
C THR M 43 -7.07 8.31 -54.38
N PRO M 44 -6.84 7.41 -55.35
CA PRO M 44 -5.47 7.06 -55.77
C PRO M 44 -4.78 8.20 -56.53
N GLN M 45 -3.44 8.22 -56.48
CA GLN M 45 -2.69 9.08 -57.36
C GLN M 45 -2.90 8.61 -58.79
N PRO M 46 -2.78 9.51 -59.78
CA PRO M 46 -2.86 9.08 -61.20
C PRO M 46 -1.86 7.96 -61.50
N GLY M 47 -2.36 6.90 -62.15
CA GLY M 47 -1.51 5.82 -62.60
C GLY M 47 -1.30 4.72 -61.59
N VAL M 48 -1.95 4.85 -60.43
CA VAL M 48 -1.99 3.81 -59.43
C VAL M 48 -3.36 3.12 -59.57
N PRO M 49 -3.36 1.87 -60.00
CA PRO M 49 -4.62 1.13 -60.19
C PRO M 49 -5.36 1.00 -58.84
N PRO M 50 -6.67 1.16 -58.84
CA PRO M 50 -7.44 1.01 -57.60
C PRO M 50 -7.16 -0.30 -56.85
N GLU M 51 -7.00 -1.41 -57.58
CA GLU M 51 -6.72 -2.71 -56.97
C GLU M 51 -5.39 -2.70 -56.20
N GLU M 52 -4.36 -2.07 -56.79
CA GLU M 52 -3.06 -1.89 -56.15
C GLU M 52 -3.17 -0.98 -54.91
N CYS M 53 -3.95 0.07 -55.02
CA CYS M 53 -4.21 0.98 -53.91
C CYS M 53 -4.90 0.31 -52.70
N GLY M 54 -5.97 -0.43 -53.00
CA GLY M 54 -6.66 -1.19 -51.99
C GLY M 54 -5.79 -2.24 -51.33
N ALA M 55 -5.03 -2.95 -52.15
CA ALA M 55 -4.08 -3.92 -51.64
C ALA M 55 -3.05 -3.23 -50.72
N ALA M 56 -2.55 -2.06 -51.13
CA ALA M 56 -1.59 -1.32 -50.31
C ALA M 56 -2.16 -0.97 -48.93
N VAL M 57 -3.40 -0.45 -48.92
CA VAL M 57 -4.05 -0.12 -47.68
C VAL M 57 -4.21 -1.37 -46.79
N ALA M 58 -4.60 -2.48 -47.39
CA ALA M 58 -4.77 -3.72 -46.68
C ALA M 58 -3.42 -4.26 -46.16
N ALA M 59 -2.39 -4.19 -46.99
CA ALA M 59 -1.09 -4.67 -46.62
C ALA M 59 -0.52 -3.91 -45.45
N GLU M 60 -0.47 -2.58 -45.58
CA GLU M 60 0.29 -1.74 -44.66
C GLU M 60 -0.49 -1.43 -43.39
N SER M 61 -1.73 -1.90 -43.32
CA SER M 61 -2.50 -1.84 -42.11
C SER M 61 -2.60 -3.21 -41.45
N SER M 62 -1.89 -4.19 -41.96
CA SER M 62 -1.93 -5.53 -41.36
C SER M 62 -0.57 -6.20 -41.21
N THR M 63 -0.01 -6.75 -42.29
CA THR M 63 1.22 -7.55 -42.18
C THR M 63 2.35 -7.16 -43.13
N GLY M 64 2.06 -6.37 -44.18
CA GLY M 64 3.01 -6.17 -45.26
C GLY M 64 3.82 -4.90 -45.11
N THR M 65 5.00 -4.88 -45.74
CA THR M 65 5.72 -3.63 -45.96
C THR M 65 6.05 -3.45 -47.48
N TRP M 66 6.93 -2.49 -47.81
CA TRP M 66 7.16 -2.07 -49.20
C TRP M 66 8.01 -3.07 -50.04
N THR M 67 8.65 -4.05 -49.41
CA THR M 67 9.51 -5.03 -50.11
C THR M 67 9.31 -6.38 -49.44
N THR M 68 9.62 -7.48 -50.14
CA THR M 68 9.41 -8.82 -49.59
C THR M 68 10.39 -9.10 -48.47
N VAL M 69 9.89 -9.61 -47.35
CA VAL M 69 10.74 -9.98 -46.20
C VAL M 69 10.76 -11.50 -46.02
N TRP M 70 11.91 -12.06 -45.66
CA TRP M 70 12.05 -13.51 -45.52
C TRP M 70 11.28 -14.10 -44.32
N THR M 71 11.06 -13.29 -43.28
CA THR M 71 10.38 -13.78 -42.08
C THR M 71 8.93 -14.22 -42.31
N ASP M 72 8.33 -13.82 -43.43
CA ASP M 72 6.95 -14.21 -43.76
C ASP M 72 6.81 -15.72 -43.70
N GLY M 73 7.83 -16.43 -44.22
CA GLY M 73 7.78 -17.87 -44.34
C GLY M 73 7.84 -18.60 -43.01
N LEU M 74 8.17 -17.90 -41.93
CA LEU M 74 8.17 -18.52 -40.60
C LEU M 74 6.75 -18.60 -40.05
N THR M 75 5.84 -17.84 -40.65
CA THR M 75 4.48 -17.79 -40.17
C THR M 75 3.52 -18.11 -41.31
N SER M 76 2.22 -17.88 -41.10
CA SER M 76 1.26 -18.11 -42.17
C SER M 76 0.59 -16.81 -42.59
N LEU M 77 1.09 -16.20 -43.67
CA LEU M 77 0.53 -14.97 -44.18
C LEU M 77 -0.95 -15.09 -44.50
N ASP M 78 -1.37 -16.25 -45.03
CA ASP M 78 -2.79 -16.49 -45.32
C ASP M 78 -3.66 -16.29 -44.08
N ARG M 79 -3.20 -16.80 -42.93
CA ARG M 79 -3.92 -16.69 -41.68
C ARG M 79 -4.05 -15.23 -41.22
N TYR M 80 -2.99 -14.45 -41.37
CA TYR M 80 -2.90 -13.15 -40.72
C TYR M 80 -3.14 -11.94 -41.62
N LYS M 81 -2.92 -12.06 -42.92
CA LYS M 81 -2.98 -10.86 -43.78
C LYS M 81 -4.37 -10.20 -43.82
N GLY M 82 -4.36 -8.87 -43.83
CA GLY M 82 -5.52 -8.11 -44.25
C GLY M 82 -5.79 -8.33 -45.73
N ARG M 83 -7.07 -8.35 -46.08
CA ARG M 83 -7.44 -8.66 -47.46
C ARG M 83 -8.39 -7.62 -48.00
N CYS M 84 -7.99 -6.99 -49.11
CA CYS M 84 -8.91 -6.14 -49.85
C CYS M 84 -9.75 -7.05 -50.74
N TYR M 85 -11.02 -7.21 -50.42
CA TYR M 85 -11.88 -8.25 -51.01
C TYR M 85 -12.96 -7.70 -51.93
N ASP M 86 -13.07 -6.37 -52.04
CA ASP M 86 -14.02 -5.74 -52.95
C ASP M 86 -13.69 -4.28 -53.16
N ILE M 87 -13.88 -3.81 -54.38
CA ILE M 87 -13.70 -2.41 -54.73
C ILE M 87 -14.85 -1.92 -55.63
N GLU M 88 -15.69 -1.02 -55.09
CA GLU M 88 -16.77 -0.36 -55.82
C GLU M 88 -16.29 1.02 -56.24
N PRO M 89 -16.59 1.44 -57.47
CA PRO M 89 -16.40 2.85 -57.82
C PRO M 89 -17.51 3.69 -57.16
N VAL M 90 -17.22 4.94 -56.84
CA VAL M 90 -18.20 5.86 -56.25
C VAL M 90 -19.00 6.58 -57.34
N PRO M 91 -20.35 6.51 -57.24
CA PRO M 91 -21.23 7.20 -58.20
C PRO M 91 -20.91 8.68 -58.36
N GLY M 92 -20.61 9.09 -59.60
CA GLY M 92 -20.40 10.49 -59.95
C GLY M 92 -19.06 11.07 -59.49
N GLU M 93 -18.05 10.22 -59.44
CA GLU M 93 -16.69 10.62 -59.11
C GLU M 93 -15.76 9.81 -60.01
N ASP M 94 -14.82 10.47 -60.65
CA ASP M 94 -13.96 9.77 -61.61
C ASP M 94 -12.81 9.04 -60.94
N ASN M 95 -12.44 9.51 -59.76
CA ASN M 95 -11.25 8.97 -59.08
C ASN M 95 -11.47 8.55 -57.62
N GLN M 96 -12.69 8.12 -57.27
CA GLN M 96 -12.99 7.69 -55.91
C GLN M 96 -13.52 6.28 -55.86
N TYR M 97 -13.05 5.52 -54.88
CA TYR M 97 -13.49 4.15 -54.73
C TYR M 97 -13.76 3.80 -53.25
N ILE M 98 -14.70 2.89 -53.03
CA ILE M 98 -14.81 2.26 -51.74
C ILE M 98 -14.07 0.94 -51.82
N ALA M 99 -13.02 0.83 -51.01
CA ALA M 99 -12.27 -0.43 -50.85
C ALA M 99 -12.69 -1.09 -49.55
N TYR M 100 -13.08 -2.35 -49.64
CA TYR M 100 -13.45 -3.12 -48.48
C TYR M 100 -12.28 -4.00 -48.05
N VAL M 101 -11.93 -3.94 -46.76
CA VAL M 101 -10.79 -4.69 -46.26
C VAL M 101 -11.24 -5.57 -45.11
N ALA M 102 -10.80 -6.83 -45.11
CA ALA M 102 -11.16 -7.78 -44.05
C ALA M 102 -9.95 -8.08 -43.24
N TYR M 103 -10.07 -7.97 -41.91
CA TYR M 103 -8.94 -8.23 -41.02
C TYR M 103 -9.31 -9.37 -40.13
N ILE M 105 -9.59 -11.51 -36.82
CA ILE M 105 -9.68 -11.19 -35.38
C ILE M 105 -8.37 -11.38 -34.59
N ASP M 106 -7.46 -12.23 -35.08
CA ASP M 106 -6.16 -12.47 -34.44
C ASP M 106 -5.21 -11.28 -34.39
N LEU M 107 -5.45 -10.32 -35.27
CA LEU M 107 -4.59 -9.15 -35.40
C LEU M 107 -4.75 -8.18 -34.23
N PHE M 108 -5.84 -8.30 -33.48
CA PHE M 108 -6.24 -7.26 -32.56
C PHE M 108 -6.08 -7.61 -31.08
N GLU M 109 -5.65 -6.62 -30.29
CA GLU M 109 -5.64 -6.82 -28.86
C GLU M 109 -7.06 -6.74 -28.32
N GLU M 110 -7.40 -7.72 -27.50
CA GLU M 110 -8.70 -7.79 -26.81
C GLU M 110 -8.90 -6.57 -25.95
N GLY M 111 -10.08 -5.97 -26.04
CA GLY M 111 -10.43 -4.84 -25.20
C GLY M 111 -9.68 -3.53 -25.43
N SER M 112 -8.97 -3.39 -26.56
CA SER M 112 -8.19 -2.18 -26.87
C SER M 112 -8.63 -1.43 -28.14
N VAL M 113 -9.35 -0.33 -27.94
CA VAL M 113 -9.72 0.49 -29.07
C VAL M 113 -8.46 1.11 -29.67
N THR M 114 -7.51 1.40 -28.78
CA THR M 114 -6.22 1.94 -29.19
C THR M 114 -5.53 1.04 -30.23
N ASN M 115 -5.49 -0.25 -29.95
CA ASN M 115 -4.84 -1.17 -30.88
C ASN M 115 -5.55 -1.24 -32.22
N MET M 116 -6.88 -1.29 -32.21
CA MET M 116 -7.67 -1.33 -33.42
C MET M 116 -7.34 -0.13 -34.34
N PHE M 117 -7.39 1.08 -33.79
CA PHE M 117 -7.10 2.29 -34.58
C PHE M 117 -5.68 2.30 -35.09
N THR M 118 -4.76 1.83 -34.28
CA THR M 118 -3.34 1.80 -34.63
C THR M 118 -3.12 0.98 -35.87
N SER M 119 -3.78 -0.17 -35.94
CA SER M 119 -3.71 -0.98 -37.16
C SER M 119 -4.43 -0.31 -38.34
N ILE M 120 -5.71 -0.01 -38.17
CA ILE M 120 -6.57 0.30 -39.29
C ILE M 120 -6.34 1.69 -39.82
N VAL M 121 -6.03 2.62 -38.93
CA VAL M 121 -5.77 3.99 -39.37
C VAL M 121 -4.35 4.49 -39.05
N GLY M 122 -3.43 3.56 -38.77
CA GLY M 122 -2.12 3.94 -38.29
C GLY M 122 -1.19 4.65 -39.26
N ASN M 123 -0.86 3.98 -40.36
CA ASN M 123 0.05 4.59 -41.35
C ASN M 123 -0.54 4.90 -42.74
N VAL M 124 -1.62 4.25 -43.14
CA VAL M 124 -2.04 4.23 -44.53
C VAL M 124 -2.49 5.57 -45.08
N PHE M 125 -3.01 6.43 -44.20
CA PHE M 125 -3.47 7.74 -44.61
C PHE M 125 -2.35 8.62 -45.13
N GLY M 126 -1.10 8.23 -44.88
CA GLY M 126 0.03 9.05 -45.27
C GLY M 126 0.80 8.58 -46.49
N PHE M 127 0.30 7.51 -47.11
CA PHE M 127 0.95 6.93 -48.27
C PHE M 127 1.00 7.87 -49.48
N LYS M 128 2.17 7.89 -50.12
CA LYS M 128 2.43 8.79 -51.22
C LYS M 128 1.48 8.46 -52.36
N ALA M 129 1.31 7.16 -52.57
CA ALA M 129 0.49 6.61 -53.64
C ALA M 129 -1.00 7.00 -53.62
N LEU M 130 -1.50 7.56 -52.52
CA LEU M 130 -2.88 8.03 -52.53
C LEU M 130 -2.96 9.50 -52.18
N ARG M 131 -3.98 10.16 -52.71
CA ARG M 131 -4.17 11.59 -52.57
C ARG M 131 -5.09 11.91 -51.40
N ALA M 132 -5.98 10.97 -51.06
CA ALA M 132 -6.91 11.15 -49.97
C ALA M 132 -7.46 9.79 -49.52
N LEU M 133 -7.78 9.67 -48.24
CA LEU M 133 -8.38 8.45 -47.73
C LEU M 133 -9.35 8.78 -46.61
N ARG M 134 -10.44 8.05 -46.54
CA ARG M 134 -11.39 8.24 -45.48
C ARG M 134 -11.98 6.94 -45.06
N LEU M 135 -11.87 6.63 -43.76
CA LEU M 135 -12.52 5.46 -43.21
C LEU M 135 -13.99 5.82 -42.96
N GLU M 136 -14.87 5.12 -43.66
CA GLU M 136 -16.31 5.40 -43.61
C GLU M 136 -17.06 4.57 -42.59
N ASP M 137 -16.64 3.32 -42.39
CA ASP M 137 -17.32 2.41 -41.49
C ASP M 137 -16.45 1.23 -41.13
N LEU M 138 -16.77 0.60 -40.01
CA LEU M 138 -16.13 -0.63 -39.51
C LEU M 138 -17.18 -1.64 -39.13
N ARG M 139 -16.99 -2.90 -39.51
CA ARG M 139 -17.83 -3.94 -38.96
C ARG M 139 -17.10 -4.64 -37.80
N ILE M 140 -17.48 -4.33 -36.58
CA ILE M 140 -16.95 -4.98 -35.38
C ILE M 140 -17.78 -6.23 -35.16
N PRO M 141 -17.18 -7.40 -35.29
CA PRO M 141 -17.91 -8.67 -35.10
C PRO M 141 -18.18 -8.90 -33.61
N PRO M 142 -19.26 -9.60 -33.30
CA PRO M 142 -19.58 -9.91 -31.89
C PRO M 142 -18.39 -10.49 -31.13
N ALA M 143 -17.57 -11.31 -31.76
CA ALA M 143 -16.49 -11.98 -31.03
C ALA M 143 -15.45 -10.99 -30.55
N TYR M 144 -15.32 -9.87 -31.23
CA TYR M 144 -14.41 -8.84 -30.75
C TYR M 144 -15.17 -7.95 -29.74
N VAL M 145 -16.43 -7.67 -30.02
CA VAL M 145 -17.22 -6.78 -29.18
C VAL M 145 -17.21 -7.29 -27.74
N LYS M 146 -17.35 -8.60 -27.59
CA LYS M 146 -17.38 -9.24 -26.28
C LYS M 146 -16.11 -9.08 -25.43
N THR M 147 -14.99 -8.70 -26.04
CA THR M 147 -13.75 -8.54 -25.29
C THR M 147 -13.64 -7.18 -24.60
N PHE M 148 -14.64 -6.32 -24.80
CA PHE M 148 -14.63 -4.95 -24.25
C PHE M 148 -15.55 -4.85 -23.04
N VAL M 149 -15.11 -4.10 -22.03
CA VAL M 149 -15.98 -3.80 -20.90
C VAL M 149 -17.18 -2.97 -21.40
N GLY M 150 -16.95 -2.07 -22.34
CA GLY M 150 -18.04 -1.28 -22.92
C GLY M 150 -18.48 -0.18 -21.96
N PRO M 152 -19.97 2.02 -19.02
CA PRO M 152 -20.11 1.73 -17.59
C PRO M 152 -21.55 1.39 -17.20
N HIS M 153 -22.53 2.01 -17.84
CA HIS M 153 -23.94 1.75 -17.48
C HIS M 153 -24.90 1.56 -18.64
N GLY M 154 -24.92 2.54 -19.56
CA GLY M 154 -25.80 2.48 -20.70
C GLY M 154 -27.19 3.01 -20.40
N ILE M 155 -27.96 3.28 -21.46
CA ILE M 155 -29.18 4.06 -21.36
C ILE M 155 -30.16 3.61 -20.27
N GLN M 156 -30.47 2.32 -20.28
CA GLN M 156 -31.49 1.75 -19.39
C GLN M 156 -31.13 1.92 -17.90
N VAL M 157 -29.91 1.50 -17.57
CA VAL M 157 -29.37 1.61 -16.21
C VAL M 157 -29.27 3.07 -15.79
N GLU M 158 -28.90 3.93 -16.72
CA GLU M 158 -28.87 5.36 -16.43
C GLU M 158 -30.24 5.93 -16.05
N ARG M 159 -31.27 5.57 -16.80
CA ARG M 159 -32.61 6.05 -16.49
C ARG M 159 -33.04 5.50 -15.16
N ASP M 160 -32.76 4.23 -14.93
CA ASP M 160 -33.00 3.59 -13.63
C ASP M 160 -32.28 4.26 -12.47
N LYS M 161 -31.00 4.61 -12.60
CA LYS M 161 -30.30 5.33 -11.52
C LYS M 161 -30.88 6.71 -11.22
N LEU M 162 -31.22 7.47 -12.24
CA LEU M 162 -31.69 8.82 -12.02
C LEU M 162 -33.16 8.89 -11.76
N ASN M 163 -33.86 7.78 -12.01
CA ASN M 163 -35.31 7.69 -11.83
C ASN M 163 -36.05 8.64 -12.79
N LYS M 164 -35.56 8.73 -14.01
CA LYS M 164 -36.08 9.66 -15.04
C LYS M 164 -36.58 8.91 -16.26
N TYR M 165 -37.88 9.02 -16.50
CA TYR M 165 -38.47 8.27 -17.58
C TYR M 165 -39.44 9.08 -18.41
N GLY M 166 -39.55 8.71 -19.68
CA GLY M 166 -40.64 9.15 -20.53
C GLY M 166 -40.46 10.46 -21.23
N ARG M 167 -39.26 11.04 -21.16
CA ARG M 167 -38.88 12.23 -21.90
C ARG M 167 -37.38 12.29 -22.07
N GLY M 168 -36.91 13.12 -23.01
CA GLY M 168 -35.49 13.44 -23.13
C GLY M 168 -34.98 14.08 -21.86
N LEU M 169 -33.69 13.94 -21.61
CA LEU M 169 -33.06 14.60 -20.48
C LEU M 169 -32.64 16.00 -20.88
N LEU M 170 -32.60 16.91 -19.92
CA LEU M 170 -32.27 18.30 -20.22
C LEU M 170 -31.00 18.73 -19.52
N GLY M 171 -30.09 19.28 -20.29
CA GLY M 171 -28.84 19.77 -19.74
C GLY M 171 -28.52 21.18 -20.19
N CYS M 172 -27.32 21.62 -19.81
CA CYS M 172 -26.90 22.97 -20.04
C CYS M 172 -25.44 23.18 -19.64
N THR M 173 -24.64 23.74 -20.57
CA THR M 173 -23.26 24.08 -20.29
C THR M 173 -23.16 25.48 -19.68
N ILE M 174 -22.45 25.58 -18.56
CA ILE M 174 -22.18 26.89 -17.97
C ILE M 174 -21.31 27.72 -18.90
N LYS M 175 -21.64 29.01 -19.01
CA LYS M 175 -20.93 30.00 -19.85
C LYS M 175 -20.71 31.24 -19.01
N PRO M 176 -19.68 32.08 -19.29
CA PRO M 176 -18.71 31.90 -20.37
C PRO M 176 -17.90 30.62 -20.25
N LYS M 177 -17.34 30.15 -21.36
CA LYS M 177 -16.67 28.86 -21.34
C LYS M 177 -15.59 28.86 -20.24
N LEU M 178 -14.74 29.86 -20.29
CA LEU M 178 -13.69 30.08 -19.31
C LEU M 178 -13.84 31.45 -18.66
N GLY M 179 -13.38 31.54 -17.42
CA GLY M 179 -13.27 32.83 -16.79
C GLY M 179 -14.11 33.00 -15.54
N LEU M 180 -15.04 32.08 -15.28
CA LEU M 180 -15.80 32.17 -14.03
C LEU M 180 -15.04 31.54 -12.84
N SER M 181 -15.21 32.12 -11.67
CA SER M 181 -14.66 31.56 -10.44
C SER M 181 -15.47 30.34 -9.98
N ALA M 182 -14.85 29.52 -9.15
CA ALA M 182 -15.52 28.36 -8.56
C ALA M 182 -16.87 28.72 -7.91
N LYS M 183 -16.91 29.77 -7.11
CA LYS M 183 -18.14 30.12 -6.41
C LYS M 183 -19.23 30.56 -7.42
N ASN M 184 -18.85 31.35 -8.43
CA ASN M 184 -19.81 31.77 -9.42
C ASN M 184 -20.32 30.63 -10.26
N TYR M 185 -19.45 29.67 -10.54
CA TYR M 185 -19.83 28.47 -11.24
C TYR M 185 -20.96 27.72 -10.52
N GLY M 186 -20.79 27.51 -9.20
CA GLY M 186 -21.81 26.83 -8.39
C GLY M 186 -23.08 27.65 -8.34
N ARG M 187 -22.94 28.96 -8.16
CA ARG M 187 -24.08 29.87 -8.20
C ARG M 187 -24.90 29.69 -9.50
N ALA M 188 -24.22 29.74 -10.66
CA ALA M 188 -24.88 29.49 -11.91
C ALA M 188 -25.53 28.10 -11.99
N VAL M 189 -24.82 27.11 -11.48
CA VAL M 189 -25.30 25.73 -11.52
C VAL M 189 -26.60 25.54 -10.73
N TYR M 190 -26.65 26.11 -9.53
CA TYR M 190 -27.82 25.98 -8.69
C TYR M 190 -29.01 26.66 -9.35
N GLU M 191 -28.80 27.85 -9.91
CA GLU M 191 -29.92 28.54 -10.57
C GLU M 191 -30.50 27.77 -11.78
N CYS M 192 -29.62 27.18 -12.57
CA CYS M 192 -30.01 26.32 -13.70
C CYS M 192 -30.79 25.09 -13.24
N LEU M 193 -30.21 24.34 -12.31
CA LEU M 193 -30.83 23.08 -11.87
C LEU M 193 -32.16 23.28 -11.18
N ARG M 194 -32.31 24.36 -10.43
CA ARG M 194 -33.55 24.59 -9.69
C ARG M 194 -34.74 25.01 -10.58
N GLY M 195 -34.44 25.50 -11.78
CA GLY M 195 -35.46 25.92 -12.73
C GLY M 195 -36.06 24.77 -13.53
N GLY M 196 -35.44 23.59 -13.49
CA GLY M 196 -36.01 22.43 -14.17
C GLY M 196 -35.09 21.57 -15.03
N LEU M 197 -33.83 21.98 -15.18
CA LEU M 197 -32.86 21.13 -15.89
C LEU M 197 -32.44 19.94 -15.00
N ASP M 198 -32.16 18.81 -15.62
CA ASP M 198 -31.67 17.63 -14.95
C ASP M 198 -30.17 17.74 -14.70
N PHE M 199 -29.45 18.28 -15.68
CA PHE M 199 -27.97 18.36 -15.63
C PHE M 199 -27.43 19.74 -15.96
N THR M 200 -26.29 20.06 -15.38
CA THR M 200 -25.46 21.11 -15.95
C THR M 200 -24.13 20.47 -16.22
N ASP M 202 -19.59 21.17 -16.95
CA ASP M 202 -18.34 21.90 -17.24
C ASP M 202 -18.22 22.01 -18.76
N ASP M 203 -17.76 23.14 -19.26
CA ASP M 203 -17.46 23.21 -20.68
C ASP M 203 -16.29 22.27 -20.94
N GLU M 204 -16.17 21.78 -22.17
CA GLU M 204 -15.14 20.79 -22.45
C GLU M 204 -13.72 21.21 -22.07
N ASN M 205 -13.48 22.52 -22.10
CA ASN M 205 -12.15 23.04 -21.83
C ASN M 205 -11.97 23.56 -20.43
N VAL M 206 -13.00 23.41 -19.58
CA VAL M 206 -12.89 23.75 -18.19
C VAL M 206 -12.24 22.55 -17.53
N ASN M 207 -11.00 22.69 -17.11
CA ASN M 207 -10.34 21.59 -16.43
C ASN M 207 -9.88 22.07 -15.05
N SER M 208 -8.66 22.61 -14.98
CA SER M 208 -8.21 23.28 -13.78
C SER M 208 -7.31 24.40 -14.25
N GLN M 209 -7.62 25.63 -13.86
CA GLN M 209 -6.95 26.79 -14.42
C GLN M 209 -6.73 27.85 -13.35
N PRO M 210 -5.86 28.82 -13.60
CA PRO M 210 -5.64 29.93 -12.63
C PRO M 210 -6.96 30.64 -12.15
N PHE M 211 -7.91 30.94 -13.04
CA PHE M 211 -9.19 31.54 -12.61
C PHE M 211 -10.08 30.62 -11.77
N MET M 212 -9.89 29.30 -11.89
CA MET M 212 -10.72 28.35 -11.17
C MET M 212 -10.07 26.98 -11.08
N ARG M 213 -9.61 26.61 -9.87
CA ARG M 213 -9.02 25.29 -9.65
C ARG M 213 -10.08 24.21 -9.54
N TRP M 214 -9.79 23.01 -10.03
CA TRP M 214 -10.84 22.00 -10.21
C TRP M 214 -11.50 21.62 -8.88
N ARG M 215 -10.72 21.45 -7.79
CA ARG M 215 -11.31 20.95 -6.57
C ARG M 215 -12.24 21.95 -5.90
N ASP M 216 -11.88 23.23 -5.95
CA ASP M 216 -12.80 24.26 -5.53
C ASP M 216 -14.10 24.16 -6.32
N ARG M 217 -14.01 23.98 -7.64
CA ARG M 217 -15.21 23.87 -8.47
C ARG M 217 -16.07 22.67 -8.08
N PHE M 218 -15.45 21.50 -7.91
CA PHE M 218 -16.17 20.30 -7.51
C PHE M 218 -16.99 20.49 -6.24
N LEU M 219 -16.40 21.16 -5.25
CA LEU M 219 -17.07 21.32 -3.94
C LEU M 219 -18.27 22.27 -4.03
N PHE M 220 -18.11 23.34 -4.79
CA PHE M 220 -19.17 24.32 -4.91
C PHE M 220 -20.26 23.76 -5.80
N VAL M 221 -19.89 23.00 -6.81
CA VAL M 221 -20.89 22.41 -7.67
C VAL M 221 -21.71 21.35 -6.91
N ALA M 222 -21.02 20.50 -6.13
CA ALA M 222 -21.70 19.62 -5.18
C ALA M 222 -22.73 20.35 -4.29
N GLU M 223 -22.34 21.44 -3.62
CA GLU M 223 -23.29 22.19 -2.80
C GLU M 223 -24.50 22.60 -3.63
N ALA M 224 -24.26 23.13 -4.82
CA ALA M 224 -25.30 23.57 -5.71
C ALA M 224 -26.23 22.43 -6.12
N ILE M 225 -25.68 21.24 -6.43
CA ILE M 225 -26.48 20.10 -6.88
C ILE M 225 -27.42 19.68 -5.78
N TYR M 226 -26.90 19.56 -4.56
CA TYR M 226 -27.72 19.10 -3.44
C TYR M 226 -28.76 20.13 -3.05
N LYS M 227 -28.41 21.41 -3.14
CA LYS M 227 -29.42 22.41 -2.87
C LYS M 227 -30.57 22.35 -3.89
N ALA M 228 -30.25 22.25 -5.18
CA ALA M 228 -31.29 22.29 -6.18
C ALA M 228 -32.13 21.01 -6.10
N GLN M 229 -31.49 19.91 -5.74
CA GLN M 229 -32.19 18.65 -5.55
C GLN M 229 -33.21 18.69 -4.41
N ALA M 230 -32.83 19.32 -3.30
CA ALA M 230 -33.71 19.37 -2.14
C ALA M 230 -34.87 20.33 -2.45
N GLU M 231 -34.59 21.36 -3.22
CA GLU M 231 -35.60 22.35 -3.54
C GLU M 231 -36.66 21.82 -4.53
N THR M 232 -36.25 20.99 -5.49
CA THR M 232 -37.16 20.52 -6.54
C THR M 232 -37.74 19.12 -6.31
N GLY M 233 -37.03 18.26 -5.57
CA GLY M 233 -37.46 16.89 -5.35
C GLY M 233 -37.08 15.92 -6.48
N GLU M 234 -36.41 16.43 -7.53
CA GLU M 234 -35.94 15.61 -8.65
C GLU M 234 -34.42 15.40 -8.54
N VAL M 235 -33.94 14.22 -8.89
CA VAL M 235 -32.49 13.97 -8.92
C VAL M 235 -31.80 14.94 -9.90
N LYS M 236 -30.71 15.55 -9.46
CA LYS M 236 -29.94 16.49 -10.25
C LYS M 236 -28.49 16.02 -10.40
N GLY M 237 -27.82 16.51 -11.44
CA GLY M 237 -26.40 16.22 -11.62
C GLY M 237 -25.69 17.35 -12.33
N HIS M 238 -24.37 17.31 -12.35
CA HIS M 238 -23.57 18.24 -13.10
C HIS M 238 -22.33 17.48 -13.61
N TYR M 239 -22.02 17.53 -14.90
CA TYR M 239 -20.93 16.68 -15.40
C TYR M 239 -19.61 17.33 -15.06
N LEU M 240 -19.01 16.86 -13.97
CA LEU M 240 -17.73 17.40 -13.53
C LEU M 240 -16.68 16.87 -14.43
N ASN M 241 -15.80 17.73 -14.92
CA ASN M 241 -14.85 17.32 -15.94
C ASN M 241 -13.63 16.65 -15.33
N ALA M 242 -13.42 15.39 -15.66
CA ALA M 242 -12.21 14.70 -15.24
C ALA M 242 -11.06 14.80 -16.22
N THR M 243 -11.29 15.41 -17.40
CA THR M 243 -10.22 15.52 -18.39
C THR M 243 -9.01 16.14 -17.70
N ALA M 244 -7.82 15.59 -17.94
CA ALA M 244 -6.60 16.11 -17.31
C ALA M 244 -5.35 15.83 -18.16
N GLY M 245 -4.24 16.42 -17.73
CA GLY M 245 -2.96 16.23 -18.38
C GLY M 245 -2.33 14.86 -18.23
N THR M 246 -2.58 14.17 -17.09
CA THR M 246 -2.03 12.83 -16.84
C THR M 246 -3.12 11.90 -16.34
N CYS M 247 -2.92 10.58 -16.44
CA CYS M 247 -3.86 9.60 -15.92
C CYS M 247 -4.07 9.77 -14.43
N GLU M 248 -2.98 10.03 -13.72
CA GLU M 248 -3.01 10.19 -12.26
C GLU M 248 -3.92 11.36 -11.88
N GLU M 249 -3.80 12.47 -12.62
CA GLU M 249 -4.63 13.65 -12.34
C GLU M 249 -6.10 13.37 -12.64
N MET M 250 -6.33 12.71 -13.79
CA MET M 250 -7.66 12.30 -14.19
C MET M 250 -8.32 11.47 -13.12
N MET M 251 -7.59 10.48 -12.58
CA MET M 251 -8.13 9.57 -11.57
C MET M 251 -8.44 10.28 -10.26
N LYS M 252 -7.58 11.24 -9.88
CA LYS M 252 -7.81 12.08 -8.67
C LYS M 252 -9.15 12.80 -8.73
N ARG M 253 -9.50 13.27 -9.92
CA ARG M 253 -10.70 14.02 -10.10
C ARG M 253 -11.91 13.12 -10.01
N ALA M 254 -11.85 11.97 -10.68
CA ALA M 254 -12.91 11.00 -10.61
C ALA M 254 -13.09 10.56 -9.15
N VAL M 255 -11.99 10.32 -8.42
CA VAL M 255 -12.07 9.86 -7.05
C VAL M 255 -12.78 10.92 -6.17
N ALA M 257 -14.95 13.20 -7.21
CA ALA M 257 -16.38 13.14 -7.57
C ALA M 257 -17.10 12.01 -6.87
N LYS M 258 -16.46 10.85 -6.79
CA LYS M 258 -17.03 9.71 -6.06
C LYS M 258 -17.22 10.02 -4.55
N GLU M 259 -16.20 10.59 -3.92
CA GLU M 259 -16.25 10.99 -2.51
C GLU M 259 -17.43 11.93 -2.27
N LEU M 260 -17.71 12.78 -3.26
CA LEU M 260 -18.80 13.75 -3.17
C LEU M 260 -20.17 13.16 -3.41
N GLY M 261 -20.23 11.93 -3.90
CA GLY M 261 -21.49 11.23 -4.11
C GLY M 261 -22.32 11.73 -5.28
N VAL M 262 -21.72 12.60 -6.12
CA VAL M 262 -22.40 13.11 -7.30
C VAL M 262 -22.60 12.00 -8.32
N PRO M 263 -23.65 12.08 -9.13
CA PRO M 263 -23.99 10.94 -9.98
C PRO M 263 -23.16 10.82 -11.28
N ILE M 264 -22.54 11.89 -11.76
CA ILE M 264 -21.99 11.85 -13.15
C ILE M 264 -20.70 12.68 -13.32
N ILE M 265 -19.77 12.19 -14.12
CA ILE M 265 -18.61 13.01 -14.51
C ILE M 265 -18.49 13.02 -16.04
N MET M 266 -17.60 13.86 -16.55
CA MET M 266 -17.35 13.83 -18.00
C MET M 266 -15.87 13.64 -18.41
N HIS M 267 -15.65 13.29 -19.67
CA HIS M 267 -14.30 13.11 -20.19
C HIS M 267 -14.31 13.45 -21.67
N ASP M 268 -13.28 14.17 -22.12
CA ASP M 268 -13.10 14.44 -23.57
C ASP M 268 -12.27 13.33 -24.16
N TYR M 269 -12.95 12.34 -24.75
CA TYR M 269 -12.24 11.13 -25.12
C TYR M 269 -11.18 11.26 -26.22
N LEU M 270 -11.32 12.23 -27.12
CA LEU M 270 -10.35 12.36 -28.19
C LEU M 270 -9.15 13.17 -27.83
N THR M 271 -9.33 14.25 -27.07
CA THR M 271 -8.17 15.02 -26.62
C THR M 271 -7.48 14.39 -25.40
N GLY M 272 -8.23 13.68 -24.56
CA GLY M 272 -7.62 12.89 -23.50
C GLY M 272 -7.03 11.59 -24.08
N GLY M 273 -7.81 10.92 -24.93
CA GLY M 273 -7.35 9.72 -25.59
C GLY M 273 -8.04 8.45 -25.16
N PHE M 274 -8.01 7.45 -26.05
CA PHE M 274 -8.66 6.19 -25.80
C PHE M 274 -8.07 5.41 -24.59
N THR M 275 -6.75 5.46 -24.39
CA THR M 275 -6.14 4.74 -23.26
C THR M 275 -6.64 5.29 -21.92
N ALA M 276 -6.56 6.62 -21.74
CA ALA M 276 -7.17 7.28 -20.58
C ALA M 276 -8.70 7.04 -20.50
N ASN M 277 -9.39 7.16 -21.62
CA ASN M 277 -10.82 6.99 -21.58
C ASN M 277 -11.30 5.61 -21.11
N THR M 278 -10.70 4.56 -21.67
CA THR M 278 -11.05 3.20 -21.29
C THR M 278 -10.77 2.98 -19.79
N SER M 279 -9.65 3.48 -19.30
CA SER M 279 -9.31 3.42 -17.89
C SER M 279 -10.41 4.06 -17.08
N LEU M 280 -10.85 5.25 -17.50
CA LEU M 280 -11.86 6.00 -16.76
C LEU M 280 -13.24 5.33 -16.75
N ALA M 281 -13.64 4.79 -17.91
CA ALA M 281 -14.85 3.99 -18.02
C ALA M 281 -14.84 2.82 -17.03
N ILE M 282 -13.70 2.15 -16.91
CA ILE M 282 -13.62 0.99 -16.03
C ILE M 282 -13.79 1.45 -14.56
N TYR M 283 -13.06 2.50 -14.19
CA TYR M 283 -13.24 3.16 -12.91
C TYR M 283 -14.70 3.53 -12.59
N CYS M 284 -15.41 4.07 -13.60
CA CYS M 284 -16.81 4.46 -13.43
C CYS M 284 -17.73 3.26 -13.20
N ARG M 285 -17.51 2.20 -13.97
CA ARG M 285 -18.24 0.96 -13.77
C ARG M 285 -18.02 0.44 -12.33
N ASP M 286 -16.78 0.49 -11.85
CA ASP M 286 -16.45 -0.09 -10.52
C ASP M 286 -16.93 0.77 -9.37
N ASN M 287 -17.36 2.00 -9.67
CA ASN M 287 -17.73 2.94 -8.61
C ASN M 287 -19.10 3.56 -8.78
N GLY M 288 -19.84 3.09 -9.79
CA GLY M 288 -21.19 3.56 -10.02
C GLY M 288 -21.35 4.98 -10.54
N LEU M 289 -20.28 5.56 -11.07
CA LEU M 289 -20.34 6.88 -11.68
C LEU M 289 -20.83 6.77 -13.12
N LEU M 290 -21.72 7.65 -13.52
CA LEU M 290 -22.10 7.78 -14.93
C LEU M 290 -21.01 8.57 -15.61
N LEU M 291 -20.77 8.27 -16.86
CA LEU M 291 -19.71 8.93 -17.64
C LEU M 291 -20.21 9.59 -18.94
N HIS M 292 -20.17 10.91 -18.96
CA HIS M 292 -20.60 11.70 -20.09
C HIS M 292 -19.38 11.95 -21.02
N ILE M 293 -19.53 11.76 -22.31
CA ILE M 293 -18.38 11.88 -23.18
C ILE M 293 -18.51 13.07 -24.13
N HIS M 294 -17.52 13.93 -24.10
CA HIS M 294 -17.52 15.07 -25.00
C HIS M 294 -16.58 14.71 -26.13
N ARG M 295 -16.99 15.05 -27.35
CA ARG M 295 -16.24 14.65 -28.54
C ARG M 295 -15.33 15.71 -29.10
N ALA M 296 -14.90 16.66 -28.26
CA ALA M 296 -13.97 17.70 -28.68
C ALA M 296 -12.86 17.17 -29.61
N MET M 297 -12.66 17.88 -30.72
CA MET M 297 -11.68 17.53 -31.75
C MET M 297 -12.18 16.65 -32.87
N HIS M 298 -13.37 16.06 -32.73
CA HIS M 298 -13.84 15.11 -33.73
C HIS M 298 -13.87 15.74 -35.12
N ALA M 299 -14.26 17.02 -35.20
CA ALA M 299 -14.40 17.66 -36.51
C ALA M 299 -13.07 17.93 -37.20
N VAL M 300 -11.97 17.84 -36.45
CA VAL M 300 -10.65 17.83 -37.05
C VAL M 300 -10.46 16.62 -37.96
N ILE M 301 -11.11 15.53 -37.60
CA ILE M 301 -10.89 14.21 -38.21
C ILE M 301 -12.03 13.88 -39.14
N ASP M 302 -13.24 14.32 -38.82
CA ASP M 302 -14.44 13.85 -39.49
C ASP M 302 -15.27 14.82 -40.34
N ARG M 303 -14.86 16.08 -40.45
CA ARG M 303 -15.67 17.03 -41.20
C ARG M 303 -15.67 16.79 -42.74
N GLN M 304 -14.49 16.54 -43.33
CA GLN M 304 -14.39 16.45 -44.81
C GLN M 304 -14.76 15.10 -45.42
N ARG M 305 -15.35 15.16 -46.60
CA ARG M 305 -15.91 14.02 -47.26
C ARG M 305 -14.85 13.07 -47.87
N ASN M 306 -13.67 13.62 -48.17
CA ASN M 306 -12.65 12.93 -48.96
C ASN M 306 -11.51 12.33 -48.11
N HIS M 307 -11.37 12.84 -46.88
CA HIS M 307 -10.27 12.45 -46.04
C HIS M 307 -10.61 12.46 -44.56
N GLY M 308 -10.18 11.42 -43.85
CA GLY M 308 -10.34 11.35 -42.41
C GLY M 308 -11.09 10.12 -41.92
N ILE M 309 -11.82 10.26 -40.81
CA ILE M 309 -12.59 9.13 -40.28
C ILE M 309 -13.95 9.67 -40.03
N HIS M 310 -14.98 9.00 -40.52
CA HIS M 310 -16.33 9.47 -40.29
C HIS M 310 -16.72 9.35 -38.81
N PHE M 311 -17.50 10.30 -38.33
CA PHE M 311 -17.94 10.25 -36.93
C PHE M 311 -18.55 8.91 -36.51
N ARG M 312 -19.25 8.24 -37.42
CA ARG M 312 -19.88 6.98 -37.03
C ARG M 312 -18.85 5.96 -36.55
N VAL M 313 -17.65 6.00 -37.09
CA VAL M 313 -16.57 5.15 -36.62
C VAL M 313 -16.08 5.59 -35.24
N LEU M 314 -15.93 6.89 -35.05
CA LEU M 314 -15.50 7.41 -33.77
C LEU M 314 -16.58 7.13 -32.72
N ALA M 315 -17.84 7.08 -33.14
CA ALA M 315 -18.92 6.75 -32.24
C ALA M 315 -18.86 5.28 -31.88
N LYS M 316 -18.55 4.42 -32.85
CA LYS M 316 -18.52 2.98 -32.58
C LYS M 316 -17.38 2.70 -31.61
N ALA M 317 -16.26 3.40 -31.84
CA ALA M 317 -15.08 3.26 -30.99
C ALA M 317 -15.34 3.73 -29.54
N LEU M 318 -16.09 4.82 -29.40
CA LEU M 318 -16.44 5.27 -28.07
C LEU M 318 -17.33 4.28 -27.37
N ARG M 319 -18.34 3.74 -28.08
CA ARG M 319 -19.16 2.70 -27.48
C ARG M 319 -18.33 1.52 -26.92
N MET M 320 -17.30 1.08 -27.64
CA MET M 320 -16.47 -0.03 -27.18
C MET M 320 -15.55 0.39 -25.99
N SER M 321 -14.83 1.50 -26.12
CA SER M 321 -14.02 2.06 -25.07
C SER M 321 -14.81 2.35 -23.78
N GLY M 322 -15.97 2.98 -23.92
CA GLY M 322 -16.89 3.17 -22.81
C GLY M 322 -17.35 4.58 -22.57
N GLY M 323 -18.67 4.78 -22.57
CA GLY M 323 -19.28 6.04 -22.18
C GLY M 323 -20.80 5.88 -22.03
N ASP M 324 -21.40 6.62 -21.12
CA ASP M 324 -22.85 6.53 -20.95
C ASP M 324 -23.59 7.53 -21.82
N HIS M 325 -22.97 8.69 -22.05
CA HIS M 325 -23.46 9.69 -23.02
C HIS M 325 -22.41 9.91 -24.08
N LEU M 326 -22.82 10.35 -25.26
CA LEU M 326 -21.87 10.85 -26.25
C LEU M 326 -22.57 11.88 -27.09
N HIS M 327 -21.93 13.04 -27.24
CA HIS M 327 -22.43 14.07 -28.15
C HIS M 327 -22.62 13.56 -29.57
N SER M 328 -23.76 13.92 -30.16
CA SER M 328 -24.15 13.37 -31.45
C SER M 328 -24.44 14.45 -32.50
N GLY M 329 -24.35 15.72 -32.11
CA GLY M 329 -24.74 16.82 -32.99
C GLY M 329 -26.22 17.13 -32.79
N THR M 330 -26.71 18.22 -33.38
CA THR M 330 -28.10 18.64 -33.23
C THR M 330 -28.86 18.63 -34.55
N VAL M 331 -28.13 18.56 -35.66
CA VAL M 331 -28.68 18.78 -37.02
C VAL M 331 -29.07 20.25 -37.30
N VAL M 332 -29.84 20.85 -36.40
CA VAL M 332 -30.37 22.21 -36.62
C VAL M 332 -29.56 23.35 -35.96
N GLY M 333 -28.48 23.01 -35.26
CA GLY M 333 -27.76 23.98 -34.43
C GLY M 333 -26.60 24.60 -35.11
N LYS M 334 -25.70 25.25 -34.36
CA LYS M 334 -24.54 25.97 -34.93
C LYS M 334 -23.43 25.06 -35.50
N LEU M 335 -23.45 23.76 -35.16
CA LEU M 335 -22.42 22.85 -35.68
C LEU M 335 -22.99 21.85 -36.66
N GLU M 336 -22.14 21.38 -37.57
CA GLU M 336 -22.62 20.59 -38.71
C GLU M 336 -23.05 19.19 -38.33
N GLY M 337 -24.14 18.72 -38.97
CA GLY M 337 -24.58 17.35 -38.85
C GLY M 337 -25.80 17.12 -39.71
N GLU M 338 -25.66 16.43 -40.83
CA GLU M 338 -26.80 16.23 -41.71
C GLU M 338 -27.74 15.18 -41.10
N ARG M 339 -29.03 15.36 -41.36
CA ARG M 339 -30.07 14.53 -40.77
C ARG M 339 -29.93 13.01 -40.96
N GLU M 340 -29.74 12.55 -42.20
CA GLU M 340 -29.77 11.13 -42.49
C GLU M 340 -28.52 10.48 -41.95
N VAL M 341 -27.40 11.20 -42.01
CA VAL M 341 -26.13 10.72 -41.47
C VAL M 341 -26.26 10.52 -39.95
N THR M 342 -26.83 11.53 -39.30
CA THR M 342 -27.04 11.56 -37.86
C THR M 342 -28.00 10.48 -37.40
N LEU M 343 -29.10 10.31 -38.14
CA LEU M 343 -30.03 9.25 -37.77
C LEU M 343 -29.32 7.88 -37.79
N GLY M 344 -28.42 7.71 -38.75
CA GLY M 344 -27.70 6.45 -38.90
C GLY M 344 -26.79 6.15 -37.72
N PHE M 345 -25.97 7.11 -37.31
CA PHE M 345 -25.05 6.83 -36.22
C PHE M 345 -25.70 6.86 -34.87
N VAL M 346 -26.84 7.53 -34.78
CA VAL M 346 -27.64 7.48 -33.57
C VAL M 346 -28.15 6.07 -33.33
N ASP M 347 -28.63 5.42 -34.37
CA ASP M 347 -28.98 3.98 -34.26
C ASP M 347 -27.75 3.15 -33.86
N LEU M 348 -26.58 3.46 -34.43
CA LEU M 348 -25.36 2.74 -34.09
C LEU M 348 -24.93 2.91 -32.62
N MET M 349 -25.29 4.05 -32.04
CA MET M 349 -24.94 4.35 -30.66
C MET M 349 -25.88 3.67 -29.66
N ARG M 350 -27.18 3.64 -30.02
CA ARG M 350 -28.23 3.19 -29.11
C ARG M 350 -28.65 1.75 -29.23
N ASP M 351 -28.72 1.24 -30.47
CA ASP M 351 -29.44 -0.02 -30.73
C ASP M 351 -28.56 -1.25 -30.55
N ASP M 352 -29.21 -2.42 -30.48
CA ASP M 352 -28.50 -3.66 -30.35
C ASP M 352 -28.09 -4.21 -31.70
N TYR M 353 -28.89 -3.95 -32.72
CA TYR M 353 -28.71 -4.55 -34.03
C TYR M 353 -29.08 -3.54 -35.11
N VAL M 354 -28.12 -3.19 -35.98
CA VAL M 354 -28.38 -2.21 -37.03
C VAL M 354 -28.03 -2.73 -38.41
N GLU M 355 -29.02 -2.76 -39.28
CA GLU M 355 -28.86 -3.34 -40.62
C GLU M 355 -28.14 -2.39 -41.55
N LYS M 356 -27.39 -2.96 -42.48
CA LYS M 356 -26.81 -2.21 -43.60
C LYS M 356 -27.86 -1.28 -44.26
N ASP M 357 -27.49 -0.01 -44.44
CA ASP M 357 -28.39 1.00 -44.99
C ASP M 357 -27.60 2.18 -45.57
N ARG M 358 -27.24 2.10 -46.85
CA ARG M 358 -26.38 3.10 -47.44
C ARG M 358 -26.98 4.51 -47.45
N SER M 359 -28.29 4.63 -47.52
CA SER M 359 -28.92 5.96 -47.48
C SER M 359 -28.77 6.71 -46.15
N ARG M 360 -28.36 5.98 -45.09
CA ARG M 360 -28.05 6.54 -43.77
C ARG M 360 -26.54 6.41 -43.42
N GLY M 361 -25.74 5.98 -44.39
CA GLY M 361 -24.31 5.89 -44.23
C GLY M 361 -23.80 4.64 -43.52
N ILE M 362 -24.68 3.68 -43.35
CA ILE M 362 -24.30 2.44 -42.67
C ILE M 362 -23.84 1.43 -43.71
N TYR M 363 -22.54 1.25 -43.83
CA TYR M 363 -21.96 0.36 -44.83
C TYR M 363 -22.01 -1.12 -44.48
N PHE M 364 -22.20 -1.43 -43.19
CA PHE M 364 -22.19 -2.80 -42.69
C PHE M 364 -23.32 -3.04 -41.70
N THR M 365 -23.90 -4.23 -41.73
CA THR M 365 -24.73 -4.67 -40.63
C THR M 365 -23.88 -4.79 -39.35
N GLN M 366 -24.33 -4.12 -38.28
CA GLN M 366 -23.60 -4.08 -37.02
C GLN M 366 -24.39 -4.72 -35.89
N ASP M 367 -23.79 -5.73 -35.27
CA ASP M 367 -24.41 -6.49 -34.19
C ASP M 367 -23.65 -6.24 -32.88
N TRP M 368 -24.30 -5.62 -31.90
CA TRP M 368 -23.60 -5.20 -30.71
C TRP M 368 -23.63 -6.25 -29.59
N SER M 370 -25.55 -7.29 -27.23
CA SER M 370 -25.99 -6.88 -25.91
C SER M 370 -25.11 -5.89 -25.17
N MET M 371 -24.09 -5.34 -25.83
CA MET M 371 -23.38 -4.21 -25.26
C MET M 371 -24.35 -3.03 -25.06
N PRO M 372 -24.37 -2.44 -23.86
CA PRO M 372 -25.29 -1.33 -23.58
C PRO M 372 -25.19 -0.21 -24.60
N GLY M 373 -26.31 0.47 -24.85
CA GLY M 373 -26.33 1.61 -25.75
C GLY M 373 -25.92 2.89 -25.05
N VAL M 374 -25.45 3.85 -25.85
CA VAL M 374 -24.97 5.13 -25.40
C VAL M 374 -26.03 6.18 -25.69
N MET M 375 -26.28 7.07 -24.75
CA MET M 375 -27.25 8.14 -24.90
C MET M 375 -26.66 9.27 -25.79
N PRO M 376 -27.28 9.56 -26.93
CA PRO M 376 -26.85 10.71 -27.73
C PRO M 376 -27.19 12.04 -27.04
N VAL M 377 -26.23 12.96 -27.08
CA VAL M 377 -26.40 14.28 -26.53
C VAL M 377 -26.45 15.32 -27.67
N ALA M 378 -27.56 16.05 -27.77
CA ALA M 378 -27.72 17.10 -28.79
C ALA M 378 -27.41 18.43 -28.15
N SER M 379 -26.40 19.11 -28.65
CA SER M 379 -25.88 20.30 -27.97
C SER M 379 -25.22 21.22 -28.98
N GLY M 380 -25.35 22.52 -28.81
CA GLY M 380 -24.69 23.44 -29.72
C GLY M 380 -25.57 24.41 -30.50
N GLY M 381 -25.84 25.58 -29.92
CA GLY M 381 -26.58 26.62 -30.57
C GLY M 381 -28.03 26.27 -30.77
N ILE M 382 -28.64 25.59 -29.80
CA ILE M 382 -30.10 25.29 -29.90
C ILE M 382 -30.90 26.07 -28.90
N HIS M 383 -32.17 26.27 -29.17
CA HIS M 383 -33.02 27.09 -28.29
C HIS M 383 -34.43 26.56 -28.37
N VAL M 384 -35.35 27.17 -27.62
CA VAL M 384 -36.71 26.64 -27.51
C VAL M 384 -37.41 26.35 -28.84
N TRP M 385 -37.24 27.20 -29.87
CA TRP M 385 -37.86 26.92 -31.17
C TRP M 385 -37.39 25.62 -31.83
N HIS M 386 -36.21 25.13 -31.48
CA HIS M 386 -35.71 23.87 -32.04
C HIS M 386 -36.29 22.64 -31.38
N MET M 387 -36.94 22.83 -30.24
CA MET M 387 -37.41 21.69 -29.45
C MET M 387 -38.21 20.63 -30.23
N PRO M 388 -39.24 21.01 -30.98
CA PRO M 388 -40.01 20.01 -31.73
C PRO M 388 -39.12 19.22 -32.69
N ALA M 389 -38.25 19.87 -33.46
CA ALA M 389 -37.34 19.16 -34.35
C ALA M 389 -36.42 18.15 -33.61
N LEU M 390 -35.93 18.55 -32.43
CA LEU M 390 -35.06 17.70 -31.62
C LEU M 390 -35.82 16.48 -31.10
N VAL M 391 -37.03 16.68 -30.59
CA VAL M 391 -37.85 15.55 -30.10
C VAL M 391 -38.23 14.64 -31.30
N GLU M 392 -38.52 15.24 -32.44
CA GLU M 392 -38.80 14.46 -33.62
C GLU M 392 -37.59 13.62 -34.11
N ILE M 393 -36.40 14.21 -34.11
CA ILE M 393 -35.18 13.53 -34.56
C ILE M 393 -34.74 12.41 -33.63
N PHE M 394 -34.63 12.72 -32.34
CA PHE M 394 -34.02 11.83 -31.35
C PHE M 394 -34.98 10.95 -30.56
N GLY M 395 -36.23 11.40 -30.38
CA GLY M 395 -37.17 10.70 -29.51
C GLY M 395 -36.74 10.93 -28.07
N ASP M 396 -37.23 10.08 -27.17
CA ASP M 396 -36.95 10.20 -25.74
C ASP M 396 -35.53 9.89 -25.29
N ASP M 397 -34.90 8.90 -25.90
CA ASP M 397 -33.59 8.46 -25.44
C ASP M 397 -32.46 9.35 -25.96
N ALA M 398 -32.38 10.55 -25.36
CA ALA M 398 -31.40 11.54 -25.75
C ALA M 398 -31.33 12.55 -24.67
N CYS M 399 -30.24 13.30 -24.67
CA CYS M 399 -30.11 14.43 -23.78
C CYS M 399 -29.97 15.69 -24.63
N LEU M 400 -30.77 16.71 -24.33
CA LEU M 400 -30.72 17.97 -25.05
C LEU M 400 -30.08 19.05 -24.18
N GLN M 401 -29.07 19.72 -24.72
CA GLN M 401 -28.31 20.69 -23.93
C GLN M 401 -28.42 22.10 -24.45
N PHE M 402 -28.75 23.00 -23.53
CA PHE M 402 -28.92 24.40 -23.84
C PHE M 402 -28.02 25.27 -22.98
N GLY M 403 -26.87 25.64 -23.50
CA GLY M 403 -25.97 26.56 -22.80
C GLY M 403 -26.42 28.01 -22.90
N GLY M 404 -26.01 28.67 -24.00
CA GLY M 404 -26.52 29.99 -24.33
C GLY M 404 -28.04 30.04 -24.27
N GLY M 405 -28.69 28.95 -24.69
CA GLY M 405 -30.14 28.87 -24.58
C GLY M 405 -30.71 28.90 -23.17
N THR M 406 -29.85 28.82 -22.14
CA THR M 406 -30.32 28.92 -20.76
C THR M 406 -29.75 30.17 -20.10
N LEU M 407 -28.44 30.31 -20.17
CA LEU M 407 -27.78 31.44 -19.55
C LEU M 407 -27.97 32.75 -20.35
N GLY M 408 -28.59 32.65 -21.51
CA GLY M 408 -28.86 33.82 -22.31
C GLY M 408 -30.28 34.29 -22.27
N HIS M 409 -31.09 33.67 -21.41
CA HIS M 409 -32.49 34.03 -21.21
C HIS M 409 -32.53 35.38 -20.49
N PRO M 410 -33.38 36.31 -20.94
CA PRO M 410 -33.39 37.66 -20.37
C PRO M 410 -33.64 37.70 -18.86
N TRP M 411 -34.29 36.69 -18.31
CA TRP M 411 -34.59 36.73 -16.88
C TRP M 411 -33.65 35.91 -15.98
N GLY M 412 -32.58 35.31 -16.54
CA GLY M 412 -31.67 34.52 -15.76
C GLY M 412 -31.85 33.02 -15.93
N ASN M 413 -31.02 32.25 -15.21
CA ASN M 413 -30.92 30.80 -15.39
C ASN M 413 -32.16 30.02 -15.00
N ALA M 414 -32.77 30.32 -13.85
CA ALA M 414 -33.94 29.55 -13.41
C ALA M 414 -35.12 29.69 -14.41
N PRO M 415 -35.51 30.93 -14.75
CA PRO M 415 -36.48 31.13 -15.83
C PRO M 415 -36.04 30.50 -17.15
N GLY M 416 -34.77 30.67 -17.53
CA GLY M 416 -34.19 30.01 -18.68
C GLY M 416 -34.43 28.52 -18.74
N ALA M 417 -34.18 27.85 -17.61
CA ALA M 417 -34.29 26.41 -17.49
C ALA M 417 -35.73 26.00 -17.55
N ALA M 418 -36.58 26.73 -16.85
CA ALA M 418 -37.99 26.44 -16.87
C ALA M 418 -38.55 26.56 -18.28
N ALA M 419 -38.12 27.58 -19.03
CA ALA M 419 -38.60 27.77 -20.41
C ALA M 419 -38.27 26.53 -21.23
N ASN M 420 -37.02 26.02 -21.06
CA ASN M 420 -36.60 24.84 -21.80
C ASN M 420 -37.36 23.59 -21.39
N ARG M 421 -37.64 23.47 -20.10
CA ARG M 421 -38.33 22.28 -19.58
C ARG M 421 -39.81 22.29 -20.00
N VAL M 422 -40.43 23.46 -19.94
CA VAL M 422 -41.82 23.63 -20.42
C VAL M 422 -41.92 23.27 -21.89
N ALA M 423 -40.99 23.78 -22.69
CA ALA M 423 -40.93 23.49 -24.12
C ALA M 423 -40.83 21.98 -24.39
N LEU M 424 -39.90 21.31 -23.68
CA LEU M 424 -39.69 19.89 -23.90
C LEU M 424 -40.88 19.07 -23.47
N GLU M 425 -41.49 19.46 -22.35
CA GLU M 425 -42.62 18.71 -21.87
C GLU M 425 -43.86 18.87 -22.75
N ALA M 426 -44.12 20.11 -23.19
CA ALA M 426 -45.19 20.36 -24.15
C ALA M 426 -45.01 19.53 -25.43
N CYS M 427 -43.79 19.51 -25.98
CA CYS M 427 -43.53 18.71 -27.17
C CYS M 427 -43.74 17.21 -26.97
N THR M 428 -43.30 16.73 -25.81
CA THR M 428 -43.47 15.34 -25.42
C THR M 428 -44.95 14.95 -25.29
N GLN M 429 -45.73 15.77 -24.57
CA GLN M 429 -47.15 15.60 -24.46
C GLN M 429 -47.78 15.55 -25.85
N ALA M 430 -47.49 16.53 -26.71
CA ALA M 430 -48.08 16.60 -28.03
C ALA M 430 -47.83 15.34 -28.85
N ARG M 431 -46.57 14.92 -28.88
CA ARG M 431 -46.19 13.66 -29.50
C ARG M 431 -46.99 12.45 -29.01
N ASN M 432 -47.14 12.34 -27.69
CA ASN M 432 -47.87 11.25 -27.09
C ASN M 432 -49.35 11.29 -27.47
N GLU M 433 -49.89 12.49 -27.59
CA GLU M 433 -51.26 12.67 -28.02
C GLU M 433 -51.44 12.39 -29.53
N GLY M 434 -50.37 12.03 -30.24
CA GLY M 434 -50.49 11.75 -31.67
C GLY M 434 -50.28 12.92 -32.65
N ARG M 435 -49.89 14.09 -32.13
CA ARG M 435 -49.55 15.21 -32.99
C ARG M 435 -48.26 14.96 -33.73
N ASP M 436 -48.21 15.41 -34.98
CA ASP M 436 -47.03 15.28 -35.81
C ASP M 436 -46.10 16.49 -35.65
N LEU M 437 -45.03 16.30 -34.89
CA LEU M 437 -44.10 17.39 -34.55
C LEU M 437 -43.39 18.00 -35.75
N ALA M 438 -43.10 17.20 -36.78
CA ALA M 438 -42.54 17.74 -38.02
C ALA M 438 -43.43 18.80 -38.70
N ARG M 439 -44.76 18.59 -38.63
CA ARG M 439 -45.74 19.51 -39.21
C ARG M 439 -46.24 20.57 -38.24
N GLU M 440 -46.59 20.16 -37.02
CA GLU M 440 -47.34 21.00 -36.06
C GLU M 440 -46.46 21.56 -34.93
N GLY M 441 -45.16 21.31 -35.00
CA GLY M 441 -44.22 21.72 -33.96
C GLY M 441 -44.26 23.18 -33.55
N GLY M 442 -44.21 24.09 -34.53
CA GLY M 442 -44.40 25.50 -34.30
C GLY M 442 -45.64 25.81 -33.48
N ASP M 443 -46.71 25.08 -33.74
CA ASP M 443 -47.98 25.33 -33.06
C ASP M 443 -47.92 24.93 -31.59
N VAL M 444 -47.25 23.81 -31.32
CA VAL M 444 -47.03 23.34 -29.96
C VAL M 444 -46.26 24.39 -29.14
N ILE M 445 -45.16 24.90 -29.68
CA ILE M 445 -44.41 25.95 -28.99
C ILE M 445 -45.23 27.24 -28.77
N ARG M 446 -45.87 27.74 -29.83
CA ARG M 446 -46.70 28.94 -29.75
C ARG M 446 -47.75 28.85 -28.63
N SER M 447 -48.43 27.73 -28.53
CA SER M 447 -49.44 27.50 -27.49
C SER M 447 -48.84 27.59 -26.08
N ALA M 448 -47.73 26.88 -25.90
CA ALA M 448 -46.97 26.91 -24.68
C ALA M 448 -46.47 28.33 -24.32
N CYS M 449 -46.05 29.12 -25.31
CA CYS M 449 -45.75 30.56 -25.11
C CYS M 449 -46.87 31.37 -24.52
N LYS M 450 -48.06 31.15 -25.08
CA LYS M 450 -49.26 31.85 -24.67
C LYS M 450 -49.48 31.51 -23.19
N TRP M 451 -49.07 30.34 -22.78
CA TRP M 451 -49.39 29.85 -21.45
C TRP M 451 -48.32 30.18 -20.39
N SER M 452 -47.04 30.10 -20.78
CA SER M 452 -45.91 30.26 -19.85
C SER M 452 -45.11 31.54 -20.11
N PRO M 453 -45.09 32.47 -19.15
CA PRO M 453 -44.37 33.73 -19.35
C PRO M 453 -42.86 33.56 -19.53
N GLU M 454 -42.24 32.59 -18.84
CA GLU M 454 -40.82 32.29 -19.02
C GLU M 454 -40.51 31.84 -20.44
N LEU M 455 -41.29 30.89 -20.96
CA LEU M 455 -41.14 30.42 -22.32
C LEU M 455 -41.37 31.57 -23.32
N ALA M 456 -42.44 32.37 -23.11
CA ALA M 456 -42.73 33.49 -24.00
C ALA M 456 -41.51 34.37 -24.16
N ALA M 457 -40.84 34.66 -23.05
CA ALA M 457 -39.71 35.58 -23.08
C ALA M 457 -38.56 35.02 -23.93
N ALA M 458 -38.32 33.71 -23.79
CA ALA M 458 -37.32 33.00 -24.57
C ALA M 458 -37.66 33.01 -26.07
N CYS M 459 -38.92 32.72 -26.35
CA CYS M 459 -39.43 32.71 -27.70
C CYS M 459 -39.25 34.01 -28.43
N GLU M 460 -39.49 35.13 -27.74
CA GLU M 460 -39.28 36.45 -28.33
C GLU M 460 -37.80 36.70 -28.66
N VAL M 461 -36.92 36.43 -27.72
CA VAL M 461 -35.50 36.70 -27.92
C VAL M 461 -34.88 35.96 -29.13
N TRP M 462 -35.29 34.70 -29.34
CA TRP M 462 -34.62 33.85 -30.33
C TRP M 462 -35.45 33.49 -31.58
N LYS M 463 -36.62 34.13 -31.70
CA LYS M 463 -37.54 33.90 -32.80
C LYS M 463 -36.89 33.88 -34.18
N GLU M 464 -36.01 34.84 -34.43
CA GLU M 464 -35.39 34.92 -35.74
C GLU M 464 -34.31 33.84 -36.03
N ILE M 465 -33.80 33.22 -34.98
CA ILE M 465 -32.47 32.58 -35.04
C ILE M 465 -32.43 31.15 -35.61
N LYS M 466 -31.75 31.04 -36.75
CA LYS M 466 -31.63 29.79 -37.51
C LYS M 466 -30.17 29.56 -37.90
N PHE M 467 -29.80 28.30 -38.15
CA PHE M 467 -28.46 27.98 -38.64
C PHE M 467 -28.60 27.11 -39.87
N GLU M 468 -28.57 27.77 -41.03
CA GLU M 468 -28.82 27.11 -42.32
C GLU M 468 -27.70 27.42 -43.26
N PHE M 469 -26.87 26.41 -43.51
CA PHE M 469 -25.69 26.53 -44.33
C PHE M 469 -25.58 25.29 -45.21
N ASP M 470 -24.73 25.37 -46.23
CA ASP M 470 -24.46 24.25 -47.11
C ASP M 470 -23.67 23.18 -46.34
N THR M 471 -24.12 21.94 -46.41
CA THR M 471 -23.50 20.85 -45.68
C THR M 471 -22.21 20.35 -46.35
N ILE M 472 -21.14 20.19 -45.58
CA ILE M 472 -19.86 19.68 -46.08
C ILE M 472 -19.81 18.14 -46.08
N ASP M 473 -20.10 17.55 -44.92
CA ASP M 473 -20.16 16.09 -44.77
C ASP M 473 -21.45 15.48 -45.36
N LYS M 474 -21.57 15.58 -46.68
CA LYS M 474 -22.69 14.98 -47.43
C LYS M 474 -22.38 13.49 -47.60
N LEU M 475 -23.44 12.68 -47.75
CA LEU M 475 -23.27 11.25 -48.01
C LEU M 475 -22.43 10.95 -49.28
N MET N 1 -57.65 -9.37 -6.64
CA MET N 1 -56.28 -9.07 -6.11
C MET N 1 -56.42 -8.08 -4.95
N MET N 2 -55.80 -8.39 -3.83
CA MET N 2 -55.76 -7.42 -2.77
C MET N 2 -54.33 -6.86 -2.64
N VAL N 3 -54.22 -5.60 -2.24
CA VAL N 3 -52.93 -4.94 -2.12
C VAL N 3 -52.55 -4.91 -0.66
N TRP N 4 -51.37 -5.43 -0.35
CA TRP N 4 -50.86 -5.44 1.00
C TRP N 4 -50.48 -4.01 1.35
N THR N 5 -51.09 -3.45 2.39
CA THR N 5 -50.86 -2.02 2.68
C THR N 5 -49.48 -1.72 3.28
N PRO N 6 -48.81 -0.67 2.77
CA PRO N 6 -47.57 -0.16 3.38
C PRO N 6 -47.77 0.81 4.56
N VAL N 7 -48.99 1.26 4.81
CA VAL N 7 -49.35 2.19 5.90
C VAL N 7 -50.02 1.38 6.99
N ASN N 8 -49.96 1.74 8.28
CA ASN N 8 -48.84 1.79 9.17
C ASN N 8 -48.99 0.33 9.62
N ASN N 9 -48.09 -0.52 9.13
CA ASN N 9 -48.26 -1.96 9.15
C ASN N 9 -47.05 -2.62 9.72
N LYS N 10 -46.47 -1.98 10.72
CA LYS N 10 -45.28 -2.44 11.41
C LYS N 10 -45.52 -3.80 12.10
N MET N 11 -44.49 -4.63 12.11
CA MET N 11 -44.56 -5.99 12.61
C MET N 11 -43.56 -6.19 13.74
N PHE N 12 -43.71 -7.31 14.46
CA PHE N 12 -42.95 -7.53 15.67
C PHE N 12 -42.43 -8.94 15.78
N GLU N 13 -41.96 -9.47 14.66
CA GLU N 13 -41.37 -10.80 14.57
C GLU N 13 -42.42 -11.88 14.88
N THR N 14 -42.05 -12.94 15.59
CA THR N 14 -42.88 -14.14 15.65
C THR N 14 -44.31 -13.94 16.12
N PHE N 15 -45.24 -14.39 15.26
CA PHE N 15 -46.68 -14.40 15.52
C PHE N 15 -47.42 -13.12 15.18
N SER N 16 -46.71 -12.11 14.69
CA SER N 16 -47.41 -10.88 14.35
C SER N 16 -48.22 -10.92 13.06
N TYR N 17 -48.09 -11.98 12.26
CA TYR N 17 -48.93 -12.12 11.08
C TYR N 17 -50.19 -12.95 11.37
N LEU N 18 -50.33 -13.40 12.62
CA LEU N 18 -51.52 -14.12 13.08
C LEU N 18 -52.48 -13.15 13.77
N PRO N 19 -53.73 -13.56 14.00
CA PRO N 19 -54.63 -12.75 14.83
C PRO N 19 -53.98 -12.58 16.20
N PRO N 20 -54.25 -11.47 16.90
CA PRO N 20 -53.61 -11.21 18.19
C PRO N 20 -53.88 -12.35 19.17
N LEU N 21 -52.88 -12.74 19.95
CA LEU N 21 -53.02 -13.90 20.83
C LEU N 21 -54.00 -13.67 21.99
N THR N 22 -54.94 -14.59 22.15
CA THR N 22 -55.84 -14.63 23.31
C THR N 22 -55.07 -15.04 24.57
N ASP N 23 -55.70 -14.84 25.72
CA ASP N 23 -55.12 -15.24 27.01
C ASP N 23 -54.84 -16.73 27.07
N GLU N 24 -55.75 -17.52 26.50
CA GLU N 24 -55.60 -18.96 26.39
C GLU N 24 -54.44 -19.35 25.48
N GLN N 25 -54.22 -18.59 24.40
CA GLN N 25 -53.10 -18.83 23.50
C GLN N 25 -51.75 -18.50 24.13
N ILE N 26 -51.68 -17.38 24.85
CA ILE N 26 -50.49 -17.00 25.59
C ILE N 26 -50.16 -18.05 26.67
N ALA N 27 -51.18 -18.54 27.36
CA ALA N 27 -50.97 -19.59 28.37
C ALA N 27 -50.44 -20.87 27.72
N ALA N 28 -50.84 -21.15 26.50
CA ALA N 28 -50.37 -22.35 25.82
C ALA N 28 -48.91 -22.21 25.42
N GLN N 29 -48.50 -21.01 24.99
CA GLN N 29 -47.08 -20.73 24.74
C GLN N 29 -46.24 -20.89 26.00
N VAL N 30 -46.77 -20.39 27.12
CA VAL N 30 -46.08 -20.51 28.40
C VAL N 30 -45.90 -21.96 28.84
N ASP N 31 -46.95 -22.78 28.68
CA ASP N 31 -46.86 -24.24 28.88
C ASP N 31 -45.76 -24.89 28.06
N TYR N 32 -45.62 -24.49 26.80
CA TYR N 32 -44.51 -24.92 25.93
C TYR N 32 -43.14 -24.61 26.48
N ILE N 33 -42.96 -23.40 26.98
CA ILE N 33 -41.68 -23.02 27.60
C ILE N 33 -41.36 -23.94 28.78
N VAL N 34 -42.36 -24.13 29.66
CA VAL N 34 -42.20 -24.92 30.86
C VAL N 34 -41.95 -26.39 30.53
N ALA N 35 -42.68 -26.91 29.55
CA ALA N 35 -42.56 -28.31 29.13
C ALA N 35 -41.17 -28.62 28.58
N ASN N 36 -40.53 -27.60 28.02
CA ASN N 36 -39.20 -27.76 27.46
C ASN N 36 -38.03 -27.43 28.39
N GLY N 37 -38.33 -26.90 29.57
CA GLY N 37 -37.28 -26.55 30.51
C GLY N 37 -36.54 -25.26 30.20
N TRP N 38 -37.12 -24.39 29.36
CA TRP N 38 -36.45 -23.16 28.96
C TRP N 38 -36.63 -22.05 30.00
N ILE N 39 -35.77 -21.05 29.98
CA ILE N 39 -35.83 -19.96 30.95
C ILE N 39 -36.67 -18.76 30.46
N PRO N 40 -37.82 -18.52 31.08
CA PRO N 40 -38.68 -17.41 30.68
C PRO N 40 -38.11 -16.08 31.14
N CYS N 41 -38.33 -15.04 30.35
CA CYS N 41 -37.88 -13.70 30.72
C CYS N 41 -38.76 -12.66 30.03
N LEU N 42 -38.93 -11.50 30.65
CA LEU N 42 -39.64 -10.41 30.03
C LEU N 42 -38.73 -9.24 29.76
N GLU N 43 -38.97 -8.58 28.62
CA GLU N 43 -38.23 -7.41 28.16
C GLU N 43 -39.21 -6.34 27.72
N PHE N 44 -38.90 -5.07 27.96
CA PHE N 44 -39.80 -3.99 27.60
C PHE N 44 -39.08 -2.80 26.99
N ALA N 45 -39.80 -2.03 26.18
CA ALA N 45 -39.21 -0.85 25.53
C ALA N 45 -40.15 0.31 25.65
N THR N 46 -39.63 1.42 26.16
CA THR N 46 -40.45 2.62 26.37
C THR N 46 -40.27 3.67 25.26
N ASP N 47 -39.39 3.39 24.30
CA ASP N 47 -39.03 4.35 23.26
C ASP N 47 -39.30 3.75 21.89
N HIS N 48 -38.28 3.66 21.04
CA HIS N 48 -38.40 3.01 19.73
C HIS N 48 -38.62 1.49 19.95
N GLY N 49 -39.72 0.94 19.44
CA GLY N 49 -39.94 -0.49 19.47
C GLY N 49 -39.35 -1.23 18.27
N PHE N 50 -38.56 -0.54 17.44
CA PHE N 50 -38.02 -1.14 16.20
C PHE N 50 -36.53 -1.00 16.07
N VAL N 51 -35.97 -1.84 15.20
CA VAL N 51 -34.58 -1.77 14.86
C VAL N 51 -34.36 -0.49 14.05
N TYR N 52 -33.21 0.15 14.25
CA TYR N 52 -32.81 1.33 13.50
C TYR N 52 -31.28 1.41 13.48
N ARG N 53 -30.72 2.42 12.80
CA ARG N 53 -29.27 2.60 12.80
C ARG N 53 -28.90 4.04 13.07
N GLU N 54 -28.50 4.36 14.31
CA GLU N 54 -28.11 5.72 14.63
C GLU N 54 -26.58 5.86 14.73
N HIS N 55 -25.95 4.96 15.49
CA HIS N 55 -24.58 5.14 15.95
C HIS N 55 -23.54 4.46 15.07
N HIS N 56 -23.97 3.53 14.23
CA HIS N 56 -23.04 2.81 13.35
C HIS N 56 -23.75 2.15 12.18
N ASN N 57 -23.02 1.84 11.11
CA ASN N 57 -23.62 1.39 9.85
C ASN N 57 -23.16 0.05 9.23
N SER N 58 -22.20 -0.61 9.86
CA SER N 58 -21.56 -1.78 9.28
C SER N 58 -22.47 -3.04 9.28
N PRO N 59 -22.13 -4.05 8.48
CA PRO N 59 -22.94 -5.27 8.41
C PRO N 59 -23.16 -5.90 9.79
N GLY N 60 -24.44 -6.21 10.09
CA GLY N 60 -24.80 -6.89 11.30
C GLY N 60 -24.82 -6.04 12.55
N TYR N 61 -24.66 -4.73 12.38
CA TYR N 61 -24.85 -3.79 13.48
C TYR N 61 -26.22 -3.13 13.31
N TYR N 62 -27.02 -3.14 14.38
CA TYR N 62 -28.28 -2.41 14.45
C TYR N 62 -28.47 -1.86 15.86
N ASP N 63 -29.04 -0.67 15.99
CA ASP N 63 -29.55 -0.21 17.27
C ASP N 63 -30.97 -0.70 17.45
N GLY N 64 -31.44 -0.77 18.69
CA GLY N 64 -32.82 -1.15 18.96
C GLY N 64 -33.05 -2.65 19.11
N ARG N 65 -31.99 -3.43 19.07
CA ARG N 65 -32.14 -4.87 19.28
C ARG N 65 -32.38 -5.17 20.76
N TYR N 66 -31.64 -4.49 21.63
CA TYR N 66 -31.75 -4.74 23.06
C TYR N 66 -32.92 -3.98 23.59
N TRP N 67 -33.72 -4.63 24.41
CA TRP N 67 -34.75 -3.95 25.18
C TRP N 67 -34.31 -3.99 26.63
N THR N 68 -35.08 -3.37 27.51
CA THR N 68 -34.79 -3.37 28.94
C THR N 68 -35.36 -4.62 29.58
N MET N 69 -34.52 -5.26 30.35
CA MET N 69 -34.90 -6.49 31.04
C MET N 69 -35.80 -6.22 32.24
N TRP N 70 -36.89 -6.98 32.33
CA TRP N 70 -37.77 -6.90 33.49
C TRP N 70 -37.25 -7.87 34.55
N LYS N 71 -36.73 -7.31 35.64
CA LYS N 71 -36.21 -8.08 36.75
C LYS N 71 -35.07 -8.95 36.27
N LEU N 72 -35.19 -10.27 36.40
CA LEU N 72 -34.16 -11.18 35.92
C LEU N 72 -34.86 -12.34 35.22
N PRO N 73 -34.16 -13.10 34.38
CA PRO N 73 -34.75 -14.31 33.79
C PRO N 73 -35.15 -15.21 34.97
N MET N 74 -36.25 -15.93 34.82
CA MET N 74 -36.82 -16.72 35.92
C MET N 74 -36.19 -18.11 35.95
N PHE N 75 -34.93 -18.16 36.38
CA PHE N 75 -34.18 -19.40 36.50
C PHE N 75 -34.83 -20.39 37.47
N GLY N 76 -34.89 -21.65 37.05
CA GLY N 76 -35.49 -22.71 37.85
C GLY N 76 -37.00 -22.74 37.88
N CYS N 77 -37.63 -21.71 37.35
CA CYS N 77 -39.08 -21.62 37.36
C CYS N 77 -39.76 -22.63 36.41
N ARG N 78 -40.65 -23.44 36.99
CA ARG N 78 -41.41 -24.50 36.31
C ARG N 78 -42.92 -24.30 36.47
N ASP N 79 -43.31 -23.09 36.87
CA ASP N 79 -44.69 -22.80 37.22
C ASP N 79 -45.29 -21.77 36.25
N PRO N 80 -46.12 -22.26 35.31
CA PRO N 80 -46.75 -21.38 34.32
C PRO N 80 -47.47 -20.18 34.94
N MET N 81 -48.13 -20.37 36.08
CA MET N 81 -48.84 -19.29 36.78
C MET N 81 -47.91 -18.11 37.14
N GLN N 82 -46.71 -18.44 37.63
CA GLN N 82 -45.71 -17.46 38.03
C GLN N 82 -45.33 -16.57 36.86
N VAL N 83 -45.10 -17.20 35.72
CA VAL N 83 -44.80 -16.47 34.49
C VAL N 83 -45.95 -15.53 34.12
N LEU N 84 -47.17 -16.06 34.08
CA LEU N 84 -48.33 -15.25 33.75
C LEU N 84 -48.52 -14.06 34.69
N ARG N 85 -48.22 -14.25 35.98
CA ARG N 85 -48.25 -13.16 36.96
C ARG N 85 -47.22 -12.08 36.67
N GLU N 86 -46.01 -12.48 36.23
CA GLU N 86 -44.96 -11.51 35.90
C GLU N 86 -45.33 -10.69 34.68
N ILE N 87 -46.02 -11.28 33.71
CA ILE N 87 -46.51 -10.53 32.57
C ILE N 87 -47.44 -9.43 33.03
N VAL N 88 -48.33 -9.76 33.95
CA VAL N 88 -49.28 -8.78 34.49
C VAL N 88 -48.51 -7.68 35.22
N ALA N 89 -47.56 -8.08 36.08
CA ALA N 89 -46.79 -7.12 36.87
C ALA N 89 -46.04 -6.11 36.00
N CYS N 90 -45.36 -6.63 34.98
CA CYS N 90 -44.58 -5.81 34.07
C CYS N 90 -45.47 -4.85 33.28
N THR N 91 -46.59 -5.34 32.76
CA THR N 91 -47.49 -4.48 31.97
C THR N 91 -48.18 -3.48 32.84
N LYS N 92 -48.29 -3.79 34.13
CA LYS N 92 -48.89 -2.87 35.09
C LYS N 92 -47.92 -1.72 35.41
N ALA N 93 -46.63 -2.03 35.54
CA ALA N 93 -45.61 -1.03 35.85
C ALA N 93 -45.29 -0.15 34.64
N PHE N 94 -45.50 -0.69 33.45
CA PHE N 94 -45.18 0.01 32.21
C PHE N 94 -46.30 -0.14 31.18
N PRO N 95 -47.43 0.50 31.46
CA PRO N 95 -48.66 0.27 30.67
C PRO N 95 -48.56 0.87 29.26
N ASP N 96 -47.54 1.69 29.05
CA ASP N 96 -47.33 2.30 27.74
C ASP N 96 -46.12 1.77 26.96
N ALA N 97 -45.55 0.66 27.41
CA ALA N 97 -44.37 0.15 26.76
C ALA N 97 -44.71 -0.99 25.81
N TYR N 98 -43.81 -1.23 24.86
CA TYR N 98 -43.78 -2.53 24.16
C TYR N 98 -43.23 -3.51 25.17
N VAL N 99 -43.91 -4.64 25.31
CA VAL N 99 -43.47 -5.71 26.18
C VAL N 99 -43.46 -7.04 25.41
N ARG N 100 -42.41 -7.84 25.60
CA ARG N 100 -42.32 -9.14 24.95
C ARG N 100 -41.91 -10.23 25.91
N LEU N 101 -42.48 -11.42 25.72
CA LEU N 101 -42.06 -12.58 26.47
C LEU N 101 -41.04 -13.34 25.64
N VAL N 102 -39.90 -13.65 26.24
CA VAL N 102 -38.87 -14.44 25.57
C VAL N 102 -38.52 -15.64 26.45
N ALA N 103 -37.88 -16.63 25.85
CA ALA N 103 -37.38 -17.75 26.63
C ALA N 103 -35.98 -18.10 26.16
N PHE N 104 -35.13 -18.58 27.07
CA PHE N 104 -33.74 -18.91 26.73
C PHE N 104 -33.45 -20.40 26.88
N ASP N 105 -32.61 -20.89 26.00
CA ASP N 105 -32.05 -22.23 26.11
C ASP N 105 -30.59 -22.08 26.53
N ASN N 106 -30.23 -22.65 27.68
CA ASN N 106 -28.87 -22.43 28.14
C ASN N 106 -27.83 -23.40 27.56
N GLN N 107 -28.31 -24.48 26.93
CA GLN N 107 -27.47 -25.48 26.25
C GLN N 107 -26.95 -24.91 24.95
N LYS N 108 -27.85 -24.40 24.12
CA LYS N 108 -27.44 -23.74 22.88
C LYS N 108 -27.04 -22.27 23.14
N GLN N 109 -27.35 -21.78 24.34
CA GLN N 109 -27.19 -20.38 24.72
C GLN N 109 -27.72 -19.43 23.62
N VAL N 110 -29.03 -19.44 23.46
CA VAL N 110 -29.70 -18.60 22.48
C VAL N 110 -31.14 -18.42 22.92
N GLN N 111 -31.73 -17.30 22.57
CA GLN N 111 -33.14 -17.14 22.77
C GLN N 111 -33.89 -18.08 21.82
N ILE N 112 -34.86 -18.81 22.34
CA ILE N 112 -35.43 -19.95 21.62
C ILE N 112 -36.89 -19.71 21.29
N MET N 113 -37.44 -18.66 21.87
CA MET N 113 -38.75 -18.18 21.48
C MET N 113 -38.97 -16.75 21.95
N GLY N 114 -39.99 -16.11 21.39
CA GLY N 114 -40.35 -14.77 21.79
C GLY N 114 -41.50 -14.24 20.98
N PHE N 115 -42.36 -13.44 21.61
CA PHE N 115 -43.45 -12.77 20.93
C PHE N 115 -43.91 -11.59 21.77
N LEU N 116 -44.50 -10.61 21.12
CA LEU N 116 -44.97 -9.40 21.80
C LEU N 116 -46.21 -9.71 22.66
N VAL N 117 -46.28 -9.17 23.87
CA VAL N 117 -47.49 -9.31 24.66
C VAL N 117 -48.27 -7.99 24.86
N GLN N 118 -47.60 -6.86 24.66
CA GLN N 118 -48.23 -5.53 24.77
C GLN N 118 -47.55 -4.54 23.86
N ARG N 119 -48.34 -3.70 23.22
CA ARG N 119 -47.82 -2.54 22.51
C ARG N 119 -48.46 -1.29 23.10
N PRO N 120 -47.85 -0.11 22.92
CA PRO N 120 -48.45 1.14 23.40
C PRO N 120 -49.82 1.43 22.76
N LYS N 121 -50.68 2.14 23.48
CA LYS N 121 -51.99 2.47 22.91
C LYS N 121 -52.00 3.80 22.13
N GLN N 127 -51.78 -2.38 12.11
CA GLN N 127 -53.04 -2.72 11.44
C GLN N 127 -53.72 -3.97 12.04
N PRO N 128 -55.01 -3.84 12.36
CA PRO N 128 -55.88 -5.02 12.55
C PRO N 128 -55.65 -6.17 11.53
N ALA N 129 -55.79 -7.41 11.96
CA ALA N 129 -55.41 -8.59 11.17
C ALA N 129 -56.00 -8.71 9.74
N ASN N 130 -57.09 -7.98 9.47
CA ASN N 130 -57.85 -8.04 8.21
C ASN N 130 -57.82 -6.74 7.37
N LYS N 131 -57.36 -5.65 7.98
CA LYS N 131 -57.18 -4.37 7.31
C LYS N 131 -55.78 -4.22 6.67
N ARG N 132 -55.04 -5.35 6.63
CA ARG N 132 -53.70 -5.41 6.06
C ARG N 132 -53.64 -5.43 4.54
N SER N 133 -54.77 -5.78 3.91
CA SER N 133 -54.94 -5.71 2.45
C SER N 133 -56.18 -4.87 2.04
N VAL N 134 -56.15 -4.34 0.82
CA VAL N 134 -57.17 -3.38 0.34
C VAL N 134 -57.53 -3.56 -1.16
N GLY O 10 -54.60 -10.60 -25.35
CA GLY O 10 -53.11 -10.70 -25.12
C GLY O 10 -52.74 -11.64 -23.96
N ALA O 11 -51.58 -12.30 -24.04
CA ALA O 11 -51.10 -13.25 -23.01
C ALA O 11 -50.75 -12.54 -21.70
N GLY O 12 -51.52 -12.83 -20.65
CA GLY O 12 -51.35 -12.18 -19.36
C GLY O 12 -50.62 -13.06 -18.37
N PHE O 13 -50.72 -12.71 -17.09
CA PHE O 13 -50.11 -13.54 -16.07
C PHE O 13 -51.14 -14.54 -15.58
N LYS O 14 -50.85 -15.83 -15.73
CA LYS O 14 -51.71 -16.86 -15.20
C LYS O 14 -50.94 -17.70 -14.18
N ALA O 15 -51.28 -17.52 -12.91
CA ALA O 15 -50.64 -18.27 -11.84
C ALA O 15 -50.90 -19.76 -12.00
N GLY O 16 -49.93 -20.57 -11.58
CA GLY O 16 -50.09 -21.98 -11.59
C GLY O 16 -49.01 -22.71 -12.33
N VAL O 17 -48.98 -24.02 -12.14
CA VAL O 17 -48.01 -24.92 -12.74
C VAL O 17 -48.49 -25.30 -14.13
N LYS O 18 -47.55 -25.36 -15.07
CA LYS O 18 -47.84 -25.92 -16.39
C LYS O 18 -46.58 -26.66 -16.83
N ASP O 19 -46.67 -27.40 -17.93
CA ASP O 19 -45.55 -28.19 -18.41
C ASP O 19 -44.41 -27.29 -18.89
N TYR O 20 -43.18 -27.69 -18.57
CA TYR O 20 -42.01 -27.01 -19.07
C TYR O 20 -41.93 -27.02 -20.61
N ARG O 21 -42.43 -28.09 -21.25
CA ARG O 21 -42.35 -28.23 -22.69
C ARG O 21 -43.10 -27.17 -23.47
N LEU O 22 -44.08 -26.53 -22.85
CA LEU O 22 -44.82 -25.46 -23.52
C LEU O 22 -43.95 -24.25 -23.81
N THR O 23 -42.86 -24.09 -23.07
CA THR O 23 -41.98 -22.95 -23.22
C THR O 23 -40.58 -23.35 -23.65
N TYR O 24 -40.11 -24.50 -23.20
CA TYR O 24 -38.68 -24.82 -23.26
C TYR O 24 -38.30 -25.95 -24.23
N TYR O 25 -39.28 -26.61 -24.79
CA TYR O 25 -39.04 -27.53 -25.89
C TYR O 25 -39.36 -26.81 -27.23
N THR O 26 -38.33 -26.55 -28.04
CA THR O 26 -38.52 -25.87 -29.31
C THR O 26 -37.73 -26.60 -30.41
N PRO O 27 -38.30 -27.68 -30.96
CA PRO O 27 -37.58 -28.54 -31.90
C PRO O 27 -37.32 -27.90 -33.26
N ASP O 28 -37.89 -26.73 -33.54
CA ASP O 28 -37.73 -26.03 -34.83
C ASP O 28 -36.73 -24.87 -34.72
N TYR O 29 -36.16 -24.70 -33.54
CA TYR O 29 -35.25 -23.59 -33.30
C TYR O 29 -33.95 -23.80 -34.10
N VAL O 30 -33.54 -22.74 -34.80
CA VAL O 30 -32.28 -22.73 -35.54
C VAL O 30 -31.23 -22.12 -34.60
N VAL O 31 -30.21 -22.91 -34.27
CA VAL O 31 -29.25 -22.44 -33.28
C VAL O 31 -28.39 -21.31 -33.83
N ARG O 32 -28.01 -20.40 -32.94
CA ARG O 32 -27.19 -19.26 -33.35
C ARG O 32 -25.71 -19.55 -33.13
N ASP O 33 -24.89 -18.91 -33.94
CA ASP O 33 -23.46 -19.10 -33.87
C ASP O 33 -22.88 -18.64 -32.52
N THR O 34 -23.64 -17.88 -31.74
CA THR O 34 -23.15 -17.43 -30.44
C THR O 34 -23.68 -18.25 -29.24
N ASP O 35 -24.58 -19.21 -29.50
CA ASP O 35 -25.22 -19.98 -28.45
C ASP O 35 -24.21 -20.92 -27.82
N ILE O 36 -24.31 -21.11 -26.51
CA ILE O 36 -23.62 -22.23 -25.88
C ILE O 36 -24.57 -23.43 -26.06
N LEU O 37 -24.02 -24.55 -26.53
CA LEU O 37 -24.81 -25.76 -26.73
C LEU O 37 -24.35 -26.86 -25.75
N ALA O 38 -25.32 -27.54 -25.16
CA ALA O 38 -25.02 -28.67 -24.29
C ALA O 38 -25.65 -29.97 -24.81
N ALA O 39 -24.90 -31.06 -24.71
CA ALA O 39 -25.44 -32.38 -24.95
C ALA O 39 -25.54 -33.14 -23.61
N PHE O 40 -26.77 -33.44 -23.21
CA PHE O 40 -27.06 -34.16 -21.98
C PHE O 40 -27.53 -35.55 -22.30
N ARG O 41 -26.91 -36.55 -21.67
CA ARG O 41 -27.42 -37.90 -21.69
C ARG O 41 -28.35 -38.04 -20.49
N MET O 42 -29.61 -38.32 -20.75
CA MET O 42 -30.73 -38.07 -19.85
C MET O 42 -31.51 -39.39 -19.65
N THR O 43 -31.83 -39.70 -18.39
CA THR O 43 -32.57 -40.92 -18.02
C THR O 43 -33.81 -40.53 -17.22
N PRO O 44 -34.95 -40.41 -17.90
CA PRO O 44 -36.18 -39.95 -17.23
C PRO O 44 -36.74 -40.98 -16.26
N GLN O 45 -37.47 -40.51 -15.25
CA GLN O 45 -38.25 -41.44 -14.42
C GLN O 45 -39.35 -42.02 -15.31
N PRO O 46 -39.89 -43.18 -14.96
CA PRO O 46 -41.03 -43.75 -15.72
C PRO O 46 -42.19 -42.76 -15.76
N GLY O 47 -42.83 -42.59 -16.92
CA GLY O 47 -43.99 -41.72 -17.02
C GLY O 47 -43.68 -40.25 -17.22
N VAL O 48 -42.39 -39.92 -17.38
CA VAL O 48 -41.99 -38.55 -17.69
C VAL O 48 -41.55 -38.60 -19.14
N PRO O 49 -42.27 -37.91 -20.02
CA PRO O 49 -41.92 -37.87 -21.45
C PRO O 49 -40.56 -37.22 -21.65
N PRO O 50 -39.74 -37.78 -22.54
CA PRO O 50 -38.41 -37.22 -22.79
C PRO O 50 -38.46 -35.72 -23.10
N GLU O 51 -39.49 -35.27 -23.82
CA GLU O 51 -39.61 -33.86 -24.22
C GLU O 51 -39.80 -32.97 -23.00
N GLU O 52 -40.60 -33.44 -22.05
CA GLU O 52 -40.81 -32.74 -20.81
C GLU O 52 -39.54 -32.76 -19.96
N CYS O 53 -38.79 -33.85 -20.04
CA CYS O 53 -37.51 -33.94 -19.34
C CYS O 53 -36.46 -32.98 -19.86
N GLY O 54 -36.23 -33.02 -21.17
CA GLY O 54 -35.38 -32.07 -21.87
C GLY O 54 -35.76 -30.61 -21.60
N ALA O 55 -37.06 -30.30 -21.66
CA ALA O 55 -37.51 -28.95 -21.36
C ALA O 55 -37.22 -28.53 -19.91
N ALA O 56 -37.49 -29.43 -18.96
CA ALA O 56 -37.14 -29.22 -17.54
C ALA O 56 -35.67 -28.88 -17.34
N VAL O 57 -34.79 -29.66 -17.95
CA VAL O 57 -33.36 -29.38 -17.93
C VAL O 57 -33.03 -27.99 -18.48
N ALA O 58 -33.53 -27.71 -19.67
CA ALA O 58 -33.32 -26.39 -20.29
C ALA O 58 -33.88 -25.24 -19.42
N ALA O 59 -35.08 -25.42 -18.88
CA ALA O 59 -35.73 -24.40 -18.08
C ALA O 59 -34.96 -24.09 -16.78
N GLU O 60 -34.67 -25.13 -16.00
CA GLU O 60 -34.07 -24.99 -14.68
C GLU O 60 -32.58 -24.73 -14.75
N SER O 61 -32.01 -24.75 -15.93
CA SER O 61 -30.62 -24.33 -16.05
C SER O 61 -30.51 -22.96 -16.72
N SER O 62 -31.65 -22.29 -16.90
CA SER O 62 -31.61 -21.01 -17.55
C SER O 62 -32.52 -19.96 -16.90
N THR O 63 -33.82 -19.99 -17.18
CA THR O 63 -34.71 -18.93 -16.69
C THR O 63 -35.88 -19.39 -15.86
N GLY O 64 -36.23 -20.67 -15.94
CA GLY O 64 -37.52 -21.10 -15.43
C GLY O 64 -37.50 -21.69 -14.04
N THR O 65 -38.64 -21.69 -13.37
CA THR O 65 -38.83 -22.50 -12.16
C THR O 65 -40.12 -23.33 -12.26
N TRP O 66 -40.51 -23.97 -11.15
CA TRP O 66 -41.56 -25.02 -11.15
C TRP O 66 -43.01 -24.53 -11.38
N THR O 67 -43.24 -23.23 -11.20
CA THR O 67 -44.57 -22.64 -11.39
C THR O 67 -44.42 -21.34 -12.17
N THR O 68 -45.51 -20.79 -12.72
CA THR O 68 -45.40 -19.58 -13.54
C THR O 68 -45.22 -18.34 -12.68
N VAL O 69 -44.25 -17.50 -13.03
CA VAL O 69 -44.01 -16.26 -12.25
C VAL O 69 -44.38 -15.03 -13.08
N TRP O 70 -45.01 -14.05 -12.44
CA TRP O 70 -45.44 -12.83 -13.15
C TRP O 70 -44.30 -12.00 -13.73
N THR O 71 -43.13 -12.02 -13.09
CA THR O 71 -41.98 -11.21 -13.50
C THR O 71 -41.47 -11.47 -14.92
N ASP O 72 -41.78 -12.64 -15.47
CA ASP O 72 -41.40 -13.00 -16.84
C ASP O 72 -41.80 -11.92 -17.83
N GLY O 73 -42.97 -11.33 -17.60
CA GLY O 73 -43.54 -10.39 -18.52
C GLY O 73 -42.85 -9.05 -18.54
N LEU O 74 -42.01 -8.79 -17.52
CA LEU O 74 -41.17 -7.60 -17.49
C LEU O 74 -39.96 -7.71 -18.43
N THR O 75 -39.64 -8.91 -18.83
CA THR O 75 -38.48 -9.12 -19.66
C THR O 75 -38.92 -9.90 -20.90
N SER O 76 -37.97 -10.34 -21.73
CA SER O 76 -38.30 -11.15 -22.92
C SER O 76 -37.78 -12.56 -22.75
N LEU O 77 -38.65 -13.47 -22.34
CA LEU O 77 -38.29 -14.85 -22.18
C LEU O 77 -37.69 -15.45 -23.47
N ASP O 78 -38.22 -15.04 -24.63
CA ASP O 78 -37.69 -15.50 -25.92
C ASP O 78 -36.22 -15.22 -26.11
N ARG O 79 -35.81 -14.02 -25.74
CA ARG O 79 -34.42 -13.64 -25.76
C ARG O 79 -33.52 -14.47 -24.83
N TYR O 80 -34.03 -14.84 -23.66
CA TYR O 80 -33.15 -15.35 -22.61
C TYR O 80 -33.23 -16.85 -22.36
N LYS O 81 -34.38 -17.46 -22.67
CA LYS O 81 -34.59 -18.85 -22.31
C LYS O 81 -33.61 -19.83 -22.93
N GLY O 82 -33.20 -20.81 -22.14
CA GLY O 82 -32.58 -22.00 -22.65
C GLY O 82 -33.59 -22.85 -23.42
N ARG O 83 -33.15 -23.52 -24.48
CA ARG O 83 -34.07 -24.19 -25.39
C ARG O 83 -33.58 -25.57 -25.65
N CYS O 84 -34.44 -26.54 -25.35
CA CYS O 84 -34.18 -27.90 -25.76
C CYS O 84 -34.64 -28.00 -27.23
N TYR O 85 -33.69 -28.16 -28.13
CA TYR O 85 -34.00 -28.04 -29.54
C TYR O 85 -33.94 -29.37 -30.29
N ASP O 86 -33.54 -30.43 -29.61
CA ASP O 86 -33.42 -31.73 -30.24
C ASP O 86 -33.26 -32.83 -29.21
N ILE O 87 -33.91 -33.96 -29.48
CA ILE O 87 -33.81 -35.14 -28.62
C ILE O 87 -33.64 -36.38 -29.48
N GLU O 88 -32.48 -37.03 -29.39
CA GLU O 88 -32.19 -38.31 -30.04
C GLU O 88 -32.29 -39.41 -28.99
N PRO O 89 -32.89 -40.55 -29.34
CA PRO O 89 -32.78 -41.72 -28.46
C PRO O 89 -31.36 -42.29 -28.56
N VAL O 90 -30.90 -42.97 -27.52
CA VAL O 90 -29.58 -43.61 -27.54
C VAL O 90 -29.67 -45.06 -28.04
N PRO O 91 -28.87 -45.40 -29.07
CA PRO O 91 -28.87 -46.76 -29.64
C PRO O 91 -28.66 -47.85 -28.57
N GLY O 92 -29.63 -48.77 -28.47
CA GLY O 92 -29.52 -49.92 -27.58
C GLY O 92 -29.75 -49.63 -26.10
N GLU O 93 -30.56 -48.60 -25.85
CA GLU O 93 -31.00 -48.24 -24.50
C GLU O 93 -32.47 -47.88 -24.57
N ASP O 94 -33.27 -48.42 -23.67
CA ASP O 94 -34.72 -48.19 -23.73
C ASP O 94 -35.13 -46.86 -23.12
N ASN O 95 -34.31 -46.37 -22.19
CA ASN O 95 -34.64 -45.18 -21.41
C ASN O 95 -33.55 -44.09 -21.33
N GLN O 96 -32.73 -44.00 -22.37
CA GLN O 96 -31.71 -42.99 -22.44
C GLN O 96 -31.84 -42.13 -23.67
N TYR O 97 -31.69 -40.82 -23.48
CA TYR O 97 -31.78 -39.85 -24.57
C TYR O 97 -30.64 -38.85 -24.54
N ILE O 98 -30.27 -38.32 -25.71
CA ILE O 98 -29.39 -37.17 -25.78
C ILE O 98 -30.30 -35.98 -26.04
N ALA O 99 -30.37 -35.06 -25.09
CA ALA O 99 -31.10 -33.82 -25.23
C ALA O 99 -30.08 -32.73 -25.51
N TYR O 100 -30.33 -31.95 -26.55
CA TYR O 100 -29.50 -30.82 -26.92
C TYR O 100 -30.16 -29.52 -26.47
N VAL O 101 -29.41 -28.69 -25.75
CA VAL O 101 -29.96 -27.47 -25.19
C VAL O 101 -29.09 -26.33 -25.65
N ALA O 102 -29.73 -25.26 -26.12
CA ALA O 102 -29.04 -24.06 -26.59
C ALA O 102 -29.25 -22.96 -25.55
N TYR O 103 -28.16 -22.30 -25.18
CA TYR O 103 -28.20 -21.17 -24.26
C TYR O 103 -27.71 -19.92 -24.97
N ILE O 105 -25.88 -16.44 -25.37
CA ILE O 105 -24.63 -15.93 -24.80
C ILE O 105 -24.84 -14.90 -23.68
N ASP O 106 -25.98 -14.20 -23.70
CA ASP O 106 -26.32 -13.22 -22.66
C ASP O 106 -26.44 -13.81 -21.24
N LEU O 107 -26.52 -15.13 -21.13
CA LEU O 107 -26.80 -15.75 -19.85
C LEU O 107 -25.55 -15.85 -19.04
N PHE O 108 -24.41 -15.65 -19.68
CA PHE O 108 -23.17 -16.01 -19.03
C PHE O 108 -22.29 -14.84 -18.71
N GLU O 109 -21.60 -14.91 -17.57
CA GLU O 109 -20.62 -13.88 -17.24
C GLU O 109 -19.36 -14.10 -18.05
N GLU O 110 -18.85 -13.03 -18.63
CA GLU O 110 -17.66 -13.08 -19.46
C GLU O 110 -16.47 -13.55 -18.64
N GLY O 111 -15.68 -14.48 -19.18
CA GLY O 111 -14.45 -14.92 -18.52
C GLY O 111 -14.61 -15.80 -17.28
N SER O 112 -15.84 -16.26 -16.99
CA SER O 112 -16.10 -17.07 -15.79
C SER O 112 -16.56 -18.52 -16.05
N VAL O 113 -15.63 -19.45 -15.97
CA VAL O 113 -15.99 -20.85 -16.03
C VAL O 113 -16.94 -21.17 -14.87
N THR O 114 -16.69 -20.59 -13.71
CA THR O 114 -17.57 -20.80 -12.58
C THR O 114 -19.05 -20.55 -12.94
N ASN O 115 -19.32 -19.42 -13.59
CA ASN O 115 -20.67 -19.05 -13.90
C ASN O 115 -21.30 -20.00 -14.91
N MET O 116 -20.52 -20.39 -15.91
CA MET O 116 -20.98 -21.36 -16.91
C MET O 116 -21.40 -22.67 -16.27
N PHE O 117 -20.56 -23.23 -15.41
CA PHE O 117 -20.91 -24.45 -14.68
C PHE O 117 -22.10 -24.30 -13.76
N THR O 118 -22.17 -23.15 -13.08
CA THR O 118 -23.27 -22.89 -12.19
C THR O 118 -24.61 -22.99 -12.90
N SER O 119 -24.69 -22.43 -14.12
CA SER O 119 -25.92 -22.46 -14.90
C SER O 119 -26.19 -23.85 -15.45
N ILE O 120 -25.22 -24.40 -16.19
CA ILE O 120 -25.48 -25.59 -16.97
C ILE O 120 -25.52 -26.82 -16.10
N VAL O 121 -24.74 -26.86 -15.03
CA VAL O 121 -24.75 -28.04 -14.17
C VAL O 121 -25.14 -27.76 -12.72
N GLY O 122 -25.77 -26.61 -12.46
CA GLY O 122 -26.04 -26.19 -11.10
C GLY O 122 -27.05 -27.02 -10.32
N ASN O 123 -28.26 -27.12 -10.83
CA ASN O 123 -29.34 -27.77 -10.09
C ASN O 123 -29.96 -29.00 -10.76
N VAL O 124 -29.90 -29.07 -12.08
CA VAL O 124 -30.67 -30.04 -12.84
C VAL O 124 -30.34 -31.49 -12.54
N PHE O 125 -29.12 -31.76 -12.10
CA PHE O 125 -28.74 -33.15 -11.83
C PHE O 125 -29.45 -33.73 -10.65
N GLY O 126 -30.14 -32.91 -9.88
CA GLY O 126 -30.77 -33.36 -8.67
C GLY O 126 -32.28 -33.41 -8.76
N PHE O 127 -32.80 -33.09 -9.93
CA PHE O 127 -34.22 -33.20 -10.18
C PHE O 127 -34.80 -34.58 -9.93
N LYS O 128 -35.92 -34.63 -9.18
CA LYS O 128 -36.61 -35.88 -8.87
C LYS O 128 -37.08 -36.58 -10.13
N ALA O 129 -37.48 -35.81 -11.14
CA ALA O 129 -38.10 -36.32 -12.36
C ALA O 129 -37.11 -37.08 -13.23
N LEU O 130 -35.80 -36.95 -12.98
CA LEU O 130 -34.86 -37.80 -13.70
C LEU O 130 -34.06 -38.71 -12.78
N ARG O 131 -33.64 -39.87 -13.30
CA ARG O 131 -32.95 -40.88 -12.54
C ARG O 131 -31.45 -40.74 -12.70
N ALA O 132 -31.02 -40.11 -13.79
CA ALA O 132 -29.60 -39.91 -14.04
C ALA O 132 -29.43 -38.89 -15.11
N LEU O 133 -28.30 -38.22 -15.12
CA LEU O 133 -28.01 -37.18 -16.08
C LEU O 133 -26.50 -37.07 -16.21
N ARG O 134 -26.03 -36.90 -17.45
CA ARG O 134 -24.64 -36.73 -17.72
C ARG O 134 -24.45 -35.66 -18.79
N LEU O 135 -23.62 -34.65 -18.49
CA LEU O 135 -23.27 -33.66 -19.51
C LEU O 135 -22.13 -34.26 -20.33
N GLU O 136 -22.37 -34.49 -21.62
CA GLU O 136 -21.41 -35.17 -22.47
C GLU O 136 -20.47 -34.21 -23.17
N ASP O 137 -21.00 -33.08 -23.60
CA ASP O 137 -20.21 -32.10 -24.38
C ASP O 137 -20.81 -30.71 -24.30
N LEU O 138 -19.97 -29.69 -24.53
CA LEU O 138 -20.45 -28.31 -24.66
C LEU O 138 -19.93 -27.69 -25.93
N ARG O 139 -20.73 -26.91 -26.64
CA ARG O 139 -20.16 -26.12 -27.71
C ARG O 139 -19.92 -24.70 -27.20
N ILE O 140 -18.66 -24.33 -26.98
CA ILE O 140 -18.30 -22.96 -26.59
C ILE O 140 -18.07 -22.16 -27.89
N PRO O 141 -18.92 -21.16 -28.17
CA PRO O 141 -18.79 -20.39 -29.39
C PRO O 141 -17.61 -19.44 -29.26
N PRO O 142 -16.98 -19.08 -30.37
CA PRO O 142 -15.86 -18.15 -30.38
C PRO O 142 -16.14 -16.82 -29.66
N ALA O 143 -17.38 -16.35 -29.73
CA ALA O 143 -17.70 -15.09 -29.08
C ALA O 143 -17.60 -15.17 -27.55
N TYR O 144 -17.90 -16.33 -26.97
CA TYR O 144 -17.66 -16.54 -25.55
C TYR O 144 -16.19 -16.85 -25.26
N VAL O 145 -15.57 -17.69 -26.10
CA VAL O 145 -14.18 -18.09 -25.90
C VAL O 145 -13.30 -16.84 -25.76
N LYS O 146 -13.57 -15.84 -26.60
CA LYS O 146 -12.76 -14.62 -26.62
C LYS O 146 -12.81 -13.82 -25.34
N THR O 147 -13.78 -14.07 -24.47
CA THR O 147 -13.86 -13.33 -23.21
C THR O 147 -12.91 -13.87 -22.13
N PHE O 148 -12.19 -14.94 -22.42
CA PHE O 148 -11.34 -15.62 -21.43
C PHE O 148 -9.85 -15.30 -21.67
N VAL O 149 -9.11 -15.10 -20.60
CA VAL O 149 -7.68 -14.96 -20.70
C VAL O 149 -7.10 -16.28 -21.25
N GLY O 150 -7.64 -17.40 -20.79
CA GLY O 150 -7.19 -18.70 -21.27
C GLY O 150 -5.85 -19.11 -20.69
N PRO O 152 -2.06 -19.46 -19.63
CA PRO O 152 -1.00 -18.45 -19.47
C PRO O 152 0.00 -18.47 -20.64
N HIS O 153 0.32 -19.64 -21.21
CA HIS O 153 1.29 -19.70 -22.30
C HIS O 153 0.86 -20.57 -23.47
N GLY O 154 0.60 -21.83 -23.17
CA GLY O 154 0.21 -22.80 -24.19
C GLY O 154 1.41 -23.50 -24.81
N ILE O 155 1.13 -24.60 -25.53
CA ILE O 155 2.18 -25.49 -26.04
C ILE O 155 3.38 -24.81 -26.67
N GLN O 156 3.16 -24.00 -27.71
CA GLN O 156 4.24 -23.42 -28.52
C GLN O 156 5.14 -22.53 -27.67
N VAL O 157 4.53 -21.53 -27.02
CA VAL O 157 5.26 -20.69 -26.08
C VAL O 157 6.04 -21.50 -25.03
N GLU O 158 5.44 -22.56 -24.51
CA GLU O 158 6.10 -23.37 -23.49
C GLU O 158 7.41 -24.01 -24.06
N ARG O 159 7.29 -24.62 -25.24
CA ARG O 159 8.47 -25.20 -25.90
C ARG O 159 9.52 -24.13 -26.11
N ASP O 160 9.10 -22.96 -26.53
CA ASP O 160 10.03 -21.87 -26.78
C ASP O 160 10.71 -21.40 -25.50
N LYS O 161 10.00 -21.34 -24.39
CA LYS O 161 10.63 -20.94 -23.13
C LYS O 161 11.65 -21.96 -22.62
N LEU O 162 11.30 -23.24 -22.73
CA LEU O 162 12.18 -24.27 -22.21
C LEU O 162 13.27 -24.67 -23.20
N ASN O 163 13.09 -24.27 -24.47
CA ASN O 163 14.04 -24.59 -25.50
C ASN O 163 14.06 -26.09 -25.76
N LYS O 164 12.87 -26.69 -25.78
CA LYS O 164 12.73 -28.15 -25.89
C LYS O 164 11.85 -28.50 -27.06
N TYR O 165 12.43 -29.17 -28.05
CA TYR O 165 11.73 -29.51 -29.29
C TYR O 165 11.95 -30.93 -29.81
N GLY O 166 10.94 -31.46 -30.51
CA GLY O 166 11.17 -32.65 -31.31
C GLY O 166 10.99 -33.97 -30.57
N ARG O 167 10.52 -33.92 -29.33
CA ARG O 167 10.14 -35.12 -28.57
C ARG O 167 9.16 -34.76 -27.46
N GLY O 168 8.49 -35.76 -26.91
CA GLY O 168 7.66 -35.53 -25.74
C GLY O 168 8.52 -35.10 -24.56
N LEU O 169 7.94 -34.38 -23.62
CA LEU O 169 8.63 -33.99 -22.41
C LEU O 169 8.52 -35.13 -21.40
N LEU O 170 9.52 -35.23 -20.52
CA LEU O 170 9.58 -36.31 -19.54
C LEU O 170 9.52 -35.81 -18.14
N GLY O 171 8.59 -36.35 -17.39
CA GLY O 171 8.41 -35.96 -16.01
C GLY O 171 8.34 -37.15 -15.05
N CYS O 172 8.08 -36.83 -13.78
CA CYS O 172 8.13 -37.82 -12.73
C CYS O 172 7.68 -37.24 -11.39
N THR O 173 6.72 -37.91 -10.76
CA THR O 173 6.27 -37.56 -9.42
C THR O 173 7.15 -38.19 -8.36
N ILE O 174 7.63 -37.37 -7.43
CA ILE O 174 8.32 -37.88 -6.26
C ILE O 174 7.40 -38.76 -5.41
N LYS O 175 7.97 -39.86 -4.91
CA LYS O 175 7.28 -40.80 -4.07
C LYS O 175 8.19 -41.12 -2.90
N PRO O 176 7.67 -41.60 -1.77
CA PRO O 176 6.23 -41.77 -1.50
C PRO O 176 5.41 -40.48 -1.67
N LYS O 177 4.10 -40.59 -1.86
CA LYS O 177 3.27 -39.41 -2.07
C LYS O 177 3.50 -38.41 -0.94
N LEU O 178 3.43 -38.90 0.32
CA LEU O 178 3.54 -38.07 1.53
C LEU O 178 4.56 -38.71 2.44
N GLY O 179 5.17 -37.95 3.32
CA GLY O 179 6.07 -38.57 4.27
C GLY O 179 7.54 -38.24 4.14
N LEU O 180 7.97 -37.67 2.99
CA LEU O 180 9.38 -37.29 2.83
C LEU O 180 9.63 -35.90 3.40
N SER O 181 10.83 -35.67 3.92
CA SER O 181 11.21 -34.35 4.40
C SER O 181 11.59 -33.46 3.21
N ALA O 182 11.67 -32.15 3.46
CA ALA O 182 12.03 -31.18 2.43
C ALA O 182 13.41 -31.50 1.84
N LYS O 183 14.37 -31.84 2.68
CA LYS O 183 15.73 -32.10 2.23
C LYS O 183 15.73 -33.37 1.37
N ASN O 184 14.96 -34.38 1.77
CA ASN O 184 14.95 -35.62 1.02
C ASN O 184 14.22 -35.47 -0.28
N TYR O 185 13.22 -34.62 -0.30
CA TYR O 185 12.53 -34.26 -1.51
C TYR O 185 13.48 -33.70 -2.56
N GLY O 186 14.31 -32.76 -2.12
CA GLY O 186 15.23 -32.10 -3.04
C GLY O 186 16.30 -33.07 -3.52
N ARG O 187 16.72 -33.93 -2.60
CA ARG O 187 17.70 -34.96 -2.91
C ARG O 187 17.16 -35.85 -4.02
N ALA O 188 15.95 -36.37 -3.85
CA ALA O 188 15.30 -37.14 -4.89
C ALA O 188 15.15 -36.36 -6.22
N VAL O 189 14.77 -35.09 -6.14
CA VAL O 189 14.53 -34.28 -7.33
C VAL O 189 15.82 -34.10 -8.14
N TYR O 190 16.92 -33.82 -7.44
CA TYR O 190 18.19 -33.66 -8.13
C TYR O 190 18.59 -34.95 -8.85
N GLU O 191 18.47 -36.08 -8.17
CA GLU O 191 18.84 -37.35 -8.79
C GLU O 191 18.00 -37.69 -10.03
N CYS O 192 16.69 -37.45 -9.99
CA CYS O 192 15.83 -37.62 -11.17
C CYS O 192 16.21 -36.71 -12.34
N LEU O 193 16.37 -35.41 -12.05
CA LEU O 193 16.58 -34.44 -13.07
C LEU O 193 17.93 -34.60 -13.75
N ARG O 194 18.95 -34.99 -12.98
CA ARG O 194 20.30 -35.13 -13.56
C ARG O 194 20.46 -36.34 -14.46
N GLY O 195 19.50 -37.26 -14.40
CA GLY O 195 19.62 -38.47 -15.19
C GLY O 195 18.90 -38.38 -16.51
N GLY O 196 18.25 -37.25 -16.80
CA GLY O 196 17.61 -37.11 -18.10
C GLY O 196 16.14 -36.67 -18.15
N LEU O 197 15.45 -36.59 -17.02
CA LEU O 197 14.07 -36.03 -17.01
C LEU O 197 14.07 -34.52 -17.12
N ASP O 198 13.07 -33.96 -17.81
CA ASP O 198 12.92 -32.51 -17.91
C ASP O 198 12.29 -31.93 -16.66
N PHE O 199 11.31 -32.65 -16.09
CA PHE O 199 10.55 -32.19 -14.93
C PHE O 199 10.43 -33.23 -13.84
N THR O 200 10.34 -32.78 -12.59
CA THR O 200 9.78 -33.59 -11.50
C THR O 200 8.59 -32.79 -10.96
N ASP O 202 5.77 -32.17 -7.36
CA ASP O 202 5.06 -32.43 -6.13
C ASP O 202 3.88 -33.35 -6.45
N ASP O 203 3.61 -34.34 -5.60
CA ASP O 203 2.39 -35.10 -5.73
C ASP O 203 1.22 -34.14 -5.52
N GLU O 204 0.04 -34.51 -6.03
CA GLU O 204 -1.09 -33.58 -6.00
C GLU O 204 -1.45 -33.23 -4.55
N ASN O 205 -1.19 -34.15 -3.62
CA ASN O 205 -1.63 -33.89 -2.25
C ASN O 205 -0.51 -33.37 -1.38
N VAL O 206 0.66 -33.20 -1.94
CA VAL O 206 1.76 -32.52 -1.26
C VAL O 206 1.52 -31.00 -1.29
N ASN O 207 1.18 -30.44 -0.15
CA ASN O 207 0.92 -29.01 -0.12
C ASN O 207 1.81 -28.35 0.92
N SER O 208 1.37 -28.31 2.17
CA SER O 208 2.24 -28.00 3.32
C SER O 208 1.74 -28.79 4.52
N GLN O 209 2.61 -29.57 5.13
CA GLN O 209 2.19 -30.55 6.11
C GLN O 209 3.23 -30.65 7.23
N PRO O 210 2.86 -31.18 8.40
CA PRO O 210 3.82 -31.38 9.49
C PRO O 210 5.18 -32.04 9.09
N PHE O 211 5.17 -33.13 8.32
CA PHE O 211 6.43 -33.74 7.86
C PHE O 211 7.24 -32.85 6.87
N MET O 212 6.60 -31.86 6.23
CA MET O 212 7.30 -31.03 5.24
C MET O 212 6.47 -29.77 4.92
N ARG O 213 6.99 -28.62 5.34
CA ARG O 213 6.33 -27.36 5.13
C ARG O 213 6.70 -26.83 3.74
N TRP O 214 5.80 -26.09 3.11
CA TRP O 214 5.96 -25.79 1.68
C TRP O 214 7.22 -24.97 1.34
N ARG O 215 7.53 -23.96 2.14
CA ARG O 215 8.62 -23.07 1.81
C ARG O 215 9.97 -23.74 1.94
N ASP O 216 10.15 -24.58 2.96
CA ASP O 216 11.33 -25.43 3.01
C ASP O 216 11.45 -26.25 1.73
N ARG O 217 10.36 -26.88 1.28
CA ARG O 217 10.44 -27.69 0.07
C ARG O 217 10.86 -26.85 -1.13
N PHE O 218 10.21 -25.68 -1.31
CA PHE O 218 10.47 -24.81 -2.47
C PHE O 218 11.96 -24.50 -2.56
N LEU O 219 12.59 -24.22 -1.43
CA LEU O 219 13.97 -23.77 -1.43
C LEU O 219 14.92 -24.92 -1.73
N PHE O 220 14.62 -26.10 -1.23
CA PHE O 220 15.49 -27.25 -1.49
C PHE O 220 15.31 -27.73 -2.91
N VAL O 221 14.07 -27.67 -3.40
CA VAL O 221 13.80 -28.07 -4.77
C VAL O 221 14.52 -27.10 -5.74
N ALA O 222 14.50 -25.81 -5.41
CA ALA O 222 15.21 -24.85 -6.27
C ALA O 222 16.71 -25.15 -6.34
N GLU O 223 17.33 -25.45 -5.20
CA GLU O 223 18.74 -25.84 -5.18
C GLU O 223 18.96 -27.04 -6.13
N ALA O 224 18.07 -28.03 -6.03
CA ALA O 224 18.13 -29.25 -6.85
C ALA O 224 18.00 -28.95 -8.36
N ILE O 225 17.04 -28.07 -8.70
CA ILE O 225 16.77 -27.78 -10.09
C ILE O 225 18.02 -27.20 -10.72
N TYR O 226 18.63 -26.24 -10.00
CA TYR O 226 19.75 -25.51 -10.58
C TYR O 226 21.00 -26.35 -10.67
N LYS O 227 21.21 -27.23 -9.68
CA LYS O 227 22.34 -28.14 -9.70
C LYS O 227 22.20 -29.11 -10.86
N ALA O 228 21.02 -29.73 -11.05
CA ALA O 228 20.83 -30.66 -12.16
C ALA O 228 20.92 -29.94 -13.52
N GLN O 229 20.51 -28.68 -13.57
CA GLN O 229 20.57 -27.93 -14.79
C GLN O 229 22.00 -27.59 -15.16
N ALA O 230 22.84 -27.30 -14.15
CA ALA O 230 24.25 -26.96 -14.41
C ALA O 230 25.04 -28.20 -14.82
N GLU O 231 24.68 -29.33 -14.24
CA GLU O 231 25.32 -30.61 -14.53
C GLU O 231 24.99 -31.13 -15.92
N THR O 232 23.76 -30.94 -16.40
CA THR O 232 23.35 -31.53 -17.69
C THR O 232 23.43 -30.58 -18.87
N GLY O 233 23.34 -29.28 -18.61
CA GLY O 233 23.22 -28.30 -19.69
C GLY O 233 21.82 -28.15 -20.31
N GLU O 234 20.82 -28.88 -19.81
CA GLU O 234 19.45 -28.78 -20.29
C GLU O 234 18.58 -28.05 -19.25
N VAL O 235 17.65 -27.22 -19.71
CA VAL O 235 16.66 -26.57 -18.82
C VAL O 235 15.88 -27.59 -18.00
N LYS O 236 15.76 -27.33 -16.71
CA LYS O 236 15.08 -28.27 -15.80
C LYS O 236 13.98 -27.58 -15.01
N GLY O 237 12.97 -28.32 -14.60
CA GLY O 237 11.90 -27.75 -13.81
C GLY O 237 11.39 -28.74 -12.79
N HIS O 238 10.59 -28.23 -11.84
CA HIS O 238 9.85 -29.08 -10.94
C HIS O 238 8.53 -28.39 -10.63
N TYR O 239 7.41 -29.06 -10.85
CA TYR O 239 6.12 -28.37 -10.61
C TYR O 239 5.83 -28.23 -9.14
N LEU O 240 6.21 -27.08 -8.60
CA LEU O 240 5.93 -26.78 -7.19
C LEU O 240 4.42 -26.55 -7.01
N ASN O 241 3.84 -27.22 -6.04
CA ASN O 241 2.40 -27.18 -5.85
C ASN O 241 1.96 -25.94 -5.11
N ALA O 242 1.11 -25.15 -5.76
CA ALA O 242 0.58 -23.94 -5.15
C ALA O 242 -0.81 -24.19 -4.54
N THR O 243 -1.35 -25.40 -4.70
CA THR O 243 -2.66 -25.70 -4.18
C THR O 243 -2.68 -25.41 -2.67
N ALA O 244 -3.75 -24.77 -2.17
CA ALA O 244 -3.77 -24.29 -0.79
C ALA O 244 -5.17 -24.12 -0.29
N GLY O 245 -5.31 -23.94 1.02
CA GLY O 245 -6.60 -23.75 1.64
C GLY O 245 -7.31 -22.45 1.33
N THR O 246 -6.56 -21.39 1.04
CA THR O 246 -7.12 -20.05 0.78
C THR O 246 -6.44 -19.44 -0.44
N CYS O 247 -7.07 -18.44 -1.07
CA CYS O 247 -6.46 -17.75 -2.21
C CYS O 247 -5.17 -17.08 -1.81
N GLU O 248 -5.16 -16.53 -0.59
CA GLU O 248 -4.01 -15.78 -0.09
C GLU O 248 -2.79 -16.71 0.06
N GLU O 249 -3.00 -17.90 0.61
CA GLU O 249 -1.93 -18.88 0.75
C GLU O 249 -1.46 -19.33 -0.61
N MET O 250 -2.40 -19.58 -1.53
CA MET O 250 -2.08 -19.98 -2.89
C MET O 250 -1.17 -18.97 -3.53
N MET O 251 -1.53 -17.70 -3.43
CA MET O 251 -0.75 -16.62 -4.04
C MET O 251 0.62 -16.47 -3.43
N LYS O 252 0.73 -16.67 -2.12
CA LYS O 252 2.03 -16.62 -1.44
C LYS O 252 3.01 -17.67 -2.03
N ARG O 253 2.50 -18.83 -2.38
CA ARG O 253 3.30 -19.92 -2.91
C ARG O 253 3.76 -19.64 -4.35
N ALA O 254 2.84 -19.14 -5.17
CA ALA O 254 3.16 -18.67 -6.50
C ALA O 254 4.21 -17.57 -6.46
N VAL O 255 3.99 -16.57 -5.60
CA VAL O 255 4.97 -15.48 -5.46
C VAL O 255 6.36 -16.01 -5.07
N ALA O 257 7.60 -18.97 -5.70
CA ALA O 257 8.14 -19.64 -6.87
C ALA O 257 8.71 -18.66 -7.88
N LYS O 258 8.01 -17.54 -8.11
CA LYS O 258 8.52 -16.47 -8.96
C LYS O 258 9.85 -15.86 -8.45
N GLU O 259 9.93 -15.58 -7.14
CA GLU O 259 11.16 -15.09 -6.47
C GLU O 259 12.34 -16.05 -6.71
N LEU O 260 12.06 -17.35 -6.73
CA LEU O 260 13.12 -18.33 -6.90
C LEU O 260 13.55 -18.48 -8.37
N GLY O 261 12.76 -17.92 -9.30
CA GLY O 261 13.11 -17.96 -10.71
C GLY O 261 12.83 -19.29 -11.40
N VAL O 262 12.13 -20.20 -10.71
CA VAL O 262 11.82 -21.51 -11.30
C VAL O 262 10.82 -21.37 -12.44
N PRO O 263 10.81 -22.30 -13.39
CA PRO O 263 9.98 -22.11 -14.58
C PRO O 263 8.53 -22.49 -14.44
N ILE O 264 8.15 -23.34 -13.50
CA ILE O 264 6.78 -23.91 -13.56
C ILE O 264 6.23 -24.23 -12.17
N ILE O 265 4.93 -24.00 -11.98
CA ILE O 265 4.23 -24.41 -10.75
C ILE O 265 3.03 -25.27 -11.11
N MET O 266 2.40 -25.89 -10.13
CA MET O 266 1.17 -26.68 -10.40
C MET O 266 -0.04 -26.30 -9.51
N HIS O 267 -1.23 -26.64 -9.97
CA HIS O 267 -2.46 -26.41 -9.25
C HIS O 267 -3.45 -27.53 -9.51
N ASP O 268 -4.14 -27.98 -8.45
CA ASP O 268 -5.24 -28.93 -8.57
C ASP O 268 -6.52 -28.16 -8.83
N TYR O 269 -6.88 -28.00 -10.10
CA TYR O 269 -7.99 -27.12 -10.41
C TYR O 269 -9.37 -27.51 -9.91
N LEU O 270 -9.65 -28.80 -9.76
CA LEU O 270 -10.96 -29.15 -9.25
C LEU O 270 -11.07 -29.14 -7.74
N THR O 271 -10.02 -29.50 -7.01
CA THR O 271 -10.13 -29.48 -5.55
C THR O 271 -9.84 -28.08 -5.01
N GLY O 272 -9.01 -27.34 -5.72
CA GLY O 272 -8.82 -25.93 -5.46
C GLY O 272 -10.03 -25.13 -5.92
N GLY O 273 -10.50 -25.41 -7.12
CA GLY O 273 -11.65 -24.71 -7.66
C GLY O 273 -11.38 -23.78 -8.83
N PHE O 274 -12.38 -23.60 -9.68
CA PHE O 274 -12.27 -22.71 -10.82
C PHE O 274 -11.94 -21.23 -10.49
N THR O 275 -12.49 -20.70 -9.41
CA THR O 275 -12.24 -19.30 -9.08
C THR O 275 -10.76 -19.08 -8.74
N ALA O 276 -10.23 -19.92 -7.82
CA ALA O 276 -8.80 -19.95 -7.51
C ALA O 276 -7.94 -20.23 -8.73
N ASN O 277 -8.32 -21.22 -9.53
CA ASN O 277 -7.54 -21.53 -10.70
C ASN O 277 -7.38 -20.40 -11.71
N THR O 278 -8.50 -19.78 -12.09
CA THR O 278 -8.47 -18.66 -13.01
C THR O 278 -7.58 -17.55 -12.47
N SER O 279 -7.66 -17.27 -11.14
CA SER O 279 -6.84 -16.21 -10.55
C SER O 279 -5.40 -16.57 -10.74
N LEU O 280 -5.06 -17.85 -10.55
CA LEU O 280 -3.68 -18.27 -10.57
C LEU O 280 -3.18 -18.27 -12.01
N ALA O 281 -4.03 -18.67 -12.96
CA ALA O 281 -3.65 -18.61 -14.37
C ALA O 281 -3.28 -17.17 -14.77
N ILE O 282 -4.07 -16.20 -14.28
CA ILE O 282 -3.82 -14.80 -14.57
C ILE O 282 -2.46 -14.34 -13.96
N TYR O 283 -2.22 -14.72 -12.72
CA TYR O 283 -0.95 -14.45 -12.08
C TYR O 283 0.24 -15.01 -12.88
N CYS O 284 0.07 -16.22 -13.41
CA CYS O 284 1.11 -16.90 -14.16
C CYS O 284 1.37 -16.21 -15.47
N ARG O 285 0.30 -15.75 -16.12
CA ARG O 285 0.45 -14.95 -17.33
C ARG O 285 1.28 -13.68 -17.05
N ASP O 286 0.96 -13.01 -15.97
CA ASP O 286 1.58 -11.74 -15.63
C ASP O 286 3.00 -11.86 -15.13
N ASN O 287 3.44 -13.08 -14.84
CA ASN O 287 4.72 -13.27 -14.20
C ASN O 287 5.59 -14.29 -14.90
N GLY O 288 5.11 -14.81 -16.01
CA GLY O 288 5.90 -15.72 -16.84
C GLY O 288 6.13 -17.10 -16.26
N LEU O 289 5.28 -17.50 -15.33
CA LEU O 289 5.30 -18.86 -14.81
C LEU O 289 4.44 -19.78 -15.68
N LEU O 290 4.97 -20.94 -16.01
CA LEU O 290 4.17 -22.02 -16.58
C LEU O 290 3.29 -22.64 -15.48
N LEU O 291 2.12 -23.12 -15.89
CA LEU O 291 1.15 -23.68 -14.94
C LEU O 291 0.72 -25.09 -15.35
N HIS O 292 1.15 -26.06 -14.54
CA HIS O 292 0.77 -27.45 -14.73
C HIS O 292 -0.50 -27.75 -13.97
N ILE O 293 -1.48 -28.43 -14.59
CA ILE O 293 -2.77 -28.62 -13.95
C ILE O 293 -2.99 -30.06 -13.66
N HIS O 294 -3.23 -30.35 -12.38
CA HIS O 294 -3.54 -31.72 -11.96
C HIS O 294 -5.05 -31.82 -11.85
N ARG O 295 -5.62 -32.93 -12.29
CA ARG O 295 -7.05 -33.07 -12.36
C ARG O 295 -7.68 -33.86 -11.23
N ALA O 296 -6.95 -33.99 -10.10
CA ALA O 296 -7.45 -34.66 -8.90
C ALA O 296 -8.95 -34.46 -8.71
N MET O 297 -9.66 -35.56 -8.49
CA MET O 297 -11.10 -35.58 -8.21
C MET O 297 -11.97 -35.65 -9.47
N HIS O 298 -11.36 -35.63 -10.64
CA HIS O 298 -12.17 -35.70 -11.88
C HIS O 298 -13.01 -36.98 -11.96
N ALA O 299 -12.44 -38.09 -11.52
CA ALA O 299 -13.10 -39.38 -11.68
C ALA O 299 -14.29 -39.50 -10.72
N VAL O 300 -14.38 -38.63 -9.71
CA VAL O 300 -15.57 -38.54 -8.88
C VAL O 300 -16.77 -38.11 -9.75
N ILE O 301 -16.49 -37.29 -10.75
CA ILE O 301 -17.49 -36.64 -11.61
C ILE O 301 -17.65 -37.37 -12.95
N ASP O 302 -16.56 -37.93 -13.46
CA ASP O 302 -16.53 -38.34 -14.85
C ASP O 302 -16.37 -39.81 -15.16
N ARG O 303 -16.33 -40.68 -14.15
CA ARG O 303 -16.11 -42.10 -14.40
C ARG O 303 -17.33 -42.82 -15.02
N GLN O 304 -18.52 -42.58 -14.49
CA GLN O 304 -19.69 -43.35 -14.89
C GLN O 304 -20.36 -42.80 -16.15
N ARG O 305 -20.88 -43.74 -16.95
CA ARG O 305 -21.44 -43.49 -18.25
C ARG O 305 -22.83 -42.80 -18.18
N ASN O 306 -23.57 -43.12 -17.12
CA ASN O 306 -24.96 -42.66 -16.97
C ASN O 306 -25.12 -41.34 -16.23
N HIS O 307 -24.09 -40.95 -15.46
CA HIS O 307 -24.23 -39.79 -14.58
C HIS O 307 -22.95 -39.01 -14.33
N GLY O 308 -23.03 -37.70 -14.45
CA GLY O 308 -21.92 -36.81 -14.15
C GLY O 308 -21.62 -35.89 -15.32
N ILE O 309 -20.33 -35.62 -15.51
CA ILE O 309 -19.84 -34.73 -16.56
C ILE O 309 -18.63 -35.44 -17.14
N HIS O 310 -18.62 -35.58 -18.46
CA HIS O 310 -17.52 -36.25 -19.12
C HIS O 310 -16.25 -35.42 -18.97
N PHE O 311 -15.11 -36.09 -18.90
CA PHE O 311 -13.88 -35.35 -18.77
C PHE O 311 -13.64 -34.35 -19.92
N ARG O 312 -14.12 -34.64 -21.12
CA ARG O 312 -13.88 -33.69 -22.21
C ARG O 312 -14.44 -32.29 -21.92
N VAL O 313 -15.54 -32.23 -21.16
CA VAL O 313 -16.10 -30.96 -20.72
C VAL O 313 -15.22 -30.31 -19.62
N LEU O 314 -14.75 -31.10 -18.66
CA LEU O 314 -13.81 -30.61 -17.68
C LEU O 314 -12.50 -30.15 -18.35
N ALA O 315 -12.11 -30.82 -19.42
CA ALA O 315 -10.92 -30.36 -20.15
C ALA O 315 -11.17 -29.03 -20.89
N LYS O 316 -12.33 -28.90 -21.52
CA LYS O 316 -12.65 -27.66 -22.22
C LYS O 316 -12.66 -26.50 -21.21
N ALA O 317 -13.23 -26.76 -20.04
CA ALA O 317 -13.38 -25.76 -19.00
C ALA O 317 -12.00 -25.33 -18.45
N LEU O 318 -11.09 -26.29 -18.29
CA LEU O 318 -9.72 -25.97 -17.89
C LEU O 318 -9.02 -25.13 -18.98
N ARG O 319 -9.19 -25.50 -20.23
CA ARG O 319 -8.65 -24.65 -21.29
C ARG O 319 -9.10 -23.21 -21.20
N MET O 320 -10.34 -22.99 -20.85
CA MET O 320 -10.85 -21.62 -20.78
C MET O 320 -10.35 -20.89 -19.52
N SER O 321 -10.48 -21.56 -18.36
CA SER O 321 -9.96 -21.08 -17.09
C SER O 321 -8.45 -20.81 -17.08
N GLY O 322 -7.68 -21.74 -17.66
CA GLY O 322 -6.26 -21.55 -17.91
C GLY O 322 -5.33 -22.58 -17.32
N GLY O 323 -4.51 -23.15 -18.19
CA GLY O 323 -3.46 -24.07 -17.79
C GLY O 323 -2.56 -24.39 -18.95
N ASP O 324 -1.28 -24.56 -18.66
CA ASP O 324 -0.33 -24.92 -19.72
C ASP O 324 -0.23 -26.43 -19.94
N HIS O 325 -0.32 -27.22 -18.88
CA HIS O 325 -0.43 -28.67 -18.93
C HIS O 325 -1.76 -29.12 -18.30
N LEU O 326 -2.27 -30.26 -18.74
CA LEU O 326 -3.41 -30.88 -18.10
C LEU O 326 -3.33 -32.37 -18.29
N HIS O 327 -3.42 -33.09 -17.18
CA HIS O 327 -3.42 -34.54 -17.18
C HIS O 327 -4.57 -35.05 -18.07
N SER O 328 -4.26 -36.07 -18.86
CA SER O 328 -5.15 -36.55 -19.90
C SER O 328 -5.40 -38.06 -19.82
N GLY O 329 -4.76 -38.73 -18.86
CA GLY O 329 -4.80 -40.17 -18.81
C GLY O 329 -3.68 -40.77 -19.68
N THR O 330 -3.52 -42.10 -19.58
CA THR O 330 -2.44 -42.79 -20.27
C THR O 330 -2.98 -43.82 -21.24
N VAL O 331 -4.27 -44.18 -21.09
CA VAL O 331 -4.88 -45.31 -21.80
C VAL O 331 -4.39 -46.70 -21.28
N VAL O 332 -3.06 -46.87 -21.22
CA VAL O 332 -2.48 -48.16 -20.88
C VAL O 332 -2.04 -48.36 -19.43
N GLY O 333 -2.21 -47.32 -18.59
CA GLY O 333 -1.70 -47.32 -17.23
C GLY O 333 -2.71 -47.75 -16.18
N LYS O 334 -2.48 -47.37 -14.92
CA LYS O 334 -3.29 -47.90 -13.81
C LYS O 334 -4.68 -47.25 -13.70
N LEU O 335 -4.86 -46.11 -14.36
CA LEU O 335 -6.14 -45.41 -14.29
C LEU O 335 -6.86 -45.43 -15.63
N GLU O 336 -8.19 -45.39 -15.56
CA GLU O 336 -9.02 -45.63 -16.74
C GLU O 336 -8.93 -44.53 -17.75
N GLY O 337 -8.96 -44.90 -19.03
CA GLY O 337 -9.09 -43.96 -20.12
C GLY O 337 -9.11 -44.73 -21.43
N GLU O 338 -10.26 -44.83 -22.08
CA GLU O 338 -10.36 -45.56 -23.34
C GLU O 338 -9.72 -44.74 -24.51
N ARG O 339 -9.12 -45.46 -25.45
CA ARG O 339 -8.33 -44.90 -26.53
C ARG O 339 -9.08 -43.89 -27.41
N GLU O 340 -10.25 -44.25 -27.91
CA GLU O 340 -10.95 -43.36 -28.84
C GLU O 340 -11.45 -42.09 -28.13
N VAL O 341 -11.85 -42.26 -26.87
CA VAL O 341 -12.37 -41.17 -26.04
C VAL O 341 -11.21 -40.19 -25.80
N THR O 342 -10.07 -40.74 -25.39
CA THR O 342 -8.86 -39.97 -25.08
C THR O 342 -8.32 -39.22 -26.27
N LEU O 343 -8.30 -39.86 -27.43
CA LEU O 343 -7.86 -39.19 -28.67
C LEU O 343 -8.74 -38.00 -28.97
N GLY O 344 -10.04 -38.16 -28.71
CA GLY O 344 -11.03 -37.10 -28.90
C GLY O 344 -10.74 -35.85 -28.09
N PHE O 345 -10.57 -35.99 -26.79
CA PHE O 345 -10.37 -34.81 -25.97
C PHE O 345 -8.93 -34.25 -26.00
N VAL O 346 -7.96 -35.07 -26.40
CA VAL O 346 -6.61 -34.57 -26.58
C VAL O 346 -6.63 -33.59 -27.76
N ASP O 347 -7.33 -33.93 -28.85
CA ASP O 347 -7.59 -32.94 -29.91
C ASP O 347 -8.28 -31.67 -29.36
N LEU O 348 -9.28 -31.84 -28.52
CA LEU O 348 -9.98 -30.70 -27.93
C LEU O 348 -9.06 -29.84 -27.04
N MET O 349 -8.04 -30.44 -26.44
CA MET O 349 -7.09 -29.75 -25.57
C MET O 349 -6.01 -28.99 -26.33
N ARG O 350 -5.56 -29.56 -27.45
CA ARG O 350 -4.41 -29.06 -28.20
C ARG O 350 -4.74 -28.25 -29.44
N ASP O 351 -5.85 -28.57 -30.14
CA ASP O 351 -6.06 -28.07 -31.50
C ASP O 351 -6.81 -26.76 -31.54
N ASP O 352 -6.73 -26.07 -32.67
CA ASP O 352 -7.52 -24.85 -32.86
C ASP O 352 -8.95 -25.11 -33.37
N TYR O 353 -9.14 -26.20 -34.11
CA TYR O 353 -10.44 -26.47 -34.71
C TYR O 353 -10.72 -27.95 -34.70
N VAL O 354 -11.82 -28.38 -34.08
CA VAL O 354 -12.10 -29.81 -33.98
C VAL O 354 -13.50 -30.12 -34.46
N GLU O 355 -13.59 -30.93 -35.52
CA GLU O 355 -14.86 -31.28 -36.11
C GLU O 355 -15.65 -32.29 -35.28
N LYS O 356 -16.98 -32.18 -35.34
CA LYS O 356 -17.90 -33.18 -34.81
C LYS O 356 -17.47 -34.59 -35.26
N ASP O 357 -17.40 -35.51 -34.30
CA ASP O 357 -16.95 -36.87 -34.55
C ASP O 357 -17.42 -37.82 -33.44
N ARG O 358 -18.61 -38.39 -33.61
CA ARG O 358 -19.22 -39.17 -32.55
C ARG O 358 -18.43 -40.40 -32.15
N SER O 359 -17.64 -40.94 -33.10
CA SER O 359 -16.84 -42.12 -32.80
C SER O 359 -15.65 -41.84 -31.86
N ARG O 360 -15.34 -40.56 -31.65
CA ARG O 360 -14.37 -40.11 -30.65
C ARG O 360 -15.02 -39.30 -29.49
N GLY O 361 -16.34 -39.32 -29.40
CA GLY O 361 -17.04 -38.62 -28.34
C GLY O 361 -17.24 -37.13 -28.52
N ILE O 362 -16.93 -36.60 -29.69
CA ILE O 362 -17.08 -35.18 -29.92
C ILE O 362 -18.46 -34.87 -30.48
N TYR O 363 -19.36 -34.37 -29.63
CA TYR O 363 -20.73 -34.10 -30.06
C TYR O 363 -20.92 -32.83 -30.89
N PHE O 364 -19.97 -31.90 -30.80
CA PHE O 364 -20.08 -30.61 -31.46
C PHE O 364 -18.77 -30.19 -32.14
N THR O 365 -18.86 -29.54 -33.28
CA THR O 365 -17.69 -28.87 -33.82
C THR O 365 -17.27 -27.75 -32.88
N GLN O 366 -15.99 -27.75 -32.50
CA GLN O 366 -15.46 -26.82 -31.52
C GLN O 366 -14.35 -25.96 -32.12
N ASP O 367 -14.58 -24.65 -32.11
CA ASP O 367 -13.67 -23.67 -32.70
C ASP O 367 -13.07 -22.86 -31.55
N TRP O 368 -11.77 -22.98 -31.35
CA TRP O 368 -11.09 -22.33 -30.23
C TRP O 368 -10.64 -20.89 -30.51
N SER O 370 -8.06 -19.39 -31.90
CA SER O 370 -6.68 -19.06 -31.54
C SER O 370 -6.35 -19.06 -30.06
N MET O 371 -7.26 -19.51 -29.20
CA MET O 371 -6.84 -19.75 -27.82
C MET O 371 -5.75 -20.81 -27.81
N PRO O 372 -4.63 -20.54 -27.12
CA PRO O 372 -3.50 -21.50 -27.09
C PRO O 372 -3.95 -22.88 -26.61
N GLY O 373 -3.30 -23.91 -27.13
CA GLY O 373 -3.55 -25.27 -26.71
C GLY O 373 -2.83 -25.65 -25.42
N VAL O 374 -3.42 -26.60 -24.70
CA VAL O 374 -2.88 -27.16 -23.47
C VAL O 374 -2.16 -28.50 -23.75
N MET O 375 -0.97 -28.65 -23.17
CA MET O 375 -0.20 -29.86 -23.30
C MET O 375 -0.77 -31.00 -22.46
N PRO O 376 -1.14 -32.12 -23.09
CA PRO O 376 -1.62 -33.28 -22.33
C PRO O 376 -0.48 -33.99 -21.60
N VAL O 377 -0.79 -34.43 -20.39
CA VAL O 377 0.17 -35.11 -19.55
C VAL O 377 -0.32 -36.53 -19.26
N ALA O 378 0.47 -37.51 -19.69
CA ALA O 378 0.15 -38.92 -19.53
C ALA O 378 0.91 -39.42 -18.30
N SER O 379 0.18 -39.87 -17.32
CA SER O 379 0.79 -40.19 -16.02
C SER O 379 -0.04 -41.24 -15.28
N GLY O 380 0.62 -42.11 -14.51
CA GLY O 380 -0.08 -43.09 -13.69
C GLY O 380 0.11 -44.55 -14.11
N GLY O 381 1.09 -45.17 -13.47
CA GLY O 381 1.35 -46.58 -13.60
C GLY O 381 1.94 -46.93 -14.95
N ILE O 382 2.82 -46.09 -15.50
CA ILE O 382 3.46 -46.41 -16.77
C ILE O 382 4.92 -46.67 -16.58
N HIS O 383 5.51 -47.44 -17.49
CA HIS O 383 6.94 -47.80 -17.39
C HIS O 383 7.47 -47.92 -18.79
N VAL O 384 8.75 -48.28 -18.92
CA VAL O 384 9.43 -48.23 -20.19
C VAL O 384 8.71 -49.01 -21.29
N TRP O 385 8.12 -50.16 -20.97
CA TRP O 385 7.50 -50.96 -22.02
C TRP O 385 6.27 -50.28 -22.64
N HIS O 386 5.72 -49.26 -21.98
CA HIS O 386 4.56 -48.54 -22.48
C HIS O 386 4.97 -47.43 -23.43
N MET O 387 6.27 -47.12 -23.46
CA MET O 387 6.79 -45.99 -24.24
C MET O 387 6.34 -45.93 -25.71
N PRO O 388 6.45 -47.01 -26.48
CA PRO O 388 5.99 -46.99 -27.88
C PRO O 388 4.49 -46.71 -28.00
N ALA O 389 3.63 -47.37 -27.21
CA ALA O 389 2.20 -47.04 -27.23
C ALA O 389 1.92 -45.54 -26.90
N LEU O 390 2.66 -44.98 -25.94
CA LEU O 390 2.47 -43.58 -25.54
C LEU O 390 2.87 -42.62 -26.63
N VAL O 391 4.01 -42.86 -27.26
CA VAL O 391 4.45 -42.00 -28.37
C VAL O 391 3.49 -42.15 -29.56
N GLU O 392 3.01 -43.36 -29.78
CA GLU O 392 2.02 -43.56 -30.82
C GLU O 392 0.72 -42.77 -30.55
N ILE O 393 0.21 -42.84 -29.33
CA ILE O 393 -1.06 -42.20 -29.00
C ILE O 393 -0.94 -40.69 -29.04
N PHE O 394 0.07 -40.14 -28.35
CA PHE O 394 0.14 -38.71 -28.08
C PHE O 394 0.96 -37.88 -29.07
N GLY O 395 1.91 -38.51 -29.75
CA GLY O 395 2.86 -37.79 -30.57
C GLY O 395 3.79 -36.99 -29.68
N ASP O 396 4.44 -35.98 -30.24
CA ASP O 396 5.44 -35.19 -29.53
C ASP O 396 4.84 -34.23 -28.50
N ASP O 397 3.68 -33.67 -28.78
CA ASP O 397 3.15 -32.61 -27.94
C ASP O 397 2.41 -33.17 -26.73
N ALA O 398 3.20 -33.71 -25.82
CA ALA O 398 2.67 -34.36 -24.63
C ALA O 398 3.78 -34.42 -23.64
N CYS O 399 3.38 -34.60 -22.38
CA CYS O 399 4.38 -34.86 -21.36
C CYS O 399 4.10 -36.24 -20.74
N LEU O 400 5.14 -37.04 -20.60
CA LEU O 400 4.96 -38.40 -20.07
C LEU O 400 5.60 -38.48 -18.72
N GLN O 401 4.86 -38.97 -17.75
CA GLN O 401 5.34 -38.94 -16.37
C GLN O 401 5.52 -40.29 -15.78
N PHE O 402 6.66 -40.49 -15.12
CA PHE O 402 7.00 -41.78 -14.53
C PHE O 402 7.40 -41.63 -13.07
N GLY O 403 6.48 -41.87 -12.16
CA GLY O 403 6.80 -41.71 -10.76
C GLY O 403 7.42 -43.00 -10.27
N GLY O 404 6.58 -43.98 -9.99
CA GLY O 404 7.04 -45.32 -9.69
C GLY O 404 8.04 -45.81 -10.73
N GLY O 405 7.81 -45.45 -11.99
CA GLY O 405 8.63 -45.89 -13.09
C GLY O 405 10.03 -45.28 -13.08
N THR O 406 10.26 -44.30 -12.20
CA THR O 406 11.61 -43.73 -12.02
C THR O 406 12.15 -44.10 -10.66
N LEU O 407 11.40 -43.76 -9.62
CA LEU O 407 11.84 -44.02 -8.24
C LEU O 407 11.84 -45.52 -7.83
N GLY O 408 11.36 -46.38 -8.72
CA GLY O 408 11.27 -47.79 -8.42
C GLY O 408 12.28 -48.59 -9.24
N HIS O 409 13.15 -47.89 -9.96
CA HIS O 409 14.22 -48.52 -10.73
C HIS O 409 15.21 -49.10 -9.74
N PRO O 410 15.69 -50.32 -9.99
CA PRO O 410 16.57 -50.99 -9.02
C PRO O 410 17.87 -50.23 -8.75
N TRP O 411 18.29 -49.34 -9.65
CA TRP O 411 19.54 -48.59 -9.41
C TRP O 411 19.41 -47.13 -8.93
N GLY O 412 18.17 -46.71 -8.63
CA GLY O 412 17.93 -45.37 -8.13
C GLY O 412 17.50 -44.40 -9.22
N ASN O 413 17.38 -43.12 -8.85
CA ASN O 413 16.65 -42.17 -9.67
C ASN O 413 17.38 -41.79 -10.96
N ALA O 414 18.66 -41.49 -10.88
CA ALA O 414 19.39 -41.06 -12.08
C ALA O 414 19.43 -42.16 -13.16
N PRO O 415 19.79 -43.40 -12.81
CA PRO O 415 19.59 -44.51 -13.76
C PRO O 415 18.13 -44.66 -14.25
N GLY O 416 17.16 -44.52 -13.36
CA GLY O 416 15.75 -44.67 -13.71
C GLY O 416 15.35 -43.63 -14.74
N ALA O 417 15.82 -42.41 -14.53
CA ALA O 417 15.51 -41.31 -15.40
C ALA O 417 16.17 -41.53 -16.76
N ALA O 418 17.43 -41.95 -16.75
CA ALA O 418 18.12 -42.27 -17.98
C ALA O 418 17.41 -43.36 -18.76
N ALA O 419 16.98 -44.41 -18.07
CA ALA O 419 16.27 -45.48 -18.75
C ALA O 419 15.06 -44.92 -19.48
N ASN O 420 14.28 -44.06 -18.81
CA ASN O 420 13.08 -43.50 -19.41
C ASN O 420 13.39 -42.59 -20.59
N ARG O 421 14.48 -41.86 -20.48
CA ARG O 421 14.88 -40.89 -21.49
C ARG O 421 15.43 -41.63 -22.70
N VAL O 422 16.21 -42.69 -22.49
CA VAL O 422 16.66 -43.54 -23.62
C VAL O 422 15.45 -44.14 -24.35
N ALA O 423 14.51 -44.69 -23.57
CA ALA O 423 13.34 -45.33 -24.18
C ALA O 423 12.61 -44.34 -25.10
N LEU O 424 12.44 -43.11 -24.61
CA LEU O 424 11.62 -42.15 -25.29
C LEU O 424 12.35 -41.69 -26.54
N GLU O 425 13.67 -41.56 -26.41
CA GLU O 425 14.46 -41.09 -27.53
C GLU O 425 14.54 -42.17 -28.61
N ALA O 426 14.71 -43.43 -28.20
CA ALA O 426 14.69 -44.53 -29.16
C ALA O 426 13.39 -44.61 -29.94
N CYS O 427 12.27 -44.53 -29.23
CA CYS O 427 10.95 -44.55 -29.90
C CYS O 427 10.75 -43.39 -30.87
N THR O 428 11.30 -42.23 -30.54
CA THR O 428 11.13 -41.03 -31.32
C THR O 428 11.96 -41.15 -32.58
N GLN O 429 13.18 -41.65 -32.43
CA GLN O 429 14.03 -41.87 -33.59
C GLN O 429 13.38 -42.91 -34.51
N ALA O 430 12.91 -44.02 -33.94
CA ALA O 430 12.25 -45.05 -34.73
C ALA O 430 11.08 -44.48 -35.52
N ARG O 431 10.21 -43.73 -34.84
CA ARG O 431 9.09 -43.12 -35.53
C ARG O 431 9.50 -42.19 -36.68
N ASN O 432 10.54 -41.39 -36.47
CA ASN O 432 11.04 -40.48 -37.48
C ASN O 432 11.67 -41.21 -38.68
N GLU O 433 12.25 -42.37 -38.42
CA GLU O 433 12.80 -43.21 -39.49
C GLU O 433 11.72 -43.96 -40.29
N GLY O 434 10.44 -43.76 -39.95
CA GLY O 434 9.34 -44.43 -40.64
C GLY O 434 8.84 -45.76 -40.06
N ARG O 435 9.42 -46.24 -38.95
CA ARG O 435 8.95 -47.44 -38.29
C ARG O 435 7.56 -47.23 -37.69
N ASP O 436 6.74 -48.29 -37.72
CA ASP O 436 5.39 -48.27 -37.16
C ASP O 436 5.43 -48.75 -35.71
N LEU O 437 5.33 -47.81 -34.77
CA LEU O 437 5.39 -48.11 -33.33
C LEU O 437 4.28 -49.07 -32.85
N ALA O 438 3.09 -49.00 -33.45
CA ALA O 438 2.01 -49.90 -33.07
C ALA O 438 2.39 -51.36 -33.33
N ARG O 439 3.13 -51.59 -34.40
CA ARG O 439 3.59 -52.94 -34.77
C ARG O 439 4.97 -53.31 -34.23
N GLU O 440 5.91 -52.37 -34.29
CA GLU O 440 7.33 -52.65 -34.10
C GLU O 440 7.86 -52.17 -32.74
N GLY O 441 6.97 -51.59 -31.93
CA GLY O 441 7.33 -51.00 -30.65
C GLY O 441 8.15 -51.88 -29.72
N GLY O 442 7.68 -53.10 -29.50
CA GLY O 442 8.41 -54.07 -28.71
C GLY O 442 9.85 -54.25 -29.18
N ASP O 443 10.04 -54.25 -30.50
CA ASP O 443 11.37 -54.41 -31.07
C ASP O 443 12.29 -53.21 -30.79
N VAL O 444 11.71 -52.02 -30.86
CA VAL O 444 12.44 -50.80 -30.59
C VAL O 444 12.99 -50.82 -29.17
N ILE O 445 12.14 -51.13 -28.19
CA ILE O 445 12.54 -51.24 -26.78
C ILE O 445 13.58 -52.34 -26.54
N ARG O 446 13.33 -53.54 -27.07
CA ARG O 446 14.27 -54.64 -26.96
C ARG O 446 15.68 -54.29 -27.49
N SER O 447 15.76 -53.61 -28.63
CA SER O 447 17.03 -53.15 -29.17
C SER O 447 17.76 -52.18 -28.23
N ALA O 448 17.01 -51.21 -27.73
CA ALA O 448 17.53 -50.24 -26.78
C ALA O 448 17.99 -50.89 -25.44
N CYS O 449 17.30 -51.92 -24.96
CA CYS O 449 17.76 -52.73 -23.82
C CYS O 449 19.11 -53.39 -24.02
N LYS O 450 19.31 -53.93 -25.23
CA LYS O 450 20.54 -54.62 -25.60
C LYS O 450 21.67 -53.58 -25.52
N TRP O 451 21.32 -52.33 -25.80
CA TRP O 451 22.33 -51.31 -25.89
C TRP O 451 22.62 -50.57 -24.55
N SER O 452 21.59 -50.30 -23.74
CA SER O 452 21.70 -49.44 -22.56
C SER O 452 21.44 -50.23 -21.27
N PRO O 453 22.44 -50.35 -20.41
CA PRO O 453 22.29 -51.22 -19.21
C PRO O 453 21.19 -50.69 -18.27
N GLU O 454 21.06 -49.37 -18.14
CA GLU O 454 20.02 -48.74 -17.33
C GLU O 454 18.63 -49.11 -17.81
N LEU O 455 18.44 -49.04 -19.11
CA LEU O 455 17.15 -49.45 -19.68
C LEU O 455 16.90 -50.93 -19.47
N ALA O 456 17.89 -51.78 -19.78
CA ALA O 456 17.80 -53.24 -19.55
C ALA O 456 17.31 -53.59 -18.14
N ALA O 457 17.88 -52.93 -17.13
CA ALA O 457 17.49 -53.19 -15.74
C ALA O 457 16.00 -52.88 -15.53
N ALA O 458 15.52 -51.80 -16.13
CA ALA O 458 14.13 -51.39 -15.97
C ALA O 458 13.22 -52.36 -16.68
N CYS O 459 13.64 -52.74 -17.89
CA CYS O 459 12.92 -53.72 -18.68
C CYS O 459 12.68 -55.03 -17.97
N GLU O 460 13.70 -55.53 -17.26
CA GLU O 460 13.59 -56.81 -16.50
C GLU O 460 12.58 -56.72 -15.36
N VAL O 461 12.65 -55.64 -14.59
CA VAL O 461 11.80 -55.47 -13.41
C VAL O 461 10.32 -55.42 -13.80
N TRP O 462 9.99 -54.74 -14.90
CA TRP O 462 8.59 -54.47 -15.22
C TRP O 462 8.01 -55.22 -16.42
N LYS O 463 8.78 -56.17 -16.97
CA LYS O 463 8.41 -56.92 -18.17
C LYS O 463 7.00 -57.50 -18.13
N GLU O 464 6.61 -58.05 -17.00
CA GLU O 464 5.31 -58.71 -16.89
C GLU O 464 4.13 -57.73 -16.78
N ILE O 465 4.42 -56.50 -16.37
CA ILE O 465 3.40 -55.60 -15.81
C ILE O 465 2.48 -54.87 -16.82
N LYS O 466 1.19 -55.19 -16.75
CA LYS O 466 0.16 -54.66 -17.62
C LYS O 466 -1.05 -54.22 -16.78
N PHE O 467 -1.84 -53.31 -17.32
CA PHE O 467 -3.10 -52.94 -16.68
C PHE O 467 -4.26 -53.10 -17.65
N GLU O 468 -4.88 -54.29 -17.61
CA GLU O 468 -5.95 -54.64 -18.56
C GLU O 468 -7.24 -55.02 -17.85
N PHE O 469 -8.21 -54.11 -17.92
CA PHE O 469 -9.47 -54.26 -17.21
C PHE O 469 -10.62 -53.82 -18.10
N ASP O 470 -11.82 -54.28 -17.78
CA ASP O 470 -13.00 -53.86 -18.51
C ASP O 470 -13.22 -52.34 -18.31
N THR O 471 -13.38 -51.62 -19.41
CA THR O 471 -13.62 -50.18 -19.39
C THR O 471 -15.05 -49.80 -18.90
N ILE O 472 -15.13 -48.86 -17.94
CA ILE O 472 -16.42 -48.34 -17.46
C ILE O 472 -16.97 -47.19 -18.33
N ASP O 473 -16.15 -46.17 -18.54
CA ASP O 473 -16.51 -45.04 -19.39
C ASP O 473 -16.41 -45.38 -20.90
N LYS O 474 -17.30 -46.24 -21.36
CA LYS O 474 -17.39 -46.63 -22.76
C LYS O 474 -18.20 -45.56 -23.47
N LEU O 475 -17.97 -45.39 -24.79
CA LEU O 475 -18.73 -44.45 -25.62
C LEU O 475 -20.25 -44.70 -25.58
N MET P 1 24.39 -52.55 -9.66
CA MET P 1 24.01 -51.11 -9.73
C MET P 1 25.10 -50.29 -10.40
N MET P 2 24.76 -49.55 -11.43
CA MET P 2 25.72 -48.64 -12.01
C MET P 2 25.36 -47.21 -11.61
N VAL P 3 26.37 -46.37 -11.42
CA VAL P 3 26.17 -44.98 -11.01
C VAL P 3 26.27 -44.08 -12.24
N TRP P 4 25.23 -43.30 -12.49
CA TRP P 4 25.25 -42.35 -13.59
C TRP P 4 26.22 -41.22 -13.26
N THR P 5 27.25 -41.03 -14.09
CA THR P 5 28.29 -40.05 -13.78
C THR P 5 27.85 -38.58 -13.92
N PRO P 6 28.19 -37.77 -12.88
CA PRO P 6 28.00 -36.31 -12.95
C PRO P 6 29.12 -35.58 -13.70
N VAL P 7 30.24 -36.25 -13.96
CA VAL P 7 31.40 -35.68 -14.68
C VAL P 7 31.40 -36.15 -16.13
N ASN P 8 31.94 -35.44 -17.11
CA ASN P 8 31.52 -34.18 -17.67
C ASN P 8 30.54 -34.79 -18.70
N ASN P 9 29.26 -34.70 -18.40
CA ASN P 9 28.23 -35.52 -19.03
C ASN P 9 27.14 -34.62 -19.56
N LYS P 10 27.53 -33.47 -20.09
CA LYS P 10 26.58 -32.49 -20.61
C LYS P 10 25.80 -33.03 -21.80
N MET P 11 24.54 -32.65 -21.89
CA MET P 11 23.64 -33.18 -22.91
C MET P 11 23.12 -32.06 -23.82
N PHE P 12 22.46 -32.42 -24.91
CA PHE P 12 22.10 -31.42 -25.94
C PHE P 12 20.72 -31.62 -26.50
N GLU P 13 19.79 -31.90 -25.59
CA GLU P 13 18.40 -32.15 -25.94
C GLU P 13 18.23 -33.37 -26.85
N THR P 14 17.28 -33.34 -27.77
CA THR P 14 16.83 -34.53 -28.46
C THR P 14 17.91 -35.42 -29.11
N PHE P 15 17.87 -36.70 -28.77
CA PHE P 15 18.79 -37.72 -29.26
C PHE P 15 20.15 -37.84 -28.54
N SER P 16 20.45 -36.95 -27.60
CA SER P 16 21.75 -37.02 -26.94
C SER P 16 21.91 -38.18 -25.98
N TYR P 17 20.82 -38.88 -25.66
CA TYR P 17 20.93 -40.09 -24.86
C TYR P 17 21.06 -41.36 -25.69
N LEU P 18 21.07 -41.21 -27.00
CA LEU P 18 21.28 -42.31 -27.94
C LEU P 18 22.77 -42.39 -28.37
N PRO P 19 23.20 -43.48 -28.98
CA PRO P 19 24.54 -43.48 -29.61
C PRO P 19 24.61 -42.36 -30.65
N PRO P 20 25.78 -41.75 -30.86
CA PRO P 20 25.89 -40.62 -31.81
C PRO P 20 25.33 -41.02 -33.16
N LEU P 21 24.64 -40.11 -33.82
CA LEU P 21 24.01 -40.43 -35.10
C LEU P 21 25.01 -40.66 -36.25
N THR P 22 24.83 -41.77 -36.97
CA THR P 22 25.58 -42.07 -38.18
C THR P 22 25.08 -41.18 -39.32
N ASP P 23 25.85 -41.13 -40.41
CA ASP P 23 25.47 -40.36 -41.59
C ASP P 23 24.13 -40.81 -42.18
N GLU P 24 23.89 -42.12 -42.14
CA GLU P 24 22.64 -42.73 -42.60
C GLU P 24 21.45 -42.36 -41.69
N GLN P 25 21.71 -42.25 -40.38
CA GLN P 25 20.70 -41.82 -39.43
C GLN P 25 20.34 -40.36 -39.57
N ILE P 26 21.34 -39.51 -39.76
CA ILE P 26 21.11 -38.09 -40.05
C ILE P 26 20.29 -37.93 -41.34
N ALA P 27 20.70 -38.63 -42.40
CA ALA P 27 19.96 -38.59 -43.66
C ALA P 27 18.50 -39.00 -43.46
N ALA P 28 18.25 -39.95 -42.56
CA ALA P 28 16.89 -40.41 -42.32
C ALA P 28 16.03 -39.35 -41.61
N GLN P 29 16.65 -38.60 -40.68
CA GLN P 29 16.00 -37.46 -40.05
C GLN P 29 15.71 -36.36 -41.07
N VAL P 30 16.65 -36.10 -41.98
CA VAL P 30 16.40 -35.13 -43.06
C VAL P 30 15.21 -35.54 -43.91
N ASP P 31 15.14 -36.81 -44.31
CA ASP P 31 14.02 -37.32 -45.11
C ASP P 31 12.67 -37.05 -44.44
N TYR P 32 12.62 -37.30 -43.14
CA TYR P 32 11.48 -37.00 -42.29
C TYR P 32 11.05 -35.53 -42.36
N ILE P 33 12.01 -34.61 -42.23
CA ILE P 33 11.73 -33.19 -42.42
C ILE P 33 11.07 -32.92 -43.78
N VAL P 34 11.68 -33.43 -44.85
CA VAL P 34 11.18 -33.22 -46.21
C VAL P 34 9.81 -33.87 -46.43
N ALA P 35 9.61 -35.08 -45.93
CA ALA P 35 8.33 -35.77 -46.09
C ALA P 35 7.20 -35.03 -45.38
N ASN P 36 7.53 -34.25 -44.36
CA ASN P 36 6.50 -33.52 -43.64
C ASN P 36 6.31 -32.09 -44.10
N GLY P 37 7.18 -31.62 -45.00
CA GLY P 37 7.06 -30.27 -45.53
C GLY P 37 7.56 -29.18 -44.60
N TRP P 38 8.39 -29.54 -43.63
CA TRP P 38 8.88 -28.57 -42.65
C TRP P 38 10.07 -27.82 -43.18
N ILE P 39 10.38 -26.68 -42.56
CA ILE P 39 11.45 -25.82 -43.03
C ILE P 39 12.75 -26.13 -42.29
N PRO P 40 13.76 -26.68 -42.98
CA PRO P 40 15.05 -26.96 -42.35
C PRO P 40 15.86 -25.68 -42.18
N CYS P 41 16.64 -25.63 -41.12
CA CYS P 41 17.51 -24.48 -40.84
C CYS P 41 18.66 -24.96 -39.97
N LEU P 42 19.82 -24.30 -40.11
CA LEU P 42 20.97 -24.61 -39.28
C LEU P 42 21.30 -23.46 -38.37
N GLU P 43 21.71 -23.79 -37.14
CA GLU P 43 22.13 -22.82 -36.14
C GLU P 43 23.45 -23.27 -35.53
N PHE P 44 24.29 -22.31 -35.14
CA PHE P 44 25.59 -22.66 -34.60
C PHE P 44 25.98 -21.76 -33.44
N ALA P 45 26.90 -22.26 -32.60
CA ALA P 45 27.32 -21.52 -31.41
C ALA P 45 28.82 -21.67 -31.25
N THR P 46 29.50 -20.55 -31.13
CA THR P 46 30.96 -20.55 -31.07
C THR P 46 31.45 -20.30 -29.64
N ASP P 47 30.51 -20.05 -28.72
CA ASP P 47 30.80 -19.73 -27.32
C ASP P 47 30.22 -20.78 -26.37
N HIS P 48 29.36 -20.34 -25.43
CA HIS P 48 28.66 -21.26 -24.52
C HIS P 48 27.64 -22.06 -25.33
N GLY P 49 27.75 -23.39 -25.30
CA GLY P 49 26.75 -24.23 -25.95
C GLY P 49 25.57 -24.55 -25.04
N PHE P 50 25.52 -23.92 -23.87
CA PHE P 50 24.47 -24.25 -22.88
C PHE P 50 23.68 -23.08 -22.38
N VAL P 51 22.47 -23.36 -21.95
CA VAL P 51 21.65 -22.39 -21.25
C VAL P 51 22.37 -21.92 -19.96
N TYR P 52 22.24 -20.63 -19.66
CA TYR P 52 22.80 -20.04 -18.44
C TYR P 52 21.99 -18.79 -18.12
N ARG P 53 22.33 -18.09 -17.03
CA ARG P 53 21.63 -16.88 -16.66
C ARG P 53 22.62 -15.83 -16.22
N GLU P 54 22.91 -14.89 -17.11
CA GLU P 54 23.80 -13.79 -16.82
C GLU P 54 23.05 -12.50 -16.58
N HIS P 55 22.15 -12.16 -17.50
CA HIS P 55 21.55 -10.81 -17.55
C HIS P 55 20.24 -10.63 -16.79
N HIS P 56 19.58 -11.74 -16.43
CA HIS P 56 18.30 -11.66 -15.75
C HIS P 56 17.94 -12.98 -15.11
N ASN P 57 16.98 -12.98 -14.18
CA ASN P 57 16.76 -14.15 -13.33
C ASN P 57 15.32 -14.67 -13.19
N SER P 58 14.37 -14.00 -13.84
CA SER P 58 12.95 -14.28 -13.61
C SER P 58 12.48 -15.58 -14.30
N PRO P 59 11.32 -16.10 -13.86
CA PRO P 59 10.80 -17.34 -14.45
C PRO P 59 10.72 -17.28 -16.00
N GLY P 60 11.27 -18.31 -16.64
CA GLY P 60 11.21 -18.46 -18.07
C GLY P 60 12.19 -17.61 -18.83
N TYR P 61 13.04 -16.87 -18.12
CA TYR P 61 14.16 -16.19 -18.76
C TYR P 61 15.44 -17.04 -18.64
N TYR P 62 16.15 -17.22 -19.76
CA TYR P 62 17.47 -17.89 -19.80
C TYR P 62 18.28 -17.23 -20.92
N ASP P 63 19.59 -17.07 -20.69
CA ASP P 63 20.47 -16.72 -21.79
C ASP P 63 20.97 -18.01 -22.41
N GLY P 64 21.41 -17.96 -23.66
CA GLY P 64 21.98 -19.11 -24.32
C GLY P 64 21.00 -19.95 -25.10
N ARG P 65 19.73 -19.56 -25.11
CA ARG P 65 18.74 -20.25 -25.92
C ARG P 65 18.89 -19.97 -27.41
N TYR P 66 19.16 -18.72 -27.79
CA TYR P 66 19.40 -18.40 -29.19
C TYR P 66 20.84 -18.75 -29.61
N TRP P 67 20.98 -19.45 -30.73
CA TRP P 67 22.26 -19.57 -31.39
C TRP P 67 22.23 -18.69 -32.63
N THR P 68 23.36 -18.63 -33.33
CA THR P 68 23.48 -17.82 -34.54
C THR P 68 23.00 -18.64 -35.72
N MET P 69 22.17 -18.02 -36.54
CA MET P 69 21.54 -18.71 -37.65
C MET P 69 22.55 -18.80 -38.78
N TRP P 70 22.60 -19.96 -39.43
CA TRP P 70 23.41 -20.15 -40.61
C TRP P 70 22.59 -19.76 -41.85
N LYS P 71 22.95 -18.66 -42.48
CA LYS P 71 22.24 -18.18 -43.67
C LYS P 71 20.76 -17.90 -43.39
N LEU P 72 19.85 -18.55 -44.09
CA LEU P 72 18.41 -18.42 -43.81
C LEU P 72 17.77 -19.78 -43.78
N PRO P 73 16.62 -19.91 -43.12
CA PRO P 73 15.85 -21.16 -43.19
C PRO P 73 15.62 -21.43 -44.66
N MET P 74 15.68 -22.70 -45.06
CA MET P 74 15.61 -23.10 -46.45
C MET P 74 14.16 -23.23 -46.88
N PHE P 75 13.51 -22.09 -47.10
CA PHE P 75 12.10 -22.06 -47.47
C PHE P 75 11.90 -22.68 -48.84
N GLY P 76 10.88 -23.50 -48.93
CA GLY P 76 10.52 -24.17 -50.19
C GLY P 76 11.39 -25.35 -50.60
N CYS P 77 12.42 -25.64 -49.81
CA CYS P 77 13.34 -26.71 -50.11
C CYS P 77 12.70 -28.07 -49.81
N ARG P 78 12.72 -28.93 -50.83
CA ARG P 78 12.19 -30.29 -50.78
C ARG P 78 13.27 -31.30 -51.14
N ASP P 79 14.53 -30.87 -51.09
CA ASP P 79 15.65 -31.67 -51.57
C ASP P 79 16.60 -32.08 -50.43
N PRO P 80 16.49 -33.34 -49.96
CA PRO P 80 17.33 -33.80 -48.85
C PRO P 80 18.82 -33.56 -49.10
N MET P 81 19.28 -33.71 -50.35
CA MET P 81 20.70 -33.52 -50.67
C MET P 81 21.16 -32.08 -50.35
N GLN P 82 20.31 -31.10 -50.68
CA GLN P 82 20.63 -29.68 -50.47
C GLN P 82 20.87 -29.41 -48.99
N VAL P 83 19.99 -29.96 -48.15
CA VAL P 83 20.11 -29.85 -46.69
C VAL P 83 21.42 -30.46 -46.22
N LEU P 84 21.71 -31.70 -46.66
CA LEU P 84 22.94 -32.38 -46.27
C LEU P 84 24.18 -31.60 -46.66
N ARG P 85 24.15 -30.95 -47.83
CA ARG P 85 25.25 -30.08 -48.30
C ARG P 85 25.45 -28.83 -47.43
N GLU P 86 24.36 -28.23 -46.95
CA GLU P 86 24.45 -27.07 -46.05
C GLU P 86 25.04 -27.46 -44.71
N ILE P 87 24.77 -28.68 -44.24
CA ILE P 87 25.39 -29.15 -43.00
C ILE P 87 26.90 -29.15 -43.18
N VAL P 88 27.34 -29.65 -44.33
CA VAL P 88 28.77 -29.74 -44.61
C VAL P 88 29.36 -28.33 -44.70
N ALA P 89 28.66 -27.43 -45.39
CA ALA P 89 29.13 -26.07 -45.59
C ALA P 89 29.29 -25.34 -44.25
N CYS P 90 28.25 -25.43 -43.43
CA CYS P 90 28.25 -24.79 -42.13
C CYS P 90 29.36 -25.34 -41.20
N THR P 91 29.48 -26.67 -41.10
CA THR P 91 30.55 -27.29 -40.29
C THR P 91 31.95 -27.02 -40.81
N LYS P 92 32.06 -26.78 -42.13
CA LYS P 92 33.32 -26.41 -42.78
C LYS P 92 33.74 -24.96 -42.44
N ALA P 93 32.76 -24.05 -42.44
CA ALA P 93 33.02 -22.65 -42.07
C ALA P 93 33.29 -22.45 -40.59
N PHE P 94 32.69 -23.31 -39.75
CA PHE P 94 32.86 -23.19 -38.29
C PHE P 94 33.18 -24.53 -37.67
N PRO P 95 34.38 -25.04 -37.91
CA PRO P 95 34.74 -26.43 -37.53
C PRO P 95 34.82 -26.62 -36.02
N ASP P 96 34.88 -25.51 -35.29
CA ASP P 96 34.94 -25.58 -33.83
C ASP P 96 33.65 -25.21 -33.07
N ALA P 97 32.56 -25.01 -33.80
CA ALA P 97 31.33 -24.57 -33.20
C ALA P 97 30.44 -25.76 -32.80
N TYR P 98 29.54 -25.52 -31.85
CA TYR P 98 28.35 -26.39 -31.77
C TYR P 98 27.45 -26.03 -32.94
N VAL P 99 26.92 -27.05 -33.61
CA VAL P 99 26.05 -26.87 -34.75
C VAL P 99 24.85 -27.78 -34.62
N ARG P 100 23.66 -27.26 -34.89
CA ARG P 100 22.45 -28.09 -34.82
C ARG P 100 21.58 -27.90 -36.03
N LEU P 101 20.93 -28.98 -36.44
CA LEU P 101 19.91 -28.91 -37.46
C LEU P 101 18.56 -28.81 -36.79
N VAL P 102 17.72 -27.90 -37.26
CA VAL P 102 16.40 -27.72 -36.68
C VAL P 102 15.44 -27.65 -37.87
N ALA P 103 14.15 -27.76 -37.61
CA ALA P 103 13.15 -27.64 -38.66
C ALA P 103 11.97 -26.88 -38.08
N PHE P 104 11.29 -26.08 -38.91
CA PHE P 104 10.16 -25.26 -38.44
C PHE P 104 8.87 -25.68 -39.10
N ASP P 105 7.80 -25.60 -38.33
CA ASP P 105 6.45 -25.77 -38.86
C ASP P 105 5.82 -24.37 -38.88
N ASN P 106 5.41 -23.88 -40.04
CA ASN P 106 4.87 -22.53 -40.09
C ASN P 106 3.36 -22.41 -39.78
N GLN P 107 2.65 -23.55 -39.75
CA GLN P 107 1.25 -23.60 -39.32
C GLN P 107 1.14 -23.40 -37.80
N LYS P 108 1.87 -24.20 -37.03
CA LYS P 108 1.89 -24.07 -35.58
C LYS P 108 2.84 -22.94 -35.17
N GLN P 109 3.66 -22.47 -36.12
CA GLN P 109 4.79 -21.58 -35.82
C GLN P 109 5.59 -21.99 -34.57
N VAL P 110 6.35 -23.06 -34.73
CA VAL P 110 7.21 -23.54 -33.66
C VAL P 110 8.27 -24.42 -34.30
N GLN P 111 9.44 -24.49 -33.66
CA GLN P 111 10.41 -25.49 -34.02
C GLN P 111 9.86 -26.88 -33.72
N ILE P 112 9.91 -27.78 -34.69
CA ILE P 112 9.20 -29.04 -34.59
C ILE P 112 10.15 -30.21 -34.49
N MET P 113 11.44 -29.96 -34.66
CA MET P 113 12.51 -30.93 -34.39
C MET P 113 13.87 -30.23 -34.36
N GLY P 114 14.86 -30.95 -33.85
CA GLY P 114 16.20 -30.45 -33.77
C GLY P 114 17.11 -31.41 -33.05
N PHE P 115 18.36 -31.43 -33.47
CA PHE P 115 19.40 -32.25 -32.81
C PHE P 115 20.76 -31.75 -33.22
N LEU P 116 21.74 -32.00 -32.36
CA LEU P 116 23.10 -31.53 -32.57
C LEU P 116 23.77 -32.32 -33.68
N VAL P 117 24.51 -31.64 -34.57
CA VAL P 117 25.28 -32.36 -35.60
C VAL P 117 26.79 -32.22 -35.47
N GLN P 118 27.25 -31.28 -34.66
CA GLN P 118 28.67 -31.14 -34.41
C GLN P 118 28.87 -30.47 -33.07
N ARG P 119 29.84 -30.97 -32.30
CA ARG P 119 30.30 -30.27 -31.09
C ARG P 119 31.79 -29.99 -31.22
N PRO P 120 32.33 -29.01 -30.47
CA PRO P 120 33.77 -28.68 -30.52
C PRO P 120 34.66 -29.85 -30.11
N LYS P 121 35.85 -29.96 -30.69
CA LYS P 121 36.74 -31.07 -30.32
C LYS P 121 37.62 -30.69 -29.14
N GLN P 127 30.55 -37.35 -22.48
CA GLN P 127 30.86 -38.77 -22.31
C GLN P 127 30.40 -39.65 -23.48
N PRO P 128 31.31 -40.51 -23.98
CA PRO P 128 30.93 -41.68 -24.79
C PRO P 128 29.68 -42.43 -24.25
N ALA P 129 28.84 -42.94 -25.18
CA ALA P 129 27.52 -43.52 -24.85
C ALA P 129 27.47 -44.61 -23.73
N ASN P 130 28.64 -45.21 -23.45
CA ASN P 130 28.76 -46.34 -22.49
C ASN P 130 29.58 -46.01 -21.22
N LYS P 131 30.30 -44.87 -21.26
CA LYS P 131 31.08 -44.38 -20.12
C LYS P 131 30.23 -43.44 -19.20
N ARG P 132 28.91 -43.43 -19.42
CA ARG P 132 27.97 -42.61 -18.67
C ARG P 132 27.61 -43.18 -17.28
N SER P 133 27.84 -44.48 -17.10
CA SER P 133 27.69 -45.16 -15.80
C SER P 133 28.99 -45.90 -15.37
N VAL P 134 29.15 -46.08 -14.05
CA VAL P 134 30.38 -46.61 -13.43
C VAL P 134 30.11 -47.52 -12.21
#